data_2JX0
#
_entry.id   2JX0
#
_entity_poly.entity_id   1
_entity_poly.type   'polypeptide(L)'
_entity_poly.pdbx_seq_one_letter_code
;GSHMLDGDPDPGLPSTEDVILKTEQVTKNIQELLRAAQEFKHDSFVPCSEKIHLAVTEMASLFPKRPALEPVRSSLRLLN
ASAYRLQSECRKTVPPEPGAPVDFQLLTQQVIQCAYDIAKAAKQLVTITTREKKQ
;
_entity_poly.pdbx_strand_id   A
#
# COMPACT_ATOMS: atom_id res chain seq x y z
N LEU A 5 -13.33 -12.94 15.74
CA LEU A 5 -14.36 -13.42 14.83
C LEU A 5 -15.71 -12.76 15.14
N ASP A 6 -16.73 -13.11 14.36
CA ASP A 6 -18.07 -12.56 14.55
C ASP A 6 -19.12 -13.46 13.91
N GLY A 7 -19.03 -13.61 12.59
CA GLY A 7 -19.98 -14.44 11.88
C GLY A 7 -20.15 -14.02 10.43
N ASP A 8 -21.37 -13.70 10.05
CA ASP A 8 -21.67 -13.27 8.68
C ASP A 8 -20.78 -12.11 8.28
N PRO A 9 -20.64 -11.89 6.96
CA PRO A 9 -19.83 -10.80 6.41
C PRO A 9 -20.43 -9.43 6.68
N ASP A 10 -19.58 -8.42 6.76
CA ASP A 10 -20.02 -7.06 7.01
C ASP A 10 -20.21 -6.29 5.71
N PRO A 11 -21.32 -5.56 5.60
CA PRO A 11 -21.65 -4.78 4.41
C PRO A 11 -20.73 -3.58 4.23
N GLY A 12 -20.56 -2.81 5.30
CA GLY A 12 -19.70 -1.63 5.25
C GLY A 12 -18.47 -1.77 6.12
N LEU A 13 -17.99 -0.65 6.66
CA LEU A 13 -16.82 -0.65 7.52
C LEU A 13 -17.21 -0.48 8.97
N PRO A 14 -16.38 -1.00 9.89
CA PRO A 14 -16.61 -0.92 11.33
C PRO A 14 -16.45 0.50 11.86
N SER A 15 -15.33 1.13 11.53
CA SER A 15 -15.04 2.49 11.97
C SER A 15 -14.77 3.40 10.78
N THR A 16 -15.58 4.44 10.65
CA THR A 16 -15.43 5.39 9.55
C THR A 16 -14.11 6.16 9.66
N GLU A 17 -13.88 6.77 10.82
CA GLU A 17 -12.67 7.53 11.06
C GLU A 17 -11.43 6.65 10.87
N ASP A 18 -11.45 5.48 11.49
CA ASP A 18 -10.33 4.54 11.40
C ASP A 18 -9.95 4.31 9.94
N VAL A 19 -10.95 4.27 9.06
CA VAL A 19 -10.72 4.05 7.65
C VAL A 19 -10.03 5.25 7.01
N ILE A 20 -10.53 6.44 7.30
CA ILE A 20 -9.96 7.67 6.75
C ILE A 20 -8.48 7.79 7.13
N LEU A 21 -8.19 7.69 8.42
CA LEU A 21 -6.83 7.79 8.91
C LEU A 21 -5.97 6.64 8.38
N LYS A 22 -6.60 5.50 8.13
CA LYS A 22 -5.90 4.33 7.62
C LYS A 22 -5.49 4.54 6.17
N THR A 23 -6.35 5.21 5.41
CA THR A 23 -6.07 5.49 4.00
C THR A 23 -5.17 6.71 3.84
N GLU A 24 -5.48 7.76 4.58
CA GLU A 24 -4.69 8.99 4.52
C GLU A 24 -3.23 8.72 4.86
N GLN A 25 -3.00 7.81 5.79
CA GLN A 25 -1.65 7.46 6.20
C GLN A 25 -0.94 6.65 5.11
N VAL A 26 -1.70 5.89 4.35
CA VAL A 26 -1.16 5.08 3.28
C VAL A 26 -0.54 5.95 2.19
N THR A 27 -1.25 7.01 1.81
CA THR A 27 -0.77 7.91 0.77
C THR A 27 0.54 8.58 1.20
N LYS A 28 0.66 8.89 2.49
CA LYS A 28 1.86 9.53 3.01
C LYS A 28 3.03 8.56 2.98
N ASN A 29 2.79 7.32 3.37
CA ASN A 29 3.83 6.30 3.38
C ASN A 29 4.39 6.08 1.98
N ILE A 30 3.53 6.19 0.98
CA ILE A 30 3.94 6.00 -0.41
C ILE A 30 4.85 7.13 -0.86
N GLN A 31 4.52 8.35 -0.46
CA GLN A 31 5.30 9.52 -0.83
C GLN A 31 6.77 9.35 -0.43
N GLU A 32 6.99 8.67 0.70
CA GLU A 32 8.34 8.44 1.19
C GLU A 32 9.15 7.63 0.19
N LEU A 33 8.50 6.66 -0.44
CA LEU A 33 9.17 5.80 -1.42
C LEU A 33 9.46 6.58 -2.70
N LEU A 34 8.53 7.44 -3.09
CA LEU A 34 8.69 8.25 -4.30
C LEU A 34 9.77 9.31 -4.11
N ARG A 35 9.69 10.04 -3.00
CA ARG A 35 10.66 11.08 -2.71
C ARG A 35 12.06 10.49 -2.59
N ALA A 36 12.15 9.30 -2.02
CA ALA A 36 13.45 8.63 -1.86
C ALA A 36 14.03 8.21 -3.20
N ALA A 37 13.16 7.95 -4.17
CA ALA A 37 13.58 7.55 -5.49
C ALA A 37 14.21 8.72 -6.24
N GLN A 38 13.53 9.85 -6.24
CA GLN A 38 14.02 11.04 -6.93
C GLN A 38 15.31 11.54 -6.28
N GLU A 39 15.49 11.24 -5.01
CA GLU A 39 16.68 11.66 -4.28
C GLU A 39 17.73 10.55 -4.26
N PHE A 40 17.47 9.49 -5.02
CA PHE A 40 18.39 8.36 -5.10
C PHE A 40 18.75 7.85 -3.71
N LYS A 41 17.80 7.18 -3.07
CA LYS A 41 18.01 6.64 -1.74
C LYS A 41 17.63 5.17 -1.68
N HIS A 42 18.40 4.34 -2.39
CA HIS A 42 18.14 2.90 -2.42
C HIS A 42 18.14 2.32 -1.01
N ASP A 43 18.97 2.89 -0.15
CA ASP A 43 19.07 2.43 1.24
C ASP A 43 17.82 2.81 2.03
N SER A 44 17.11 3.83 1.55
CA SER A 44 15.90 4.30 2.21
C SER A 44 14.67 3.58 1.67
N PHE A 45 14.88 2.77 0.63
CA PHE A 45 13.78 2.03 0.01
C PHE A 45 13.30 0.90 0.92
N VAL A 46 14.24 0.27 1.63
CA VAL A 46 13.92 -0.82 2.54
C VAL A 46 12.88 -0.38 3.56
N PRO A 47 13.19 0.69 4.31
CA PRO A 47 12.29 1.23 5.34
C PRO A 47 11.05 1.87 4.74
N CYS A 48 11.23 2.64 3.67
CA CYS A 48 10.13 3.32 3.01
C CYS A 48 9.08 2.30 2.54
N SER A 49 9.55 1.16 2.04
CA SER A 49 8.64 0.12 1.56
C SER A 49 7.98 -0.61 2.72
N GLU A 50 8.71 -0.73 3.83
CA GLU A 50 8.19 -1.41 5.02
C GLU A 50 7.07 -0.60 5.67
N LYS A 51 7.30 0.69 5.84
CA LYS A 51 6.31 1.58 6.44
C LYS A 51 5.02 1.56 5.64
N ILE A 52 5.13 1.40 4.33
CA ILE A 52 3.97 1.37 3.45
C ILE A 52 3.15 0.11 3.68
N HIS A 53 3.84 -1.00 3.92
CA HIS A 53 3.18 -2.28 4.16
C HIS A 53 2.36 -2.24 5.44
N LEU A 54 2.88 -1.54 6.44
CA LEU A 54 2.19 -1.42 7.73
C LEU A 54 0.79 -0.85 7.55
N ALA A 55 0.70 0.23 6.77
CA ALA A 55 -0.58 0.88 6.51
C ALA A 55 -1.53 -0.06 5.77
N VAL A 56 -0.98 -0.87 4.87
CA VAL A 56 -1.78 -1.80 4.10
C VAL A 56 -2.33 -2.92 4.98
N THR A 57 -1.45 -3.56 5.75
CA THR A 57 -1.85 -4.62 6.65
C THR A 57 -2.73 -4.11 7.77
N GLU A 58 -2.34 -2.98 8.35
CA GLU A 58 -3.10 -2.38 9.44
C GLU A 58 -4.52 -2.05 9.00
N MET A 59 -4.65 -1.50 7.80
CA MET A 59 -5.96 -1.14 7.26
C MET A 59 -6.81 -2.38 7.03
N ALA A 60 -6.24 -3.38 6.36
CA ALA A 60 -6.96 -4.61 6.07
C ALA A 60 -7.36 -5.32 7.37
N SER A 61 -6.49 -5.24 8.38
CA SER A 61 -6.76 -5.87 9.67
C SER A 61 -8.09 -5.38 10.24
N LEU A 62 -8.38 -4.10 10.03
CA LEU A 62 -9.61 -3.50 10.53
C LEU A 62 -10.84 -4.17 9.90
N PHE A 63 -10.63 -4.81 8.76
CA PHE A 63 -11.72 -5.49 8.05
C PHE A 63 -11.87 -6.92 8.55
N PRO A 64 -13.08 -7.47 8.41
CA PRO A 64 -13.40 -8.84 8.84
C PRO A 64 -12.73 -9.88 7.95
N LYS A 65 -12.76 -11.13 8.39
CA LYS A 65 -12.16 -12.23 7.63
C LYS A 65 -13.00 -12.58 6.41
N ARG A 66 -14.18 -11.96 6.32
CA ARG A 66 -15.08 -12.21 5.20
C ARG A 66 -15.92 -10.97 4.89
N PRO A 67 -15.42 -10.13 3.97
CA PRO A 67 -16.11 -8.90 3.57
C PRO A 67 -17.38 -9.17 2.78
N ALA A 68 -18.31 -8.23 2.81
CA ALA A 68 -19.57 -8.37 2.09
C ALA A 68 -19.66 -7.38 0.94
N LEU A 69 -18.52 -6.81 0.56
CA LEU A 69 -18.46 -5.86 -0.54
C LEU A 69 -17.74 -6.44 -1.75
N GLU A 70 -18.29 -6.20 -2.93
CA GLU A 70 -17.69 -6.70 -4.16
C GLU A 70 -16.29 -6.11 -4.37
N PRO A 71 -16.20 -4.78 -4.29
CA PRO A 71 -14.94 -4.07 -4.47
C PRO A 71 -13.97 -4.30 -3.32
N VAL A 72 -14.53 -4.54 -2.13
CA VAL A 72 -13.72 -4.79 -0.94
C VAL A 72 -12.93 -6.10 -1.07
N ARG A 73 -13.56 -7.10 -1.66
CA ARG A 73 -12.93 -8.39 -1.85
C ARG A 73 -11.74 -8.30 -2.79
N SER A 74 -11.93 -7.60 -3.91
CA SER A 74 -10.87 -7.44 -4.90
C SER A 74 -9.84 -6.41 -4.41
N SER A 75 -10.31 -5.38 -3.73
CA SER A 75 -9.43 -4.34 -3.22
C SER A 75 -8.39 -4.93 -2.28
N LEU A 76 -8.78 -5.95 -1.52
CA LEU A 76 -7.88 -6.60 -0.58
C LEU A 76 -6.78 -7.37 -1.32
N ARG A 77 -7.10 -7.85 -2.51
CA ARG A 77 -6.15 -8.60 -3.32
C ARG A 77 -5.07 -7.68 -3.89
N LEU A 78 -5.52 -6.57 -4.48
CA LEU A 78 -4.59 -5.60 -5.07
C LEU A 78 -3.83 -4.84 -3.99
N LEU A 79 -4.54 -4.48 -2.92
CA LEU A 79 -3.94 -3.76 -1.81
C LEU A 79 -2.82 -4.57 -1.16
N ASN A 80 -3.12 -5.82 -0.83
CA ASN A 80 -2.15 -6.70 -0.20
C ASN A 80 -1.00 -7.01 -1.16
N ALA A 81 -1.34 -7.21 -2.43
CA ALA A 81 -0.34 -7.51 -3.44
C ALA A 81 0.57 -6.31 -3.69
N SER A 82 0.01 -5.11 -3.57
CA SER A 82 0.76 -3.89 -3.79
C SER A 82 1.90 -3.77 -2.77
N ALA A 83 1.58 -3.99 -1.50
CA ALA A 83 2.57 -3.91 -0.44
C ALA A 83 3.57 -5.06 -0.53
N TYR A 84 3.12 -6.19 -1.06
CA TYR A 84 3.98 -7.36 -1.20
C TYR A 84 5.01 -7.15 -2.33
N ARG A 85 4.53 -6.65 -3.46
CA ARG A 85 5.39 -6.40 -4.60
C ARG A 85 6.46 -5.35 -4.27
N LEU A 86 6.03 -4.27 -3.62
CA LEU A 86 6.93 -3.19 -3.24
C LEU A 86 8.03 -3.71 -2.31
N GLN A 87 7.64 -4.58 -1.38
CA GLN A 87 8.59 -5.15 -0.42
C GLN A 87 9.62 -6.02 -1.14
N SER A 88 9.14 -6.89 -2.02
CA SER A 88 10.02 -7.79 -2.77
C SER A 88 10.92 -7.00 -3.72
N GLU A 89 10.36 -5.96 -4.33
CA GLU A 89 11.10 -5.13 -5.26
C GLU A 89 12.17 -4.32 -4.54
N CYS A 90 11.75 -3.64 -3.47
CA CYS A 90 12.67 -2.83 -2.68
C CYS A 90 13.67 -3.69 -1.93
N ARG A 91 13.27 -4.92 -1.62
CA ARG A 91 14.12 -5.85 -0.90
C ARG A 91 15.47 -6.02 -1.61
N LYS A 92 15.43 -6.01 -2.93
CA LYS A 92 16.65 -6.15 -3.73
C LYS A 92 17.09 -4.80 -4.29
N THR A 93 17.59 -3.93 -3.40
CA THR A 93 18.04 -2.62 -3.80
C THR A 93 19.53 -2.63 -4.15
N VAL A 94 20.07 -1.47 -4.49
CA VAL A 94 21.49 -1.35 -4.84
C VAL A 94 22.21 -0.41 -3.88
N PRO A 95 22.30 -0.83 -2.60
CA PRO A 95 22.96 -0.04 -1.55
C PRO A 95 24.48 0.00 -1.75
N PRO A 96 25.02 -1.04 -2.41
CA PRO A 96 26.46 -1.13 -2.66
C PRO A 96 26.95 -0.11 -3.69
N GLU A 97 28.15 -0.32 -4.20
CA GLU A 97 28.72 0.59 -5.19
C GLU A 97 27.74 0.87 -6.32
N PRO A 98 27.92 2.01 -7.00
CA PRO A 98 27.05 2.42 -8.11
C PRO A 98 27.25 1.54 -9.35
N GLY A 99 28.34 0.79 -9.36
CA GLY A 99 28.63 -0.08 -10.49
C GLY A 99 28.08 -1.48 -10.29
N ALA A 100 27.31 -1.67 -9.23
CA ALA A 100 26.72 -2.97 -8.94
C ALA A 100 26.00 -3.54 -10.15
N PRO A 101 25.75 -4.86 -10.13
CA PRO A 101 25.07 -5.55 -11.23
C PRO A 101 23.60 -5.18 -11.32
N VAL A 102 22.96 -5.00 -10.17
CA VAL A 102 21.55 -4.63 -10.13
C VAL A 102 21.26 -3.43 -11.02
N ASP A 103 20.06 -3.39 -11.59
CA ASP A 103 19.66 -2.30 -12.46
C ASP A 103 19.01 -1.18 -11.65
N PHE A 104 19.83 -0.31 -11.07
CA PHE A 104 19.34 0.80 -10.28
C PHE A 104 18.30 1.60 -11.07
N GLN A 105 18.55 1.80 -12.35
CA GLN A 105 17.64 2.55 -13.21
C GLN A 105 16.27 1.90 -13.25
N LEU A 106 16.25 0.57 -13.34
CA LEU A 106 15.00 -0.18 -13.39
C LEU A 106 14.33 -0.21 -12.02
N LEU A 107 15.14 -0.11 -10.97
CA LEU A 107 14.62 -0.13 -9.61
C LEU A 107 13.64 1.02 -9.38
N THR A 108 14.05 2.23 -9.77
CA THR A 108 13.20 3.41 -9.61
C THR A 108 11.88 3.23 -10.35
N GLN A 109 11.93 2.60 -11.51
CA GLN A 109 10.74 2.36 -12.31
C GLN A 109 9.81 1.34 -11.63
N GLN A 110 10.42 0.37 -10.96
CA GLN A 110 9.65 -0.67 -10.28
C GLN A 110 8.94 -0.10 -9.05
N VAL A 111 9.67 0.70 -8.28
CA VAL A 111 9.12 1.31 -7.07
C VAL A 111 8.03 2.33 -7.43
N ILE A 112 8.26 3.08 -8.49
CA ILE A 112 7.31 4.09 -8.94
C ILE A 112 6.00 3.45 -9.38
N GLN A 113 6.10 2.40 -10.19
CA GLN A 113 4.93 1.70 -10.69
C GLN A 113 4.13 1.10 -9.54
N CYS A 114 4.83 0.44 -8.61
CA CYS A 114 4.18 -0.18 -7.46
C CYS A 114 3.58 0.87 -6.54
N ALA A 115 4.36 1.90 -6.23
CA ALA A 115 3.91 2.97 -5.36
C ALA A 115 2.72 3.70 -5.96
N TYR A 116 2.79 3.96 -7.27
CA TYR A 116 1.71 4.65 -7.96
C TYR A 116 0.44 3.80 -8.01
N ASP A 117 0.63 2.48 -8.15
CA ASP A 117 -0.49 1.56 -8.20
C ASP A 117 -1.19 1.47 -6.85
N ILE A 118 -0.41 1.29 -5.80
CA ILE A 118 -0.95 1.19 -4.44
C ILE A 118 -1.59 2.50 -4.01
N ALA A 119 -1.00 3.62 -4.44
CA ALA A 119 -1.51 4.93 -4.11
C ALA A 119 -2.86 5.18 -4.76
N LYS A 120 -2.98 4.83 -6.04
CA LYS A 120 -4.22 5.01 -6.78
C LYS A 120 -5.29 4.03 -6.31
N ALA A 121 -4.85 2.83 -5.96
CA ALA A 121 -5.77 1.79 -5.48
C ALA A 121 -6.50 2.24 -4.22
N ALA A 122 -5.86 3.12 -3.46
CA ALA A 122 -6.45 3.63 -2.23
C ALA A 122 -7.59 4.59 -2.51
N LYS A 123 -7.48 5.32 -3.62
CA LYS A 123 -8.50 6.28 -4.02
C LYS A 123 -9.85 5.59 -4.19
N GLN A 124 -9.82 4.39 -4.74
CA GLN A 124 -11.05 3.62 -4.97
C GLN A 124 -11.60 3.08 -3.66
N LEU A 125 -10.72 2.85 -2.69
CA LEU A 125 -11.12 2.33 -1.39
C LEU A 125 -11.70 3.44 -0.53
N VAL A 126 -11.09 4.63 -0.60
CA VAL A 126 -11.55 5.77 0.18
C VAL A 126 -12.88 6.30 -0.37
N THR A 127 -13.03 6.26 -1.68
CA THR A 127 -14.25 6.74 -2.33
C THR A 127 -15.42 5.81 -2.06
N ILE A 128 -15.13 4.52 -1.96
CA ILE A 128 -16.16 3.52 -1.70
C ILE A 128 -16.75 3.69 -0.31
N THR A 129 -15.89 4.01 0.66
CA THR A 129 -16.33 4.20 2.04
C THR A 129 -17.19 5.46 2.18
N THR A 130 -16.76 6.53 1.50
CA THR A 130 -17.49 7.79 1.56
C THR A 130 -18.85 7.67 0.90
N ARG A 131 -18.88 7.10 -0.32
CA ARG A 131 -20.12 6.93 -1.05
C ARG A 131 -21.04 5.94 -0.33
N GLU A 132 -20.45 4.98 0.36
CA GLU A 132 -21.23 3.98 1.10
C GLU A 132 -22.04 4.64 2.21
N LYS A 133 -23.15 4.01 2.59
CA LYS A 133 -24.01 4.52 3.64
C LYS A 133 -24.18 3.49 4.75
N LYS A 134 -24.24 2.22 4.36
CA LYS A 134 -24.40 1.14 5.33
C LYS A 134 -25.61 1.39 6.22
N GLN A 135 -26.78 1.54 5.62
CA GLN A 135 -28.01 1.78 6.37
C GLN A 135 -29.07 0.75 6.03
N LEU A 5 -15.43 -11.44 18.12
CA LEU A 5 -15.70 -12.15 16.86
C LEU A 5 -17.11 -11.84 16.36
N ASP A 6 -17.23 -11.65 15.04
CA ASP A 6 -18.52 -11.35 14.43
C ASP A 6 -18.95 -12.48 13.49
N GLY A 7 -20.22 -12.48 13.13
CA GLY A 7 -20.73 -13.50 12.23
C GLY A 7 -21.05 -12.96 10.85
N ASP A 8 -20.76 -13.75 9.82
CA ASP A 8 -21.02 -13.35 8.45
C ASP A 8 -20.19 -12.12 8.08
N PRO A 9 -20.02 -11.90 6.77
CA PRO A 9 -19.25 -10.76 6.25
C PRO A 9 -19.96 -9.42 6.50
N ASP A 10 -19.18 -8.36 6.61
CA ASP A 10 -19.73 -7.03 6.84
C ASP A 10 -19.86 -6.26 5.53
N PRO A 11 -20.99 -5.57 5.35
CA PRO A 11 -21.26 -4.78 4.15
C PRO A 11 -20.38 -3.54 4.06
N GLY A 12 -20.32 -2.78 5.14
CA GLY A 12 -19.51 -1.58 5.16
C GLY A 12 -18.31 -1.70 6.07
N LEU A 13 -17.95 -0.60 6.73
CA LEU A 13 -16.81 -0.59 7.64
C LEU A 13 -17.26 -0.37 9.08
N PRO A 14 -16.46 -0.89 10.03
CA PRO A 14 -16.76 -0.76 11.46
C PRO A 14 -16.60 0.67 11.97
N SER A 15 -15.46 1.27 11.66
CA SER A 15 -15.18 2.63 12.09
C SER A 15 -14.85 3.52 10.89
N THR A 16 -15.65 4.57 10.70
CA THR A 16 -15.45 5.49 9.59
C THR A 16 -14.13 6.24 9.74
N GLU A 17 -13.93 6.87 10.90
CA GLU A 17 -12.72 7.63 11.17
C GLU A 17 -11.49 6.74 11.02
N ASP A 18 -11.53 5.57 11.63
CA ASP A 18 -10.41 4.63 11.56
C ASP A 18 -9.98 4.40 10.11
N VAL A 19 -10.96 4.36 9.21
CA VAL A 19 -10.69 4.15 7.79
C VAL A 19 -9.97 5.35 7.18
N ILE A 20 -10.50 6.54 7.47
CA ILE A 20 -9.91 7.77 6.95
C ILE A 20 -8.44 7.89 7.35
N LEU A 21 -8.17 7.76 8.64
CA LEU A 21 -6.80 7.85 9.15
C LEU A 21 -5.94 6.72 8.60
N LYS A 22 -6.57 5.57 8.34
CA LYS A 22 -5.87 4.41 7.82
C LYS A 22 -5.45 4.64 6.36
N THR A 23 -6.31 5.33 5.62
CA THR A 23 -6.03 5.61 4.21
C THR A 23 -5.12 6.83 4.07
N GLU A 24 -5.39 7.87 4.84
CA GLU A 24 -4.61 9.09 4.79
C GLU A 24 -3.14 8.79 5.11
N GLN A 25 -2.92 7.87 6.04
CA GLN A 25 -1.57 7.49 6.43
C GLN A 25 -0.87 6.69 5.33
N VAL A 26 -1.66 5.95 4.56
CA VAL A 26 -1.12 5.15 3.47
C VAL A 26 -0.49 6.04 2.39
N THR A 27 -1.21 7.09 2.01
CA THR A 27 -0.73 8.01 0.99
C THR A 27 0.60 8.64 1.41
N LYS A 28 0.74 8.91 2.71
CA LYS A 28 1.95 9.51 3.23
C LYS A 28 3.13 8.55 3.14
N ASN A 29 2.89 7.29 3.50
CA ASN A 29 3.93 6.27 3.45
C ASN A 29 4.45 6.09 2.03
N ILE A 30 3.54 6.19 1.05
CA ILE A 30 3.92 6.04 -0.35
C ILE A 30 4.83 7.17 -0.81
N GLN A 31 4.52 8.38 -0.35
CA GLN A 31 5.31 9.56 -0.71
C GLN A 31 6.77 9.36 -0.34
N GLU A 32 7.01 8.67 0.77
CA GLU A 32 8.36 8.41 1.25
C GLU A 32 9.16 7.61 0.22
N LEU A 33 8.48 6.66 -0.42
CA LEU A 33 9.12 5.82 -1.43
C LEU A 33 9.42 6.61 -2.69
N LEU A 34 8.49 7.49 -3.08
CA LEU A 34 8.65 8.32 -4.26
C LEU A 34 9.74 9.36 -4.05
N ARG A 35 9.67 10.07 -2.93
CA ARG A 35 10.65 11.11 -2.61
C ARG A 35 12.05 10.51 -2.52
N ALA A 36 12.13 9.30 -1.98
CA ALA A 36 13.42 8.61 -1.84
C ALA A 36 13.98 8.20 -3.20
N ALA A 37 13.08 7.92 -4.13
CA ALA A 37 13.48 7.51 -5.48
C ALA A 37 14.09 8.67 -6.25
N GLN A 38 13.40 9.80 -6.25
CA GLN A 38 13.87 10.99 -6.95
C GLN A 38 15.20 11.46 -6.37
N GLU A 39 15.33 11.38 -5.05
CA GLU A 39 16.55 11.80 -4.37
C GLU A 39 17.63 10.73 -4.47
N PHE A 40 17.28 9.59 -5.07
CA PHE A 40 18.22 8.48 -5.22
C PHE A 40 18.67 7.96 -3.86
N LYS A 41 17.77 7.26 -3.17
CA LYS A 41 18.07 6.71 -1.85
C LYS A 41 17.65 5.24 -1.77
N HIS A 42 18.44 4.37 -2.39
CA HIS A 42 18.15 2.95 -2.38
C HIS A 42 18.14 2.40 -0.95
N ASP A 43 18.93 3.01 -0.09
CA ASP A 43 19.01 2.59 1.31
C ASP A 43 17.74 2.95 2.07
N SER A 44 17.02 3.94 1.54
CA SER A 44 15.78 4.39 2.17
C SER A 44 14.58 3.63 1.61
N PHE A 45 14.82 2.82 0.59
CA PHE A 45 13.77 2.04 -0.04
C PHE A 45 13.32 0.91 0.87
N VAL A 46 14.26 0.35 1.63
CA VAL A 46 13.95 -0.74 2.55
C VAL A 46 12.89 -0.33 3.56
N PRO A 47 13.16 0.76 4.29
CA PRO A 47 12.24 1.28 5.30
C PRO A 47 10.98 1.88 4.68
N CYS A 48 11.16 2.65 3.61
CA CYS A 48 10.04 3.29 2.93
C CYS A 48 9.04 2.25 2.45
N SER A 49 9.54 1.11 2.01
CA SER A 49 8.68 0.04 1.51
C SER A 49 8.00 -0.69 2.68
N GLU A 50 8.70 -0.77 3.80
CA GLU A 50 8.17 -1.44 4.98
C GLU A 50 7.05 -0.61 5.61
N LYS A 51 7.29 0.69 5.79
CA LYS A 51 6.30 1.58 6.37
C LYS A 51 5.00 1.55 5.57
N ILE A 52 5.13 1.42 4.26
CA ILE A 52 3.96 1.39 3.38
C ILE A 52 3.14 0.12 3.62
N HIS A 53 3.83 -0.99 3.86
CA HIS A 53 3.18 -2.27 4.10
C HIS A 53 2.35 -2.22 5.38
N LEU A 54 2.87 -1.52 6.39
CA LEU A 54 2.17 -1.40 7.66
C LEU A 54 0.78 -0.82 7.48
N ALA A 55 0.70 0.29 6.74
CA ALA A 55 -0.58 0.95 6.49
C ALA A 55 -1.51 0.04 5.70
N VAL A 56 -0.94 -0.73 4.78
CA VAL A 56 -1.74 -1.65 3.96
C VAL A 56 -2.30 -2.79 4.80
N THR A 57 -1.42 -3.45 5.56
CA THR A 57 -1.84 -4.56 6.40
C THR A 57 -2.73 -4.09 7.54
N GLU A 58 -2.36 -2.98 8.16
CA GLU A 58 -3.13 -2.41 9.26
C GLU A 58 -4.55 -2.09 8.82
N MET A 59 -4.70 -1.65 7.57
CA MET A 59 -6.00 -1.30 7.02
C MET A 59 -6.89 -2.53 6.92
N ALA A 60 -6.36 -3.59 6.32
CA ALA A 60 -7.11 -4.84 6.15
C ALA A 60 -7.66 -5.32 7.50
N SER A 61 -6.89 -5.12 8.55
CA SER A 61 -7.30 -5.54 9.89
C SER A 61 -8.65 -4.92 10.26
N LEU A 62 -8.90 -3.72 9.77
CA LEU A 62 -10.15 -3.02 10.04
C LEU A 62 -11.33 -3.80 9.49
N PHE A 63 -11.07 -4.67 8.52
CA PHE A 63 -12.12 -5.47 7.90
C PHE A 63 -12.19 -6.86 8.54
N PRO A 64 -13.37 -7.49 8.45
CA PRO A 64 -13.60 -8.82 9.02
C PRO A 64 -12.85 -9.91 8.25
N LYS A 65 -12.91 -11.13 8.77
CA LYS A 65 -12.23 -12.26 8.14
C LYS A 65 -12.67 -12.41 6.69
N ARG A 66 -13.86 -11.89 6.37
CA ARG A 66 -14.40 -11.98 5.02
C ARG A 66 -15.30 -10.78 4.73
N PRO A 67 -14.91 -9.97 3.73
CA PRO A 67 -15.67 -8.78 3.33
C PRO A 67 -16.98 -9.14 2.65
N ALA A 68 -17.89 -8.17 2.56
CA ALA A 68 -19.18 -8.39 1.92
C ALA A 68 -19.38 -7.45 0.74
N LEU A 69 -18.27 -6.93 0.21
CA LEU A 69 -18.32 -6.01 -0.92
C LEU A 69 -17.56 -6.59 -2.12
N GLU A 70 -18.11 -6.40 -3.31
CA GLU A 70 -17.48 -6.90 -4.53
C GLU A 70 -16.11 -6.25 -4.73
N PRO A 71 -16.08 -4.91 -4.70
CA PRO A 71 -14.84 -4.14 -4.88
C PRO A 71 -13.90 -4.29 -3.70
N VAL A 72 -14.45 -4.52 -2.51
CA VAL A 72 -13.65 -4.69 -1.30
C VAL A 72 -12.82 -5.96 -1.37
N ARG A 73 -13.41 -7.01 -1.92
CA ARG A 73 -12.73 -8.30 -2.04
C ARG A 73 -11.53 -8.19 -2.99
N SER A 74 -11.76 -7.57 -4.13
CA SER A 74 -10.70 -7.40 -5.13
C SER A 74 -9.69 -6.35 -4.68
N SER A 75 -10.18 -5.27 -4.07
CA SER A 75 -9.33 -4.20 -3.60
C SER A 75 -8.32 -4.71 -2.58
N LEU A 76 -8.71 -5.76 -1.85
CA LEU A 76 -7.83 -6.35 -0.84
C LEU A 76 -6.70 -7.14 -1.49
N ARG A 77 -6.98 -7.69 -2.67
CA ARG A 77 -5.98 -8.47 -3.40
C ARG A 77 -4.90 -7.57 -3.98
N LEU A 78 -5.33 -6.50 -4.65
CA LEU A 78 -4.39 -5.56 -5.24
C LEU A 78 -3.65 -4.76 -4.18
N LEU A 79 -4.38 -4.38 -3.13
CA LEU A 79 -3.80 -3.61 -2.03
C LEU A 79 -2.72 -4.41 -1.32
N ASN A 80 -3.05 -5.64 -0.92
CA ASN A 80 -2.12 -6.51 -0.24
C ASN A 80 -0.95 -6.88 -1.15
N ALA A 81 -1.27 -7.26 -2.38
CA ALA A 81 -0.25 -7.64 -3.35
C ALA A 81 0.67 -6.46 -3.66
N SER A 82 0.12 -5.26 -3.65
CA SER A 82 0.89 -4.06 -3.94
C SER A 82 2.00 -3.87 -2.91
N ALA A 83 1.67 -4.10 -1.64
CA ALA A 83 2.65 -3.96 -0.57
C ALA A 83 3.66 -5.09 -0.59
N TYR A 84 3.22 -6.26 -1.04
CA TYR A 84 4.08 -7.43 -1.12
C TYR A 84 5.13 -7.27 -2.21
N ARG A 85 4.70 -6.83 -3.39
CA ARG A 85 5.60 -6.64 -4.52
C ARG A 85 6.65 -5.57 -4.19
N LEU A 86 6.21 -4.47 -3.59
CA LEU A 86 7.10 -3.39 -3.23
C LEU A 86 8.19 -3.87 -2.27
N GLN A 87 7.80 -4.72 -1.33
CA GLN A 87 8.74 -5.25 -0.35
C GLN A 87 9.79 -6.14 -1.03
N SER A 88 9.33 -7.03 -1.90
CA SER A 88 10.23 -7.94 -2.61
C SER A 88 11.12 -7.16 -3.57
N GLU A 89 10.56 -6.14 -4.22
CA GLU A 89 11.30 -5.32 -5.17
C GLU A 89 12.35 -4.48 -4.45
N CYS A 90 11.92 -3.78 -3.41
CA CYS A 90 12.82 -2.93 -2.63
C CYS A 90 13.81 -3.77 -1.83
N ARG A 91 13.42 -4.99 -1.50
CA ARG A 91 14.27 -5.89 -0.73
C ARG A 91 15.62 -6.06 -1.42
N LYS A 92 15.61 -6.09 -2.75
CA LYS A 92 16.84 -6.24 -3.51
C LYS A 92 17.26 -4.91 -4.13
N THR A 93 17.73 -4.00 -3.28
CA THR A 93 18.17 -2.68 -3.73
C THR A 93 19.66 -2.70 -4.10
N VAL A 94 20.17 -1.54 -4.49
CA VAL A 94 21.57 -1.43 -4.87
C VAL A 94 22.31 -0.45 -3.97
N PRO A 95 22.43 -0.80 -2.68
CA PRO A 95 23.10 0.04 -1.68
C PRO A 95 24.61 0.09 -1.90
N PRO A 96 25.15 -0.97 -2.52
CA PRO A 96 26.58 -1.08 -2.80
C PRO A 96 27.04 -0.09 -3.87
N GLU A 97 28.24 -0.32 -4.41
CA GLU A 97 28.79 0.56 -5.45
C GLU A 97 27.77 0.80 -6.55
N PRO A 98 27.92 1.92 -7.28
CA PRO A 98 27.03 2.28 -8.37
C PRO A 98 27.20 1.37 -9.58
N GLY A 99 28.32 0.66 -9.63
CA GLY A 99 28.59 -0.24 -10.74
C GLY A 99 28.07 -1.64 -10.49
N ALA A 100 27.31 -1.80 -9.40
CA ALA A 100 26.75 -3.10 -9.05
C ALA A 100 26.01 -3.72 -10.24
N PRO A 101 25.77 -5.04 -10.17
CA PRO A 101 25.07 -5.77 -11.23
C PRO A 101 23.60 -5.43 -11.29
N VAL A 102 22.99 -5.21 -10.12
CA VAL A 102 21.57 -4.87 -10.06
C VAL A 102 21.24 -3.70 -10.99
N ASP A 103 20.02 -3.70 -11.51
CA ASP A 103 19.59 -2.64 -12.42
C ASP A 103 18.86 -1.53 -11.65
N PHE A 104 19.65 -0.64 -11.05
CA PHE A 104 19.08 0.47 -10.28
C PHE A 104 18.05 1.23 -11.10
N GLN A 105 18.32 1.39 -12.40
CA GLN A 105 17.42 2.10 -13.29
C GLN A 105 16.03 1.47 -13.28
N LEU A 106 15.99 0.14 -13.30
CA LEU A 106 14.72 -0.59 -13.29
C LEU A 106 14.08 -0.53 -11.91
N LEU A 107 14.92 -0.41 -10.88
CA LEU A 107 14.42 -0.35 -9.50
C LEU A 107 13.47 0.83 -9.32
N THR A 108 13.90 2.01 -9.76
CA THR A 108 13.09 3.21 -9.65
C THR A 108 11.74 3.04 -10.35
N GLN A 109 11.75 2.35 -11.48
CA GLN A 109 10.53 2.12 -12.25
C GLN A 109 9.60 1.16 -11.50
N GLN A 110 10.20 0.20 -10.80
CA GLN A 110 9.42 -0.79 -10.04
C GLN A 110 8.75 -0.14 -8.84
N VAL A 111 9.51 0.68 -8.12
CA VAL A 111 8.98 1.36 -6.93
C VAL A 111 7.94 2.40 -7.32
N ILE A 112 8.18 3.10 -8.43
CA ILE A 112 7.26 4.12 -8.90
C ILE A 112 5.92 3.50 -9.31
N GLN A 113 5.98 2.44 -10.11
CA GLN A 113 4.78 1.77 -10.56
C GLN A 113 4.00 1.19 -9.39
N CYS A 114 4.72 0.52 -8.49
CA CYS A 114 4.09 -0.09 -7.31
C CYS A 114 3.50 0.98 -6.40
N ALA A 115 4.28 2.02 -6.12
CA ALA A 115 3.85 3.10 -5.25
C ALA A 115 2.66 3.84 -5.87
N TYR A 116 2.74 4.08 -7.17
CA TYR A 116 1.67 4.78 -7.87
C TYR A 116 0.40 3.94 -7.92
N ASP A 117 0.56 2.63 -8.05
CA ASP A 117 -0.57 1.72 -8.09
C ASP A 117 -1.27 1.65 -6.74
N ILE A 118 -0.48 1.46 -5.68
CA ILE A 118 -1.03 1.37 -4.33
C ILE A 118 -1.66 2.70 -3.90
N ALA A 119 -1.05 3.80 -4.35
CA ALA A 119 -1.54 5.13 -4.01
C ALA A 119 -2.89 5.40 -4.67
N LYS A 120 -3.01 5.02 -5.94
CA LYS A 120 -4.25 5.23 -6.69
C LYS A 120 -5.37 4.36 -6.11
N ALA A 121 -5.00 3.19 -5.60
CA ALA A 121 -5.98 2.27 -5.02
C ALA A 121 -6.69 2.91 -3.83
N ALA A 122 -6.01 3.85 -3.18
CA ALA A 122 -6.58 4.53 -2.02
C ALA A 122 -7.80 5.36 -2.42
N LYS A 123 -7.80 5.84 -3.66
CA LYS A 123 -8.91 6.65 -4.15
C LYS A 123 -10.18 5.81 -4.27
N GLN A 124 -10.03 4.58 -4.73
CA GLN A 124 -11.16 3.67 -4.88
C GLN A 124 -11.65 3.18 -3.52
N LEU A 125 -10.73 3.05 -2.58
CA LEU A 125 -11.08 2.58 -1.24
C LEU A 125 -11.69 3.71 -0.41
N VAL A 126 -11.18 4.92 -0.59
CA VAL A 126 -11.68 6.08 0.14
C VAL A 126 -13.05 6.51 -0.39
N THR A 127 -13.26 6.30 -1.68
CA THR A 127 -14.52 6.67 -2.31
C THR A 127 -15.61 5.66 -1.99
N ILE A 128 -15.23 4.39 -1.89
CA ILE A 128 -16.17 3.32 -1.59
C ILE A 128 -16.73 3.46 -0.18
N THR A 129 -15.86 3.87 0.76
CA THR A 129 -16.26 4.05 2.15
C THR A 129 -17.22 5.21 2.30
N THR A 130 -16.91 6.32 1.62
CA THR A 130 -17.75 7.51 1.68
C THR A 130 -19.11 7.26 1.04
N ARG A 131 -19.10 6.70 -0.17
CA ARG A 131 -20.34 6.40 -0.88
C ARG A 131 -21.08 5.25 -0.21
N GLU A 132 -20.35 4.42 0.51
CA GLU A 132 -20.95 3.27 1.18
C GLU A 132 -22.13 3.70 2.03
N LYS A 133 -22.99 2.74 2.39
CA LYS A 133 -24.17 3.03 3.21
C LYS A 133 -23.76 3.53 4.58
N LYS A 134 -22.57 3.14 5.02
CA LYS A 134 -22.06 3.56 6.33
C LYS A 134 -21.34 4.90 6.23
N GLN A 135 -22.07 5.98 6.48
CA GLN A 135 -21.50 7.33 6.41
C GLN A 135 -21.51 7.98 7.79
N LEU A 5 -12.73 -13.46 15.06
CA LEU A 5 -13.88 -13.57 14.17
C LEU A 5 -15.17 -13.17 14.88
N ASP A 6 -16.27 -13.16 14.13
CA ASP A 6 -17.56 -12.81 14.69
C ASP A 6 -18.67 -13.68 14.09
N GLY A 7 -19.03 -13.40 12.85
CA GLY A 7 -20.07 -14.16 12.19
C GLY A 7 -20.57 -13.49 10.93
N ASP A 8 -20.49 -14.20 9.81
CA ASP A 8 -20.95 -13.66 8.52
C ASP A 8 -20.11 -12.46 8.12
N PRO A 9 -20.08 -12.18 6.80
CA PRO A 9 -19.32 -11.06 6.26
C PRO A 9 -19.93 -9.71 6.63
N ASP A 10 -19.09 -8.68 6.70
CA ASP A 10 -19.54 -7.34 7.04
C ASP A 10 -19.87 -6.54 5.78
N PRO A 11 -21.02 -5.86 5.80
CA PRO A 11 -21.48 -5.04 4.67
C PRO A 11 -20.63 -3.79 4.48
N GLY A 12 -20.41 -3.05 5.56
CA GLY A 12 -19.61 -1.84 5.49
C GLY A 12 -18.35 -1.94 6.31
N LEU A 13 -18.09 -0.91 7.13
CA LEU A 13 -16.89 -0.88 7.97
C LEU A 13 -17.28 -0.67 9.43
N PRO A 14 -16.41 -1.14 10.34
CA PRO A 14 -16.62 -1.01 11.78
C PRO A 14 -16.49 0.44 12.26
N SER A 15 -15.39 1.07 11.90
CA SER A 15 -15.15 2.46 12.30
C SER A 15 -14.88 3.33 11.08
N THR A 16 -15.72 4.35 10.90
CA THR A 16 -15.59 5.26 9.77
C THR A 16 -14.30 6.07 9.87
N GLU A 17 -14.09 6.72 11.01
CA GLU A 17 -12.90 7.53 11.23
C GLU A 17 -11.63 6.68 11.07
N ASP A 18 -11.62 5.53 11.72
CA ASP A 18 -10.47 4.62 11.64
C ASP A 18 -10.08 4.36 10.19
N VAL A 19 -11.08 4.28 9.32
CA VAL A 19 -10.84 4.04 7.90
C VAL A 19 -10.18 5.24 7.24
N ILE A 20 -10.72 6.42 7.50
CA ILE A 20 -10.20 7.65 6.92
C ILE A 20 -8.73 7.83 7.27
N LEU A 21 -8.41 7.76 8.57
CA LEU A 21 -7.04 7.90 9.03
C LEU A 21 -6.16 6.77 8.51
N LYS A 22 -6.77 5.62 8.30
CA LYS A 22 -6.05 4.45 7.80
C LYS A 22 -5.66 4.64 6.34
N THR A 23 -6.54 5.27 5.57
CA THR A 23 -6.28 5.52 4.16
C THR A 23 -5.42 6.75 3.96
N GLU A 24 -5.72 7.82 4.68
CA GLU A 24 -4.96 9.07 4.59
C GLU A 24 -3.50 8.83 4.91
N GLN A 25 -3.23 7.93 5.85
CA GLN A 25 -1.87 7.62 6.25
C GLN A 25 -1.16 6.82 5.16
N VAL A 26 -1.92 6.02 4.42
CA VAL A 26 -1.36 5.21 3.35
C VAL A 26 -0.76 6.08 2.26
N THR A 27 -1.49 7.10 1.84
CA THR A 27 -1.03 8.01 0.79
C THR A 27 0.28 8.69 1.20
N LYS A 28 0.39 9.00 2.48
CA LYS A 28 1.59 9.65 3.00
C LYS A 28 2.78 8.70 2.96
N ASN A 29 2.58 7.46 3.38
CA ASN A 29 3.63 6.46 3.38
C ASN A 29 4.16 6.23 1.97
N ILE A 30 3.29 6.37 0.98
CA ILE A 30 3.66 6.17 -0.41
C ILE A 30 4.54 7.32 -0.91
N GLN A 31 4.21 8.53 -0.48
CA GLN A 31 4.97 9.71 -0.87
C GLN A 31 6.45 9.57 -0.50
N GLU A 32 6.70 8.93 0.63
CA GLU A 32 8.06 8.72 1.10
C GLU A 32 8.87 7.90 0.10
N LEU A 33 8.20 6.94 -0.53
CA LEU A 33 8.86 6.08 -1.51
C LEU A 33 9.17 6.85 -2.79
N LEU A 34 8.26 7.74 -3.18
CA LEU A 34 8.44 8.54 -4.38
C LEU A 34 9.59 9.53 -4.21
N ARG A 35 9.57 10.25 -3.09
CA ARG A 35 10.60 11.24 -2.81
C ARG A 35 11.98 10.58 -2.72
N ALA A 36 12.02 9.37 -2.17
CA ALA A 36 13.27 8.63 -2.04
C ALA A 36 13.81 8.23 -3.40
N ALA A 37 12.92 7.96 -4.34
CA ALA A 37 13.31 7.57 -5.69
C ALA A 37 13.91 8.75 -6.45
N GLN A 38 13.21 9.88 -6.43
CA GLN A 38 13.68 11.08 -7.12
C GLN A 38 15.01 11.57 -6.53
N GLU A 39 15.26 11.21 -5.28
CA GLU A 39 16.49 11.61 -4.61
C GLU A 39 17.55 10.52 -4.72
N PHE A 40 17.29 9.52 -5.57
CA PHE A 40 18.22 8.42 -5.77
C PHE A 40 18.62 7.80 -4.43
N LYS A 41 17.66 7.19 -3.75
CA LYS A 41 17.92 6.56 -2.47
C LYS A 41 17.39 5.12 -2.45
N HIS A 42 18.21 4.20 -2.92
CA HIS A 42 17.83 2.78 -2.97
C HIS A 42 17.66 2.23 -1.56
N ASP A 43 18.53 2.66 -0.64
CA ASP A 43 18.46 2.20 0.74
C ASP A 43 17.24 2.76 1.44
N SER A 44 16.72 3.88 0.93
CA SER A 44 15.55 4.52 1.51
C SER A 44 14.28 3.75 1.17
N PHE A 45 14.38 2.87 0.17
CA PHE A 45 13.24 2.06 -0.25
C PHE A 45 12.89 1.01 0.79
N VAL A 46 13.92 0.47 1.45
CA VAL A 46 13.72 -0.55 2.47
C VAL A 46 12.75 -0.07 3.54
N PRO A 47 13.08 1.06 4.18
CA PRO A 47 12.25 1.65 5.23
C PRO A 47 10.95 2.22 4.70
N CYS A 48 11.04 2.95 3.58
CA CYS A 48 9.87 3.55 2.96
C CYS A 48 8.84 2.48 2.58
N SER A 49 9.35 1.31 2.18
CA SER A 49 8.48 0.21 1.79
C SER A 49 7.84 -0.46 3.00
N GLU A 50 8.56 -0.46 4.11
CA GLU A 50 8.07 -1.07 5.34
C GLU A 50 6.91 -0.25 5.92
N LYS A 51 7.10 1.06 6.01
CA LYS A 51 6.08 1.95 6.54
C LYS A 51 4.79 1.84 5.72
N ILE A 52 4.94 1.71 4.41
CA ILE A 52 3.79 1.61 3.52
C ILE A 52 3.03 0.30 3.77
N HIS A 53 3.77 -0.76 4.06
CA HIS A 53 3.16 -2.07 4.32
C HIS A 53 2.28 -2.01 5.58
N LEU A 54 2.73 -1.26 6.57
CA LEU A 54 1.99 -1.12 7.82
C LEU A 54 0.58 -0.61 7.56
N ALA A 55 0.49 0.49 6.81
CA ALA A 55 -0.80 1.09 6.48
C ALA A 55 -1.67 0.11 5.68
N VAL A 56 -1.03 -0.65 4.80
CA VAL A 56 -1.75 -1.63 3.98
C VAL A 56 -2.31 -2.76 4.82
N THR A 57 -1.45 -3.36 5.64
CA THR A 57 -1.86 -4.46 6.50
C THR A 57 -2.83 -3.99 7.58
N GLU A 58 -2.52 -2.84 8.18
CA GLU A 58 -3.37 -2.28 9.23
C GLU A 58 -4.78 -2.03 8.70
N MET A 59 -4.88 -1.57 7.46
CA MET A 59 -6.18 -1.29 6.85
C MET A 59 -6.99 -2.58 6.67
N ALA A 60 -6.35 -3.59 6.10
CA ALA A 60 -7.00 -4.87 5.88
C ALA A 60 -7.34 -5.56 7.19
N SER A 61 -6.45 -5.41 8.18
CA SER A 61 -6.65 -6.02 9.49
C SER A 61 -7.99 -5.60 10.08
N LEU A 62 -8.35 -4.34 9.87
CA LEU A 62 -9.62 -3.81 10.38
C LEU A 62 -10.81 -4.55 9.78
N PHE A 63 -10.58 -5.19 8.63
CA PHE A 63 -11.63 -5.93 7.95
C PHE A 63 -11.59 -7.40 8.33
N PRO A 64 -12.75 -8.07 8.24
CA PRO A 64 -12.88 -9.49 8.57
C PRO A 64 -12.18 -10.38 7.56
N LYS A 65 -12.18 -11.68 7.83
CA LYS A 65 -11.55 -12.65 6.93
C LYS A 65 -12.39 -12.89 5.69
N ARG A 66 -13.57 -12.27 5.66
CA ARG A 66 -14.48 -12.42 4.53
C ARG A 66 -15.39 -11.20 4.41
N PRO A 67 -14.97 -10.23 3.58
CA PRO A 67 -15.74 -9.00 3.36
C PRO A 67 -17.02 -9.25 2.56
N ALA A 68 -17.97 -8.32 2.68
CA ALA A 68 -19.24 -8.44 1.97
C ALA A 68 -19.35 -7.40 0.87
N LEU A 69 -18.27 -6.66 0.64
CA LEU A 69 -18.25 -5.63 -0.39
C LEU A 69 -17.60 -6.14 -1.67
N GLU A 70 -18.21 -5.81 -2.81
CA GLU A 70 -17.68 -6.24 -4.10
C GLU A 70 -16.29 -5.66 -4.34
N PRO A 71 -16.17 -4.34 -4.17
CA PRO A 71 -14.89 -3.63 -4.37
C PRO A 71 -13.88 -3.96 -3.28
N VAL A 72 -14.37 -4.28 -2.09
CA VAL A 72 -13.51 -4.62 -0.96
C VAL A 72 -12.78 -5.94 -1.21
N ARG A 73 -13.48 -6.87 -1.85
CA ARG A 73 -12.90 -8.18 -2.14
C ARG A 73 -11.73 -8.05 -3.13
N SER A 74 -11.94 -7.27 -4.19
CA SER A 74 -10.91 -7.07 -5.20
C SER A 74 -9.83 -6.12 -4.70
N SER A 75 -10.25 -5.09 -3.97
CA SER A 75 -9.31 -4.11 -3.43
C SER A 75 -8.30 -4.77 -2.50
N LEU A 76 -8.74 -5.82 -1.82
CA LEU A 76 -7.87 -6.55 -0.89
C LEU A 76 -6.78 -7.30 -1.65
N ARG A 77 -7.09 -7.70 -2.88
CA ARG A 77 -6.14 -8.43 -3.71
C ARG A 77 -5.03 -7.50 -4.21
N LEU A 78 -5.43 -6.35 -4.73
CA LEU A 78 -4.47 -5.37 -5.25
C LEU A 78 -3.72 -4.69 -4.10
N LEU A 79 -4.44 -4.38 -3.03
CA LEU A 79 -3.85 -3.74 -1.86
C LEU A 79 -2.79 -4.63 -1.23
N ASN A 80 -3.16 -5.87 -0.96
CA ASN A 80 -2.24 -6.82 -0.34
C ASN A 80 -1.08 -7.13 -1.28
N ALA A 81 -1.37 -7.29 -2.56
CA ALA A 81 -0.35 -7.58 -3.57
C ALA A 81 0.60 -6.39 -3.73
N SER A 82 0.07 -5.19 -3.60
CA SER A 82 0.87 -3.98 -3.74
C SER A 82 1.97 -3.93 -2.70
N ALA A 83 1.60 -4.18 -1.44
CA ALA A 83 2.56 -4.17 -0.35
C ALA A 83 3.54 -5.33 -0.46
N TYR A 84 3.08 -6.43 -1.04
CA TYR A 84 3.93 -7.61 -1.22
C TYR A 84 4.94 -7.39 -2.33
N ARG A 85 4.48 -6.86 -3.45
CA ARG A 85 5.34 -6.60 -4.60
C ARG A 85 6.44 -5.60 -4.24
N LEU A 86 6.06 -4.53 -3.55
CA LEU A 86 7.01 -3.50 -3.15
C LEU A 86 8.09 -4.08 -2.25
N GLN A 87 7.69 -4.99 -1.37
CA GLN A 87 8.62 -5.63 -0.44
C GLN A 87 9.75 -6.31 -1.19
N SER A 88 9.39 -7.05 -2.25
CA SER A 88 10.38 -7.76 -3.05
C SER A 88 11.28 -6.78 -3.79
N GLU A 89 10.70 -5.68 -4.26
CA GLU A 89 11.46 -4.67 -4.98
C GLU A 89 12.47 -3.98 -4.06
N CYS A 90 12.00 -3.54 -2.90
CA CYS A 90 12.86 -2.87 -1.93
C CYS A 90 13.86 -3.84 -1.33
N ARG A 91 13.49 -5.12 -1.29
CA ARG A 91 14.36 -6.14 -0.73
C ARG A 91 15.62 -6.31 -1.58
N LYS A 92 15.46 -6.19 -2.90
CA LYS A 92 16.58 -6.33 -3.82
C LYS A 92 17.01 -4.98 -4.36
N THR A 93 17.67 -4.18 -3.53
CA THR A 93 18.13 -2.86 -3.92
C THR A 93 19.62 -2.86 -4.23
N VAL A 94 20.17 -1.69 -4.52
CA VAL A 94 21.59 -1.56 -4.82
C VAL A 94 22.28 -0.64 -3.82
N PRO A 95 22.32 -1.05 -2.56
CA PRO A 95 22.95 -0.29 -1.48
C PRO A 95 24.47 -0.23 -1.61
N PRO A 96 25.04 -1.26 -2.27
CA PRO A 96 26.50 -1.35 -2.48
C PRO A 96 27.00 -0.30 -3.47
N GLU A 97 28.22 -0.51 -3.96
CA GLU A 97 28.83 0.42 -4.91
C GLU A 97 27.87 0.71 -6.07
N PRO A 98 28.07 1.86 -6.72
CA PRO A 98 27.24 2.29 -7.85
C PRO A 98 27.47 1.44 -9.09
N GLY A 99 28.55 0.66 -9.08
CA GLY A 99 28.87 -0.19 -10.21
C GLY A 99 28.33 -1.59 -10.04
N ALA A 100 27.52 -1.80 -9.00
CA ALA A 100 26.95 -3.11 -8.74
C ALA A 100 26.28 -3.68 -9.98
N PRO A 101 26.04 -5.01 -9.98
CA PRO A 101 25.41 -5.70 -11.10
C PRO A 101 23.93 -5.35 -11.23
N VAL A 102 23.26 -5.19 -10.10
CA VAL A 102 21.84 -4.85 -10.09
C VAL A 102 21.56 -3.65 -10.97
N ASP A 103 20.37 -3.64 -11.58
CA ASP A 103 19.97 -2.55 -12.47
C ASP A 103 19.20 -1.48 -11.70
N PHE A 104 19.92 -0.56 -11.08
CA PHE A 104 19.30 0.51 -10.30
C PHE A 104 18.23 1.23 -11.12
N GLN A 105 18.44 1.26 -12.44
CA GLN A 105 17.49 1.92 -13.34
C GLN A 105 16.11 1.27 -13.24
N LEU A 106 16.09 -0.06 -13.22
CA LEU A 106 14.83 -0.79 -13.12
C LEU A 106 14.24 -0.71 -11.72
N LEU A 107 15.12 -0.54 -10.73
CA LEU A 107 14.69 -0.44 -9.34
C LEU A 107 13.74 0.74 -9.16
N THR A 108 14.15 1.91 -9.63
CA THR A 108 13.34 3.12 -9.51
C THR A 108 12.00 2.94 -10.21
N GLN A 109 12.01 2.23 -11.33
CA GLN A 109 10.80 2.00 -12.10
C GLN A 109 9.85 1.05 -11.36
N GLN A 110 10.43 0.09 -10.64
CA GLN A 110 9.65 -0.88 -9.88
C GLN A 110 8.98 -0.22 -8.68
N VAL A 111 9.74 0.59 -7.96
CA VAL A 111 9.23 1.29 -6.78
C VAL A 111 8.17 2.32 -7.18
N ILE A 112 8.41 3.00 -8.29
CA ILE A 112 7.48 4.01 -8.78
C ILE A 112 6.15 3.38 -9.21
N GLN A 113 6.24 2.34 -10.02
CA GLN A 113 5.04 1.64 -10.50
C GLN A 113 4.23 1.09 -9.32
N CYS A 114 4.92 0.44 -8.39
CA CYS A 114 4.26 -0.14 -7.23
C CYS A 114 3.63 0.95 -6.36
N ALA A 115 4.37 2.03 -6.14
CA ALA A 115 3.88 3.14 -5.34
C ALA A 115 2.69 3.82 -6.00
N TYR A 116 2.78 4.01 -7.32
CA TYR A 116 1.71 4.66 -8.06
C TYR A 116 0.47 3.77 -8.11
N ASP A 117 0.69 2.46 -8.18
CA ASP A 117 -0.42 1.51 -8.23
C ASP A 117 -1.14 1.45 -6.88
N ILE A 118 -0.37 1.32 -5.81
CA ILE A 118 -0.93 1.25 -4.47
C ILE A 118 -1.59 2.56 -4.08
N ALA A 119 -1.03 3.67 -4.55
CA ALA A 119 -1.56 4.99 -4.25
C ALA A 119 -2.93 5.18 -4.92
N LYS A 120 -3.03 4.77 -6.18
CA LYS A 120 -4.27 4.90 -6.94
C LYS A 120 -5.37 4.06 -6.30
N ALA A 121 -4.99 2.97 -5.65
CA ALA A 121 -5.95 2.08 -5.00
C ALA A 121 -6.58 2.75 -3.79
N ALA A 122 -5.81 3.57 -3.10
CA ALA A 122 -6.30 4.28 -1.93
C ALA A 122 -7.45 5.21 -2.29
N LYS A 123 -7.40 5.78 -3.48
CA LYS A 123 -8.44 6.68 -3.96
C LYS A 123 -9.76 5.94 -4.15
N GLN A 124 -9.68 4.72 -4.67
CA GLN A 124 -10.87 3.92 -4.91
C GLN A 124 -11.42 3.36 -3.60
N LEU A 125 -10.53 3.11 -2.65
CA LEU A 125 -10.92 2.58 -1.35
C LEU A 125 -11.49 3.68 -0.46
N VAL A 126 -10.89 4.87 -0.55
CA VAL A 126 -11.33 6.01 0.25
C VAL A 126 -12.66 6.55 -0.28
N THR A 127 -12.86 6.46 -1.58
CA THR A 127 -14.08 6.95 -2.21
C THR A 127 -15.24 5.98 -1.98
N ILE A 128 -14.94 4.69 -1.97
CA ILE A 128 -15.95 3.67 -1.76
C ILE A 128 -16.53 3.75 -0.35
N THR A 129 -15.65 3.96 0.62
CA THR A 129 -16.07 4.06 2.02
C THR A 129 -16.87 5.33 2.27
N THR A 130 -16.43 6.44 1.67
CA THR A 130 -17.11 7.71 1.81
C THR A 130 -18.50 7.68 1.19
N ARG A 131 -18.58 7.18 -0.04
CA ARG A 131 -19.85 7.09 -0.75
C ARG A 131 -20.79 6.10 -0.06
N GLU A 132 -20.21 5.09 0.55
CA GLU A 132 -21.00 4.06 1.25
C GLU A 132 -21.83 4.69 2.36
N LYS A 133 -22.94 4.05 2.70
CA LYS A 133 -23.82 4.53 3.76
C LYS A 133 -23.90 3.54 4.90
N LYS A 134 -22.78 2.88 5.18
CA LYS A 134 -22.73 1.90 6.26
C LYS A 134 -21.60 2.24 7.24
N GLN A 135 -21.89 3.10 8.21
CA GLN A 135 -20.91 3.50 9.20
C GLN A 135 -21.05 2.66 10.47
N LEU A 5 -13.93 -14.42 16.85
CA LEU A 5 -14.52 -14.99 15.64
C LEU A 5 -15.77 -14.23 15.23
N ASP A 6 -16.43 -14.71 14.18
CA ASP A 6 -17.65 -14.07 13.69
C ASP A 6 -18.58 -15.09 13.05
N GLY A 7 -19.62 -14.61 12.39
CA GLY A 7 -20.57 -15.50 11.74
C GLY A 7 -20.81 -15.14 10.29
N ASP A 8 -21.41 -13.97 10.06
CA ASP A 8 -21.69 -13.52 8.70
C ASP A 8 -20.84 -12.29 8.36
N PRO A 9 -20.69 -12.04 7.05
CA PRO A 9 -19.90 -10.91 6.55
C PRO A 9 -20.56 -9.57 6.84
N ASP A 10 -19.74 -8.53 6.97
CA ASP A 10 -20.25 -7.19 7.26
C ASP A 10 -20.38 -6.37 5.97
N PRO A 11 -21.49 -5.64 5.83
CA PRO A 11 -21.75 -4.81 4.65
C PRO A 11 -20.84 -3.60 4.59
N GLY A 12 -20.74 -2.87 5.70
CA GLY A 12 -19.89 -1.70 5.75
C GLY A 12 -18.62 -1.92 6.55
N LEU A 13 -18.13 -0.88 7.19
CA LEU A 13 -16.92 -0.97 8.00
C LEU A 13 -17.24 -0.77 9.48
N PRO A 14 -16.34 -1.28 10.34
CA PRO A 14 -16.49 -1.19 11.80
C PRO A 14 -16.31 0.25 12.29
N SER A 15 -15.19 0.87 11.91
CA SER A 15 -14.90 2.23 12.33
C SER A 15 -14.66 3.13 11.12
N THR A 16 -15.48 4.16 10.98
CA THR A 16 -15.35 5.09 9.87
C THR A 16 -14.05 5.89 9.96
N GLU A 17 -13.82 6.51 11.11
CA GLU A 17 -12.62 7.31 11.32
C GLU A 17 -11.37 6.46 11.12
N ASP A 18 -11.36 5.27 11.73
CA ASP A 18 -10.23 4.37 11.61
C ASP A 18 -9.83 4.16 10.16
N VAL A 19 -10.85 4.10 9.28
CA VAL A 19 -10.61 3.91 7.87
C VAL A 19 -9.94 5.14 7.24
N ILE A 20 -10.48 6.31 7.54
CA ILE A 20 -9.95 7.56 7.02
C ILE A 20 -8.47 7.71 7.38
N LEU A 21 -8.16 7.59 8.66
CA LEU A 21 -6.79 7.71 9.15
C LEU A 21 -5.91 6.59 8.58
N LYS A 22 -6.53 5.43 8.34
CA LYS A 22 -5.81 4.29 7.81
C LYS A 22 -5.43 4.52 6.35
N THR A 23 -6.32 5.18 5.61
CA THR A 23 -6.09 5.45 4.19
C THR A 23 -5.22 6.69 4.02
N GLU A 24 -5.52 7.73 4.78
CA GLU A 24 -4.76 8.98 4.71
C GLU A 24 -3.28 8.73 5.00
N GLN A 25 -3.01 7.82 5.92
CA GLN A 25 -1.64 7.49 6.29
C GLN A 25 -0.95 6.71 5.18
N VAL A 26 -1.73 5.93 4.44
CA VAL A 26 -1.19 5.13 3.35
C VAL A 26 -0.61 6.02 2.24
N THR A 27 -1.35 7.06 1.89
CA THR A 27 -0.91 7.98 0.84
C THR A 27 0.39 8.67 1.24
N LYS A 28 0.53 8.97 2.53
CA LYS A 28 1.73 9.63 3.03
C LYS A 28 2.93 8.69 2.95
N ASN A 29 2.73 7.44 3.35
CA ASN A 29 3.80 6.45 3.32
C ASN A 29 4.31 6.24 1.90
N ILE A 30 3.40 6.31 0.94
CA ILE A 30 3.77 6.13 -0.47
C ILE A 30 4.65 7.27 -0.95
N GLN A 31 4.35 8.48 -0.50
CA GLN A 31 5.11 9.67 -0.89
C GLN A 31 6.58 9.51 -0.50
N GLU A 32 6.83 8.85 0.62
CA GLU A 32 8.19 8.64 1.09
C GLU A 32 8.99 7.81 0.08
N LEU A 33 8.33 6.87 -0.56
CA LEU A 33 8.99 6.01 -1.55
C LEU A 33 9.32 6.80 -2.81
N LEU A 34 8.42 7.70 -3.20
CA LEU A 34 8.61 8.53 -4.39
C LEU A 34 9.77 9.50 -4.19
N ARG A 35 9.75 10.21 -3.06
CA ARG A 35 10.80 11.17 -2.75
C ARG A 35 12.17 10.49 -2.68
N ALA A 36 12.19 9.27 -2.14
CA ALA A 36 13.42 8.51 -2.02
C ALA A 36 13.99 8.14 -3.39
N ALA A 37 13.09 7.96 -4.36
CA ALA A 37 13.49 7.61 -5.71
C ALA A 37 14.16 8.78 -6.42
N GLN A 38 13.51 9.94 -6.37
CA GLN A 38 14.04 11.14 -7.00
C GLN A 38 15.34 11.58 -6.35
N GLU A 39 15.54 11.16 -5.09
CA GLU A 39 16.75 11.51 -4.36
C GLU A 39 17.80 10.42 -4.51
N PHE A 40 17.56 9.48 -5.41
CA PHE A 40 18.48 8.39 -5.65
C PHE A 40 18.86 7.69 -4.34
N LYS A 41 17.86 7.10 -3.69
CA LYS A 41 18.09 6.40 -2.43
C LYS A 41 17.53 4.99 -2.49
N HIS A 42 18.32 4.06 -3.03
CA HIS A 42 17.91 2.67 -3.14
C HIS A 42 17.72 2.04 -1.77
N ASP A 43 18.61 2.39 -0.84
CA ASP A 43 18.55 1.87 0.52
C ASP A 43 17.33 2.42 1.26
N SER A 44 16.83 3.56 0.80
CA SER A 44 15.69 4.20 1.43
C SER A 44 14.40 3.47 1.05
N PHE A 45 14.48 2.63 0.03
CA PHE A 45 13.32 1.87 -0.43
C PHE A 45 12.95 0.78 0.57
N VAL A 46 13.97 0.19 1.20
CA VAL A 46 13.75 -0.86 2.17
C VAL A 46 12.81 -0.41 3.28
N PRO A 47 13.17 0.69 3.95
CA PRO A 47 12.37 1.25 5.05
C PRO A 47 11.07 1.87 4.54
N CYS A 48 11.17 2.64 3.46
CA CYS A 48 10.01 3.30 2.88
C CYS A 48 8.95 2.26 2.47
N SER A 49 9.42 1.12 1.99
CA SER A 49 8.52 0.05 1.55
C SER A 49 7.88 -0.65 2.74
N GLU A 50 8.62 -0.72 3.84
CA GLU A 50 8.13 -1.37 5.05
C GLU A 50 7.02 -0.55 5.69
N LYS A 51 7.25 0.75 5.83
CA LYS A 51 6.27 1.65 6.43
C LYS A 51 4.95 1.61 5.64
N ILE A 52 5.06 1.45 4.33
CA ILE A 52 3.89 1.39 3.48
C ILE A 52 3.08 0.13 3.73
N HIS A 53 3.78 -0.98 3.97
CA HIS A 53 3.13 -2.26 4.23
C HIS A 53 2.30 -2.20 5.51
N LEU A 54 2.83 -1.48 6.51
CA LEU A 54 2.14 -1.35 7.78
C LEU A 54 0.74 -0.78 7.61
N ALA A 55 0.64 0.30 6.83
CA ALA A 55 -0.65 0.93 6.56
C ALA A 55 -1.58 -0.01 5.82
N VAL A 56 -1.02 -0.81 4.92
CA VAL A 56 -1.81 -1.76 4.14
C VAL A 56 -2.38 -2.86 5.03
N THR A 57 -1.50 -3.49 5.81
CA THR A 57 -1.91 -4.56 6.69
C THR A 57 -2.80 -4.04 7.82
N GLU A 58 -2.41 -2.90 8.39
CA GLU A 58 -3.17 -2.30 9.48
C GLU A 58 -4.57 -1.91 9.01
N MET A 59 -4.66 -1.34 7.81
CA MET A 59 -5.94 -0.93 7.25
C MET A 59 -6.83 -2.14 6.99
N ALA A 60 -6.27 -3.14 6.31
CA ALA A 60 -7.02 -4.36 6.00
C ALA A 60 -7.40 -5.11 7.26
N SER A 61 -6.51 -5.09 8.24
CA SER A 61 -6.75 -5.78 9.51
C SER A 61 -8.06 -5.31 10.15
N LEU A 62 -8.35 -4.02 10.00
CA LEU A 62 -9.56 -3.44 10.56
C LEU A 62 -10.81 -4.06 9.91
N PHE A 63 -10.63 -4.60 8.72
CA PHE A 63 -11.73 -5.23 7.99
C PHE A 63 -11.90 -6.69 8.40
N PRO A 64 -13.14 -7.20 8.30
CA PRO A 64 -13.45 -8.58 8.66
C PRO A 64 -12.86 -9.58 7.67
N LYS A 65 -12.50 -10.76 8.17
CA LYS A 65 -11.93 -11.80 7.34
C LYS A 65 -12.88 -12.17 6.20
N ARG A 66 -14.15 -11.85 6.36
CA ARG A 66 -15.16 -12.14 5.35
C ARG A 66 -16.00 -10.91 5.05
N PRO A 67 -15.50 -10.08 4.10
CA PRO A 67 -16.20 -8.86 3.69
C PRO A 67 -17.48 -9.14 2.91
N ALA A 68 -18.42 -8.21 2.97
CA ALA A 68 -19.69 -8.36 2.28
C ALA A 68 -19.82 -7.34 1.15
N LEU A 69 -18.69 -6.82 0.70
CA LEU A 69 -18.69 -5.82 -0.38
C LEU A 69 -17.94 -6.36 -1.60
N GLU A 70 -18.51 -6.11 -2.78
CA GLU A 70 -17.90 -6.56 -4.02
C GLU A 70 -16.52 -5.94 -4.21
N PRO A 71 -16.45 -4.61 -4.10
CA PRO A 71 -15.19 -3.86 -4.26
C PRO A 71 -14.23 -4.10 -3.10
N VAL A 72 -14.78 -4.38 -1.92
CA VAL A 72 -13.96 -4.64 -0.74
C VAL A 72 -13.17 -5.93 -0.89
N ARG A 73 -13.80 -6.94 -1.48
CA ARG A 73 -13.15 -8.23 -1.68
C ARG A 73 -11.99 -8.11 -2.65
N SER A 74 -12.22 -7.41 -3.77
CA SER A 74 -11.19 -7.23 -4.78
C SER A 74 -10.13 -6.23 -4.31
N SER A 75 -10.58 -5.20 -3.59
CA SER A 75 -9.68 -4.18 -3.08
C SER A 75 -8.62 -4.79 -2.17
N LEU A 76 -9.00 -5.83 -1.43
CA LEU A 76 -8.08 -6.51 -0.52
C LEU A 76 -7.02 -7.26 -1.30
N ARG A 77 -7.37 -7.72 -2.50
CA ARG A 77 -6.44 -8.46 -3.34
C ARG A 77 -5.37 -7.53 -3.92
N LEU A 78 -5.81 -6.41 -4.48
CA LEU A 78 -4.89 -5.43 -5.06
C LEU A 78 -4.10 -4.72 -3.98
N LEU A 79 -4.78 -4.37 -2.89
CA LEU A 79 -4.14 -3.67 -1.78
C LEU A 79 -3.07 -4.54 -1.12
N ASN A 80 -3.45 -5.77 -0.79
CA ASN A 80 -2.53 -6.72 -0.17
C ASN A 80 -1.38 -7.07 -1.12
N ALA A 81 -1.72 -7.26 -2.39
CA ALA A 81 -0.73 -7.60 -3.40
C ALA A 81 0.24 -6.45 -3.63
N SER A 82 -0.27 -5.23 -3.52
CA SER A 82 0.55 -4.04 -3.73
C SER A 82 1.68 -3.98 -2.71
N ALA A 83 1.34 -4.18 -1.44
CA ALA A 83 2.33 -4.14 -0.37
C ALA A 83 3.35 -5.25 -0.54
N TYR A 84 2.93 -6.36 -1.14
CA TYR A 84 3.83 -7.49 -1.36
C TYR A 84 4.77 -7.22 -2.52
N ARG A 85 4.22 -6.71 -3.62
CA ARG A 85 5.02 -6.41 -4.81
C ARG A 85 6.09 -5.37 -4.50
N LEU A 86 5.69 -4.33 -3.77
CA LEU A 86 6.62 -3.26 -3.39
C LEU A 86 7.78 -3.81 -2.58
N GLN A 87 7.47 -4.66 -1.61
CA GLN A 87 8.49 -5.26 -0.75
C GLN A 87 9.53 -6.00 -1.58
N SER A 88 9.08 -6.61 -2.67
CA SER A 88 9.97 -7.36 -3.56
C SER A 88 10.97 -6.42 -4.24
N GLU A 89 10.50 -5.24 -4.61
CA GLU A 89 11.34 -4.26 -5.27
C GLU A 89 12.40 -3.71 -4.31
N CYS A 90 11.97 -3.30 -3.13
CA CYS A 90 12.87 -2.75 -2.12
C CYS A 90 13.85 -3.83 -1.64
N ARG A 91 13.43 -5.09 -1.73
CA ARG A 91 14.26 -6.20 -1.29
C ARG A 91 15.54 -6.27 -2.12
N LYS A 92 15.40 -6.21 -3.43
CA LYS A 92 16.55 -6.26 -4.34
C LYS A 92 17.00 -4.85 -4.73
N THR A 93 17.58 -4.13 -3.78
CA THR A 93 18.05 -2.78 -4.05
C THR A 93 19.55 -2.76 -4.28
N VAL A 94 20.11 -1.57 -4.49
CA VAL A 94 21.53 -1.41 -4.72
C VAL A 94 22.18 -0.53 -3.65
N PRO A 95 22.17 -1.03 -2.40
CA PRO A 95 22.76 -0.31 -1.27
C PRO A 95 24.28 -0.24 -1.34
N PRO A 96 24.88 -1.22 -2.03
CA PRO A 96 26.34 -1.29 -2.19
C PRO A 96 26.87 -0.19 -3.10
N GLU A 97 28.11 -0.36 -3.55
CA GLU A 97 28.74 0.62 -4.42
C GLU A 97 27.83 0.98 -5.59
N PRO A 98 28.04 2.17 -6.17
CA PRO A 98 27.25 2.65 -7.31
C PRO A 98 27.53 1.87 -8.58
N GLY A 99 28.60 1.09 -8.57
CA GLY A 99 28.96 0.30 -9.73
C GLY A 99 28.45 -1.12 -9.66
N ALA A 100 27.60 -1.39 -8.66
CA ALA A 100 27.03 -2.72 -8.48
C ALA A 100 26.41 -3.23 -9.78
N PRO A 101 26.21 -4.54 -9.85
CA PRO A 101 25.61 -5.20 -11.03
C PRO A 101 24.14 -4.85 -11.20
N VAL A 102 23.43 -4.75 -10.09
CA VAL A 102 22.00 -4.44 -10.11
C VAL A 102 21.74 -3.19 -10.95
N ASP A 103 20.59 -3.17 -11.62
CA ASP A 103 20.21 -2.04 -12.46
C ASP A 103 19.42 -1.01 -11.66
N PHE A 104 20.13 -0.11 -10.98
CA PHE A 104 19.50 0.92 -10.18
C PHE A 104 18.47 1.69 -11.00
N GLN A 105 18.66 1.69 -12.31
CA GLN A 105 17.75 2.39 -13.21
C GLN A 105 16.38 1.72 -13.24
N LEU A 106 16.38 0.40 -13.34
CA LEU A 106 15.14 -0.36 -13.38
C LEU A 106 14.50 -0.43 -12.00
N LEU A 107 15.33 -0.38 -10.96
CA LEU A 107 14.85 -0.44 -9.58
C LEU A 107 13.89 0.71 -9.30
N THR A 108 14.31 1.92 -9.63
CA THR A 108 13.49 3.11 -9.42
C THR A 108 12.15 2.99 -10.14
N GLN A 109 12.15 2.31 -11.28
CA GLN A 109 10.94 2.12 -12.07
C GLN A 109 9.97 1.19 -11.36
N GLN A 110 10.52 0.19 -10.66
CA GLN A 110 9.71 -0.78 -9.94
C GLN A 110 9.03 -0.13 -8.73
N VAL A 111 9.80 0.66 -7.99
CA VAL A 111 9.27 1.34 -6.81
C VAL A 111 8.26 2.42 -7.20
N ILE A 112 8.54 3.11 -8.29
CA ILE A 112 7.66 4.17 -8.78
C ILE A 112 6.33 3.59 -9.27
N GLN A 113 6.42 2.57 -10.13
CA GLN A 113 5.23 1.93 -10.67
C GLN A 113 4.36 1.37 -9.56
N CYS A 114 4.99 0.67 -8.62
CA CYS A 114 4.28 0.07 -7.50
C CYS A 114 3.66 1.14 -6.61
N ALA A 115 4.47 2.14 -6.25
CA ALA A 115 3.99 3.23 -5.41
C ALA A 115 2.81 3.96 -6.04
N TYR A 116 2.92 4.23 -7.35
CA TYR A 116 1.87 4.91 -8.07
C TYR A 116 0.62 4.04 -8.17
N ASP A 117 0.82 2.74 -8.32
CA ASP A 117 -0.29 1.80 -8.42
C ASP A 117 -1.02 1.66 -7.09
N ILE A 118 -0.25 1.46 -6.02
CA ILE A 118 -0.83 1.32 -4.69
C ILE A 118 -1.49 2.61 -4.23
N ALA A 119 -0.93 3.73 -4.64
CA ALA A 119 -1.47 5.04 -4.28
C ALA A 119 -2.82 5.27 -4.95
N LYS A 120 -2.92 4.93 -6.22
CA LYS A 120 -4.15 5.10 -6.97
C LYS A 120 -5.19 4.05 -6.57
N ALA A 121 -4.71 2.84 -6.31
CA ALA A 121 -5.59 1.74 -5.91
C ALA A 121 -6.30 2.07 -4.60
N ALA A 122 -5.67 2.89 -3.77
CA ALA A 122 -6.24 3.28 -2.48
C ALA A 122 -7.42 4.23 -2.67
N LYS A 123 -7.47 4.89 -3.82
CA LYS A 123 -8.55 5.83 -4.13
C LYS A 123 -9.87 5.09 -4.32
N GLN A 124 -9.78 3.85 -4.80
CA GLN A 124 -10.98 3.04 -5.03
C GLN A 124 -11.57 2.56 -3.71
N LEU A 125 -10.70 2.15 -2.80
CA LEU A 125 -11.13 1.66 -1.49
C LEU A 125 -11.51 2.82 -0.57
N VAL A 126 -10.87 3.96 -0.79
CA VAL A 126 -11.15 5.15 0.02
C VAL A 126 -12.41 5.87 -0.47
N THR A 127 -12.68 5.78 -1.76
CA THR A 127 -13.85 6.41 -2.35
C THR A 127 -15.10 5.58 -2.09
N ILE A 128 -14.95 4.27 -2.04
CA ILE A 128 -16.07 3.38 -1.79
C ILE A 128 -16.63 3.57 -0.38
N THR A 129 -15.73 3.77 0.58
CA THR A 129 -16.14 3.97 1.96
C THR A 129 -16.88 5.30 2.14
N THR A 130 -16.37 6.34 1.51
CA THR A 130 -16.99 7.66 1.59
C THR A 130 -18.35 7.67 0.92
N ARG A 131 -18.40 7.15 -0.31
CA ARG A 131 -19.65 7.11 -1.06
C ARG A 131 -20.61 6.07 -0.47
N GLU A 132 -20.05 5.11 0.26
CA GLU A 132 -20.85 4.07 0.88
C GLU A 132 -22.00 4.66 1.69
N LYS A 133 -22.96 3.82 2.06
CA LYS A 133 -24.11 4.27 2.84
C LYS A 133 -23.89 4.03 4.34
N LYS A 134 -22.62 4.04 4.74
CA LYS A 134 -22.27 3.83 6.14
C LYS A 134 -22.11 5.16 6.87
N GLN A 135 -22.74 6.20 6.34
CA GLN A 135 -22.66 7.53 6.94
C GLN A 135 -23.79 7.74 7.94
N LEU A 5 -10.99 -14.14 14.23
CA LEU A 5 -12.05 -14.63 13.37
C LEU A 5 -13.39 -13.98 13.72
N ASP A 6 -14.42 -14.30 12.95
CA ASP A 6 -15.75 -13.75 13.18
C ASP A 6 -16.82 -14.56 12.44
N GLY A 7 -18.04 -14.04 12.43
CA GLY A 7 -19.13 -14.73 11.76
C GLY A 7 -19.25 -14.33 10.29
N ASP A 8 -20.48 -14.07 9.85
CA ASP A 8 -20.73 -13.68 8.47
C ASP A 8 -19.93 -12.43 8.11
N PRO A 9 -19.75 -12.21 6.80
CA PRO A 9 -19.01 -11.05 6.29
C PRO A 9 -19.75 -9.74 6.52
N ASP A 10 -19.00 -8.65 6.64
CA ASP A 10 -19.58 -7.33 6.86
C ASP A 10 -19.70 -6.57 5.54
N PRO A 11 -20.84 -5.89 5.35
CA PRO A 11 -21.11 -5.11 4.14
C PRO A 11 -20.24 -3.86 4.06
N GLY A 12 -20.23 -3.09 5.15
CA GLY A 12 -19.43 -1.87 5.19
C GLY A 12 -18.20 -2.00 6.07
N LEU A 13 -17.78 -0.90 6.66
CA LEU A 13 -16.61 -0.89 7.53
C LEU A 13 -17.02 -0.74 8.99
N PRO A 14 -16.18 -1.27 9.89
CA PRO A 14 -16.43 -1.22 11.33
C PRO A 14 -16.28 0.20 11.89
N SER A 15 -15.16 0.84 11.57
CA SER A 15 -14.90 2.20 12.04
C SER A 15 -14.64 3.13 10.86
N THR A 16 -15.46 4.17 10.74
CA THR A 16 -15.32 5.14 9.67
C THR A 16 -14.01 5.93 9.80
N GLU A 17 -13.80 6.52 10.97
CA GLU A 17 -12.59 7.29 11.22
C GLU A 17 -11.34 6.44 11.01
N ASP A 18 -11.34 5.24 11.59
CA ASP A 18 -10.21 4.33 11.47
C ASP A 18 -9.83 4.14 10.00
N VAL A 19 -10.83 4.10 9.14
CA VAL A 19 -10.60 3.92 7.71
C VAL A 19 -9.93 5.16 7.10
N ILE A 20 -10.46 6.32 7.42
CA ILE A 20 -9.92 7.58 6.91
C ILE A 20 -8.45 7.72 7.27
N LEU A 21 -8.14 7.58 8.56
CA LEU A 21 -6.77 7.70 9.05
C LEU A 21 -5.90 6.58 8.47
N LYS A 22 -6.51 5.43 8.22
CA LYS A 22 -5.79 4.29 7.67
C LYS A 22 -5.41 4.53 6.22
N THR A 23 -6.29 5.20 5.48
CA THR A 23 -6.05 5.50 4.08
C THR A 23 -5.17 6.74 3.92
N GLU A 24 -5.48 7.78 4.70
CA GLU A 24 -4.72 9.02 4.65
C GLU A 24 -3.24 8.77 4.94
N GLN A 25 -2.98 7.84 5.85
CA GLN A 25 -1.61 7.51 6.24
C GLN A 25 -0.91 6.75 5.11
N VAL A 26 -1.68 5.97 4.35
CA VAL A 26 -1.13 5.20 3.24
C VAL A 26 -0.56 6.11 2.17
N THR A 27 -1.29 7.16 1.82
CA THR A 27 -0.85 8.11 0.81
C THR A 27 0.45 8.78 1.21
N LYS A 28 0.58 9.06 2.51
CA LYS A 28 1.78 9.71 3.03
C LYS A 28 2.98 8.79 2.93
N ASN A 29 2.79 7.53 3.32
CA ASN A 29 3.86 6.54 3.27
C ASN A 29 4.37 6.34 1.85
N ILE A 30 3.47 6.51 0.88
CA ILE A 30 3.83 6.34 -0.52
C ILE A 30 4.69 7.51 -1.00
N GLN A 31 4.38 8.71 -0.52
CA GLN A 31 5.13 9.90 -0.89
C GLN A 31 6.59 9.79 -0.47
N GLU A 32 6.82 9.13 0.66
CA GLU A 32 8.17 8.96 1.18
C GLU A 32 9.03 8.17 0.20
N LEU A 33 8.42 7.20 -0.47
CA LEU A 33 9.12 6.37 -1.43
C LEU A 33 9.45 7.16 -2.69
N LEU A 34 8.53 8.02 -3.11
CA LEU A 34 8.72 8.84 -4.29
C LEU A 34 9.85 9.86 -4.08
N ARG A 35 9.79 10.57 -2.95
CA ARG A 35 10.80 11.56 -2.63
C ARG A 35 12.18 10.93 -2.53
N ALA A 36 12.23 9.72 -1.98
CA ALA A 36 13.49 8.99 -1.82
C ALA A 36 14.07 8.61 -3.19
N ALA A 37 13.19 8.34 -4.15
CA ALA A 37 13.62 7.96 -5.48
C ALA A 37 14.23 9.14 -6.22
N GLN A 38 13.53 10.28 -6.20
CA GLN A 38 14.00 11.49 -6.87
C GLN A 38 15.30 11.99 -6.23
N GLU A 39 15.49 11.65 -4.96
CA GLU A 39 16.69 12.07 -4.24
C GLU A 39 17.73 10.97 -4.24
N PHE A 40 17.48 9.92 -5.00
CA PHE A 40 18.41 8.79 -5.08
C PHE A 40 18.78 8.27 -3.69
N LYS A 41 17.83 7.59 -3.06
CA LYS A 41 18.05 7.04 -1.73
C LYS A 41 17.67 5.57 -1.67
N HIS A 42 18.41 4.73 -2.38
CA HIS A 42 18.15 3.30 -2.41
C HIS A 42 18.15 2.72 -1.00
N ASP A 43 18.96 3.30 -0.12
CA ASP A 43 19.04 2.84 1.25
C ASP A 43 17.79 3.21 2.03
N SER A 44 17.08 4.23 1.54
CA SER A 44 15.85 4.68 2.20
C SER A 44 14.64 3.96 1.64
N PHE A 45 14.85 3.15 0.60
CA PHE A 45 13.77 2.40 -0.03
C PHE A 45 13.31 1.26 0.88
N VAL A 46 14.25 0.66 1.61
CA VAL A 46 13.94 -0.44 2.51
C VAL A 46 12.86 -0.03 3.52
N PRO A 47 13.14 1.05 4.27
CA PRO A 47 12.21 1.57 5.28
C PRO A 47 10.97 2.19 4.66
N CYS A 48 11.16 3.00 3.63
CA CYS A 48 10.07 3.67 2.94
C CYS A 48 9.08 2.64 2.39
N SER A 49 9.61 1.55 1.84
CA SER A 49 8.78 0.50 1.26
C SER A 49 8.11 -0.33 2.35
N GLU A 50 8.81 -0.47 3.48
CA GLU A 50 8.28 -1.24 4.61
C GLU A 50 7.14 -0.49 5.30
N LYS A 51 7.37 0.80 5.57
CA LYS A 51 6.36 1.63 6.22
C LYS A 51 5.06 1.64 5.42
N ILE A 52 5.18 1.57 4.11
CA ILE A 52 4.02 1.56 3.23
C ILE A 52 3.20 0.28 3.40
N HIS A 53 3.90 -0.83 3.58
CA HIS A 53 3.24 -2.12 3.76
C HIS A 53 2.44 -2.15 5.06
N LEU A 54 2.98 -1.51 6.09
CA LEU A 54 2.32 -1.47 7.39
C LEU A 54 0.92 -0.87 7.27
N ALA A 55 0.81 0.23 6.53
CA ALA A 55 -0.47 0.89 6.33
C ALA A 55 -1.45 -0.01 5.59
N VAL A 56 -0.92 -0.77 4.64
CA VAL A 56 -1.75 -1.69 3.85
C VAL A 56 -2.26 -2.84 4.70
N THR A 57 -1.35 -3.50 5.41
CA THR A 57 -1.72 -4.62 6.27
C THR A 57 -2.57 -4.17 7.44
N GLU A 58 -2.19 -3.04 8.05
CA GLU A 58 -2.93 -2.50 9.18
C GLU A 58 -4.37 -2.21 8.80
N MET A 59 -4.57 -1.72 7.57
CA MET A 59 -5.90 -1.40 7.09
C MET A 59 -6.77 -2.66 6.97
N ALA A 60 -6.23 -3.68 6.33
CA ALA A 60 -6.93 -4.95 6.15
C ALA A 60 -7.27 -5.57 7.50
N SER A 61 -6.37 -5.42 8.47
CA SER A 61 -6.57 -5.99 9.79
C SER A 61 -7.88 -5.48 10.40
N LEU A 62 -8.25 -4.26 10.06
CA LEU A 62 -9.48 -3.65 10.57
C LEU A 62 -10.71 -4.33 9.96
N PHE A 63 -10.51 -4.99 8.83
CA PHE A 63 -11.60 -5.68 8.15
C PHE A 63 -11.80 -7.08 8.72
N PRO A 64 -13.00 -7.63 8.52
CA PRO A 64 -13.34 -8.97 9.01
C PRO A 64 -12.61 -10.07 8.25
N LYS A 65 -12.65 -11.28 8.77
CA LYS A 65 -11.99 -12.42 8.15
C LYS A 65 -12.39 -12.54 6.68
N ARG A 66 -13.60 -12.09 6.36
CA ARG A 66 -14.09 -12.15 5.00
C ARG A 66 -15.04 -10.98 4.72
N PRO A 67 -14.69 -10.16 3.71
CA PRO A 67 -15.51 -9.00 3.33
C PRO A 67 -16.82 -9.40 2.66
N ALA A 68 -17.73 -8.44 2.55
CA ALA A 68 -19.03 -8.70 1.94
C ALA A 68 -19.26 -7.77 0.75
N LEU A 69 -18.18 -7.30 0.14
CA LEU A 69 -18.28 -6.40 -1.00
C LEU A 69 -17.49 -6.94 -2.19
N GLU A 70 -18.04 -6.81 -3.38
CA GLU A 70 -17.39 -7.28 -4.59
C GLU A 70 -16.05 -6.57 -4.80
N PRO A 71 -16.09 -5.23 -4.77
CA PRO A 71 -14.89 -4.41 -4.95
C PRO A 71 -13.92 -4.51 -3.78
N VAL A 72 -14.47 -4.76 -2.60
CA VAL A 72 -13.65 -4.88 -1.39
C VAL A 72 -12.76 -6.11 -1.46
N ARG A 73 -13.31 -7.20 -1.99
CA ARG A 73 -12.57 -8.45 -2.11
C ARG A 73 -11.39 -8.30 -3.07
N SER A 74 -11.66 -7.68 -4.22
CA SER A 74 -10.63 -7.48 -5.23
C SER A 74 -9.65 -6.39 -4.79
N SER A 75 -10.18 -5.34 -4.18
CA SER A 75 -9.36 -4.23 -3.71
C SER A 75 -8.32 -4.71 -2.71
N LEU A 76 -8.65 -5.77 -1.98
CA LEU A 76 -7.73 -6.32 -0.99
C LEU A 76 -6.59 -7.07 -1.65
N ARG A 77 -6.86 -7.63 -2.83
CA ARG A 77 -5.85 -8.37 -3.58
C ARG A 77 -4.82 -7.43 -4.17
N LEU A 78 -5.29 -6.37 -4.82
CA LEU A 78 -4.40 -5.40 -5.43
C LEU A 78 -3.68 -4.56 -4.38
N LEU A 79 -4.41 -4.21 -3.31
CA LEU A 79 -3.84 -3.42 -2.24
C LEU A 79 -2.69 -4.16 -1.56
N ASN A 80 -2.95 -5.40 -1.17
CA ASN A 80 -1.93 -6.22 -0.52
C ASN A 80 -0.77 -6.51 -1.47
N ALA A 81 -1.09 -6.78 -2.73
CA ALA A 81 -0.08 -7.06 -3.73
C ALA A 81 0.80 -5.84 -3.99
N SER A 82 0.20 -4.66 -3.90
CA SER A 82 0.93 -3.41 -4.14
C SER A 82 2.04 -3.24 -3.11
N ALA A 83 1.71 -3.44 -1.84
CA ALA A 83 2.69 -3.31 -0.77
C ALA A 83 3.66 -4.48 -0.77
N TYR A 84 3.14 -5.68 -1.03
CA TYR A 84 3.97 -6.88 -1.05
C TYR A 84 4.99 -6.81 -2.18
N ARG A 85 4.57 -6.25 -3.31
CA ARG A 85 5.45 -6.13 -4.47
C ARG A 85 6.54 -5.08 -4.23
N LEU A 86 6.15 -3.96 -3.63
CA LEU A 86 7.09 -2.89 -3.34
C LEU A 86 8.17 -3.35 -2.37
N GLN A 87 7.75 -4.02 -1.30
CA GLN A 87 8.68 -4.52 -0.29
C GLN A 87 9.63 -5.56 -0.90
N SER A 88 9.07 -6.43 -1.75
CA SER A 88 9.86 -7.48 -2.39
C SER A 88 10.89 -6.87 -3.35
N GLU A 89 10.44 -5.88 -4.12
CA GLU A 89 11.33 -5.22 -5.09
C GLU A 89 12.39 -4.39 -4.37
N CYS A 90 11.95 -3.58 -3.41
CA CYS A 90 12.87 -2.75 -2.66
C CYS A 90 13.80 -3.58 -1.78
N ARG A 91 13.32 -4.76 -1.39
CA ARG A 91 14.10 -5.66 -0.55
C ARG A 91 15.46 -5.96 -1.19
N LYS A 92 15.46 -6.08 -2.51
CA LYS A 92 16.70 -6.36 -3.25
C LYS A 92 17.24 -5.10 -3.90
N THR A 93 17.13 -3.98 -3.20
CA THR A 93 17.62 -2.70 -3.70
C THR A 93 19.11 -2.75 -3.98
N VAL A 94 19.66 -1.65 -4.47
CA VAL A 94 21.09 -1.57 -4.77
C VAL A 94 21.73 -0.37 -4.06
N PRO A 95 21.61 -0.34 -2.72
CA PRO A 95 22.18 0.73 -1.90
C PRO A 95 23.70 0.69 -1.86
N PRO A 96 24.27 -0.52 -2.08
CA PRO A 96 25.72 -0.71 -2.08
C PRO A 96 26.40 -0.06 -3.28
N GLU A 97 26.54 -0.82 -4.36
CA GLU A 97 27.17 -0.32 -5.57
C GLU A 97 26.35 -0.67 -6.80
N PRO A 98 26.54 0.10 -7.89
CA PRO A 98 25.83 -0.12 -9.15
C PRO A 98 26.27 -1.39 -9.85
N GLY A 99 27.42 -1.92 -9.46
CA GLY A 99 27.93 -3.13 -10.06
C GLY A 99 27.13 -4.37 -9.67
N ALA A 100 26.28 -4.21 -8.66
CA ALA A 100 25.45 -5.31 -8.19
C ALA A 100 24.59 -5.87 -9.32
N PRO A 101 24.05 -7.08 -9.10
CA PRO A 101 23.20 -7.75 -10.10
C PRO A 101 21.85 -7.08 -10.26
N VAL A 102 21.57 -6.09 -9.39
CA VAL A 102 20.32 -5.36 -9.45
C VAL A 102 20.49 -4.02 -10.13
N ASP A 103 19.69 -3.79 -11.17
CA ASP A 103 19.75 -2.53 -11.92
C ASP A 103 19.06 -1.41 -11.16
N PHE A 104 19.85 -0.46 -10.67
CA PHE A 104 19.31 0.68 -9.93
C PHE A 104 18.31 1.46 -10.76
N GLN A 105 18.55 1.50 -12.08
CA GLN A 105 17.67 2.21 -12.99
C GLN A 105 16.26 1.60 -12.98
N LEU A 106 16.20 0.28 -12.92
CA LEU A 106 14.93 -0.42 -12.91
C LEU A 106 14.24 -0.28 -11.55
N LEU A 107 15.03 -0.11 -10.51
CA LEU A 107 14.51 0.04 -9.15
C LEU A 107 13.57 1.24 -9.06
N THR A 108 14.05 2.40 -9.54
CA THR A 108 13.24 3.61 -9.51
C THR A 108 11.94 3.42 -10.28
N GLN A 109 11.99 2.71 -11.38
CA GLN A 109 10.82 2.46 -12.21
C GLN A 109 9.84 1.52 -11.49
N GLN A 110 10.39 0.58 -10.73
CA GLN A 110 9.58 -0.38 -10.00
C GLN A 110 8.87 0.30 -8.83
N VAL A 111 9.60 1.12 -8.09
CA VAL A 111 9.04 1.83 -6.95
C VAL A 111 8.00 2.86 -7.40
N ILE A 112 8.28 3.53 -8.51
CA ILE A 112 7.37 4.53 -9.04
C ILE A 112 6.06 3.90 -9.49
N GLN A 113 6.16 2.84 -10.29
CA GLN A 113 4.98 2.15 -10.78
C GLN A 113 4.16 1.55 -9.64
N CYS A 114 4.86 0.90 -8.72
CA CYS A 114 4.20 0.28 -7.56
C CYS A 114 3.57 1.34 -6.67
N ALA A 115 4.34 2.37 -6.36
CA ALA A 115 3.85 3.45 -5.50
C ALA A 115 2.64 4.13 -6.12
N TYR A 116 2.70 4.36 -7.42
CA TYR A 116 1.60 5.00 -8.14
C TYR A 116 0.37 4.11 -8.16
N ASP A 117 0.58 2.81 -8.27
CA ASP A 117 -0.51 1.85 -8.30
C ASP A 117 -1.19 1.74 -6.94
N ILE A 118 -0.38 1.59 -5.89
CA ILE A 118 -0.90 1.49 -4.54
C ILE A 118 -1.56 2.78 -4.10
N ALA A 119 -1.01 3.91 -4.55
CA ALA A 119 -1.54 5.22 -4.21
C ALA A 119 -2.92 5.43 -4.83
N LYS A 120 -3.06 5.06 -6.09
CA LYS A 120 -4.32 5.20 -6.80
C LYS A 120 -5.39 4.30 -6.21
N ALA A 121 -4.99 3.10 -5.80
CA ALA A 121 -5.92 2.15 -5.21
C ALA A 121 -6.53 2.71 -3.94
N ALA A 122 -5.82 3.60 -3.27
CA ALA A 122 -6.30 4.22 -2.05
C ALA A 122 -7.52 5.09 -2.30
N LYS A 123 -7.46 5.88 -3.37
CA LYS A 123 -8.56 6.76 -3.73
C LYS A 123 -9.84 5.96 -3.97
N GLN A 124 -9.70 4.79 -4.57
CA GLN A 124 -10.85 3.93 -4.84
C GLN A 124 -11.37 3.29 -3.57
N LEU A 125 -10.48 3.09 -2.61
CA LEU A 125 -10.85 2.48 -1.33
C LEU A 125 -11.53 3.50 -0.42
N VAL A 126 -11.03 4.73 -0.43
CA VAL A 126 -11.60 5.79 0.38
C VAL A 126 -12.96 6.23 -0.15
N THR A 127 -13.10 6.24 -1.47
CA THR A 127 -14.34 6.65 -2.11
C THR A 127 -15.43 5.60 -1.89
N ILE A 128 -15.03 4.34 -1.83
CA ILE A 128 -15.98 3.25 -1.62
C ILE A 128 -16.61 3.32 -0.23
N THR A 129 -15.79 3.63 0.77
CA THR A 129 -16.26 3.74 2.14
C THR A 129 -17.18 4.95 2.31
N THR A 130 -16.80 6.06 1.71
CA THR A 130 -17.58 7.29 1.79
C THR A 130 -18.95 7.12 1.15
N ARG A 131 -18.96 6.57 -0.06
CA ARG A 131 -20.20 6.35 -0.79
C ARG A 131 -21.05 5.27 -0.11
N GLU A 132 -20.37 4.30 0.51
CA GLU A 132 -21.06 3.22 1.20
C GLU A 132 -21.91 3.75 2.35
N LYS A 133 -22.75 2.89 2.90
CA LYS A 133 -23.62 3.27 4.02
C LYS A 133 -22.82 3.90 5.15
N LYS A 134 -21.55 3.50 5.27
CA LYS A 134 -20.67 4.02 6.30
C LYS A 134 -20.31 5.47 6.02
N GLN A 135 -20.87 6.38 6.82
CA GLN A 135 -20.60 7.80 6.65
C GLN A 135 -20.62 8.52 8.00
N LEU A 5 -13.80 -11.63 15.55
CA LEU A 5 -14.74 -12.47 14.81
C LEU A 5 -16.15 -11.92 14.89
N ASP A 6 -17.05 -12.49 14.11
CA ASP A 6 -18.45 -12.05 14.09
C ASP A 6 -19.31 -13.02 13.29
N GLY A 7 -20.57 -12.64 13.07
CA GLY A 7 -21.48 -13.49 12.32
C GLY A 7 -21.78 -12.93 10.94
N ASP A 8 -21.56 -13.74 9.91
CA ASP A 8 -21.81 -13.32 8.54
C ASP A 8 -20.91 -12.15 8.16
N PRO A 9 -20.75 -11.94 6.85
CA PRO A 9 -19.91 -10.86 6.32
C PRO A 9 -20.53 -9.48 6.55
N ASP A 10 -19.68 -8.47 6.65
CA ASP A 10 -20.14 -7.10 6.88
C ASP A 10 -20.30 -6.35 5.57
N PRO A 11 -21.42 -5.63 5.42
CA PRO A 11 -21.71 -4.85 4.22
C PRO A 11 -20.79 -3.65 4.07
N GLY A 12 -20.66 -2.87 5.14
CA GLY A 12 -19.81 -1.70 5.10
C GLY A 12 -18.57 -1.85 5.96
N LEU A 13 -18.09 -0.74 6.51
CA LEU A 13 -16.91 -0.76 7.35
C LEU A 13 -17.28 -0.59 8.82
N PRO A 14 -16.44 -1.13 9.72
CA PRO A 14 -16.65 -1.05 11.16
C PRO A 14 -16.47 0.36 11.70
N SER A 15 -15.35 0.99 11.36
CA SER A 15 -15.06 2.34 11.81
C SER A 15 -14.78 3.26 10.63
N THR A 16 -15.59 4.31 10.50
CA THR A 16 -15.44 5.26 9.41
C THR A 16 -14.14 6.04 9.53
N GLU A 17 -13.92 6.65 10.70
CA GLU A 17 -12.72 7.42 10.94
C GLU A 17 -11.47 6.56 10.78
N ASP A 18 -11.49 5.38 11.40
CA ASP A 18 -10.35 4.46 11.32
C ASP A 18 -9.95 4.23 9.86
N VAL A 19 -10.94 4.17 8.98
CA VAL A 19 -10.68 3.96 7.56
C VAL A 19 -10.00 5.17 6.93
N ILE A 20 -10.53 6.36 7.22
CA ILE A 20 -9.97 7.59 6.68
C ILE A 20 -8.50 7.74 7.09
N LEU A 21 -8.23 7.64 8.38
CA LEU A 21 -6.87 7.77 8.89
C LEU A 21 -5.99 6.63 8.37
N LYS A 22 -6.60 5.48 8.12
CA LYS A 22 -5.87 4.33 7.61
C LYS A 22 -5.43 4.54 6.17
N THR A 23 -6.30 5.20 5.39
CA THR A 23 -6.01 5.47 3.99
C THR A 23 -5.13 6.70 3.84
N GLU A 24 -5.45 7.75 4.58
CA GLU A 24 -4.69 9.00 4.53
C GLU A 24 -3.23 8.75 4.89
N GLN A 25 -3.00 7.84 5.83
CA GLN A 25 -1.65 7.51 6.27
C GLN A 25 -0.91 6.71 5.19
N VAL A 26 -1.65 5.93 4.42
CA VAL A 26 -1.07 5.12 3.36
C VAL A 26 -0.44 6.00 2.29
N THR A 27 -1.15 7.04 1.88
CA THR A 27 -0.67 7.96 0.86
C THR A 27 0.63 8.63 1.30
N LYS A 28 0.71 8.95 2.59
CA LYS A 28 1.89 9.60 3.14
C LYS A 28 3.09 8.65 3.13
N ASN A 29 2.85 7.39 3.50
CA ASN A 29 3.90 6.39 3.53
C ASN A 29 4.47 6.15 2.13
N ILE A 30 3.63 6.32 1.12
CA ILE A 30 4.06 6.13 -0.27
C ILE A 30 4.95 7.28 -0.72
N GLN A 31 4.63 8.49 -0.30
CA GLN A 31 5.40 9.66 -0.66
C GLN A 31 6.87 9.49 -0.28
N GLU A 32 7.11 8.81 0.83
CA GLU A 32 8.47 8.57 1.30
C GLU A 32 9.27 7.77 0.27
N LEU A 33 8.60 6.80 -0.35
CA LEU A 33 9.24 5.96 -1.35
C LEU A 33 9.54 6.75 -2.63
N LEU A 34 8.61 7.63 -3.00
CA LEU A 34 8.78 8.46 -4.20
C LEU A 34 9.89 9.48 -4.01
N ARG A 35 9.83 10.20 -2.89
CA ARG A 35 10.84 11.21 -2.58
C ARG A 35 12.23 10.59 -2.49
N ALA A 36 12.30 9.38 -1.94
CA ALA A 36 13.56 8.68 -1.80
C ALA A 36 14.11 8.25 -3.15
N ALA A 37 13.22 7.99 -4.09
CA ALA A 37 13.61 7.56 -5.43
C ALA A 37 14.24 8.72 -6.20
N GLN A 38 13.56 9.86 -6.20
CA GLN A 38 14.04 11.04 -6.90
C GLN A 38 15.37 11.51 -6.32
N GLU A 39 15.51 11.40 -5.00
CA GLU A 39 16.73 11.82 -4.32
C GLU A 39 17.80 10.74 -4.41
N PHE A 40 17.44 9.61 -5.01
CA PHE A 40 18.36 8.49 -5.16
C PHE A 40 18.81 7.97 -3.80
N LYS A 41 17.91 7.28 -3.11
CA LYS A 41 18.21 6.72 -1.80
C LYS A 41 17.77 5.27 -1.70
N HIS A 42 18.54 4.38 -2.34
CA HIS A 42 18.23 2.96 -2.33
C HIS A 42 18.24 2.40 -0.91
N ASP A 43 19.04 3.01 -0.04
CA ASP A 43 19.14 2.59 1.35
C ASP A 43 17.87 2.96 2.11
N SER A 44 17.15 3.95 1.61
CA SER A 44 15.92 4.41 2.26
C SER A 44 14.72 3.67 1.70
N PHE A 45 14.94 2.85 0.67
CA PHE A 45 13.87 2.09 0.06
C PHE A 45 13.41 0.96 0.98
N VAL A 46 14.36 0.35 1.68
CA VAL A 46 14.06 -0.75 2.59
C VAL A 46 13.00 -0.33 3.61
N PRO A 47 13.28 0.75 4.35
CA PRO A 47 12.37 1.28 5.36
C PRO A 47 11.12 1.89 4.76
N CYS A 48 11.30 2.68 3.70
CA CYS A 48 10.19 3.34 3.03
C CYS A 48 9.18 2.30 2.52
N SER A 49 9.68 1.19 2.02
CA SER A 49 8.84 0.12 1.50
C SER A 49 8.17 -0.64 2.63
N GLU A 50 8.87 -0.76 3.75
CA GLU A 50 8.35 -1.47 4.92
C GLU A 50 7.24 -0.67 5.59
N LYS A 51 7.49 0.61 5.80
CA LYS A 51 6.51 1.49 6.44
C LYS A 51 5.20 1.50 5.64
N ILE A 52 5.31 1.41 4.33
CA ILE A 52 4.14 1.42 3.45
C ILE A 52 3.32 0.15 3.63
N HIS A 53 4.00 -0.98 3.83
CA HIS A 53 3.34 -2.26 4.02
C HIS A 53 2.51 -2.26 5.30
N LEU A 54 3.03 -1.60 6.33
CA LEU A 54 2.34 -1.52 7.62
C LEU A 54 0.95 -0.93 7.45
N ALA A 55 0.87 0.21 6.78
CA ALA A 55 -0.40 0.88 6.55
C ALA A 55 -1.37 -0.02 5.79
N VAL A 56 -0.83 -0.81 4.86
CA VAL A 56 -1.64 -1.72 4.07
C VAL A 56 -2.24 -2.82 4.94
N THR A 57 -1.39 -3.48 5.71
CA THR A 57 -1.84 -4.56 6.59
C THR A 57 -2.74 -4.02 7.69
N GLU A 58 -2.35 -2.89 8.26
CA GLU A 58 -3.13 -2.27 9.33
C GLU A 58 -4.55 -1.97 8.88
N MET A 59 -4.68 -1.47 7.65
CA MET A 59 -5.99 -1.14 7.09
C MET A 59 -6.84 -2.41 6.91
N ALA A 60 -6.25 -3.42 6.28
CA ALA A 60 -6.96 -4.67 6.05
C ALA A 60 -7.37 -5.32 7.36
N SER A 61 -6.51 -5.18 8.37
CA SER A 61 -6.80 -5.77 9.68
C SER A 61 -8.14 -5.28 10.21
N LEU A 62 -8.46 -4.03 9.94
CA LEU A 62 -9.72 -3.45 10.39
C LEU A 62 -10.91 -4.12 9.72
N PHE A 63 -10.66 -4.75 8.58
CA PHE A 63 -11.71 -5.44 7.84
C PHE A 63 -11.88 -6.87 8.35
N PRO A 64 -13.10 -7.40 8.23
CA PRO A 64 -13.43 -8.76 8.66
C PRO A 64 -12.78 -9.82 7.78
N LYS A 65 -12.73 -11.06 8.28
CA LYS A 65 -12.14 -12.16 7.54
C LYS A 65 -13.02 -12.55 6.35
N ARG A 66 -14.22 -11.99 6.31
CA ARG A 66 -15.15 -12.27 5.22
C ARG A 66 -15.96 -11.03 4.86
N PRO A 67 -15.45 -10.23 3.91
CA PRO A 67 -16.11 -9.00 3.46
C PRO A 67 -17.38 -9.29 2.67
N ALA A 68 -18.30 -8.34 2.66
CA ALA A 68 -19.55 -8.48 1.93
C ALA A 68 -19.63 -7.51 0.76
N LEU A 69 -18.48 -6.94 0.40
CA LEU A 69 -18.41 -5.98 -0.70
C LEU A 69 -17.63 -6.57 -1.87
N GLU A 70 -18.15 -6.35 -3.08
CA GLU A 70 -17.50 -6.85 -4.29
C GLU A 70 -16.12 -6.24 -4.46
N PRO A 71 -16.06 -4.90 -4.39
CA PRO A 71 -14.79 -4.16 -4.54
C PRO A 71 -13.87 -4.36 -3.35
N VAL A 72 -14.45 -4.62 -2.18
CA VAL A 72 -13.68 -4.84 -0.96
C VAL A 72 -12.86 -6.12 -1.06
N ARG A 73 -13.45 -7.16 -1.65
CA ARG A 73 -12.80 -8.45 -1.80
C ARG A 73 -11.59 -8.33 -2.74
N SER A 74 -11.78 -7.65 -3.86
CA SER A 74 -10.71 -7.47 -4.84
C SER A 74 -9.70 -6.44 -4.36
N SER A 75 -10.19 -5.42 -3.65
CA SER A 75 -9.34 -4.37 -3.14
C SER A 75 -8.27 -4.93 -2.21
N LEU A 76 -8.64 -5.96 -1.45
CA LEU A 76 -7.71 -6.59 -0.52
C LEU A 76 -6.62 -7.34 -1.27
N ARG A 77 -6.95 -7.82 -2.47
CA ARG A 77 -5.98 -8.56 -3.28
C ARG A 77 -4.94 -7.62 -3.87
N LEU A 78 -5.41 -6.51 -4.46
CA LEU A 78 -4.51 -5.54 -5.05
C LEU A 78 -3.76 -4.75 -3.98
N LEU A 79 -4.45 -4.41 -2.91
CA LEU A 79 -3.85 -3.66 -1.81
C LEU A 79 -2.70 -4.45 -1.19
N ASN A 80 -2.97 -5.70 -0.84
CA ASN A 80 -1.95 -6.56 -0.25
C ASN A 80 -0.82 -6.83 -1.23
N ALA A 81 -1.18 -7.07 -2.49
CA ALA A 81 -0.20 -7.36 -3.53
C ALA A 81 0.69 -6.14 -3.78
N SER A 82 0.12 -4.94 -3.64
CA SER A 82 0.87 -3.71 -3.84
C SER A 82 2.01 -3.59 -2.85
N ALA A 83 1.72 -3.83 -1.58
CA ALA A 83 2.73 -3.74 -0.53
C ALA A 83 3.71 -4.92 -0.61
N TYR A 84 3.21 -6.05 -1.10
CA TYR A 84 4.04 -7.25 -1.23
C TYR A 84 5.05 -7.08 -2.35
N ARG A 85 4.63 -6.45 -3.44
CA ARG A 85 5.50 -6.23 -4.59
C ARG A 85 6.56 -5.17 -4.28
N LEU A 86 6.12 -4.08 -3.66
CA LEU A 86 7.03 -2.99 -3.31
C LEU A 86 8.12 -3.48 -2.35
N GLN A 87 7.71 -4.22 -1.33
CA GLN A 87 8.66 -4.74 -0.36
C GLN A 87 9.65 -5.71 -1.01
N SER A 88 9.13 -6.57 -1.87
CA SER A 88 9.97 -7.54 -2.57
C SER A 88 10.92 -6.85 -3.53
N GLU A 89 10.44 -5.80 -4.19
CA GLU A 89 11.25 -5.05 -5.14
C GLU A 89 12.35 -4.28 -4.42
N CYS A 90 11.97 -3.55 -3.38
CA CYS A 90 12.92 -2.75 -2.60
C CYS A 90 13.85 -3.66 -1.80
N ARG A 91 13.37 -4.85 -1.46
CA ARG A 91 14.15 -5.80 -0.69
C ARG A 91 15.50 -6.06 -1.37
N LYS A 92 15.50 -6.09 -2.69
CA LYS A 92 16.72 -6.31 -3.46
C LYS A 92 17.20 -5.04 -4.11
N THR A 93 17.22 -3.95 -3.34
CA THR A 93 17.67 -2.66 -3.85
C THR A 93 19.16 -2.68 -4.17
N VAL A 94 19.69 -1.53 -4.59
CA VAL A 94 21.09 -1.42 -4.94
C VAL A 94 21.80 -0.40 -4.04
N PRO A 95 21.86 -0.71 -2.74
CA PRO A 95 22.51 0.17 -1.74
C PRO A 95 24.03 0.22 -1.92
N PRO A 96 24.60 -0.85 -2.50
CA PRO A 96 26.03 -0.95 -2.74
C PRO A 96 26.51 0.01 -3.82
N GLU A 97 27.72 -0.21 -4.31
CA GLU A 97 28.30 0.63 -5.35
C GLU A 97 27.32 0.80 -6.52
N PRO A 98 27.49 1.89 -7.28
CA PRO A 98 26.64 2.20 -8.42
C PRO A 98 26.86 1.23 -9.58
N GLY A 99 27.99 0.51 -9.53
CA GLY A 99 28.30 -0.44 -10.58
C GLY A 99 27.76 -1.83 -10.30
N ALA A 100 26.98 -1.95 -9.24
CA ALA A 100 26.40 -3.24 -8.86
C ALA A 100 25.71 -3.90 -10.04
N PRO A 101 25.47 -5.21 -9.93
CA PRO A 101 24.81 -5.99 -10.98
C PRO A 101 23.33 -5.64 -11.12
N VAL A 102 22.68 -5.40 -9.99
CA VAL A 102 21.27 -5.04 -9.98
C VAL A 102 20.97 -3.90 -10.95
N ASP A 103 19.78 -3.92 -11.53
CA ASP A 103 19.38 -2.88 -12.47
C ASP A 103 18.77 -1.69 -11.74
N PHE A 104 19.62 -0.76 -11.32
CA PHE A 104 19.17 0.43 -10.61
C PHE A 104 18.06 1.14 -11.38
N GLN A 105 18.20 1.19 -12.70
CA GLN A 105 17.21 1.84 -13.55
C GLN A 105 15.83 1.24 -13.32
N LEU A 106 15.71 -0.06 -13.51
CA LEU A 106 14.43 -0.75 -13.31
C LEU A 106 13.96 -0.62 -11.87
N LEU A 107 14.90 -0.47 -10.95
CA LEU A 107 14.58 -0.33 -9.54
C LEU A 107 13.67 0.86 -9.29
N THR A 108 14.06 2.02 -9.82
CA THR A 108 13.29 3.24 -9.67
C THR A 108 11.94 3.13 -10.38
N GLN A 109 11.94 2.46 -11.52
CA GLN A 109 10.71 2.27 -12.29
C GLN A 109 9.75 1.34 -11.57
N GLN A 110 10.30 0.35 -10.89
CA GLN A 110 9.49 -0.62 -10.16
C GLN A 110 8.84 0.03 -8.94
N VAL A 111 9.62 0.80 -8.20
CA VAL A 111 9.12 1.48 -7.01
C VAL A 111 8.09 2.54 -7.37
N ILE A 112 8.35 3.25 -8.46
CA ILE A 112 7.45 4.29 -8.92
C ILE A 112 6.11 3.72 -9.36
N GLN A 113 6.16 2.69 -10.20
CA GLN A 113 4.94 2.05 -10.70
C GLN A 113 4.16 1.42 -9.55
N CYS A 114 4.87 0.74 -8.66
CA CYS A 114 4.24 0.09 -7.51
C CYS A 114 3.66 1.12 -6.56
N ALA A 115 4.46 2.12 -6.22
CA ALA A 115 4.03 3.17 -5.30
C ALA A 115 2.79 3.89 -5.84
N TYR A 116 2.82 4.20 -7.14
CA TYR A 116 1.70 4.90 -7.77
C TYR A 116 0.47 4.01 -7.83
N ASP A 117 0.69 2.71 -8.02
CA ASP A 117 -0.40 1.75 -8.10
C ASP A 117 -1.09 1.61 -6.75
N ILE A 118 -0.29 1.42 -5.70
CA ILE A 118 -0.83 1.27 -4.35
C ILE A 118 -1.48 2.55 -3.87
N ALA A 119 -0.92 3.69 -4.28
CA ALA A 119 -1.46 4.99 -3.89
C ALA A 119 -2.83 5.23 -4.53
N LYS A 120 -2.94 4.90 -5.81
CA LYS A 120 -4.19 5.09 -6.54
C LYS A 120 -5.28 4.17 -5.97
N ALA A 121 -4.88 3.02 -5.48
CA ALA A 121 -5.82 2.06 -4.90
C ALA A 121 -6.56 2.66 -3.71
N ALA A 122 -5.91 3.62 -3.04
CA ALA A 122 -6.50 4.27 -1.88
C ALA A 122 -7.70 5.13 -2.29
N LYS A 123 -7.67 5.65 -3.51
CA LYS A 123 -8.75 6.48 -4.02
C LYS A 123 -10.02 5.67 -4.20
N GLN A 124 -9.87 4.42 -4.64
CA GLN A 124 -11.01 3.55 -4.86
C GLN A 124 -11.56 3.04 -3.53
N LEU A 125 -10.68 2.84 -2.57
CA LEU A 125 -11.09 2.35 -1.25
C LEU A 125 -11.67 3.48 -0.41
N VAL A 126 -11.11 4.68 -0.57
CA VAL A 126 -11.59 5.84 0.17
C VAL A 126 -12.92 6.35 -0.39
N THR A 127 -13.11 6.18 -1.69
CA THR A 127 -14.33 6.62 -2.35
C THR A 127 -15.47 5.64 -2.09
N ILE A 128 -15.14 4.36 -2.01
CA ILE A 128 -16.13 3.32 -1.76
C ILE A 128 -16.72 3.45 -0.37
N THR A 129 -15.87 3.75 0.61
CA THR A 129 -16.30 3.90 1.99
C THR A 129 -17.17 5.15 2.16
N THR A 130 -16.76 6.24 1.51
CA THR A 130 -17.50 7.49 1.59
C THR A 130 -18.87 7.37 0.94
N ARG A 131 -18.91 6.82 -0.27
CA ARG A 131 -20.15 6.65 -1.00
C ARG A 131 -21.08 5.69 -0.27
N GLU A 132 -20.49 4.71 0.41
CA GLU A 132 -21.27 3.72 1.15
C GLU A 132 -22.19 4.40 2.15
N LYS A 133 -23.31 3.73 2.46
CA LYS A 133 -24.28 4.27 3.40
C LYS A 133 -24.11 3.63 4.78
N LYS A 134 -22.95 3.83 5.38
CA LYS A 134 -22.66 3.29 6.71
C LYS A 134 -21.61 4.13 7.43
N GLN A 135 -22.04 4.84 8.47
CA GLN A 135 -21.14 5.67 9.24
C GLN A 135 -21.81 6.18 10.51
N LEU A 5 -12.19 -10.46 15.14
CA LEU A 5 -13.13 -11.49 14.69
C LEU A 5 -14.57 -11.01 14.82
N ASP A 6 -15.49 -11.74 14.21
CA ASP A 6 -16.91 -11.38 14.26
C ASP A 6 -17.75 -12.40 13.51
N GLY A 7 -19.04 -12.45 13.83
CA GLY A 7 -19.93 -13.39 13.18
C GLY A 7 -20.51 -12.84 11.89
N ASP A 8 -20.47 -13.64 10.83
CA ASP A 8 -20.99 -13.24 9.53
C ASP A 8 -20.19 -12.07 8.97
N PRO A 9 -20.23 -11.91 7.64
CA PRO A 9 -19.51 -10.83 6.96
C PRO A 9 -20.13 -9.46 7.23
N ASP A 10 -19.30 -8.42 7.16
CA ASP A 10 -19.77 -7.06 7.40
C ASP A 10 -20.04 -6.34 6.08
N PRO A 11 -21.16 -5.61 6.03
CA PRO A 11 -21.56 -4.86 4.83
C PRO A 11 -20.66 -3.67 4.57
N GLY A 12 -20.42 -2.87 5.60
CA GLY A 12 -19.57 -1.70 5.46
C GLY A 12 -18.34 -1.77 6.32
N LEU A 13 -17.91 -0.62 6.85
CA LEU A 13 -16.73 -0.57 7.71
C LEU A 13 -17.11 -0.42 9.17
N PRO A 14 -16.27 -0.93 10.06
CA PRO A 14 -16.50 -0.87 11.51
C PRO A 14 -16.36 0.55 12.06
N SER A 15 -15.25 1.20 11.73
CA SER A 15 -15.00 2.57 12.20
C SER A 15 -14.72 3.49 11.02
N THR A 16 -15.55 4.53 10.89
CA THR A 16 -15.39 5.50 9.81
C THR A 16 -14.08 6.25 9.92
N GLU A 17 -13.84 6.84 11.09
CA GLU A 17 -12.62 7.59 11.33
C GLU A 17 -11.38 6.71 11.13
N ASP A 18 -11.41 5.53 11.73
CA ASP A 18 -10.30 4.59 11.60
C ASP A 18 -9.92 4.37 10.15
N VAL A 19 -10.93 4.35 9.28
CA VAL A 19 -10.71 4.15 7.85
C VAL A 19 -10.01 5.35 7.23
N ILE A 20 -10.51 6.54 7.54
CA ILE A 20 -9.92 7.77 7.01
C ILE A 20 -8.44 7.87 7.35
N LEU A 21 -8.13 7.73 8.64
CA LEU A 21 -6.75 7.80 9.10
C LEU A 21 -5.92 6.65 8.52
N LYS A 22 -6.57 5.52 8.27
CA LYS A 22 -5.90 4.35 7.72
C LYS A 22 -5.52 4.58 6.26
N THR A 23 -6.38 5.28 5.54
CA THR A 23 -6.14 5.58 4.13
C THR A 23 -5.22 6.78 3.97
N GLU A 24 -5.49 7.83 4.75
CA GLU A 24 -4.69 9.05 4.68
C GLU A 24 -3.22 8.74 4.98
N GLN A 25 -2.99 7.81 5.90
CA GLN A 25 -1.63 7.43 6.27
C GLN A 25 -0.95 6.64 5.15
N VAL A 26 -1.76 5.89 4.40
CA VAL A 26 -1.24 5.09 3.30
C VAL A 26 -0.61 5.97 2.22
N THR A 27 -1.32 7.03 1.84
CA THR A 27 -0.84 7.95 0.82
C THR A 27 0.49 8.57 1.22
N LYS A 28 0.64 8.86 2.51
CA LYS A 28 1.87 9.45 3.04
C LYS A 28 3.02 8.45 2.96
N ASN A 29 2.75 7.20 3.32
CA ASN A 29 3.76 6.16 3.28
C ASN A 29 4.30 5.96 1.87
N ILE A 30 3.42 6.11 0.88
CA ILE A 30 3.82 5.96 -0.52
C ILE A 30 4.71 7.11 -0.96
N GLN A 31 4.38 8.31 -0.53
CA GLN A 31 5.16 9.50 -0.89
C GLN A 31 6.62 9.33 -0.50
N GLU A 32 6.85 8.62 0.61
CA GLU A 32 8.22 8.39 1.09
C GLU A 32 9.03 7.61 0.06
N LEU A 33 8.37 6.70 -0.65
CA LEU A 33 9.04 5.90 -1.67
C LEU A 33 9.39 6.75 -2.89
N LEU A 34 8.47 7.63 -3.27
CA LEU A 34 8.68 8.49 -4.42
C LEU A 34 9.75 9.54 -4.13
N ARG A 35 9.62 10.22 -2.99
CA ARG A 35 10.58 11.24 -2.60
C ARG A 35 11.99 10.66 -2.48
N ALA A 36 12.07 9.42 -2.00
CA ALA A 36 13.35 8.74 -1.84
C ALA A 36 13.97 8.42 -3.21
N ALA A 37 13.12 8.13 -4.18
CA ALA A 37 13.59 7.79 -5.53
C ALA A 37 14.11 9.04 -6.24
N GLN A 38 13.33 10.11 -6.21
CA GLN A 38 13.73 11.36 -6.85
C GLN A 38 15.03 11.89 -6.26
N GLU A 39 15.36 11.44 -5.06
CA GLU A 39 16.57 11.87 -4.38
C GLU A 39 17.67 10.81 -4.50
N PHE A 40 17.43 9.83 -5.37
CA PHE A 40 18.40 8.76 -5.58
C PHE A 40 18.75 8.07 -4.26
N LYS A 41 17.76 7.41 -3.66
CA LYS A 41 17.96 6.71 -2.41
C LYS A 41 17.45 5.27 -2.49
N HIS A 42 18.27 4.39 -3.06
CA HIS A 42 17.89 2.99 -3.20
C HIS A 42 17.74 2.32 -1.83
N ASP A 43 18.60 2.70 -0.90
CA ASP A 43 18.56 2.14 0.45
C ASP A 43 17.33 2.64 1.20
N SER A 44 16.79 3.77 0.77
CA SER A 44 15.61 4.35 1.41
C SER A 44 14.35 3.58 1.02
N PHE A 45 14.47 2.75 -0.02
CA PHE A 45 13.34 1.97 -0.50
C PHE A 45 13.02 0.84 0.48
N VAL A 46 14.05 0.24 1.05
CA VAL A 46 13.88 -0.85 2.00
C VAL A 46 12.91 -0.46 3.11
N PRO A 47 13.22 0.63 3.82
CA PRO A 47 12.40 1.13 4.91
C PRO A 47 11.08 1.71 4.43
N CYS A 48 11.14 2.49 3.34
CA CYS A 48 9.94 3.11 2.77
C CYS A 48 8.91 2.05 2.40
N SER A 49 9.40 0.87 2.00
CA SER A 49 8.52 -0.22 1.60
C SER A 49 7.88 -0.87 2.82
N GLU A 50 8.61 -0.88 3.93
CA GLU A 50 8.12 -1.47 5.17
C GLU A 50 6.99 -0.63 5.77
N LYS A 51 7.24 0.68 5.86
CA LYS A 51 6.25 1.60 6.41
C LYS A 51 4.94 1.53 5.63
N ILE A 52 5.06 1.38 4.31
CA ILE A 52 3.88 1.29 3.46
C ILE A 52 3.09 0.02 3.73
N HIS A 53 3.79 -1.07 4.00
CA HIS A 53 3.16 -2.35 4.28
C HIS A 53 2.31 -2.27 5.54
N LEU A 54 2.79 -1.52 6.53
CA LEU A 54 2.09 -1.36 7.79
C LEU A 54 0.69 -0.78 7.56
N ALA A 55 0.62 0.30 6.81
CA ALA A 55 -0.65 0.95 6.50
C ALA A 55 -1.56 0.02 5.72
N VAL A 56 -0.97 -0.77 4.83
CA VAL A 56 -1.73 -1.71 4.01
C VAL A 56 -2.32 -2.83 4.87
N THR A 57 -1.47 -3.47 5.65
CA THR A 57 -1.89 -4.56 6.51
C THR A 57 -2.82 -4.06 7.62
N GLU A 58 -2.46 -2.93 8.22
CA GLU A 58 -3.27 -2.35 9.29
C GLU A 58 -4.67 -2.02 8.80
N MET A 59 -4.76 -1.55 7.55
CA MET A 59 -6.06 -1.20 6.97
C MET A 59 -6.93 -2.44 6.81
N ALA A 60 -6.37 -3.49 6.21
CA ALA A 60 -7.10 -4.74 6.00
C ALA A 60 -7.40 -5.42 7.33
N SER A 61 -6.47 -5.33 8.27
CA SER A 61 -6.65 -5.94 9.58
C SER A 61 -7.94 -5.46 10.24
N LEU A 62 -8.24 -4.18 10.06
CA LEU A 62 -9.44 -3.59 10.64
C LEU A 62 -10.69 -4.25 10.07
N PHE A 63 -10.55 -4.88 8.91
CA PHE A 63 -11.68 -5.55 8.27
C PHE A 63 -11.61 -7.06 8.48
N PRO A 64 -12.77 -7.71 8.43
CA PRO A 64 -12.88 -9.16 8.62
C PRO A 64 -12.28 -9.94 7.44
N LYS A 65 -11.86 -11.17 7.70
CA LYS A 65 -11.27 -12.02 6.67
C LYS A 65 -12.30 -12.34 5.59
N ARG A 66 -13.57 -12.10 5.89
CA ARG A 66 -14.65 -12.36 4.95
C ARG A 66 -15.60 -11.19 4.88
N PRO A 67 -15.26 -10.19 4.04
CA PRO A 67 -16.08 -8.99 3.87
C PRO A 67 -17.39 -9.28 3.13
N ALA A 68 -18.33 -8.35 3.21
CA ALA A 68 -19.62 -8.51 2.55
C ALA A 68 -19.78 -7.51 1.40
N LEU A 69 -18.65 -6.98 0.93
CA LEU A 69 -18.66 -6.02 -0.16
C LEU A 69 -18.00 -6.59 -1.41
N GLU A 70 -18.62 -6.37 -2.57
CA GLU A 70 -18.08 -6.88 -3.82
C GLU A 70 -16.72 -6.26 -4.12
N PRO A 71 -16.63 -4.92 -4.05
CA PRO A 71 -15.39 -4.19 -4.30
C PRO A 71 -14.36 -4.41 -3.19
N VAL A 72 -14.83 -4.66 -1.98
CA VAL A 72 -13.95 -4.89 -0.85
C VAL A 72 -13.18 -6.19 -1.01
N ARG A 73 -13.82 -7.20 -1.59
CA ARG A 73 -13.19 -8.49 -1.81
C ARG A 73 -12.02 -8.37 -2.79
N SER A 74 -12.26 -7.68 -3.89
CA SER A 74 -11.22 -7.49 -4.91
C SER A 74 -10.19 -6.47 -4.46
N SER A 75 -10.67 -5.40 -3.83
CA SER A 75 -9.78 -4.35 -3.35
C SER A 75 -8.77 -4.90 -2.36
N LEU A 76 -9.15 -5.95 -1.66
CA LEU A 76 -8.27 -6.58 -0.67
C LEU A 76 -7.19 -7.40 -1.35
N ARG A 77 -7.48 -7.90 -2.55
CA ARG A 77 -6.53 -8.70 -3.31
C ARG A 77 -5.42 -7.82 -3.87
N LEU A 78 -5.78 -6.64 -4.36
CA LEU A 78 -4.81 -5.71 -4.92
C LEU A 78 -4.02 -5.02 -3.83
N LEU A 79 -4.66 -4.78 -2.69
CA LEU A 79 -4.01 -4.13 -1.56
C LEU A 79 -2.92 -5.01 -0.97
N ASN A 80 -3.27 -6.26 -0.69
CA ASN A 80 -2.32 -7.22 -0.12
C ASN A 80 -1.17 -7.49 -1.10
N ALA A 81 -1.52 -7.69 -2.36
CA ALA A 81 -0.52 -7.96 -3.40
C ALA A 81 0.36 -6.74 -3.63
N SER A 82 -0.23 -5.56 -3.50
CA SER A 82 0.50 -4.31 -3.71
C SER A 82 1.62 -4.17 -2.68
N ALA A 83 1.29 -4.40 -1.42
CA ALA A 83 2.28 -4.30 -0.34
C ALA A 83 3.33 -5.39 -0.46
N TYR A 84 2.93 -6.53 -1.00
CA TYR A 84 3.85 -7.66 -1.16
C TYR A 84 4.78 -7.43 -2.34
N ARG A 85 4.25 -6.85 -3.40
CA ARG A 85 5.03 -6.58 -4.59
C ARG A 85 6.02 -5.45 -4.35
N LEU A 86 5.58 -4.44 -3.61
CA LEU A 86 6.43 -3.29 -3.31
C LEU A 86 7.69 -3.72 -2.55
N GLN A 87 7.50 -4.55 -1.53
CA GLN A 87 8.62 -5.04 -0.74
C GLN A 87 9.55 -5.90 -1.59
N SER A 88 8.98 -6.65 -2.52
CA SER A 88 9.76 -7.52 -3.39
C SER A 88 10.68 -6.70 -4.29
N GLU A 89 10.16 -5.61 -4.84
CA GLU A 89 10.93 -4.74 -5.71
C GLU A 89 12.01 -4.01 -4.92
N CYS A 90 11.62 -3.40 -3.82
CA CYS A 90 12.55 -2.67 -2.97
C CYS A 90 13.59 -3.60 -2.35
N ARG A 91 13.19 -4.86 -2.16
CA ARG A 91 14.09 -5.85 -1.56
C ARG A 91 15.36 -6.00 -2.39
N LYS A 92 15.23 -5.91 -3.71
CA LYS A 92 16.36 -6.02 -4.61
C LYS A 92 16.87 -4.65 -5.03
N THR A 93 17.47 -3.93 -4.08
CA THR A 93 18.00 -2.59 -4.35
C THR A 93 19.52 -2.59 -4.32
N VAL A 94 20.11 -1.41 -4.51
CA VAL A 94 21.57 -1.28 -4.49
C VAL A 94 22.01 -0.34 -3.38
N PRO A 95 21.82 -0.78 -2.12
CA PRO A 95 22.19 -0.01 -0.94
C PRO A 95 23.71 0.08 -0.78
N PRO A 96 24.43 -0.90 -1.32
CA PRO A 96 25.89 -0.95 -1.24
C PRO A 96 26.55 0.13 -2.09
N GLU A 97 26.81 -0.18 -3.35
CA GLU A 97 27.43 0.77 -4.26
C GLU A 97 26.76 0.75 -5.63
N PRO A 98 26.86 1.87 -6.36
CA PRO A 98 26.26 2.01 -7.69
C PRO A 98 26.96 1.14 -8.74
N GLY A 99 28.16 0.66 -8.39
CA GLY A 99 28.91 -0.18 -9.31
C GLY A 99 28.42 -1.62 -9.31
N ALA A 100 27.50 -1.93 -8.41
CA ALA A 100 26.95 -3.28 -8.32
C ALA A 100 26.33 -3.71 -9.64
N PRO A 101 26.16 -5.03 -9.81
CA PRO A 101 25.57 -5.60 -11.03
C PRO A 101 24.09 -5.30 -11.16
N VAL A 102 23.50 -4.73 -10.11
CA VAL A 102 22.09 -4.38 -10.10
C VAL A 102 21.83 -3.14 -10.95
N ASP A 103 20.65 -3.07 -11.55
CA ASP A 103 20.27 -1.94 -12.38
C ASP A 103 19.59 -0.85 -11.55
N PHE A 104 20.40 0.03 -10.97
CA PHE A 104 19.86 1.12 -10.16
C PHE A 104 18.78 1.89 -10.90
N GLN A 105 18.83 1.84 -12.23
CA GLN A 105 17.86 2.53 -13.06
C GLN A 105 16.50 1.85 -12.98
N LEU A 106 16.48 0.55 -13.25
CA LEU A 106 15.24 -0.22 -13.22
C LEU A 106 14.63 -0.21 -11.82
N LEU A 107 15.48 -0.06 -10.81
CA LEU A 107 15.03 -0.04 -9.42
C LEU A 107 14.03 1.10 -9.20
N THR A 108 14.42 2.30 -9.62
CA THR A 108 13.55 3.47 -9.47
C THR A 108 12.24 3.29 -10.23
N GLN A 109 12.32 2.65 -11.39
CA GLN A 109 11.14 2.42 -12.21
C GLN A 109 10.21 1.40 -11.56
N GLN A 110 10.81 0.42 -10.88
CA GLN A 110 10.03 -0.62 -10.21
C GLN A 110 9.30 -0.06 -9.00
N VAL A 111 10.00 0.74 -8.20
CA VAL A 111 9.42 1.34 -7.01
C VAL A 111 8.34 2.36 -7.38
N ILE A 112 8.58 3.11 -8.45
CA ILE A 112 7.62 4.11 -8.92
C ILE A 112 6.33 3.46 -9.37
N GLN A 113 6.45 2.39 -10.15
CA GLN A 113 5.29 1.68 -10.67
C GLN A 113 4.46 1.09 -9.52
N CYS A 114 5.15 0.46 -8.58
CA CYS A 114 4.48 -0.15 -7.43
C CYS A 114 3.83 0.92 -6.56
N ALA A 115 4.59 1.96 -6.24
CA ALA A 115 4.08 3.04 -5.40
C ALA A 115 2.86 3.70 -6.04
N TYR A 116 2.92 3.93 -7.35
CA TYR A 116 1.83 4.55 -8.07
C TYR A 116 0.61 3.63 -8.12
N ASP A 117 0.87 2.33 -8.23
CA ASP A 117 -0.20 1.33 -8.29
C ASP A 117 -0.94 1.27 -6.95
N ILE A 118 -0.18 1.17 -5.86
CA ILE A 118 -0.77 1.10 -4.53
C ILE A 118 -1.50 2.40 -4.17
N ALA A 119 -0.95 3.52 -4.64
CA ALA A 119 -1.54 4.81 -4.37
C ALA A 119 -2.89 4.96 -5.07
N LYS A 120 -2.97 4.44 -6.30
CA LYS A 120 -4.20 4.51 -7.08
C LYS A 120 -5.28 3.64 -6.48
N ALA A 121 -4.89 2.45 -6.02
CA ALA A 121 -5.84 1.52 -5.42
C ALA A 121 -6.45 2.11 -4.15
N ALA A 122 -5.71 2.99 -3.49
CA ALA A 122 -6.18 3.63 -2.27
C ALA A 122 -7.31 4.62 -2.57
N LYS A 123 -7.19 5.32 -3.69
CA LYS A 123 -8.20 6.30 -4.08
C LYS A 123 -9.56 5.64 -4.24
N GLN A 124 -9.57 4.42 -4.77
CA GLN A 124 -10.81 3.67 -4.97
C GLN A 124 -11.36 3.17 -3.64
N LEU A 125 -10.47 2.94 -2.68
CA LEU A 125 -10.87 2.46 -1.36
C LEU A 125 -11.43 3.61 -0.51
N VAL A 126 -10.80 4.77 -0.62
CA VAL A 126 -11.23 5.94 0.14
C VAL A 126 -12.54 6.49 -0.40
N THR A 127 -12.70 6.44 -1.71
CA THR A 127 -13.92 6.93 -2.36
C THR A 127 -15.10 6.04 -2.05
N ILE A 128 -14.84 4.74 -1.91
CA ILE A 128 -15.89 3.78 -1.60
C ILE A 128 -16.49 4.02 -0.22
N THR A 129 -15.62 4.37 0.74
CA THR A 129 -16.05 4.62 2.11
C THR A 129 -16.91 5.88 2.18
N THR A 130 -16.48 6.94 1.48
CA THR A 130 -17.22 8.19 1.47
C THR A 130 -18.56 8.03 0.79
N ARG A 131 -18.56 7.43 -0.40
CA ARG A 131 -19.79 7.22 -1.16
C ARG A 131 -20.66 6.16 -0.49
N GLU A 132 -20.04 5.31 0.31
CA GLU A 132 -20.76 4.25 1.00
C GLU A 132 -21.92 4.81 1.81
N LYS A 133 -22.72 3.92 2.39
CA LYS A 133 -23.86 4.33 3.19
C LYS A 133 -23.52 4.33 4.67
N LYS A 134 -22.23 4.50 4.98
CA LYS A 134 -21.77 4.52 6.36
C LYS A 134 -20.92 5.76 6.63
N GLN A 135 -21.51 6.93 6.47
CA GLN A 135 -20.80 8.19 6.69
C GLN A 135 -21.77 9.35 6.80
N LEU A 5 -13.62 -12.76 15.51
CA LEU A 5 -14.21 -13.82 14.69
C LEU A 5 -15.41 -13.30 13.91
N ASP A 6 -16.47 -12.95 14.63
CA ASP A 6 -17.68 -12.43 14.00
C ASP A 6 -18.32 -13.48 13.10
N GLY A 7 -19.59 -13.28 12.76
CA GLY A 7 -20.29 -14.22 11.91
C GLY A 7 -20.62 -13.63 10.55
N ASP A 8 -20.28 -14.36 9.50
CA ASP A 8 -20.54 -13.91 8.14
C ASP A 8 -19.78 -12.61 7.84
N PRO A 9 -19.61 -12.32 6.55
CA PRO A 9 -18.90 -11.12 6.09
C PRO A 9 -19.68 -9.84 6.38
N ASP A 10 -18.97 -8.74 6.56
CA ASP A 10 -19.59 -7.45 6.84
C ASP A 10 -19.73 -6.62 5.57
N PRO A 11 -20.90 -5.98 5.40
CA PRO A 11 -21.17 -5.14 4.23
C PRO A 11 -20.36 -3.86 4.22
N GLY A 12 -20.35 -3.16 5.35
CA GLY A 12 -19.62 -1.92 5.45
C GLY A 12 -18.35 -2.06 6.28
N LEU A 13 -17.99 -1.03 7.02
CA LEU A 13 -16.79 -1.05 7.84
C LEU A 13 -17.16 -0.86 9.32
N PRO A 14 -16.28 -1.37 10.21
CA PRO A 14 -16.48 -1.27 11.66
C PRO A 14 -16.32 0.16 12.16
N SER A 15 -15.20 0.79 11.81
CA SER A 15 -14.93 2.16 12.24
C SER A 15 -14.67 3.05 11.04
N THR A 16 -15.49 4.09 10.90
CA THR A 16 -15.35 5.03 9.78
C THR A 16 -14.05 5.82 9.90
N GLU A 17 -13.83 6.43 11.05
CA GLU A 17 -12.63 7.22 11.29
C GLU A 17 -11.38 6.37 11.09
N ASP A 18 -11.37 5.19 11.71
CA ASP A 18 -10.23 4.28 11.59
C ASP A 18 -9.84 4.07 10.13
N VAL A 19 -10.84 4.04 9.26
CA VAL A 19 -10.61 3.84 7.83
C VAL A 19 -9.93 5.06 7.22
N ILE A 20 -10.46 6.24 7.53
CA ILE A 20 -9.90 7.48 7.00
C ILE A 20 -8.43 7.62 7.35
N LEU A 21 -8.11 7.48 8.64
CA LEU A 21 -6.73 7.58 9.11
C LEU A 21 -5.88 6.47 8.53
N LYS A 22 -6.50 5.32 8.27
CA LYS A 22 -5.80 4.17 7.72
C LYS A 22 -5.42 4.42 6.26
N THR A 23 -6.30 5.10 5.54
CA THR A 23 -6.06 5.41 4.13
C THR A 23 -5.17 6.64 3.98
N GLU A 24 -5.47 7.68 4.76
CA GLU A 24 -4.69 8.91 4.71
C GLU A 24 -3.22 8.64 5.00
N GLN A 25 -2.96 7.71 5.90
CA GLN A 25 -1.59 7.35 6.28
C GLN A 25 -0.91 6.59 5.16
N VAL A 26 -1.69 5.83 4.40
CA VAL A 26 -1.15 5.04 3.30
C VAL A 26 -0.55 5.95 2.22
N THR A 27 -1.29 6.99 1.86
CA THR A 27 -0.83 7.93 0.84
C THR A 27 0.49 8.58 1.24
N LYS A 28 0.63 8.86 2.54
CA LYS A 28 1.85 9.47 3.06
C LYS A 28 3.03 8.52 2.96
N ASN A 29 2.79 7.25 3.32
CA ASN A 29 3.83 6.23 3.27
C ASN A 29 4.36 6.07 1.85
N ILE A 30 3.47 6.20 0.88
CA ILE A 30 3.86 6.05 -0.52
C ILE A 30 4.75 7.22 -0.97
N GLN A 31 4.44 8.41 -0.48
CA GLN A 31 5.20 9.60 -0.84
C GLN A 31 6.66 9.45 -0.44
N GLU A 32 6.90 8.75 0.67
CA GLU A 32 8.26 8.53 1.15
C GLU A 32 9.08 7.75 0.13
N LEU A 33 8.44 6.79 -0.53
CA LEU A 33 9.11 5.97 -1.54
C LEU A 33 9.42 6.79 -2.79
N LEU A 34 8.47 7.66 -3.16
CA LEU A 34 8.64 8.50 -4.34
C LEU A 34 9.74 9.53 -4.12
N ARG A 35 9.68 10.23 -3.00
CA ARG A 35 10.67 11.25 -2.67
C ARG A 35 12.07 10.63 -2.58
N ALA A 36 12.14 9.42 -2.05
CA ALA A 36 13.42 8.72 -1.90
C ALA A 36 13.94 8.28 -3.26
N ALA A 37 13.04 8.00 -4.18
CA ALA A 37 13.42 7.56 -5.53
C ALA A 37 14.03 8.71 -6.32
N GLN A 38 13.35 9.85 -6.32
CA GLN A 38 13.81 11.02 -7.05
C GLN A 38 15.15 11.52 -6.48
N GLU A 39 15.28 11.45 -5.16
CA GLU A 39 16.50 11.88 -4.50
C GLU A 39 17.59 10.82 -4.57
N PHE A 40 17.23 9.67 -5.15
CA PHE A 40 18.17 8.57 -5.29
C PHE A 40 18.63 8.08 -3.92
N LYS A 41 17.75 7.36 -3.22
CA LYS A 41 18.07 6.83 -1.90
C LYS A 41 17.68 5.36 -1.80
N HIS A 42 18.44 4.51 -2.47
CA HIS A 42 18.17 3.07 -2.45
C HIS A 42 18.15 2.54 -1.02
N ASP A 43 18.94 3.15 -0.16
CA ASP A 43 19.00 2.74 1.24
C ASP A 43 17.73 3.13 1.99
N SER A 44 17.02 4.12 1.45
CA SER A 44 15.79 4.59 2.06
C SER A 44 14.59 3.82 1.53
N PHE A 45 14.82 2.98 0.53
CA PHE A 45 13.77 2.18 -0.08
C PHE A 45 13.33 1.06 0.86
N VAL A 46 14.30 0.47 1.56
CA VAL A 46 14.01 -0.62 2.49
C VAL A 46 12.94 -0.21 3.49
N PRO A 47 13.19 0.90 4.22
CA PRO A 47 12.25 1.41 5.22
C PRO A 47 10.99 1.99 4.59
N CYS A 48 11.17 2.76 3.53
CA CYS A 48 10.04 3.38 2.84
C CYS A 48 9.06 2.32 2.34
N SER A 49 9.61 1.19 1.89
CA SER A 49 8.78 0.10 1.38
C SER A 49 8.12 -0.65 2.52
N GLU A 50 8.80 -0.73 3.66
CA GLU A 50 8.27 -1.42 4.83
C GLU A 50 7.15 -0.61 5.47
N LYS A 51 7.39 0.68 5.66
CA LYS A 51 6.39 1.56 6.27
C LYS A 51 5.08 1.54 5.48
N ILE A 52 5.20 1.40 4.17
CA ILE A 52 4.02 1.37 3.29
C ILE A 52 3.21 0.09 3.53
N HIS A 53 3.91 -1.00 3.77
CA HIS A 53 3.25 -2.29 4.01
C HIS A 53 2.43 -2.25 5.31
N LEU A 54 2.96 -1.56 6.31
CA LEU A 54 2.29 -1.43 7.59
C LEU A 54 0.90 -0.83 7.43
N ALA A 55 0.83 0.26 6.68
CA ALA A 55 -0.43 0.94 6.44
C ALA A 55 -1.41 0.04 5.69
N VAL A 56 -0.87 -0.77 4.78
CA VAL A 56 -1.69 -1.69 3.98
C VAL A 56 -2.25 -2.81 4.86
N THR A 57 -1.36 -3.47 5.59
CA THR A 57 -1.76 -4.57 6.47
C THR A 57 -2.64 -4.06 7.61
N GLU A 58 -2.25 -2.94 8.20
CA GLU A 58 -2.99 -2.37 9.30
C GLU A 58 -4.43 -2.05 8.89
N MET A 59 -4.60 -1.57 7.66
CA MET A 59 -5.91 -1.23 7.13
C MET A 59 -6.78 -2.47 7.00
N ALA A 60 -6.23 -3.51 6.37
CA ALA A 60 -6.94 -4.76 6.17
C ALA A 60 -7.30 -5.40 7.51
N SER A 61 -6.40 -5.27 8.48
CA SER A 61 -6.63 -5.85 9.80
C SER A 61 -7.94 -5.36 10.40
N LEU A 62 -8.28 -4.10 10.12
CA LEU A 62 -9.52 -3.51 10.63
C LEU A 62 -10.73 -4.19 10.01
N PHE A 63 -10.53 -4.84 8.87
CA PHE A 63 -11.62 -5.53 8.18
C PHE A 63 -11.76 -6.96 8.68
N PRO A 64 -12.95 -7.53 8.48
CA PRO A 64 -13.24 -8.91 8.91
C PRO A 64 -12.48 -9.95 8.09
N LYS A 65 -12.46 -11.18 8.58
CA LYS A 65 -11.78 -12.27 7.90
C LYS A 65 -12.20 -12.35 6.43
N ARG A 66 -13.44 -11.93 6.16
CA ARG A 66 -13.96 -11.96 4.79
C ARG A 66 -14.95 -10.82 4.58
N PRO A 67 -14.63 -9.93 3.62
CA PRO A 67 -15.48 -8.78 3.30
C PRO A 67 -16.78 -9.20 2.61
N ALA A 68 -17.73 -8.27 2.53
CA ALA A 68 -19.02 -8.54 1.90
C ALA A 68 -19.27 -7.57 0.75
N LEU A 69 -18.20 -7.05 0.17
CA LEU A 69 -18.31 -6.10 -0.94
C LEU A 69 -17.52 -6.59 -2.15
N GLU A 70 -18.08 -6.41 -3.35
CA GLU A 70 -17.42 -6.82 -4.58
C GLU A 70 -16.11 -6.07 -4.76
N PRO A 71 -16.17 -4.73 -4.69
CA PRO A 71 -14.99 -3.88 -4.84
C PRO A 71 -14.02 -4.01 -3.67
N VAL A 72 -14.56 -4.32 -2.49
CA VAL A 72 -13.74 -4.47 -1.29
C VAL A 72 -12.84 -5.69 -1.39
N ARG A 73 -13.36 -6.76 -1.98
CA ARG A 73 -12.59 -7.99 -2.14
C ARG A 73 -11.40 -7.78 -3.07
N SER A 74 -11.64 -7.10 -4.19
CA SER A 74 -10.59 -6.82 -5.15
C SER A 74 -9.65 -5.73 -4.66
N SER A 75 -10.23 -4.70 -4.06
CA SER A 75 -9.46 -3.58 -3.54
C SER A 75 -8.46 -4.05 -2.47
N LEU A 76 -8.91 -4.99 -1.66
CA LEU A 76 -8.05 -5.54 -0.60
C LEU A 76 -7.03 -6.51 -1.16
N ARG A 77 -7.38 -7.14 -2.27
CA ARG A 77 -6.48 -8.11 -2.92
C ARG A 77 -5.32 -7.38 -3.61
N LEU A 78 -5.63 -6.26 -4.24
CA LEU A 78 -4.62 -5.47 -4.94
C LEU A 78 -3.76 -4.69 -3.95
N LEU A 79 -4.36 -4.27 -2.84
CA LEU A 79 -3.65 -3.52 -1.82
C LEU A 79 -2.52 -4.36 -1.21
N ASN A 80 -2.86 -5.58 -0.79
CA ASN A 80 -1.88 -6.47 -0.19
C ASN A 80 -0.82 -6.88 -1.20
N ALA A 81 -1.26 -7.14 -2.43
CA ALA A 81 -0.34 -7.54 -3.50
C ALA A 81 0.65 -6.43 -3.81
N SER A 82 0.20 -5.18 -3.69
CA SER A 82 1.06 -4.03 -3.96
C SER A 82 2.15 -3.91 -2.90
N ALA A 83 1.76 -4.08 -1.64
CA ALA A 83 2.70 -3.97 -0.53
C ALA A 83 3.74 -5.09 -0.60
N TYR A 84 3.31 -6.27 -0.99
CA TYR A 84 4.20 -7.42 -1.10
C TYR A 84 5.18 -7.24 -2.26
N ARG A 85 4.70 -6.65 -3.34
CA ARG A 85 5.53 -6.42 -4.52
C ARG A 85 6.55 -5.32 -4.26
N LEU A 86 6.09 -4.22 -3.66
CA LEU A 86 6.96 -3.09 -3.37
C LEU A 86 8.09 -3.52 -2.42
N GLN A 87 7.74 -4.24 -1.36
CA GLN A 87 8.71 -4.70 -0.38
C GLN A 87 9.70 -5.67 -1.03
N SER A 88 9.19 -6.55 -1.89
CA SER A 88 10.03 -7.52 -2.56
C SER A 88 11.00 -6.85 -3.53
N GLU A 89 10.50 -5.81 -4.20
CA GLU A 89 11.32 -5.06 -5.16
C GLU A 89 12.41 -4.27 -4.45
N CYS A 90 12.00 -3.53 -3.42
CA CYS A 90 12.95 -2.72 -2.66
C CYS A 90 13.89 -3.60 -1.85
N ARG A 91 13.41 -4.78 -1.48
CA ARG A 91 14.21 -5.72 -0.70
C ARG A 91 15.55 -5.99 -1.37
N LYS A 92 15.54 -6.05 -2.70
CA LYS A 92 16.77 -6.28 -3.46
C LYS A 92 17.30 -4.99 -4.06
N THR A 93 17.39 -3.95 -3.23
CA THR A 93 17.89 -2.65 -3.68
C THR A 93 19.41 -2.67 -3.82
N VAL A 94 19.96 -1.54 -4.26
CA VAL A 94 21.41 -1.42 -4.43
C VAL A 94 21.98 -0.34 -3.52
N PRO A 95 21.92 -0.58 -2.20
CA PRO A 95 22.43 0.36 -1.20
C PRO A 95 23.96 0.45 -1.21
N PRO A 96 24.61 -0.62 -1.69
CA PRO A 96 26.08 -0.67 -1.77
C PRO A 96 26.63 0.26 -2.84
N GLU A 97 26.75 -0.24 -4.07
CA GLU A 97 27.27 0.55 -5.17
C GLU A 97 26.41 0.36 -6.43
N PRO A 98 26.43 1.37 -7.31
CA PRO A 98 25.67 1.34 -8.56
C PRO A 98 26.21 0.31 -9.55
N GLY A 99 27.43 -0.15 -9.30
CA GLY A 99 28.04 -1.13 -10.19
C GLY A 99 27.52 -2.53 -9.95
N ALA A 100 26.78 -2.71 -8.85
CA ALA A 100 26.22 -4.01 -8.52
C ALA A 100 25.43 -4.59 -9.68
N PRO A 101 25.19 -5.91 -9.65
CA PRO A 101 24.45 -6.61 -10.69
C PRO A 101 22.96 -6.24 -10.71
N VAL A 102 22.54 -5.50 -9.68
CA VAL A 102 21.14 -5.09 -9.56
C VAL A 102 20.89 -3.81 -10.36
N ASP A 103 19.97 -3.88 -11.32
CA ASP A 103 19.64 -2.73 -12.14
C ASP A 103 19.01 -1.63 -11.30
N PHE A 104 19.83 -0.65 -10.91
CA PHE A 104 19.35 0.46 -10.10
C PHE A 104 18.33 1.29 -10.86
N GLN A 105 18.45 1.30 -12.19
CA GLN A 105 17.53 2.05 -13.04
C GLN A 105 16.13 1.44 -13.01
N LEU A 106 16.06 0.14 -13.25
CA LEU A 106 14.77 -0.57 -13.26
C LEU A 106 14.11 -0.49 -11.88
N LEU A 107 14.93 -0.37 -10.84
CA LEU A 107 14.43 -0.30 -9.48
C LEU A 107 13.48 0.90 -9.32
N THR A 108 13.93 2.07 -9.74
CA THR A 108 13.13 3.28 -9.65
C THR A 108 11.81 3.12 -10.38
N GLN A 109 11.85 2.45 -11.52
CA GLN A 109 10.65 2.22 -12.32
C GLN A 109 9.69 1.27 -11.62
N GLN A 110 10.26 0.29 -10.91
CA GLN A 110 9.46 -0.69 -10.19
C GLN A 110 8.76 -0.05 -8.99
N VAL A 111 9.50 0.75 -8.24
CA VAL A 111 8.96 1.41 -7.06
C VAL A 111 7.91 2.45 -7.46
N ILE A 112 8.17 3.16 -8.56
CA ILE A 112 7.25 4.17 -9.05
C ILE A 112 5.94 3.56 -9.50
N GLN A 113 6.02 2.51 -10.31
CA GLN A 113 4.83 1.82 -10.81
C GLN A 113 4.03 1.23 -9.67
N CYS A 114 4.72 0.56 -8.74
CA CYS A 114 4.06 -0.06 -7.60
C CYS A 114 3.47 0.99 -6.68
N ALA A 115 4.25 2.02 -6.38
CA ALA A 115 3.80 3.10 -5.51
C ALA A 115 2.62 3.85 -6.12
N TYR A 116 2.70 4.10 -7.42
CA TYR A 116 1.64 4.81 -8.13
C TYR A 116 0.36 3.97 -8.18
N ASP A 117 0.53 2.66 -8.31
CA ASP A 117 -0.61 1.75 -8.37
C ASP A 117 -1.31 1.67 -7.02
N ILE A 118 -0.53 1.48 -5.96
CA ILE A 118 -1.08 1.38 -4.61
C ILE A 118 -1.69 2.71 -4.18
N ALA A 119 -1.08 3.81 -4.62
CA ALA A 119 -1.56 5.14 -4.27
C ALA A 119 -2.91 5.42 -4.91
N LYS A 120 -3.03 5.06 -6.19
CA LYS A 120 -4.28 5.28 -6.93
C LYS A 120 -5.40 4.40 -6.38
N ALA A 121 -5.04 3.20 -5.94
CA ALA A 121 -6.02 2.28 -5.39
C ALA A 121 -6.68 2.86 -4.14
N ALA A 122 -5.96 3.74 -3.45
CA ALA A 122 -6.48 4.37 -2.24
C ALA A 122 -7.66 5.28 -2.57
N LYS A 123 -7.64 5.86 -3.76
CA LYS A 123 -8.71 6.75 -4.19
C LYS A 123 -10.03 5.98 -4.36
N GLN A 124 -9.94 4.78 -4.91
CA GLN A 124 -11.11 3.95 -5.13
C GLN A 124 -11.62 3.37 -3.81
N LEU A 125 -10.70 3.13 -2.87
CA LEU A 125 -11.05 2.56 -1.57
C LEU A 125 -11.61 3.64 -0.66
N VAL A 126 -11.05 4.84 -0.75
CA VAL A 126 -11.49 5.97 0.07
C VAL A 126 -12.83 6.50 -0.41
N THR A 127 -13.07 6.42 -1.71
CA THR A 127 -14.31 6.89 -2.30
C THR A 127 -15.45 5.90 -2.06
N ILE A 128 -15.12 4.61 -2.07
CA ILE A 128 -16.11 3.57 -1.85
C ILE A 128 -16.65 3.62 -0.42
N THR A 129 -15.75 3.83 0.54
CA THR A 129 -16.15 3.91 1.94
C THR A 129 -16.97 5.16 2.22
N THR A 130 -16.56 6.28 1.64
CA THR A 130 -17.27 7.54 1.82
C THR A 130 -18.67 7.49 1.20
N ARG A 131 -18.73 7.04 -0.05
CA ARG A 131 -20.01 6.93 -0.76
C ARG A 131 -20.84 5.79 -0.20
N GLU A 132 -20.18 4.81 0.41
CA GLU A 132 -20.87 3.66 0.98
C GLU A 132 -22.01 4.11 1.90
N LYS A 133 -22.93 3.21 2.16
CA LYS A 133 -24.07 3.50 3.03
C LYS A 133 -23.79 3.07 4.47
N LYS A 134 -23.01 2.00 4.61
CA LYS A 134 -22.66 1.48 5.93
C LYS A 134 -23.91 1.14 6.73
N GLN A 135 -24.51 -0.01 6.41
CA GLN A 135 -25.72 -0.46 7.10
C GLN A 135 -25.37 -1.36 8.27
N LEU A 5 -15.96 -11.72 14.83
CA LEU A 5 -16.82 -10.58 15.11
C LEU A 5 -18.14 -10.70 14.37
N ASP A 6 -19.20 -11.03 15.11
CA ASP A 6 -20.53 -11.18 14.53
C ASP A 6 -20.53 -12.26 13.44
N GLY A 7 -21.71 -12.54 12.90
CA GLY A 7 -21.82 -13.55 11.86
C GLY A 7 -22.07 -12.95 10.50
N ASP A 8 -21.80 -13.73 9.46
CA ASP A 8 -21.99 -13.27 8.08
C ASP A 8 -21.07 -12.09 7.77
N PRO A 9 -20.85 -11.84 6.47
CA PRO A 9 -19.98 -10.75 6.02
C PRO A 9 -20.61 -9.38 6.27
N ASP A 10 -19.77 -8.37 6.43
CA ASP A 10 -20.23 -7.01 6.68
C ASP A 10 -20.34 -6.23 5.37
N PRO A 11 -21.46 -5.51 5.21
CA PRO A 11 -21.71 -4.70 4.01
C PRO A 11 -20.80 -3.49 3.92
N GLY A 12 -20.72 -2.74 5.01
CA GLY A 12 -19.88 -1.55 5.04
C GLY A 12 -18.65 -1.73 5.91
N LEU A 13 -18.12 -0.63 6.43
CA LEU A 13 -16.94 -0.67 7.27
C LEU A 13 -17.31 -0.58 8.74
N PRO A 14 -16.47 -1.15 9.62
CA PRO A 14 -16.70 -1.15 11.06
C PRO A 14 -16.53 0.25 11.67
N SER A 15 -15.39 0.88 11.37
CA SER A 15 -15.11 2.22 11.89
C SER A 15 -14.82 3.19 10.75
N THR A 16 -15.62 4.24 10.66
CA THR A 16 -15.46 5.25 9.62
C THR A 16 -14.15 6.00 9.79
N GLU A 17 -13.93 6.54 10.99
CA GLU A 17 -12.71 7.30 11.28
C GLU A 17 -11.48 6.42 11.07
N ASP A 18 -11.51 5.22 11.62
CA ASP A 18 -10.40 4.28 11.49
C ASP A 18 -9.99 4.12 10.03
N VAL A 19 -10.98 4.11 9.14
CA VAL A 19 -10.72 3.96 7.72
C VAL A 19 -10.02 5.20 7.14
N ILE A 20 -10.53 6.38 7.49
CA ILE A 20 -9.95 7.62 7.02
C ILE A 20 -8.48 7.73 7.42
N LEU A 21 -8.21 7.54 8.70
CA LEU A 21 -6.84 7.62 9.21
C LEU A 21 -5.98 6.51 8.64
N LYS A 22 -6.61 5.37 8.34
CA LYS A 22 -5.91 4.22 7.78
C LYS A 22 -5.50 4.49 6.34
N THR A 23 -6.35 5.19 5.60
CA THR A 23 -6.08 5.51 4.22
C THR A 23 -5.17 6.73 4.10
N GLU A 24 -5.47 7.76 4.88
CA GLU A 24 -4.68 8.99 4.88
C GLU A 24 -3.22 8.70 5.21
N GLN A 25 -3.00 7.75 6.10
CA GLN A 25 -1.65 7.38 6.51
C GLN A 25 -0.94 6.61 5.39
N VAL A 26 -1.70 5.88 4.60
CA VAL A 26 -1.15 5.11 3.49
C VAL A 26 -0.54 6.02 2.44
N THR A 27 -1.26 7.07 2.08
CA THR A 27 -0.77 8.02 1.09
C THR A 27 0.54 8.66 1.52
N LYS A 28 0.67 8.90 2.83
CA LYS A 28 1.87 9.52 3.37
C LYS A 28 3.06 8.56 3.26
N ASN A 29 2.84 7.30 3.63
CA ASN A 29 3.89 6.29 3.56
C ASN A 29 4.40 6.13 2.14
N ILE A 30 3.51 6.31 1.17
CA ILE A 30 3.88 6.19 -0.23
C ILE A 30 4.74 7.35 -0.69
N GLN A 31 4.41 8.55 -0.22
CA GLN A 31 5.16 9.75 -0.58
C GLN A 31 6.63 9.60 -0.21
N GLU A 32 6.89 8.91 0.90
CA GLU A 32 8.26 8.69 1.36
C GLU A 32 9.07 7.91 0.32
N LEU A 33 8.41 6.96 -0.34
CA LEU A 33 9.07 6.14 -1.35
C LEU A 33 9.36 6.97 -2.60
N LEU A 34 8.44 7.85 -2.97
CA LEU A 34 8.60 8.70 -4.14
C LEU A 34 9.72 9.71 -3.93
N ARG A 35 9.68 10.40 -2.79
CA ARG A 35 10.70 11.40 -2.47
C ARG A 35 12.09 10.76 -2.40
N ALA A 36 12.14 9.54 -1.88
CA ALA A 36 13.41 8.82 -1.76
C ALA A 36 13.95 8.44 -3.12
N ALA A 37 13.06 8.15 -4.05
CA ALA A 37 13.45 7.77 -5.41
C ALA A 37 14.03 8.96 -6.16
N GLN A 38 13.33 10.10 -6.08
CA GLN A 38 13.78 11.31 -6.76
C GLN A 38 15.08 11.84 -6.15
N GLU A 39 15.29 11.51 -4.89
CA GLU A 39 16.50 11.95 -4.19
C GLU A 39 17.61 10.91 -4.30
N PHE A 40 17.42 9.94 -5.20
CA PHE A 40 18.40 8.89 -5.41
C PHE A 40 18.78 8.23 -4.08
N LYS A 41 17.80 7.63 -3.42
CA LYS A 41 18.02 6.95 -2.15
C LYS A 41 17.50 5.52 -2.19
N HIS A 42 18.16 4.67 -2.94
CA HIS A 42 17.77 3.27 -3.07
C HIS A 42 17.76 2.58 -1.70
N ASP A 43 18.65 3.03 -0.82
CA ASP A 43 18.75 2.47 0.52
C ASP A 43 17.53 2.84 1.35
N SER A 44 16.94 3.99 1.05
CA SER A 44 15.77 4.47 1.78
C SER A 44 14.52 3.70 1.36
N PHE A 45 14.67 2.85 0.35
CA PHE A 45 13.55 2.06 -0.15
C PHE A 45 13.17 0.96 0.84
N VAL A 46 14.17 0.41 1.52
CA VAL A 46 13.95 -0.64 2.49
C VAL A 46 12.96 -0.19 3.57
N PRO A 47 13.27 0.91 4.24
CA PRO A 47 12.43 1.47 5.30
C PRO A 47 11.13 2.05 4.75
N CYS A 48 11.24 2.80 3.66
CA CYS A 48 10.08 3.43 3.03
C CYS A 48 9.06 2.36 2.59
N SER A 49 9.57 1.22 2.16
CA SER A 49 8.73 0.13 1.70
C SER A 49 8.07 -0.58 2.88
N GLU A 50 8.79 -0.63 4.00
CA GLU A 50 8.27 -1.28 5.21
C GLU A 50 7.13 -0.48 5.81
N LYS A 51 7.33 0.82 5.95
CA LYS A 51 6.32 1.71 6.52
C LYS A 51 5.03 1.64 5.71
N ILE A 52 5.16 1.51 4.40
CA ILE A 52 4.01 1.43 3.52
C ILE A 52 3.23 0.14 3.74
N HIS A 53 3.96 -0.94 4.00
CA HIS A 53 3.33 -2.24 4.24
C HIS A 53 2.47 -2.21 5.50
N LEU A 54 2.94 -1.48 6.50
CA LEU A 54 2.22 -1.36 7.77
C LEU A 54 0.81 -0.82 7.55
N ALA A 55 0.73 0.28 6.82
CA ALA A 55 -0.57 0.90 6.53
C ALA A 55 -1.48 -0.06 5.78
N VAL A 56 -0.90 -0.86 4.90
CA VAL A 56 -1.65 -1.83 4.12
C VAL A 56 -2.26 -2.91 5.01
N THR A 57 -1.42 -3.52 5.84
CA THR A 57 -1.88 -4.56 6.75
C THR A 57 -2.80 -4.00 7.82
N GLU A 58 -2.45 -2.83 8.36
CA GLU A 58 -3.25 -2.19 9.38
C GLU A 58 -4.65 -1.86 8.86
N MET A 59 -4.70 -1.32 7.64
CA MET A 59 -5.98 -0.96 7.03
C MET A 59 -6.82 -2.21 6.77
N ALA A 60 -6.22 -3.20 6.13
CA ALA A 60 -6.92 -4.44 5.82
C ALA A 60 -7.36 -5.16 7.09
N SER A 61 -6.53 -5.08 8.13
CA SER A 61 -6.83 -5.73 9.40
C SER A 61 -8.17 -5.25 9.94
N LEU A 62 -8.47 -3.98 9.73
CA LEU A 62 -9.73 -3.40 10.20
C LEU A 62 -10.92 -4.05 9.51
N PHE A 63 -10.68 -4.64 8.35
CA PHE A 63 -11.73 -5.30 7.58
C PHE A 63 -11.90 -6.74 8.04
N PRO A 64 -13.14 -7.25 7.94
CA PRO A 64 -13.46 -8.62 8.34
C PRO A 64 -12.87 -9.66 7.41
N LYS A 65 -12.62 -10.86 7.93
CA LYS A 65 -12.04 -11.95 7.14
C LYS A 65 -12.96 -12.31 5.98
N ARG A 66 -14.22 -11.90 6.06
CA ARG A 66 -15.20 -12.18 5.02
C ARG A 66 -16.01 -10.94 4.68
N PRO A 67 -15.52 -10.14 3.74
CA PRO A 67 -16.19 -8.90 3.31
C PRO A 67 -17.47 -9.18 2.53
N ALA A 68 -18.32 -8.17 2.41
CA ALA A 68 -19.58 -8.31 1.68
C ALA A 68 -19.65 -7.35 0.51
N LEU A 69 -18.50 -6.78 0.15
CA LEU A 69 -18.42 -5.84 -0.97
C LEU A 69 -17.63 -6.43 -2.13
N GLU A 70 -18.11 -6.19 -3.34
CA GLU A 70 -17.44 -6.70 -4.54
C GLU A 70 -16.04 -6.11 -4.66
N PRO A 71 -15.95 -4.77 -4.58
CA PRO A 71 -14.67 -4.06 -4.68
C PRO A 71 -13.78 -4.29 -3.47
N VAL A 72 -14.40 -4.53 -2.32
CA VAL A 72 -13.66 -4.77 -1.09
C VAL A 72 -12.88 -6.08 -1.16
N ARG A 73 -13.49 -7.09 -1.76
CA ARG A 73 -12.85 -8.39 -1.91
C ARG A 73 -11.63 -8.31 -2.82
N SER A 74 -11.78 -7.64 -3.95
CA SER A 74 -10.70 -7.49 -4.91
C SER A 74 -9.66 -6.49 -4.41
N SER A 75 -10.13 -5.45 -3.71
CA SER A 75 -9.24 -4.43 -3.18
C SER A 75 -8.22 -5.04 -2.22
N LEU A 76 -8.64 -6.06 -1.48
CA LEU A 76 -7.78 -6.74 -0.53
C LEU A 76 -6.68 -7.51 -1.26
N ARG A 77 -6.99 -7.98 -2.46
CA ARG A 77 -6.04 -8.75 -3.25
C ARG A 77 -4.95 -7.84 -3.81
N LEU A 78 -5.36 -6.72 -4.39
CA LEU A 78 -4.42 -5.77 -4.97
C LEU A 78 -3.65 -5.03 -3.87
N LEU A 79 -4.37 -4.67 -2.81
CA LEU A 79 -3.76 -3.95 -1.70
C LEU A 79 -2.68 -4.80 -1.03
N ASN A 80 -3.04 -6.04 -0.69
CA ASN A 80 -2.09 -6.95 -0.05
C ASN A 80 -0.93 -7.27 -0.97
N ALA A 81 -1.23 -7.48 -2.26
CA ALA A 81 -0.21 -7.79 -3.24
C ALA A 81 0.71 -6.61 -3.47
N SER A 82 0.16 -5.40 -3.38
CA SER A 82 0.94 -4.19 -3.58
C SER A 82 2.05 -4.07 -2.54
N ALA A 83 1.68 -4.27 -1.27
CA ALA A 83 2.65 -4.20 -0.19
C ALA A 83 3.69 -5.31 -0.29
N TYR A 84 3.27 -6.45 -0.83
CA TYR A 84 4.17 -7.60 -0.98
C TYR A 84 5.11 -7.39 -2.17
N ARG A 85 4.61 -6.73 -3.21
CA ARG A 85 5.40 -6.47 -4.41
C ARG A 85 6.47 -5.43 -4.13
N LEU A 86 6.09 -4.37 -3.42
CA LEU A 86 7.01 -3.30 -3.09
C LEU A 86 8.20 -3.82 -2.27
N GLN A 87 7.90 -4.71 -1.32
CA GLN A 87 8.93 -5.29 -0.47
C GLN A 87 10.00 -5.98 -1.31
N SER A 88 9.58 -6.60 -2.40
CA SER A 88 10.51 -7.30 -3.29
C SER A 88 11.45 -6.31 -3.98
N GLU A 89 10.91 -5.16 -4.33
CA GLU A 89 11.70 -4.13 -5.00
C GLU A 89 12.74 -3.54 -4.06
N CYS A 90 12.31 -3.16 -2.87
CA CYS A 90 13.21 -2.59 -1.88
C CYS A 90 14.22 -3.62 -1.39
N ARG A 91 13.84 -4.89 -1.46
CA ARG A 91 14.72 -5.98 -1.03
C ARG A 91 15.94 -6.07 -1.94
N LYS A 92 15.74 -5.85 -3.23
CA LYS A 92 16.82 -5.91 -4.19
C LYS A 92 17.19 -4.52 -4.70
N THR A 93 17.88 -3.75 -3.87
CA THR A 93 18.27 -2.40 -4.23
C THR A 93 19.76 -2.35 -4.60
N VAL A 94 20.25 -1.15 -4.89
CA VAL A 94 21.65 -0.97 -5.26
C VAL A 94 22.20 0.35 -4.72
N PRO A 95 22.05 0.55 -3.39
CA PRO A 95 22.53 1.77 -2.73
C PRO A 95 24.04 1.85 -2.68
N PRO A 96 24.71 0.68 -2.74
CA PRO A 96 26.17 0.60 -2.70
C PRO A 96 26.81 1.13 -3.97
N GLU A 97 27.03 0.25 -4.94
CA GLU A 97 27.65 0.64 -6.21
C GLU A 97 26.79 0.17 -7.39
N PRO A 98 26.94 0.85 -8.53
CA PRO A 98 26.20 0.54 -9.75
C PRO A 98 26.63 -0.79 -10.37
N GLY A 99 27.77 -1.30 -9.92
CA GLY A 99 28.27 -2.56 -10.44
C GLY A 99 27.44 -3.74 -9.99
N ALA A 100 26.51 -3.50 -9.07
CA ALA A 100 25.65 -4.55 -8.56
C ALA A 100 24.92 -5.26 -9.70
N PRO A 101 24.39 -6.46 -9.40
CA PRO A 101 23.65 -7.26 -10.39
C PRO A 101 22.31 -6.64 -10.76
N VAL A 102 21.84 -5.71 -9.93
CA VAL A 102 20.57 -5.04 -10.16
C VAL A 102 20.78 -3.62 -10.67
N ASP A 103 20.06 -3.27 -11.72
CA ASP A 103 20.16 -1.93 -12.31
C ASP A 103 19.35 -0.92 -11.51
N PHE A 104 20.02 0.09 -10.96
CA PHE A 104 19.35 1.12 -10.18
C PHE A 104 18.18 1.70 -10.94
N GLN A 105 18.30 1.75 -12.27
CA GLN A 105 17.24 2.30 -13.11
C GLN A 105 15.98 1.47 -13.01
N LEU A 106 16.14 0.14 -13.03
CA LEU A 106 15.00 -0.77 -12.94
C LEU A 106 14.37 -0.72 -11.54
N LEU A 107 15.19 -0.40 -10.55
CA LEU A 107 14.72 -0.32 -9.17
C LEU A 107 13.77 0.87 -9.00
N THR A 108 14.20 2.04 -9.45
CA THR A 108 13.39 3.24 -9.35
C THR A 108 12.05 3.08 -10.04
N GLN A 109 12.06 2.36 -11.17
CA GLN A 109 10.84 2.12 -11.93
C GLN A 109 9.90 1.17 -11.18
N GLN A 110 10.49 0.22 -10.47
CA GLN A 110 9.71 -0.75 -9.71
C GLN A 110 9.04 -0.08 -8.50
N VAL A 111 9.81 0.73 -7.78
CA VAL A 111 9.29 1.43 -6.61
C VAL A 111 8.23 2.45 -7.01
N ILE A 112 8.47 3.13 -8.12
CA ILE A 112 7.53 4.14 -8.61
C ILE A 112 6.21 3.50 -9.04
N GLN A 113 6.29 2.46 -9.86
CA GLN A 113 5.10 1.76 -10.34
C GLN A 113 4.31 1.20 -9.17
N CYS A 114 4.99 0.54 -8.25
CA CYS A 114 4.34 -0.04 -7.09
C CYS A 114 3.73 1.03 -6.20
N ALA A 115 4.47 2.11 -5.98
CA ALA A 115 3.99 3.21 -5.15
C ALA A 115 2.79 3.90 -5.79
N TYR A 116 2.86 4.12 -7.10
CA TYR A 116 1.78 4.77 -7.83
C TYR A 116 0.54 3.88 -7.87
N ASP A 117 0.76 2.57 -7.96
CA ASP A 117 -0.34 1.62 -8.00
C ASP A 117 -1.04 1.53 -6.65
N ILE A 118 -0.25 1.38 -5.59
CA ILE A 118 -0.80 1.29 -4.24
C ILE A 118 -1.46 2.60 -3.83
N ALA A 119 -0.90 3.71 -4.29
CA ALA A 119 -1.44 5.03 -3.95
C ALA A 119 -2.80 5.24 -4.61
N LYS A 120 -2.91 4.85 -5.88
CA LYS A 120 -4.17 4.99 -6.61
C LYS A 120 -5.21 4.01 -6.09
N ALA A 121 -4.77 2.81 -5.73
CA ALA A 121 -5.67 1.79 -5.21
C ALA A 121 -6.36 2.25 -3.94
N ALA A 122 -5.70 3.15 -3.20
CA ALA A 122 -6.25 3.68 -1.96
C ALA A 122 -7.40 4.64 -2.24
N LYS A 123 -7.26 5.44 -3.29
CA LYS A 123 -8.28 6.41 -3.66
C LYS A 123 -9.62 5.71 -3.93
N GLN A 124 -9.57 4.53 -4.54
CA GLN A 124 -10.77 3.78 -4.84
C GLN A 124 -11.36 3.16 -3.57
N LEU A 125 -10.50 2.88 -2.60
CA LEU A 125 -10.94 2.30 -1.34
C LEU A 125 -11.56 3.35 -0.43
N VAL A 126 -10.96 4.55 -0.43
CA VAL A 126 -11.45 5.65 0.40
C VAL A 126 -12.77 6.19 -0.15
N THR A 127 -12.88 6.24 -1.48
CA THR A 127 -14.08 6.74 -2.13
C THR A 127 -15.25 5.78 -1.93
N ILE A 128 -14.95 4.49 -1.88
CA ILE A 128 -15.98 3.48 -1.69
C ILE A 128 -16.62 3.59 -0.32
N THR A 129 -15.81 3.88 0.69
CA THR A 129 -16.30 4.02 2.06
C THR A 129 -17.16 5.27 2.21
N THR A 130 -16.71 6.36 1.61
CA THR A 130 -17.45 7.63 1.67
C THR A 130 -18.78 7.53 0.94
N ARG A 131 -18.74 7.02 -0.28
CA ARG A 131 -19.94 6.88 -1.09
C ARG A 131 -20.84 5.76 -0.53
N GLU A 132 -20.22 4.81 0.17
CA GLU A 132 -20.96 3.70 0.75
C GLU A 132 -22.15 4.20 1.57
N LYS A 133 -23.06 3.30 1.89
CA LYS A 133 -24.24 3.64 2.67
C LYS A 133 -23.86 3.96 4.11
N LYS A 134 -22.77 3.37 4.59
CA LYS A 134 -22.30 3.60 5.94
C LYS A 134 -21.29 4.74 5.99
N GLN A 135 -21.57 5.75 6.81
CA GLN A 135 -20.68 6.89 6.95
C GLN A 135 -20.55 7.32 8.40
N LEU A 5 -12.41 -13.52 13.83
CA LEU A 5 -13.65 -12.92 13.34
C LEU A 5 -14.44 -13.93 12.52
N ASP A 6 -15.45 -14.53 13.13
CA ASP A 6 -16.30 -15.51 12.46
C ASP A 6 -17.73 -15.01 12.33
N GLY A 7 -18.63 -15.89 11.91
CA GLY A 7 -20.01 -15.51 11.74
C GLY A 7 -20.35 -15.13 10.32
N ASP A 8 -20.82 -13.90 10.14
CA ASP A 8 -21.19 -13.40 8.81
C ASP A 8 -20.33 -12.21 8.43
N PRO A 9 -20.27 -11.92 7.11
CA PRO A 9 -19.48 -10.80 6.58
C PRO A 9 -20.08 -9.45 6.94
N ASP A 10 -19.23 -8.43 7.03
CA ASP A 10 -19.68 -7.10 7.37
C ASP A 10 -19.98 -6.29 6.11
N PRO A 11 -21.15 -5.62 6.10
CA PRO A 11 -21.58 -4.81 4.96
C PRO A 11 -20.74 -3.54 4.80
N GLY A 12 -20.57 -2.81 5.90
CA GLY A 12 -19.79 -1.59 5.86
C GLY A 12 -18.53 -1.67 6.69
N LEU A 13 -18.07 -0.53 7.19
CA LEU A 13 -16.87 -0.48 8.02
C LEU A 13 -17.23 -0.25 9.48
N PRO A 14 -16.35 -0.73 10.38
CA PRO A 14 -16.55 -0.58 11.83
C PRO A 14 -16.39 0.86 12.30
N SER A 15 -15.27 1.47 11.91
CA SER A 15 -15.01 2.86 12.30
C SER A 15 -14.75 3.72 11.07
N THR A 16 -15.57 4.75 10.90
CA THR A 16 -15.44 5.66 9.77
C THR A 16 -14.12 6.43 9.83
N GLU A 17 -13.87 7.08 10.96
CA GLU A 17 -12.65 7.86 11.13
C GLU A 17 -11.42 6.97 10.97
N ASP A 18 -11.42 5.81 11.63
CA ASP A 18 -10.31 4.88 11.55
C ASP A 18 -9.95 4.59 10.10
N VAL A 19 -10.97 4.53 9.24
CA VAL A 19 -10.76 4.26 7.83
C VAL A 19 -10.08 5.43 7.13
N ILE A 20 -10.58 6.63 7.38
CA ILE A 20 -10.03 7.85 6.79
C ILE A 20 -8.55 7.99 7.12
N LEU A 21 -8.23 7.93 8.41
CA LEU A 21 -6.85 8.05 8.87
C LEU A 21 -6.00 6.89 8.35
N LYS A 22 -6.64 5.74 8.14
CA LYS A 22 -5.95 4.56 7.65
C LYS A 22 -5.55 4.73 6.19
N THR A 23 -6.42 5.38 5.42
CA THR A 23 -6.16 5.61 4.00
C THR A 23 -5.27 6.82 3.79
N GLU A 24 -5.56 7.90 4.51
CA GLU A 24 -4.78 9.13 4.41
C GLU A 24 -3.31 8.87 4.73
N GLN A 25 -3.07 7.98 5.69
CA GLN A 25 -1.71 7.64 6.09
C GLN A 25 -1.01 6.81 5.01
N VAL A 26 -1.79 6.04 4.27
CA VAL A 26 -1.25 5.20 3.21
C VAL A 26 -0.62 6.05 2.12
N THR A 27 -1.34 7.08 1.69
CA THR A 27 -0.84 7.97 0.65
C THR A 27 0.46 8.64 1.05
N LYS A 28 0.58 8.97 2.33
CA LYS A 28 1.78 9.61 2.86
C LYS A 28 2.96 8.64 2.83
N ASN A 29 2.72 7.40 3.26
CA ASN A 29 3.75 6.38 3.29
C ASN A 29 4.30 6.11 1.89
N ILE A 30 3.44 6.27 0.88
CA ILE A 30 3.83 6.04 -0.50
C ILE A 30 4.74 7.17 -1.00
N GLN A 31 4.43 8.39 -0.58
CA GLN A 31 5.22 9.55 -0.98
C GLN A 31 6.68 9.40 -0.55
N GLU A 32 6.88 8.77 0.60
CA GLU A 32 8.23 8.57 1.12
C GLU A 32 9.06 7.72 0.16
N LEU A 33 8.41 6.76 -0.49
CA LEU A 33 9.10 5.89 -1.44
C LEU A 33 9.46 6.65 -2.71
N LEU A 34 8.58 7.54 -3.15
CA LEU A 34 8.81 8.33 -4.35
C LEU A 34 9.94 9.32 -4.13
N ARG A 35 9.87 10.06 -3.03
CA ARG A 35 10.90 11.05 -2.71
C ARG A 35 12.26 10.39 -2.56
N ALA A 36 12.28 9.19 -1.98
CA ALA A 36 13.51 8.45 -1.77
C ALA A 36 14.12 8.03 -3.11
N ALA A 37 13.27 7.75 -4.09
CA ALA A 37 13.72 7.33 -5.40
C ALA A 37 14.36 8.49 -6.15
N GLN A 38 13.68 9.63 -6.19
CA GLN A 38 14.18 10.81 -6.87
C GLN A 38 15.48 11.30 -6.23
N GLU A 39 15.65 10.98 -4.95
CA GLU A 39 16.86 11.39 -4.23
C GLU A 39 17.93 10.33 -4.32
N PHE A 40 17.70 9.33 -5.16
CA PHE A 40 18.66 8.24 -5.35
C PHE A 40 18.96 7.56 -4.01
N LYS A 41 17.93 6.98 -3.41
CA LYS A 41 18.09 6.29 -2.13
C LYS A 41 17.46 4.90 -2.18
N HIS A 42 18.02 4.05 -3.04
CA HIS A 42 17.52 2.68 -3.19
C HIS A 42 17.49 1.97 -1.84
N ASP A 43 18.42 2.31 -0.97
CA ASP A 43 18.51 1.71 0.35
C ASP A 43 17.33 2.15 1.22
N SER A 44 16.80 3.33 0.95
CA SER A 44 15.68 3.87 1.71
C SER A 44 14.38 3.17 1.31
N PHE A 45 14.45 2.33 0.29
CA PHE A 45 13.28 1.61 -0.19
C PHE A 45 12.86 0.54 0.79
N VAL A 46 13.84 -0.08 1.46
CA VAL A 46 13.57 -1.12 2.44
C VAL A 46 12.63 -0.62 3.53
N PRO A 47 13.02 0.46 4.21
CA PRO A 47 12.23 1.05 5.29
C PRO A 47 10.96 1.73 4.77
N CYS A 48 11.10 2.48 3.68
CA CYS A 48 9.97 3.18 3.08
C CYS A 48 8.88 2.20 2.65
N SER A 49 9.31 1.02 2.23
CA SER A 49 8.39 -0.02 1.79
C SER A 49 7.69 -0.68 2.97
N GLU A 50 8.42 -0.82 4.07
CA GLU A 50 7.88 -1.44 5.28
C GLU A 50 6.76 -0.58 5.87
N LYS A 51 7.04 0.72 6.01
CA LYS A 51 6.06 1.64 6.56
C LYS A 51 4.76 1.63 5.75
N ILE A 52 4.90 1.46 4.43
CA ILE A 52 3.75 1.42 3.54
C ILE A 52 2.92 0.16 3.76
N HIS A 53 3.60 -0.95 4.04
CA HIS A 53 2.94 -2.22 4.28
C HIS A 53 2.07 -2.16 5.54
N LEU A 54 2.56 -1.43 6.54
CA LEU A 54 1.83 -1.28 7.80
C LEU A 54 0.44 -0.71 7.57
N ALA A 55 0.38 0.38 6.82
CA ALA A 55 -0.90 1.03 6.51
C ALA A 55 -1.80 0.10 5.72
N VAL A 56 -1.21 -0.70 4.83
CA VAL A 56 -1.97 -1.64 4.01
C VAL A 56 -2.54 -2.76 4.85
N THR A 57 -1.69 -3.41 5.65
CA THR A 57 -2.10 -4.50 6.51
C THR A 57 -3.04 -4.01 7.60
N GLU A 58 -2.71 -2.87 8.19
CA GLU A 58 -3.52 -2.29 9.26
C GLU A 58 -4.93 -1.98 8.77
N MET A 59 -5.03 -1.53 7.52
CA MET A 59 -6.32 -1.19 6.93
C MET A 59 -7.19 -2.44 6.77
N ALA A 60 -6.60 -3.48 6.18
CA ALA A 60 -7.32 -4.73 5.97
C ALA A 60 -7.61 -5.42 7.30
N SER A 61 -6.67 -5.33 8.23
CA SER A 61 -6.83 -5.95 9.54
C SER A 61 -8.10 -5.47 10.22
N LEU A 62 -8.42 -4.20 10.04
CA LEU A 62 -9.62 -3.61 10.64
C LEU A 62 -10.88 -4.29 10.11
N PHE A 63 -10.75 -4.93 8.94
CA PHE A 63 -11.88 -5.62 8.34
C PHE A 63 -11.78 -7.13 8.55
N PRO A 64 -12.93 -7.80 8.52
CA PRO A 64 -13.01 -9.26 8.71
C PRO A 64 -12.42 -10.03 7.53
N LYS A 65 -12.01 -11.26 7.79
CA LYS A 65 -11.44 -12.10 6.75
C LYS A 65 -12.45 -12.41 5.65
N ARG A 66 -13.72 -12.12 5.94
CA ARG A 66 -14.79 -12.36 4.97
C ARG A 66 -15.62 -11.10 4.78
N PRO A 67 -15.21 -10.27 3.82
CA PRO A 67 -15.90 -9.02 3.49
C PRO A 67 -17.25 -9.25 2.84
N ALA A 68 -18.12 -8.24 2.88
CA ALA A 68 -19.44 -8.34 2.29
C ALA A 68 -19.58 -7.39 1.09
N LEU A 69 -18.50 -6.68 0.78
CA LEU A 69 -18.51 -5.74 -0.33
C LEU A 69 -17.85 -6.36 -1.57
N GLU A 70 -18.45 -6.12 -2.73
CA GLU A 70 -17.92 -6.65 -3.98
C GLU A 70 -16.54 -6.10 -4.26
N PRO A 71 -16.41 -4.76 -4.20
CA PRO A 71 -15.14 -4.08 -4.45
C PRO A 71 -14.12 -4.33 -3.33
N VAL A 72 -14.62 -4.54 -2.12
CA VAL A 72 -13.75 -4.79 -0.98
C VAL A 72 -13.00 -6.12 -1.13
N ARG A 73 -13.68 -7.11 -1.71
CA ARG A 73 -13.08 -8.42 -1.91
C ARG A 73 -11.93 -8.34 -2.91
N SER A 74 -12.15 -7.64 -4.02
CA SER A 74 -11.13 -7.50 -5.05
C SER A 74 -10.05 -6.52 -4.60
N SER A 75 -10.47 -5.44 -3.95
CA SER A 75 -9.53 -4.42 -3.47
C SER A 75 -8.53 -5.02 -2.50
N LEU A 76 -8.97 -6.00 -1.74
CA LEU A 76 -8.11 -6.67 -0.76
C LEU A 76 -7.03 -7.47 -1.45
N ARG A 77 -7.33 -7.96 -2.65
CA ARG A 77 -6.37 -8.75 -3.42
C ARG A 77 -5.25 -7.87 -3.98
N LEU A 78 -5.64 -6.75 -4.59
CA LEU A 78 -4.67 -5.82 -5.16
C LEU A 78 -3.93 -5.05 -4.06
N LEU A 79 -4.67 -4.63 -3.04
CA LEU A 79 -4.09 -3.89 -1.93
C LEU A 79 -2.97 -4.68 -1.28
N ASN A 80 -3.25 -5.93 -0.94
CA ASN A 80 -2.26 -6.80 -0.31
C ASN A 80 -1.10 -7.08 -1.27
N ALA A 81 -1.43 -7.26 -2.54
CA ALA A 81 -0.43 -7.55 -3.57
C ALA A 81 0.53 -6.36 -3.74
N SER A 82 0.00 -5.15 -3.56
CA SER A 82 0.80 -3.94 -3.69
C SER A 82 1.94 -3.93 -2.67
N ALA A 83 1.65 -4.37 -1.46
CA ALA A 83 2.64 -4.41 -0.39
C ALA A 83 3.65 -5.53 -0.63
N TYR A 84 3.15 -6.69 -1.05
CA TYR A 84 4.01 -7.84 -1.31
C TYR A 84 4.96 -7.56 -2.47
N ARG A 85 4.41 -7.02 -3.55
CA ARG A 85 5.20 -6.70 -4.73
C ARG A 85 6.31 -5.71 -4.39
N LEU A 86 5.97 -4.66 -3.66
CA LEU A 86 6.93 -3.65 -3.27
C LEU A 86 8.06 -4.26 -2.44
N GLN A 87 7.71 -5.22 -1.59
CA GLN A 87 8.70 -5.88 -0.75
C GLN A 87 9.83 -6.48 -1.59
N SER A 88 9.45 -7.13 -2.68
CA SER A 88 10.43 -7.74 -3.58
C SER A 88 11.31 -6.68 -4.24
N GLU A 89 10.70 -5.56 -4.60
CA GLU A 89 11.41 -4.47 -5.25
C GLU A 89 12.42 -3.84 -4.29
N CYS A 90 11.95 -3.51 -3.09
CA CYS A 90 12.80 -2.89 -2.08
C CYS A 90 13.84 -3.88 -1.57
N ARG A 91 13.51 -5.16 -1.64
CA ARG A 91 14.42 -6.22 -1.18
C ARG A 91 15.68 -6.25 -2.03
N LYS A 92 15.50 -6.26 -3.35
CA LYS A 92 16.62 -6.29 -4.26
C LYS A 92 16.97 -4.89 -4.76
N THR A 93 17.62 -4.11 -3.91
CA THR A 93 18.01 -2.74 -4.25
C THR A 93 19.51 -2.65 -4.49
N VAL A 94 19.99 -1.43 -4.72
CA VAL A 94 21.41 -1.20 -4.96
C VAL A 94 22.00 -0.26 -3.91
N PRO A 95 22.02 -0.73 -2.66
CA PRO A 95 22.55 0.05 -1.53
C PRO A 95 24.07 0.20 -1.60
N PRO A 96 24.73 -0.76 -2.27
CA PRO A 96 26.19 -0.75 -2.42
C PRO A 96 26.67 0.36 -3.35
N GLU A 97 27.92 0.26 -3.79
CA GLU A 97 28.49 1.26 -4.69
C GLU A 97 27.57 1.52 -5.87
N PRO A 98 27.71 2.71 -6.47
CA PRO A 98 26.91 3.11 -7.63
C PRO A 98 27.24 2.32 -8.89
N GLY A 99 28.38 1.63 -8.85
CA GLY A 99 28.79 0.84 -10.00
C GLY A 99 28.34 -0.60 -9.90
N ALA A 100 27.51 -0.90 -8.90
CA ALA A 100 27.01 -2.25 -8.70
C ALA A 100 26.42 -2.80 -9.99
N PRO A 101 26.27 -4.15 -10.05
CA PRO A 101 25.72 -4.83 -11.22
C PRO A 101 24.23 -4.57 -11.40
N VAL A 102 23.51 -4.51 -10.29
CA VAL A 102 22.07 -4.27 -10.33
C VAL A 102 21.74 -3.02 -11.16
N ASP A 103 20.60 -3.05 -11.82
CA ASP A 103 20.17 -1.94 -12.66
C ASP A 103 19.34 -0.94 -11.86
N PHE A 104 20.01 0.07 -11.31
CA PHE A 104 19.33 1.09 -10.51
C PHE A 104 18.14 1.67 -11.27
N GLN A 105 18.30 1.85 -12.58
CA GLN A 105 17.26 2.40 -13.42
C GLN A 105 15.96 1.58 -13.27
N LEU A 106 16.10 0.27 -13.23
CA LEU A 106 14.95 -0.62 -13.09
C LEU A 106 14.41 -0.58 -11.67
N LEU A 107 15.30 -0.43 -10.70
CA LEU A 107 14.91 -0.38 -9.30
C LEU A 107 13.93 0.77 -9.04
N THR A 108 14.30 1.96 -9.49
CA THR A 108 13.46 3.14 -9.32
C THR A 108 12.13 2.98 -10.05
N GLN A 109 12.18 2.34 -11.22
CA GLN A 109 10.98 2.12 -12.01
C GLN A 109 10.04 1.12 -11.33
N GLN A 110 10.63 0.13 -10.66
CA GLN A 110 9.86 -0.90 -9.97
C GLN A 110 9.16 -0.31 -8.74
N VAL A 111 9.89 0.48 -7.97
CA VAL A 111 9.34 1.09 -6.77
C VAL A 111 8.27 2.12 -7.12
N ILE A 112 8.51 2.87 -8.20
CA ILE A 112 7.57 3.89 -8.64
C ILE A 112 6.25 3.26 -9.09
N GLN A 113 6.35 2.24 -9.95
CA GLN A 113 5.17 1.56 -10.45
C GLN A 113 4.35 0.96 -9.31
N CYS A 114 5.04 0.30 -8.39
CA CYS A 114 4.37 -0.31 -7.24
C CYS A 114 3.72 0.75 -6.36
N ALA A 115 4.47 1.79 -6.04
CA ALA A 115 3.96 2.87 -5.21
C ALA A 115 2.78 3.57 -5.87
N TYR A 116 2.87 3.79 -7.17
CA TYR A 116 1.82 4.45 -7.92
C TYR A 116 0.57 3.57 -7.98
N ASP A 117 0.78 2.26 -8.08
CA ASP A 117 -0.33 1.32 -8.15
C ASP A 117 -1.07 1.25 -6.81
N ILE A 118 -0.32 1.12 -5.73
CA ILE A 118 -0.90 1.05 -4.39
C ILE A 118 -1.58 2.36 -4.02
N ALA A 119 -1.01 3.47 -4.48
CA ALA A 119 -1.56 4.79 -4.19
C ALA A 119 -2.90 4.98 -4.90
N LYS A 120 -2.97 4.58 -6.16
CA LYS A 120 -4.19 4.71 -6.95
C LYS A 120 -5.30 3.84 -6.36
N ALA A 121 -4.94 2.61 -5.97
CA ALA A 121 -5.91 1.69 -5.39
C ALA A 121 -6.52 2.25 -4.12
N ALA A 122 -5.78 3.12 -3.44
CA ALA A 122 -6.25 3.73 -2.20
C ALA A 122 -7.39 4.71 -2.48
N LYS A 123 -7.29 5.43 -3.59
CA LYS A 123 -8.31 6.41 -3.96
C LYS A 123 -9.68 5.71 -4.13
N GLN A 124 -9.66 4.51 -4.68
CA GLN A 124 -10.88 3.76 -4.89
C GLN A 124 -11.43 3.23 -3.57
N LEU A 125 -10.54 2.99 -2.61
CA LEU A 125 -10.93 2.48 -1.31
C LEU A 125 -11.51 3.60 -0.43
N VAL A 126 -10.90 4.77 -0.52
CA VAL A 126 -11.34 5.92 0.25
C VAL A 126 -12.67 6.46 -0.27
N THR A 127 -12.82 6.43 -1.59
CA THR A 127 -14.04 6.92 -2.22
C THR A 127 -15.22 6.00 -1.94
N ILE A 128 -14.94 4.70 -1.80
CA ILE A 128 -15.97 3.72 -1.52
C ILE A 128 -16.56 3.93 -0.14
N THR A 129 -15.71 4.28 0.82
CA THR A 129 -16.16 4.51 2.20
C THR A 129 -17.03 5.75 2.28
N THR A 130 -16.60 6.81 1.61
CA THR A 130 -17.34 8.07 1.62
C THR A 130 -18.69 7.91 0.93
N ARG A 131 -18.68 7.33 -0.26
CA ARG A 131 -19.91 7.12 -1.02
C ARG A 131 -20.77 6.04 -0.38
N GLU A 132 -20.13 5.17 0.39
CA GLU A 132 -20.84 4.08 1.05
C GLU A 132 -22.04 4.61 1.84
N LYS A 133 -22.93 3.70 2.23
CA LYS A 133 -24.11 4.09 3.00
C LYS A 133 -24.02 3.58 4.43
N LYS A 134 -23.37 2.44 4.61
CA LYS A 134 -23.20 1.84 5.93
C LYS A 134 -24.56 1.51 6.55
N GLN A 135 -24.97 0.25 6.40
CA GLN A 135 -26.25 -0.19 6.94
C GLN A 135 -26.04 -1.23 8.05
N LEU A 5 -14.57 -6.94 17.53
CA LEU A 5 -14.93 -8.01 16.59
C LEU A 5 -16.43 -8.21 16.54
N ASP A 6 -16.88 -9.03 15.60
CA ASP A 6 -18.31 -9.31 15.44
C ASP A 6 -18.53 -10.45 14.45
N GLY A 7 -19.80 -10.75 14.19
CA GLY A 7 -20.13 -11.82 13.27
C GLY A 7 -20.65 -11.30 11.94
N ASP A 8 -20.69 -12.17 10.94
CA ASP A 8 -21.17 -11.80 9.61
C ASP A 8 -20.27 -10.74 8.99
N PRO A 9 -20.29 -10.66 7.64
CA PRO A 9 -19.48 -9.69 6.90
C PRO A 9 -19.97 -8.27 7.08
N ASP A 10 -19.06 -7.31 6.97
CA ASP A 10 -19.41 -5.90 7.12
C ASP A 10 -19.84 -5.30 5.78
N PRO A 11 -21.01 -4.65 5.78
CA PRO A 11 -21.56 -4.02 4.57
C PRO A 11 -20.77 -2.79 4.15
N GLY A 12 -20.52 -1.91 5.10
CA GLY A 12 -19.77 -0.69 4.80
C GLY A 12 -18.65 -0.45 5.80
N LEU A 13 -17.82 -1.46 6.01
CA LEU A 13 -16.69 -1.34 6.93
C LEU A 13 -17.19 -1.14 8.37
N PRO A 14 -16.38 -1.59 9.34
CA PRO A 14 -16.72 -1.47 10.77
C PRO A 14 -16.69 -0.03 11.25
N SER A 15 -15.58 0.65 10.98
CA SER A 15 -15.41 2.04 11.40
C SER A 15 -15.10 2.94 10.20
N THR A 16 -15.94 3.93 9.97
CA THR A 16 -15.75 4.85 8.84
C THR A 16 -14.49 5.68 9.04
N GLU A 17 -14.39 6.33 10.19
CA GLU A 17 -13.23 7.17 10.49
C GLU A 17 -11.94 6.36 10.43
N ASP A 18 -11.95 5.20 11.08
CA ASP A 18 -10.78 4.32 11.09
C ASP A 18 -10.27 4.07 9.68
N VAL A 19 -11.20 3.95 8.73
CA VAL A 19 -10.85 3.72 7.33
C VAL A 19 -10.17 4.93 6.72
N ILE A 20 -10.75 6.11 6.94
CA ILE A 20 -10.20 7.34 6.41
C ILE A 20 -8.75 7.54 6.86
N LEU A 21 -8.54 7.47 8.17
CA LEU A 21 -7.20 7.63 8.74
C LEU A 21 -6.27 6.52 8.27
N LYS A 22 -6.83 5.34 8.02
CA LYS A 22 -6.05 4.20 7.57
C LYS A 22 -5.60 4.40 6.12
N THR A 23 -6.45 5.02 5.32
CA THR A 23 -6.14 5.27 3.92
C THR A 23 -5.26 6.52 3.76
N GLU A 24 -5.62 7.57 4.48
CA GLU A 24 -4.87 8.82 4.42
C GLU A 24 -3.41 8.60 4.80
N GLN A 25 -3.18 7.70 5.77
CA GLN A 25 -1.84 7.40 6.23
C GLN A 25 -1.07 6.60 5.18
N VAL A 26 -1.81 5.79 4.41
CA VAL A 26 -1.19 4.97 3.37
C VAL A 26 -0.56 5.83 2.29
N THR A 27 -1.30 6.85 1.84
CA THR A 27 -0.81 7.75 0.80
C THR A 27 0.47 8.45 1.25
N LYS A 28 0.55 8.78 2.53
CA LYS A 28 1.72 9.45 3.08
C LYS A 28 2.93 8.51 3.08
N ASN A 29 2.71 7.27 3.48
CA ASN A 29 3.78 6.29 3.53
C ASN A 29 4.36 6.05 2.14
N ILE A 30 3.52 6.18 1.13
CA ILE A 30 3.95 5.97 -0.25
C ILE A 30 4.83 7.12 -0.72
N GLN A 31 4.49 8.34 -0.30
CA GLN A 31 5.26 9.52 -0.68
C GLN A 31 6.72 9.37 -0.28
N GLU A 32 6.95 8.69 0.83
CA GLU A 32 8.31 8.48 1.33
C GLU A 32 9.15 7.74 0.30
N LEU A 33 8.53 6.78 -0.39
CA LEU A 33 9.23 5.99 -1.40
C LEU A 33 9.53 6.84 -2.63
N LEU A 34 8.60 7.71 -2.99
CA LEU A 34 8.77 8.57 -4.16
C LEU A 34 9.89 9.60 -3.91
N ARG A 35 9.82 10.26 -2.76
CA ARG A 35 10.82 11.26 -2.41
C ARG A 35 12.21 10.63 -2.31
N ALA A 36 12.27 9.41 -1.79
CA ALA A 36 13.53 8.70 -1.64
C ALA A 36 14.12 8.36 -3.00
N ALA A 37 13.25 8.09 -3.97
CA ALA A 37 13.70 7.74 -5.31
C ALA A 37 14.28 8.95 -6.03
N GLN A 38 13.55 10.06 -5.99
CA GLN A 38 13.99 11.29 -6.64
C GLN A 38 15.29 11.80 -6.02
N GLU A 39 15.45 11.57 -4.72
CA GLU A 39 16.63 12.00 -4.00
C GLU A 39 17.73 10.94 -4.07
N PHE A 40 17.42 9.81 -4.71
CA PHE A 40 18.37 8.72 -4.83
C PHE A 40 18.78 8.18 -3.47
N LYS A 41 17.90 7.40 -2.85
CA LYS A 41 18.16 6.83 -1.55
C LYS A 41 17.78 5.35 -1.52
N HIS A 42 18.54 4.53 -2.24
CA HIS A 42 18.28 3.09 -2.29
C HIS A 42 18.27 2.49 -0.89
N ASP A 43 19.06 3.08 0.01
CA ASP A 43 19.14 2.59 1.38
C ASP A 43 17.87 2.92 2.15
N SER A 44 17.14 3.93 1.68
CA SER A 44 15.90 4.34 2.32
C SER A 44 14.70 3.61 1.70
N PHE A 45 14.96 2.84 0.65
CA PHE A 45 13.91 2.09 -0.02
C PHE A 45 13.41 0.93 0.84
N VAL A 46 14.31 0.38 1.65
CA VAL A 46 13.97 -0.73 2.53
C VAL A 46 12.91 -0.32 3.55
N PRO A 47 13.20 0.74 4.31
CA PRO A 47 12.27 1.25 5.32
C PRO A 47 11.03 1.90 4.72
N CYS A 48 11.23 2.66 3.64
CA CYS A 48 10.13 3.34 2.97
C CYS A 48 9.09 2.33 2.48
N SER A 49 9.56 1.21 1.96
CA SER A 49 8.68 0.17 1.45
C SER A 49 8.04 -0.61 2.61
N GLU A 50 8.78 -0.74 3.70
CA GLU A 50 8.29 -1.46 4.87
C GLU A 50 7.18 -0.68 5.56
N LYS A 51 7.41 0.61 5.78
CA LYS A 51 6.43 1.46 6.42
C LYS A 51 5.12 1.47 5.65
N ILE A 52 5.21 1.36 4.34
CA ILE A 52 4.03 1.35 3.49
C ILE A 52 3.21 0.07 3.69
N HIS A 53 3.90 -1.04 3.89
CA HIS A 53 3.24 -2.32 4.11
C HIS A 53 2.46 -2.32 5.42
N LEU A 54 3.01 -1.65 6.42
CA LEU A 54 2.37 -1.57 7.73
C LEU A 54 0.96 -0.98 7.61
N ALA A 55 0.86 0.11 6.86
CA ALA A 55 -0.42 0.78 6.65
C ALA A 55 -1.41 -0.13 5.93
N VAL A 56 -0.90 -0.92 4.99
CA VAL A 56 -1.72 -1.84 4.22
C VAL A 56 -2.25 -2.97 5.10
N THR A 57 -1.34 -3.63 5.82
CA THR A 57 -1.71 -4.73 6.69
C THR A 57 -2.56 -4.24 7.87
N GLU A 58 -2.14 -3.12 8.47
CA GLU A 58 -2.86 -2.54 9.60
C GLU A 58 -4.30 -2.21 9.21
N MET A 59 -4.48 -1.70 8.01
CA MET A 59 -5.80 -1.33 7.52
C MET A 59 -6.68 -2.57 7.37
N ALA A 60 -6.16 -3.58 6.67
CA ALA A 60 -6.90 -4.82 6.45
C ALA A 60 -7.30 -5.46 7.78
N SER A 61 -6.42 -5.35 8.77
CA SER A 61 -6.68 -5.93 10.08
C SER A 61 -8.00 -5.39 10.66
N LEU A 62 -8.34 -4.16 10.31
CA LEU A 62 -9.56 -3.53 10.78
C LEU A 62 -10.79 -4.19 10.16
N PHE A 63 -10.61 -4.76 8.97
CA PHE A 63 -11.70 -5.43 8.28
C PHE A 63 -12.01 -6.77 8.92
N PRO A 64 -13.27 -7.23 8.74
CA PRO A 64 -13.72 -8.52 9.30
C PRO A 64 -13.07 -9.71 8.61
N LYS A 65 -13.41 -10.91 9.08
CA LYS A 65 -12.86 -12.13 8.51
C LYS A 65 -13.35 -12.33 7.08
N ARG A 66 -14.37 -11.56 6.70
CA ARG A 66 -14.94 -11.65 5.35
C ARG A 66 -15.74 -10.40 5.02
N PRO A 67 -15.28 -9.67 3.99
CA PRO A 67 -15.95 -8.43 3.55
C PRO A 67 -17.30 -8.71 2.89
N ALA A 68 -18.16 -7.70 2.88
CA ALA A 68 -19.48 -7.83 2.27
C ALA A 68 -19.59 -6.99 1.00
N LEU A 69 -18.51 -6.31 0.65
CA LEU A 69 -18.48 -5.47 -0.55
C LEU A 69 -17.79 -6.19 -1.70
N GLU A 70 -18.35 -6.06 -2.90
CA GLU A 70 -17.80 -6.70 -4.08
C GLU A 70 -16.39 -6.17 -4.38
N PRO A 71 -16.27 -4.83 -4.43
CA PRO A 71 -14.99 -4.16 -4.71
C PRO A 71 -14.01 -4.30 -3.56
N VAL A 72 -14.54 -4.43 -2.34
CA VAL A 72 -13.71 -4.57 -1.15
C VAL A 72 -12.97 -5.91 -1.15
N ARG A 73 -13.62 -6.94 -1.68
CA ARG A 73 -13.03 -8.26 -1.74
C ARG A 73 -11.81 -8.27 -2.66
N SER A 74 -11.96 -7.68 -3.84
CA SER A 74 -10.87 -7.63 -4.81
C SER A 74 -9.84 -6.58 -4.42
N SER A 75 -10.32 -5.46 -3.89
CA SER A 75 -9.43 -4.37 -3.47
C SER A 75 -8.45 -4.86 -2.40
N LEU A 76 -8.88 -5.84 -1.62
CA LEU A 76 -8.04 -6.38 -0.56
C LEU A 76 -6.93 -7.26 -1.14
N ARG A 77 -7.21 -7.87 -2.28
CA ARG A 77 -6.23 -8.73 -2.95
C ARG A 77 -5.12 -7.90 -3.58
N LEU A 78 -5.50 -6.87 -4.31
CA LEU A 78 -4.53 -5.99 -4.97
C LEU A 78 -3.80 -5.13 -3.95
N LEU A 79 -4.52 -4.64 -2.95
CA LEU A 79 -3.94 -3.82 -1.90
C LEU A 79 -2.78 -4.54 -1.23
N ASN A 80 -3.02 -5.77 -0.79
CA ASN A 80 -2.00 -6.56 -0.13
C ASN A 80 -0.86 -6.89 -1.08
N ALA A 81 -1.21 -7.23 -2.32
CA ALA A 81 -0.21 -7.55 -3.34
C ALA A 81 0.69 -6.36 -3.64
N SER A 82 0.11 -5.16 -3.56
CA SER A 82 0.86 -3.94 -3.84
C SER A 82 2.01 -3.78 -2.84
N ALA A 83 1.70 -3.94 -1.56
CA ALA A 83 2.70 -3.81 -0.51
C ALA A 83 3.73 -4.94 -0.59
N TYR A 84 3.30 -6.10 -1.08
CA TYR A 84 4.17 -7.25 -1.21
C TYR A 84 5.18 -7.05 -2.33
N ARG A 85 4.68 -6.59 -3.49
CA ARG A 85 5.53 -6.36 -4.64
C ARG A 85 6.60 -5.30 -4.33
N LEU A 86 6.19 -4.21 -3.69
CA LEU A 86 7.11 -3.14 -3.34
C LEU A 86 8.21 -3.64 -2.41
N GLN A 87 7.83 -4.51 -1.49
CA GLN A 87 8.79 -5.08 -0.53
C GLN A 87 9.84 -5.92 -1.26
N SER A 88 9.37 -6.79 -2.15
CA SER A 88 10.27 -7.66 -2.91
C SER A 88 11.16 -6.84 -3.85
N GLU A 89 10.57 -5.81 -4.45
CA GLU A 89 11.31 -4.95 -5.38
C GLU A 89 12.35 -4.12 -4.63
N CYS A 90 11.92 -3.48 -3.56
CA CYS A 90 12.81 -2.64 -2.76
C CYS A 90 13.84 -3.50 -2.02
N ARG A 91 13.46 -4.74 -1.73
CA ARG A 91 14.35 -5.65 -1.03
C ARG A 91 15.65 -5.87 -1.81
N LYS A 92 15.53 -5.90 -3.12
CA LYS A 92 16.69 -6.10 -3.99
C LYS A 92 17.18 -4.77 -4.56
N THR A 93 17.76 -3.93 -3.70
CA THR A 93 18.26 -2.63 -4.12
C THR A 93 19.77 -2.66 -4.31
N VAL A 94 20.34 -1.52 -4.69
CA VAL A 94 21.78 -1.41 -4.89
C VAL A 94 22.40 -0.39 -3.95
N PRO A 95 22.36 -0.70 -2.64
CA PRO A 95 22.92 0.18 -1.60
C PRO A 95 24.43 0.24 -1.65
N PRO A 96 25.06 -0.83 -2.18
CA PRO A 96 26.51 -0.92 -2.29
C PRO A 96 27.08 0.05 -3.33
N GLU A 97 26.54 0.00 -4.53
CA GLU A 97 26.99 0.87 -5.61
C GLU A 97 26.14 0.66 -6.87
N PRO A 98 26.07 1.71 -7.71
CA PRO A 98 25.30 1.67 -8.95
C PRO A 98 25.93 0.75 -10.00
N GLY A 99 27.23 0.50 -9.85
CA GLY A 99 27.92 -0.37 -10.79
C GLY A 99 27.53 -1.81 -10.64
N ALA A 100 26.91 -2.15 -9.51
CA ALA A 100 26.48 -3.52 -9.26
C ALA A 100 25.67 -4.07 -10.42
N PRO A 101 25.53 -5.40 -10.47
CA PRO A 101 24.78 -6.08 -11.54
C PRO A 101 23.29 -5.82 -11.44
N VAL A 102 22.86 -5.19 -10.35
CA VAL A 102 21.45 -4.88 -10.14
C VAL A 102 21.00 -3.74 -11.05
N ASP A 103 19.72 -3.77 -11.43
CA ASP A 103 19.16 -2.73 -12.28
C ASP A 103 18.87 -1.46 -11.49
N PHE A 104 19.90 -0.66 -11.28
CA PHE A 104 19.77 0.58 -10.53
C PHE A 104 18.68 1.47 -11.15
N GLN A 105 18.63 1.50 -12.48
CA GLN A 105 17.64 2.30 -13.19
C GLN A 105 16.25 1.70 -13.04
N LEU A 106 16.14 0.41 -13.31
CA LEU A 106 14.86 -0.29 -13.20
C LEU A 106 14.32 -0.23 -11.77
N LEU A 107 15.23 -0.13 -10.81
CA LEU A 107 14.85 -0.07 -9.40
C LEU A 107 13.93 1.13 -9.14
N THR A 108 14.23 2.25 -9.78
CA THR A 108 13.43 3.46 -9.61
C THR A 108 12.10 3.33 -10.32
N GLN A 109 12.10 2.66 -11.48
CA GLN A 109 10.88 2.47 -12.25
C GLN A 109 9.92 1.52 -11.55
N GLN A 110 10.49 0.53 -10.86
CA GLN A 110 9.69 -0.46 -10.15
C GLN A 110 9.03 0.17 -8.92
N VAL A 111 9.81 0.94 -8.16
CA VAL A 111 9.30 1.59 -6.96
C VAL A 111 8.25 2.64 -7.32
N ILE A 112 8.48 3.37 -8.41
CA ILE A 112 7.56 4.40 -8.86
C ILE A 112 6.23 3.79 -9.30
N GLN A 113 6.29 2.78 -10.16
CA GLN A 113 5.11 2.12 -10.66
C GLN A 113 4.35 1.44 -9.52
N CYS A 114 5.08 0.76 -8.64
CA CYS A 114 4.47 0.07 -7.52
C CYS A 114 3.86 1.06 -6.54
N ALA A 115 4.64 2.08 -6.18
CA ALA A 115 4.17 3.10 -5.24
C ALA A 115 2.91 3.79 -5.77
N TYR A 116 2.94 4.19 -7.04
CA TYR A 116 1.80 4.86 -7.65
C TYR A 116 0.62 3.91 -7.80
N ASP A 117 0.92 2.64 -8.07
CA ASP A 117 -0.12 1.63 -8.23
C ASP A 117 -0.90 1.43 -6.93
N ILE A 118 -0.17 1.25 -5.84
CA ILE A 118 -0.79 1.06 -4.53
C ILE A 118 -1.52 2.32 -4.08
N ALA A 119 -0.95 3.47 -4.41
CA ALA A 119 -1.54 4.75 -4.04
C ALA A 119 -2.87 4.98 -4.76
N LYS A 120 -2.88 4.68 -6.06
CA LYS A 120 -4.07 4.85 -6.87
C LYS A 120 -5.18 3.90 -6.41
N ALA A 121 -4.80 2.67 -6.09
CA ALA A 121 -5.75 1.67 -5.64
C ALA A 121 -6.46 2.12 -4.36
N ALA A 122 -5.79 2.96 -3.58
CA ALA A 122 -6.35 3.46 -2.34
C ALA A 122 -7.50 4.43 -2.61
N LYS A 123 -7.39 5.17 -3.70
CA LYS A 123 -8.41 6.14 -4.07
C LYS A 123 -9.77 5.46 -4.25
N GLN A 124 -9.75 4.26 -4.82
CA GLN A 124 -10.98 3.50 -5.04
C GLN A 124 -11.52 2.94 -3.73
N LEU A 125 -10.63 2.69 -2.79
CA LEU A 125 -11.02 2.15 -1.48
C LEU A 125 -11.58 3.26 -0.59
N VAL A 126 -10.97 4.43 -0.65
CA VAL A 126 -11.42 5.57 0.15
C VAL A 126 -12.74 6.11 -0.37
N THR A 127 -12.91 6.10 -1.68
CA THR A 127 -14.13 6.60 -2.30
C THR A 127 -15.30 5.66 -2.02
N ILE A 128 -15.02 4.36 -1.94
CA ILE A 128 -16.05 3.37 -1.68
C ILE A 128 -16.62 3.52 -0.28
N THR A 129 -15.75 3.83 0.68
CA THR A 129 -16.17 4.01 2.07
C THR A 129 -17.01 5.27 2.23
N THR A 130 -16.61 6.34 1.56
CA THR A 130 -17.33 7.60 1.63
C THR A 130 -18.72 7.47 1.01
N ARG A 131 -18.78 6.92 -0.19
CA ARG A 131 -20.05 6.73 -0.89
C ARG A 131 -20.97 5.79 -0.13
N GLU A 132 -20.37 4.80 0.54
CA GLU A 132 -21.13 3.84 1.31
C GLU A 132 -22.07 4.53 2.28
N LYS A 133 -23.02 3.78 2.84
CA LYS A 133 -23.98 4.32 3.79
C LYS A 133 -23.81 3.68 5.17
N LYS A 134 -22.55 3.54 5.60
CA LYS A 134 -22.26 2.95 6.89
C LYS A 134 -21.41 3.90 7.74
N GLN A 135 -22.04 4.94 8.26
CA GLN A 135 -21.33 5.92 9.08
C GLN A 135 -22.29 6.58 10.07
N LEU A 5 -12.77 -13.68 15.71
CA LEU A 5 -13.86 -14.14 14.86
C LEU A 5 -15.20 -13.57 15.33
N ASP A 6 -15.95 -12.99 14.39
CA ASP A 6 -17.25 -12.42 14.72
C ASP A 6 -18.37 -13.27 14.14
N GLY A 7 -18.38 -13.43 12.83
CA GLY A 7 -19.41 -14.22 12.17
C GLY A 7 -19.58 -13.87 10.71
N ASP A 8 -20.81 -13.53 10.32
CA ASP A 8 -21.10 -13.17 8.95
C ASP A 8 -20.29 -11.94 8.51
N PRO A 9 -20.15 -11.75 7.20
CA PRO A 9 -19.40 -10.63 6.64
C PRO A 9 -20.11 -9.29 6.84
N ASP A 10 -19.32 -8.22 6.91
CA ASP A 10 -19.87 -6.89 7.11
C ASP A 10 -20.01 -6.14 5.78
N PRO A 11 -21.13 -5.45 5.61
CA PRO A 11 -21.41 -4.68 4.39
C PRO A 11 -20.52 -3.46 4.25
N GLY A 12 -20.43 -2.67 5.33
CA GLY A 12 -19.60 -1.47 5.31
C GLY A 12 -18.39 -1.60 6.21
N LEU A 13 -18.00 -0.50 6.83
CA LEU A 13 -16.83 -0.50 7.71
C LEU A 13 -17.25 -0.28 9.17
N PRO A 14 -16.44 -0.80 10.10
CA PRO A 14 -16.71 -0.67 11.54
C PRO A 14 -16.53 0.75 12.04
N SER A 15 -15.39 1.36 11.71
CA SER A 15 -15.10 2.72 12.12
C SER A 15 -14.80 3.61 10.92
N THR A 16 -15.60 4.66 10.74
CA THR A 16 -15.42 5.58 9.63
C THR A 16 -14.09 6.33 9.75
N GLU A 17 -13.88 6.97 10.90
CA GLU A 17 -12.66 7.73 11.13
C GLU A 17 -11.43 6.83 10.97
N ASP A 18 -11.46 5.66 11.60
CA ASP A 18 -10.36 4.73 11.53
C ASP A 18 -9.95 4.47 10.08
N VAL A 19 -10.94 4.42 9.20
CA VAL A 19 -10.69 4.19 7.78
C VAL A 19 -9.99 5.37 7.14
N ILE A 20 -10.50 6.57 7.41
CA ILE A 20 -9.92 7.80 6.86
C ILE A 20 -8.45 7.93 7.24
N LEU A 21 -8.16 7.81 8.52
CA LEU A 21 -6.79 7.91 9.02
C LEU A 21 -5.94 6.75 8.49
N LYS A 22 -6.58 5.61 8.27
CA LYS A 22 -5.88 4.44 7.76
C LYS A 22 -5.48 4.63 6.29
N THR A 23 -6.34 5.30 5.53
CA THR A 23 -6.08 5.55 4.13
C THR A 23 -5.18 6.76 3.94
N GLU A 24 -5.46 7.83 4.67
CA GLU A 24 -4.67 9.04 4.60
C GLU A 24 -3.21 8.77 4.92
N GLN A 25 -2.98 7.86 5.86
CA GLN A 25 -1.61 7.50 6.26
C GLN A 25 -0.93 6.68 5.17
N VAL A 26 -1.71 5.91 4.43
CA VAL A 26 -1.17 5.09 3.35
C VAL A 26 -0.57 5.94 2.26
N THR A 27 -1.28 7.00 1.87
CA THR A 27 -0.80 7.90 0.83
C THR A 27 0.52 8.56 1.22
N LYS A 28 0.65 8.89 2.50
CA LYS A 28 1.86 9.51 3.01
C LYS A 28 3.04 8.55 2.96
N ASN A 29 2.80 7.31 3.37
CA ASN A 29 3.84 6.28 3.37
C ASN A 29 4.37 6.04 1.97
N ILE A 30 3.49 6.16 0.98
CA ILE A 30 3.87 5.96 -0.41
C ILE A 30 4.78 7.08 -0.90
N GLN A 31 4.45 8.31 -0.50
CA GLN A 31 5.23 9.48 -0.90
C GLN A 31 6.70 9.31 -0.50
N GLU A 32 6.92 8.66 0.63
CA GLU A 32 8.27 8.44 1.13
C GLU A 32 9.09 7.61 0.15
N LEU A 33 8.42 6.65 -0.49
CA LEU A 33 9.08 5.78 -1.46
C LEU A 33 9.43 6.54 -2.73
N LEU A 34 8.53 7.43 -3.14
CA LEU A 34 8.74 8.23 -4.34
C LEU A 34 9.87 9.25 -4.14
N ARG A 35 9.80 9.98 -3.04
CA ARG A 35 10.81 10.98 -2.72
C ARG A 35 12.19 10.33 -2.58
N ALA A 36 12.22 9.13 -2.02
CA ALA A 36 13.48 8.42 -1.83
C ALA A 36 14.10 8.03 -3.17
N ALA A 37 13.24 7.79 -4.16
CA ALA A 37 13.70 7.42 -5.49
C ALA A 37 14.35 8.60 -6.21
N GLN A 38 13.65 9.73 -6.20
CA GLN A 38 14.16 10.95 -6.85
C GLN A 38 15.43 11.43 -6.17
N GLU A 39 15.65 11.00 -4.93
CA GLU A 39 16.83 11.39 -4.18
C GLU A 39 17.94 10.35 -4.32
N PHE A 40 17.72 9.37 -5.19
CA PHE A 40 18.69 8.32 -5.44
C PHE A 40 19.00 7.56 -4.15
N LYS A 41 17.96 7.04 -3.51
CA LYS A 41 18.11 6.29 -2.27
C LYS A 41 17.51 4.90 -2.39
N HIS A 42 18.28 3.98 -3.00
CA HIS A 42 17.83 2.61 -3.17
C HIS A 42 17.64 1.92 -1.83
N ASP A 43 18.54 2.20 -0.89
CA ASP A 43 18.46 1.61 0.43
C ASP A 43 17.27 2.14 1.21
N SER A 44 16.82 3.34 0.85
CA SER A 44 15.68 3.96 1.51
C SER A 44 14.38 3.24 1.15
N PHE A 45 14.45 2.40 0.12
CA PHE A 45 13.28 1.66 -0.33
C PHE A 45 12.91 0.56 0.67
N VAL A 46 13.92 -0.04 1.28
CA VAL A 46 13.71 -1.10 2.26
C VAL A 46 12.78 -0.63 3.38
N PRO A 47 13.16 0.46 4.06
CA PRO A 47 12.38 1.02 5.15
C PRO A 47 11.08 1.66 4.67
N CYS A 48 11.18 2.43 3.59
CA CYS A 48 10.01 3.10 3.02
C CYS A 48 8.95 2.09 2.60
N SER A 49 9.40 0.92 2.16
CA SER A 49 8.49 -0.14 1.72
C SER A 49 7.82 -0.81 2.92
N GLU A 50 8.56 -0.89 4.02
CA GLU A 50 8.04 -1.52 5.24
C GLU A 50 6.94 -0.66 5.86
N LYS A 51 7.21 0.64 5.98
CA LYS A 51 6.25 1.57 6.56
C LYS A 51 4.93 1.54 5.78
N ILE A 52 5.03 1.35 4.47
CA ILE A 52 3.84 1.31 3.63
C ILE A 52 3.02 0.05 3.89
N HIS A 53 3.71 -1.06 4.14
CA HIS A 53 3.05 -2.34 4.41
C HIS A 53 2.22 -2.25 5.69
N LEU A 54 2.73 -1.51 6.67
CA LEU A 54 2.05 -1.35 7.95
C LEU A 54 0.64 -0.80 7.75
N ALA A 55 0.54 0.28 6.96
CA ALA A 55 -0.75 0.90 6.68
C ALA A 55 -1.67 -0.06 5.94
N VAL A 56 -1.09 -0.86 5.04
CA VAL A 56 -1.86 -1.81 4.26
C VAL A 56 -2.42 -2.92 5.14
N THR A 57 -1.54 -3.54 5.92
CA THR A 57 -1.94 -4.62 6.82
C THR A 57 -2.84 -4.10 7.93
N GLU A 58 -2.47 -2.97 8.52
CA GLU A 58 -3.25 -2.38 9.60
C GLU A 58 -4.66 -2.05 9.13
N MET A 59 -4.78 -1.59 7.90
CA MET A 59 -6.07 -1.24 7.32
C MET A 59 -6.96 -2.48 7.19
N ALA A 60 -6.40 -3.53 6.58
CA ALA A 60 -7.14 -4.78 6.38
C ALA A 60 -7.59 -5.35 7.72
N SER A 61 -6.76 -5.21 8.74
CA SER A 61 -7.08 -5.73 10.07
C SER A 61 -8.41 -5.17 10.56
N LEU A 62 -8.67 -3.90 10.25
CA LEU A 62 -9.91 -3.25 10.66
C LEU A 62 -11.11 -3.93 10.03
N PHE A 63 -10.88 -4.66 8.94
CA PHE A 63 -11.96 -5.36 8.25
C PHE A 63 -12.14 -6.77 8.81
N PRO A 64 -13.35 -7.32 8.64
CA PRO A 64 -13.68 -8.66 9.13
C PRO A 64 -12.97 -9.76 8.35
N LYS A 65 -12.99 -10.97 8.89
CA LYS A 65 -12.34 -12.11 8.23
C LYS A 65 -12.78 -12.22 6.78
N ARG A 66 -14.00 -11.78 6.49
CA ARG A 66 -14.54 -11.83 5.14
C ARG A 66 -15.48 -10.67 4.88
N PRO A 67 -15.16 -9.86 3.86
CA PRO A 67 -15.97 -8.70 3.48
C PRO A 67 -17.31 -9.09 2.87
N ALA A 68 -18.22 -8.13 2.79
CA ALA A 68 -19.55 -8.37 2.24
C ALA A 68 -19.80 -7.48 1.02
N LEU A 69 -18.73 -7.05 0.37
CA LEU A 69 -18.84 -6.19 -0.80
C LEU A 69 -18.06 -6.77 -1.97
N GLU A 70 -18.62 -6.64 -3.18
CA GLU A 70 -17.96 -7.15 -4.38
C GLU A 70 -16.62 -6.46 -4.60
N PRO A 71 -16.64 -5.12 -4.63
CA PRO A 71 -15.44 -4.31 -4.83
C PRO A 71 -14.48 -4.37 -3.64
N VAL A 72 -15.04 -4.47 -2.44
CA VAL A 72 -14.24 -4.55 -1.23
C VAL A 72 -13.31 -5.76 -1.25
N ARG A 73 -13.80 -6.86 -1.82
CA ARG A 73 -13.01 -8.08 -1.91
C ARG A 73 -11.80 -7.88 -2.81
N SER A 74 -12.02 -7.27 -3.97
CA SER A 74 -10.95 -7.02 -4.93
C SER A 74 -10.01 -5.94 -4.41
N SER A 75 -10.58 -4.88 -3.85
CA SER A 75 -9.79 -3.78 -3.32
C SER A 75 -8.83 -4.27 -2.23
N LEU A 76 -9.31 -5.19 -1.41
CA LEU A 76 -8.49 -5.75 -0.33
C LEU A 76 -7.45 -6.73 -0.88
N ARG A 77 -7.79 -7.38 -1.99
CA ARG A 77 -6.89 -8.34 -2.61
C ARG A 77 -5.72 -7.64 -3.29
N LEU A 78 -6.00 -6.52 -3.93
CA LEU A 78 -4.98 -5.74 -4.62
C LEU A 78 -4.12 -4.97 -3.63
N LEU A 79 -4.74 -4.54 -2.53
CA LEU A 79 -4.04 -3.77 -1.51
C LEU A 79 -2.89 -4.58 -0.93
N ASN A 80 -3.17 -5.82 -0.52
CA ASN A 80 -2.15 -6.69 0.05
C ASN A 80 -1.09 -7.05 -1.00
N ALA A 81 -1.54 -7.26 -2.23
CA ALA A 81 -0.64 -7.61 -3.32
C ALA A 81 0.34 -6.47 -3.60
N SER A 82 -0.12 -5.24 -3.42
CA SER A 82 0.71 -4.07 -3.66
C SER A 82 1.92 -4.06 -2.72
N ALA A 83 1.71 -4.50 -1.49
CA ALA A 83 2.77 -4.55 -0.50
C ALA A 83 3.76 -5.68 -0.81
N TYR A 84 3.23 -6.80 -1.28
CA TYR A 84 4.06 -7.95 -1.60
C TYR A 84 4.99 -7.64 -2.77
N ARG A 85 4.44 -7.02 -3.81
CA ARG A 85 5.22 -6.67 -4.99
C ARG A 85 6.31 -5.65 -4.63
N LEU A 86 5.92 -4.62 -3.88
CA LEU A 86 6.87 -3.59 -3.46
C LEU A 86 8.01 -4.18 -2.65
N GLN A 87 7.70 -5.14 -1.81
CA GLN A 87 8.70 -5.79 -0.97
C GLN A 87 9.82 -6.38 -1.83
N SER A 88 9.45 -6.96 -2.97
CA SER A 88 10.43 -7.55 -3.87
C SER A 88 11.34 -6.49 -4.48
N GLU A 89 10.75 -5.33 -4.78
CA GLU A 89 11.51 -4.23 -5.36
C GLU A 89 12.53 -3.68 -4.36
N CYS A 90 12.07 -3.40 -3.15
CA CYS A 90 12.93 -2.87 -2.10
C CYS A 90 13.93 -3.92 -1.64
N ARG A 91 13.56 -5.18 -1.77
CA ARG A 91 14.43 -6.29 -1.38
C ARG A 91 15.70 -6.32 -2.21
N LYS A 92 15.54 -6.24 -3.52
CA LYS A 92 16.68 -6.25 -4.43
C LYS A 92 17.05 -4.83 -4.86
N THR A 93 17.70 -4.10 -3.97
CA THR A 93 18.11 -2.73 -4.26
C THR A 93 19.61 -2.65 -4.52
N VAL A 94 20.11 -1.43 -4.71
CA VAL A 94 21.53 -1.22 -4.97
C VAL A 94 22.15 -0.34 -3.89
N PRO A 95 22.19 -0.85 -2.65
CA PRO A 95 22.75 -0.12 -1.51
C PRO A 95 24.27 0.01 -1.60
N PRO A 96 24.91 -0.94 -2.31
CA PRO A 96 26.36 -0.95 -2.49
C PRO A 96 26.84 0.18 -3.39
N GLU A 97 28.08 0.07 -3.85
CA GLU A 97 28.66 1.09 -4.72
C GLU A 97 27.72 1.43 -5.88
N PRO A 98 27.88 2.63 -6.44
CA PRO A 98 27.06 3.09 -7.56
C PRO A 98 27.35 2.34 -8.85
N GLY A 99 28.46 1.62 -8.87
CA GLY A 99 28.84 0.86 -10.06
C GLY A 99 28.37 -0.58 -9.99
N ALA A 100 27.56 -0.89 -8.99
CA ALA A 100 27.03 -2.24 -8.81
C ALA A 100 26.42 -2.76 -10.12
N PRO A 101 26.26 -4.08 -10.21
CA PRO A 101 25.68 -4.74 -11.38
C PRO A 101 24.20 -4.45 -11.54
N VAL A 102 23.48 -4.41 -10.41
CA VAL A 102 22.05 -4.14 -10.42
C VAL A 102 21.74 -2.89 -11.22
N ASP A 103 20.58 -2.90 -11.88
CA ASP A 103 20.14 -1.76 -12.69
C ASP A 103 19.35 -0.77 -11.85
N PHE A 104 20.06 0.18 -11.23
CA PHE A 104 19.42 1.18 -10.40
C PHE A 104 18.28 1.87 -11.16
N GLN A 105 18.43 1.96 -12.48
CA GLN A 105 17.41 2.59 -13.31
C GLN A 105 16.11 1.81 -13.27
N LEU A 106 16.22 0.49 -13.36
CA LEU A 106 15.04 -0.38 -13.34
C LEU A 106 14.46 -0.47 -11.93
N LEU A 107 15.33 -0.45 -10.93
CA LEU A 107 14.89 -0.52 -9.53
C LEU A 107 13.97 0.63 -9.19
N THR A 108 14.39 1.86 -9.51
CA THR A 108 13.60 3.04 -9.24
C THR A 108 12.25 2.98 -9.96
N GLN A 109 12.24 2.38 -11.14
CA GLN A 109 11.02 2.25 -11.92
C GLN A 109 10.05 1.28 -11.27
N GLN A 110 10.59 0.24 -10.64
CA GLN A 110 9.77 -0.77 -9.97
C GLN A 110 9.11 -0.19 -8.73
N VAL A 111 9.90 0.54 -7.93
CA VAL A 111 9.40 1.14 -6.71
C VAL A 111 8.39 2.24 -7.02
N ILE A 112 8.66 3.01 -8.06
CA ILE A 112 7.78 4.11 -8.47
C ILE A 112 6.44 3.57 -8.98
N GLN A 113 6.51 2.61 -9.90
CA GLN A 113 5.31 2.01 -10.47
C GLN A 113 4.46 1.35 -9.37
N CYS A 114 5.11 0.59 -8.51
CA CYS A 114 4.41 -0.09 -7.43
C CYS A 114 3.76 0.91 -6.48
N ALA A 115 4.53 1.91 -6.07
CA ALA A 115 4.03 2.94 -5.17
C ALA A 115 2.86 3.70 -5.80
N TYR A 116 2.99 4.02 -7.08
CA TYR A 116 1.94 4.75 -7.80
C TYR A 116 0.69 3.88 -7.94
N ASP A 117 0.88 2.59 -8.13
CA ASP A 117 -0.23 1.66 -8.30
C ASP A 117 -1.00 1.51 -6.99
N ILE A 118 -0.28 1.29 -5.90
CA ILE A 118 -0.89 1.13 -4.59
C ILE A 118 -1.56 2.42 -4.14
N ALA A 119 -0.97 3.55 -4.51
CA ALA A 119 -1.52 4.86 -4.14
C ALA A 119 -2.85 5.10 -4.84
N LYS A 120 -2.90 4.78 -6.13
CA LYS A 120 -4.11 4.98 -6.93
C LYS A 120 -5.17 3.93 -6.56
N ALA A 121 -4.72 2.73 -6.23
CA ALA A 121 -5.63 1.65 -5.86
C ALA A 121 -6.39 1.99 -4.59
N ALA A 122 -5.80 2.84 -3.76
CA ALA A 122 -6.44 3.25 -2.51
C ALA A 122 -7.58 4.23 -2.77
N LYS A 123 -7.49 4.95 -3.87
CA LYS A 123 -8.51 5.93 -4.24
C LYS A 123 -9.88 5.25 -4.38
N GLN A 124 -9.88 4.04 -4.92
CA GLN A 124 -11.12 3.29 -5.10
C GLN A 124 -11.65 2.78 -3.77
N LEU A 125 -10.74 2.55 -2.83
CA LEU A 125 -11.11 2.05 -1.50
C LEU A 125 -11.66 3.18 -0.64
N VAL A 126 -11.03 4.35 -0.74
CA VAL A 126 -11.45 5.51 0.04
C VAL A 126 -12.79 6.06 -0.48
N THR A 127 -12.98 6.02 -1.79
CA THR A 127 -14.20 6.51 -2.41
C THR A 127 -15.38 5.60 -2.08
N ILE A 128 -15.10 4.31 -1.93
CA ILE A 128 -16.15 3.34 -1.62
C ILE A 128 -16.72 3.58 -0.23
N THR A 129 -15.85 3.93 0.71
CA THR A 129 -16.26 4.19 2.09
C THR A 129 -17.11 5.46 2.17
N THR A 130 -16.67 6.50 1.47
CA THR A 130 -17.39 7.77 1.46
C THR A 130 -18.76 7.63 0.81
N ARG A 131 -18.79 7.02 -0.37
CA ARG A 131 -20.03 6.83 -1.10
C ARG A 131 -20.90 5.77 -0.42
N GLU A 132 -20.26 4.89 0.34
CA GLU A 132 -20.99 3.83 1.05
C GLU A 132 -22.13 4.41 1.87
N LYS A 133 -23.00 3.54 2.36
CA LYS A 133 -24.14 3.96 3.17
C LYS A 133 -23.80 3.88 4.66
N LYS A 134 -22.69 4.47 5.04
CA LYS A 134 -22.25 4.48 6.43
C LYS A 134 -21.08 5.43 6.64
N GLN A 135 -21.36 6.62 7.14
CA GLN A 135 -20.33 7.62 7.39
C GLN A 135 -20.41 8.14 8.82
N LEU A 5 -12.43 -15.53 13.86
CA LEU A 5 -13.76 -15.62 13.28
C LEU A 5 -14.76 -14.80 14.07
N ASP A 6 -15.86 -14.43 13.42
CA ASP A 6 -16.90 -13.63 14.07
C ASP A 6 -18.28 -14.10 13.63
N GLY A 7 -18.64 -13.81 12.39
CA GLY A 7 -19.94 -14.19 11.87
C GLY A 7 -20.12 -13.82 10.41
N ASP A 8 -21.37 -13.57 10.02
CA ASP A 8 -21.67 -13.19 8.65
C ASP A 8 -20.81 -12.02 8.19
N PRO A 9 -20.70 -11.85 6.87
CA PRO A 9 -19.90 -10.76 6.28
C PRO A 9 -20.51 -9.39 6.51
N ASP A 10 -19.67 -8.37 6.56
CA ASP A 10 -20.13 -7.01 6.77
C ASP A 10 -20.29 -6.27 5.44
N PRO A 11 -21.40 -5.53 5.30
CA PRO A 11 -21.70 -4.76 4.09
C PRO A 11 -20.76 -3.58 3.90
N GLY A 12 -20.61 -2.78 4.96
CA GLY A 12 -19.75 -1.62 4.90
C GLY A 12 -18.52 -1.77 5.77
N LEU A 13 -18.05 -0.66 6.34
CA LEU A 13 -16.87 -0.67 7.19
C LEU A 13 -17.27 -0.55 8.66
N PRO A 14 -16.42 -1.10 9.55
CA PRO A 14 -16.66 -1.06 11.00
C PRO A 14 -16.50 0.35 11.57
N SER A 15 -15.38 0.98 11.26
CA SER A 15 -15.11 2.33 11.75
C SER A 15 -14.82 3.28 10.60
N THR A 16 -15.63 4.33 10.49
CA THR A 16 -15.47 5.31 9.42
C THR A 16 -14.16 6.08 9.58
N GLU A 17 -13.96 6.65 10.76
CA GLU A 17 -12.74 7.41 11.04
C GLU A 17 -11.50 6.55 10.85
N ASP A 18 -11.52 5.35 11.44
CA ASP A 18 -10.40 4.43 11.32
C ASP A 18 -9.99 4.23 9.86
N VAL A 19 -10.97 4.22 8.98
CA VAL A 19 -10.72 4.05 7.55
C VAL A 19 -10.01 5.26 6.96
N ILE A 20 -10.52 6.44 7.28
CA ILE A 20 -9.94 7.68 6.80
C ILE A 20 -8.47 7.80 7.19
N LEU A 21 -8.21 7.65 8.49
CA LEU A 21 -6.84 7.73 9.00
C LEU A 21 -5.98 6.60 8.44
N LYS A 22 -6.61 5.47 8.18
CA LYS A 22 -5.90 4.32 7.64
C LYS A 22 -5.47 4.56 6.19
N THR A 23 -6.32 5.25 5.44
CA THR A 23 -6.03 5.56 4.05
C THR A 23 -5.12 6.77 3.92
N GLU A 24 -5.42 7.81 4.70
CA GLU A 24 -4.63 9.03 4.68
C GLU A 24 -3.17 8.74 5.01
N GLN A 25 -2.96 7.80 5.93
CA GLN A 25 -1.60 7.43 6.33
C GLN A 25 -0.90 6.65 5.23
N VAL A 26 -1.68 5.91 4.45
CA VAL A 26 -1.12 5.12 3.35
C VAL A 26 -0.49 6.01 2.29
N THR A 27 -1.20 7.05 1.90
CA THR A 27 -0.71 7.99 0.90
C THR A 27 0.61 8.62 1.33
N LYS A 28 0.74 8.88 2.63
CA LYS A 28 1.94 9.48 3.18
C LYS A 28 3.12 8.52 3.09
N ASN A 29 2.87 7.26 3.44
CA ASN A 29 3.91 6.24 3.41
C ASN A 29 4.44 6.06 1.99
N ILE A 30 3.55 6.16 1.02
CA ILE A 30 3.92 6.00 -0.38
C ILE A 30 4.83 7.13 -0.84
N GLN A 31 4.53 8.34 -0.39
CA GLN A 31 5.33 9.52 -0.75
C GLN A 31 6.79 9.32 -0.37
N GLU A 32 7.02 8.61 0.73
CA GLU A 32 8.38 8.34 1.19
C GLU A 32 9.17 7.54 0.16
N LEU A 33 8.50 6.59 -0.48
CA LEU A 33 9.13 5.75 -1.49
C LEU A 33 9.42 6.55 -2.76
N LEU A 34 8.49 7.43 -3.12
CA LEU A 34 8.63 8.26 -4.31
C LEU A 34 9.73 9.31 -4.10
N ARG A 35 9.66 10.02 -2.99
CA ARG A 35 10.65 11.04 -2.67
C ARG A 35 12.05 10.45 -2.56
N ALA A 36 12.12 9.24 -2.01
CA ALA A 36 13.40 8.55 -1.85
C ALA A 36 13.96 8.11 -3.20
N ALA A 37 13.06 7.84 -4.15
CA ALA A 37 13.47 7.41 -5.48
C ALA A 37 14.11 8.56 -6.25
N GLN A 38 13.44 9.71 -6.27
CA GLN A 38 13.93 10.87 -6.98
C GLN A 38 15.20 11.42 -6.31
N GLU A 39 15.32 11.19 -5.01
CA GLU A 39 16.48 11.66 -4.25
C GLU A 39 17.59 10.61 -4.26
N PHE A 40 17.42 9.58 -5.08
CA PHE A 40 18.40 8.51 -5.18
C PHE A 40 18.76 7.97 -3.80
N LYS A 41 17.81 7.28 -3.18
CA LYS A 41 18.02 6.70 -1.86
C LYS A 41 17.66 5.21 -1.84
N HIS A 42 18.53 4.40 -2.40
CA HIS A 42 18.31 2.95 -2.45
C HIS A 42 18.21 2.37 -1.05
N ASP A 43 18.99 2.92 -0.13
CA ASP A 43 18.99 2.45 1.26
C ASP A 43 17.70 2.86 1.96
N SER A 44 17.03 3.89 1.44
CA SER A 44 15.80 4.38 2.03
C SER A 44 14.60 3.59 1.50
N PHE A 45 14.84 2.77 0.48
CA PHE A 45 13.79 1.96 -0.12
C PHE A 45 13.37 0.83 0.82
N VAL A 46 14.31 0.35 1.62
CA VAL A 46 14.05 -0.73 2.56
C VAL A 46 12.99 -0.31 3.59
N PRO A 47 13.27 0.80 4.29
CA PRO A 47 12.35 1.32 5.31
C PRO A 47 11.08 1.90 4.70
N CYS A 48 11.22 2.63 3.60
CA CYS A 48 10.08 3.23 2.93
C CYS A 48 9.07 2.18 2.52
N SER A 49 9.56 1.00 2.14
CA SER A 49 8.69 -0.10 1.73
C SER A 49 8.02 -0.75 2.93
N GLU A 50 8.73 -0.77 4.05
CA GLU A 50 8.21 -1.36 5.28
C GLU A 50 7.08 -0.51 5.85
N LYS A 51 7.31 0.78 5.94
CA LYS A 51 6.32 1.72 6.48
C LYS A 51 5.03 1.64 5.68
N ILE A 52 5.15 1.46 4.37
CA ILE A 52 3.98 1.37 3.49
C ILE A 52 3.19 0.10 3.77
N HIS A 53 3.90 -0.99 4.06
CA HIS A 53 3.26 -2.27 4.35
C HIS A 53 2.41 -2.17 5.62
N LEU A 54 2.88 -1.42 6.59
CA LEU A 54 2.17 -1.25 7.85
C LEU A 54 0.77 -0.70 7.60
N ALA A 55 0.68 0.34 6.79
CA ALA A 55 -0.61 0.95 6.47
C ALA A 55 -1.51 -0.02 5.74
N VAL A 56 -0.92 -0.85 4.88
CA VAL A 56 -1.68 -1.83 4.12
C VAL A 56 -2.25 -2.92 5.03
N THR A 57 -1.39 -3.51 5.85
CA THR A 57 -1.81 -4.55 6.77
C THR A 57 -2.73 -4.00 7.85
N GLU A 58 -2.37 -2.85 8.39
CA GLU A 58 -3.16 -2.21 9.44
C GLU A 58 -4.57 -1.89 8.93
N MET A 59 -4.65 -1.35 7.73
CA MET A 59 -5.93 -0.99 7.13
C MET A 59 -6.77 -2.24 6.87
N ALA A 60 -6.17 -3.24 6.24
CA ALA A 60 -6.86 -4.49 5.93
C ALA A 60 -7.31 -5.19 7.20
N SER A 61 -6.48 -5.09 8.25
CA SER A 61 -6.79 -5.73 9.52
C SER A 61 -8.15 -5.26 10.05
N LEU A 62 -8.45 -3.98 9.83
CA LEU A 62 -9.71 -3.41 10.27
C LEU A 62 -10.89 -4.07 9.57
N PHE A 63 -10.63 -4.65 8.41
CA PHE A 63 -11.67 -5.33 7.64
C PHE A 63 -11.86 -6.77 8.10
N PRO A 64 -13.09 -7.28 7.99
CA PRO A 64 -13.42 -8.65 8.39
C PRO A 64 -12.80 -9.69 7.46
N LYS A 65 -12.58 -10.89 8.00
CA LYS A 65 -12.00 -11.98 7.22
C LYS A 65 -12.88 -12.34 6.04
N ARG A 66 -14.15 -11.91 6.09
CA ARG A 66 -15.09 -12.19 5.01
C ARG A 66 -15.96 -10.97 4.73
N PRO A 67 -15.48 -10.09 3.84
CA PRO A 67 -16.21 -8.88 3.45
C PRO A 67 -17.46 -9.17 2.64
N ALA A 68 -18.41 -8.25 2.66
CA ALA A 68 -19.65 -8.41 1.92
C ALA A 68 -19.75 -7.42 0.76
N LEU A 69 -18.59 -6.92 0.32
CA LEU A 69 -18.53 -5.97 -0.77
C LEU A 69 -17.74 -6.55 -1.95
N GLU A 70 -18.27 -6.36 -3.16
CA GLU A 70 -17.61 -6.86 -4.36
C GLU A 70 -16.25 -6.21 -4.54
N PRO A 71 -16.21 -4.86 -4.48
CA PRO A 71 -14.97 -4.10 -4.64
C PRO A 71 -14.03 -4.27 -3.45
N VAL A 72 -14.61 -4.55 -2.28
CA VAL A 72 -13.81 -4.75 -1.07
C VAL A 72 -12.98 -6.03 -1.15
N ARG A 73 -13.56 -7.07 -1.74
CA ARG A 73 -12.87 -8.34 -1.88
C ARG A 73 -11.68 -8.21 -2.83
N SER A 74 -11.88 -7.51 -3.94
CA SER A 74 -10.82 -7.33 -4.93
C SER A 74 -9.80 -6.29 -4.43
N SER A 75 -10.31 -5.23 -3.82
CA SER A 75 -9.45 -4.16 -3.31
C SER A 75 -8.46 -4.70 -2.29
N LEU A 76 -8.89 -5.74 -1.55
CA LEU A 76 -8.04 -6.35 -0.54
C LEU A 76 -6.97 -7.23 -1.18
N ARG A 77 -7.27 -7.76 -2.36
CA ARG A 77 -6.33 -8.61 -3.08
C ARG A 77 -5.19 -7.80 -3.67
N LEU A 78 -5.52 -6.62 -4.20
CA LEU A 78 -4.52 -5.74 -4.79
C LEU A 78 -3.70 -5.04 -3.71
N LEU A 79 -4.35 -4.75 -2.58
CA LEU A 79 -3.68 -4.08 -1.47
C LEU A 79 -2.59 -4.97 -0.86
N ASN A 80 -2.97 -6.21 -0.54
CA ASN A 80 -2.03 -7.16 0.05
C ASN A 80 -0.90 -7.47 -0.93
N ALA A 81 -1.25 -7.69 -2.19
CA ALA A 81 -0.27 -8.00 -3.22
C ALA A 81 0.64 -6.80 -3.49
N SER A 82 0.07 -5.60 -3.38
CA SER A 82 0.83 -4.38 -3.61
C SER A 82 1.97 -4.25 -2.62
N ALA A 83 1.67 -4.45 -1.34
CA ALA A 83 2.68 -4.37 -0.29
C ALA A 83 3.71 -5.48 -0.42
N TYR A 84 3.28 -6.62 -0.96
CA TYR A 84 4.17 -7.76 -1.14
C TYR A 84 5.14 -7.52 -2.28
N ARG A 85 4.67 -6.85 -3.32
CA ARG A 85 5.51 -6.56 -4.48
C ARG A 85 6.54 -5.48 -4.15
N LEU A 86 6.08 -4.42 -3.49
CA LEU A 86 6.97 -3.32 -3.11
C LEU A 86 8.09 -3.82 -2.20
N GLN A 87 7.76 -4.72 -1.30
CA GLN A 87 8.74 -5.28 -0.37
C GLN A 87 9.81 -6.07 -1.11
N SER A 88 9.35 -6.94 -2.02
CA SER A 88 10.27 -7.77 -2.80
C SER A 88 11.12 -6.91 -3.74
N GLU A 89 10.49 -5.88 -4.30
CA GLU A 89 11.18 -4.98 -5.23
C GLU A 89 12.23 -4.14 -4.48
N CYS A 90 11.82 -3.53 -3.38
CA CYS A 90 12.72 -2.70 -2.58
C CYS A 90 13.77 -3.55 -1.89
N ARG A 91 13.39 -4.78 -1.53
CA ARG A 91 14.31 -5.69 -0.86
C ARG A 91 15.60 -5.85 -1.66
N LYS A 92 15.48 -5.86 -2.98
CA LYS A 92 16.64 -6.00 -3.86
C LYS A 92 17.07 -4.65 -4.42
N THR A 93 17.62 -3.80 -3.54
CA THR A 93 18.07 -2.48 -3.95
C THR A 93 19.56 -2.49 -4.27
N VAL A 94 20.09 -1.32 -4.62
CA VAL A 94 21.50 -1.19 -4.95
C VAL A 94 22.21 -0.22 -3.99
N PRO A 95 22.27 -0.62 -2.71
CA PRO A 95 22.92 0.20 -1.67
C PRO A 95 24.43 0.26 -1.84
N PRO A 96 25.00 -0.79 -2.47
CA PRO A 96 26.45 -0.88 -2.71
C PRO A 96 26.93 0.13 -3.74
N GLU A 97 28.14 -0.08 -4.24
CA GLU A 97 28.72 0.82 -5.23
C GLU A 97 27.74 1.09 -6.37
N PRO A 98 27.91 2.23 -7.05
CA PRO A 98 27.05 2.63 -8.16
C PRO A 98 27.26 1.75 -9.40
N GLY A 99 28.38 1.03 -9.43
CA GLY A 99 28.67 0.17 -10.56
C GLY A 99 28.15 -1.24 -10.35
N ALA A 100 27.36 -1.43 -9.30
CA ALA A 100 26.80 -2.74 -8.99
C ALA A 100 26.10 -3.34 -10.20
N PRO A 101 25.88 -4.65 -10.18
CA PRO A 101 25.22 -5.37 -11.28
C PRO A 101 23.74 -5.03 -11.38
N VAL A 102 23.09 -4.85 -10.24
CA VAL A 102 21.67 -4.52 -10.20
C VAL A 102 21.36 -3.33 -11.11
N ASP A 103 20.17 -3.33 -11.68
CA ASP A 103 19.75 -2.26 -12.56
C ASP A 103 19.00 -1.17 -11.79
N PHE A 104 19.75 -0.25 -11.19
CA PHE A 104 19.17 0.84 -10.43
C PHE A 104 18.10 1.57 -11.24
N GLN A 105 18.22 1.50 -12.56
CA GLN A 105 17.27 2.15 -13.45
C GLN A 105 15.90 1.48 -13.37
N LEU A 106 15.90 0.15 -13.38
CA LEU A 106 14.65 -0.61 -13.31
C LEU A 106 14.07 -0.56 -11.90
N LEU A 107 14.93 -0.40 -10.91
CA LEU A 107 14.49 -0.32 -9.52
C LEU A 107 13.51 0.82 -9.31
N THR A 108 13.90 2.01 -9.76
CA THR A 108 13.06 3.19 -9.62
C THR A 108 11.72 3.00 -10.33
N GLN A 109 11.76 2.33 -11.48
CA GLN A 109 10.54 2.08 -12.25
C GLN A 109 9.64 1.09 -11.51
N GLN A 110 10.24 0.14 -10.83
CA GLN A 110 9.47 -0.87 -10.09
C GLN A 110 8.79 -0.25 -8.88
N VAL A 111 9.53 0.57 -8.13
CA VAL A 111 8.98 1.23 -6.96
C VAL A 111 7.92 2.25 -7.33
N ILE A 112 8.15 2.97 -8.43
CA ILE A 112 7.21 3.97 -8.89
C ILE A 112 5.88 3.34 -9.29
N GLN A 113 5.95 2.26 -10.07
CA GLN A 113 4.74 1.56 -10.51
C GLN A 113 3.97 1.00 -9.31
N CYS A 114 4.70 0.40 -8.38
CA CYS A 114 4.08 -0.19 -7.19
C CYS A 114 3.48 0.90 -6.30
N ALA A 115 4.26 1.94 -6.05
CA ALA A 115 3.81 3.05 -5.22
C ALA A 115 2.62 3.76 -5.85
N TYR A 116 2.69 3.98 -7.16
CA TYR A 116 1.62 4.65 -7.88
C TYR A 116 0.36 3.80 -7.91
N ASP A 117 0.54 2.49 -8.00
CA ASP A 117 -0.59 1.56 -8.04
C ASP A 117 -1.27 1.48 -6.68
N ILE A 118 -0.48 1.33 -5.63
CA ILE A 118 -1.00 1.25 -4.27
C ILE A 118 -1.63 2.56 -3.85
N ALA A 119 -1.04 3.67 -4.31
CA ALA A 119 -1.54 4.99 -3.97
C ALA A 119 -2.89 5.25 -4.63
N LYS A 120 -3.01 4.89 -5.90
CA LYS A 120 -4.26 5.08 -6.64
C LYS A 120 -5.30 4.05 -6.21
N ALA A 121 -4.85 2.86 -5.90
CA ALA A 121 -5.75 1.79 -5.46
C ALA A 121 -6.51 2.18 -4.20
N ALA A 122 -5.90 3.05 -3.40
CA ALA A 122 -6.51 3.50 -2.16
C ALA A 122 -7.65 4.48 -2.44
N LYS A 123 -7.52 5.23 -3.52
CA LYS A 123 -8.54 6.21 -3.90
C LYS A 123 -9.89 5.53 -4.11
N GLN A 124 -9.86 4.34 -4.69
CA GLN A 124 -11.09 3.58 -4.95
C GLN A 124 -11.66 3.02 -3.64
N LEU A 125 -10.77 2.76 -2.68
CA LEU A 125 -11.19 2.22 -1.39
C LEU A 125 -11.78 3.30 -0.51
N VAL A 126 -11.16 4.49 -0.55
CA VAL A 126 -11.61 5.62 0.26
C VAL A 126 -12.93 6.17 -0.28
N THR A 127 -13.07 6.17 -1.60
CA THR A 127 -14.28 6.67 -2.24
C THR A 127 -15.46 5.74 -1.99
N ILE A 128 -15.18 4.45 -1.91
CA ILE A 128 -16.22 3.46 -1.68
C ILE A 128 -16.82 3.60 -0.28
N THR A 129 -15.97 3.89 0.69
CA THR A 129 -16.40 4.06 2.07
C THR A 129 -17.23 5.33 2.24
N THR A 130 -16.79 6.40 1.58
CA THR A 130 -17.49 7.67 1.65
C THR A 130 -18.87 7.58 1.01
N ARG A 131 -18.93 6.98 -0.17
CA ARG A 131 -20.18 6.84 -0.90
C ARG A 131 -21.11 5.86 -0.18
N GLU A 132 -20.53 5.01 0.67
CA GLU A 132 -21.31 4.04 1.43
C GLU A 132 -22.15 4.72 2.49
N LYS A 133 -21.64 5.82 3.04
CA LYS A 133 -22.34 6.56 4.07
C LYS A 133 -22.48 5.73 5.34
N LYS A 134 -21.43 5.00 5.69
CA LYS A 134 -21.43 4.17 6.89
C LYS A 134 -20.92 4.94 8.10
N GLN A 135 -21.44 6.16 8.28
CA GLN A 135 -21.03 7.00 9.39
C GLN A 135 -22.00 6.84 10.57
N LEU A 5 -13.55 -12.74 16.23
CA LEU A 5 -14.77 -13.47 15.88
C LEU A 5 -15.98 -12.56 15.90
N ASP A 6 -16.95 -12.85 15.02
CA ASP A 6 -18.16 -12.05 14.94
C ASP A 6 -19.30 -12.87 14.34
N GLY A 7 -19.25 -13.09 13.03
CA GLY A 7 -20.28 -13.86 12.37
C GLY A 7 -20.64 -13.30 11.01
N ASP A 8 -20.33 -14.06 9.96
CA ASP A 8 -20.61 -13.63 8.59
C ASP A 8 -19.83 -12.37 8.24
N PRO A 9 -19.69 -12.10 6.94
CA PRO A 9 -18.97 -10.93 6.45
C PRO A 9 -19.71 -9.63 6.73
N ASP A 10 -18.97 -8.53 6.86
CA ASP A 10 -19.56 -7.24 7.13
C ASP A 10 -19.72 -6.43 5.83
N PRO A 11 -20.88 -5.77 5.69
CA PRO A 11 -21.18 -4.96 4.50
C PRO A 11 -20.33 -3.69 4.44
N GLY A 12 -20.29 -2.96 5.55
CA GLY A 12 -19.51 -1.73 5.59
C GLY A 12 -18.22 -1.89 6.38
N LEU A 13 -17.95 -0.93 7.26
CA LEU A 13 -16.73 -0.96 8.07
C LEU A 13 -17.07 -0.76 9.54
N PRO A 14 -16.18 -1.25 10.43
CA PRO A 14 -16.36 -1.12 11.88
C PRO A 14 -16.18 0.31 12.36
N SER A 15 -15.06 0.92 11.98
CA SER A 15 -14.77 2.29 12.37
C SER A 15 -14.53 3.17 11.15
N THR A 16 -15.34 4.21 10.99
CA THR A 16 -15.22 5.12 9.87
C THR A 16 -13.92 5.91 9.95
N GLU A 17 -13.69 6.56 11.08
CA GLU A 17 -12.48 7.35 11.28
C GLU A 17 -11.24 6.49 11.08
N ASP A 18 -11.21 5.33 11.73
CA ASP A 18 -10.09 4.41 11.62
C ASP A 18 -9.72 4.17 10.17
N VAL A 19 -10.72 4.09 9.31
CA VAL A 19 -10.51 3.86 7.89
C VAL A 19 -9.85 5.07 7.23
N ILE A 20 -10.40 6.25 7.51
CA ILE A 20 -9.88 7.49 6.94
C ILE A 20 -8.40 7.66 7.27
N LEU A 21 -8.06 7.56 8.55
CA LEU A 21 -6.68 7.70 9.00
C LEU A 21 -5.81 6.59 8.42
N LYS A 22 -6.40 5.42 8.20
CA LYS A 22 -5.69 4.29 7.65
C LYS A 22 -5.34 4.52 6.19
N THR A 23 -6.24 5.17 5.47
CA THR A 23 -6.03 5.46 4.05
C THR A 23 -5.16 6.70 3.87
N GLU A 24 -5.45 7.75 4.64
CA GLU A 24 -4.70 8.99 4.57
C GLU A 24 -3.21 8.75 4.83
N GLN A 25 -2.92 7.82 5.75
CA GLN A 25 -1.55 7.50 6.10
C GLN A 25 -0.87 6.72 4.97
N VAL A 26 -1.66 5.95 4.23
CA VAL A 26 -1.13 5.16 3.12
C VAL A 26 -0.56 6.05 2.03
N THR A 27 -1.30 7.10 1.68
CA THR A 27 -0.86 8.03 0.65
C THR A 27 0.45 8.70 1.04
N LYS A 28 0.59 9.02 2.32
CA LYS A 28 1.80 9.65 2.83
C LYS A 28 3.00 8.72 2.74
N ASN A 29 2.78 7.46 3.13
CA ASN A 29 3.84 6.46 3.11
C ASN A 29 4.35 6.25 1.69
N ILE A 30 3.46 6.36 0.71
CA ILE A 30 3.82 6.19 -0.69
C ILE A 30 4.71 7.34 -1.17
N GLN A 31 4.41 8.54 -0.70
CA GLN A 31 5.18 9.72 -1.09
C GLN A 31 6.63 9.58 -0.66
N GLU A 32 6.85 8.93 0.48
CA GLU A 32 8.21 8.73 0.99
C GLU A 32 9.05 7.93 0.01
N LEU A 33 8.42 6.95 -0.64
CA LEU A 33 9.13 6.11 -1.61
C LEU A 33 9.45 6.90 -2.88
N LEU A 34 8.53 7.77 -3.28
CA LEU A 34 8.73 8.59 -4.47
C LEU A 34 9.87 9.58 -4.27
N ARG A 35 9.83 10.30 -3.16
CA ARG A 35 10.86 11.28 -2.84
C ARG A 35 12.23 10.61 -2.73
N ALA A 36 12.26 9.42 -2.17
CA ALA A 36 13.51 8.67 -2.01
C ALA A 36 14.10 8.29 -3.35
N ALA A 37 13.22 8.02 -4.33
CA ALA A 37 13.65 7.64 -5.66
C ALA A 37 14.29 8.82 -6.39
N GLN A 38 13.59 9.95 -6.37
CA GLN A 38 14.09 11.16 -7.04
C GLN A 38 15.36 11.66 -6.37
N GLU A 39 15.54 11.32 -5.10
CA GLU A 39 16.72 11.75 -4.35
C GLU A 39 17.77 10.64 -4.33
N PHE A 40 17.53 9.58 -5.11
CA PHE A 40 18.46 8.46 -5.18
C PHE A 40 18.79 7.95 -3.78
N LYS A 41 17.84 7.25 -3.17
CA LYS A 41 18.04 6.69 -1.84
C LYS A 41 17.65 5.23 -1.79
N HIS A 42 18.41 4.39 -2.49
CA HIS A 42 18.15 2.96 -2.53
C HIS A 42 18.10 2.37 -1.12
N ASP A 43 18.91 2.94 -0.23
CA ASP A 43 18.97 2.47 1.15
C ASP A 43 17.70 2.86 1.91
N SER A 44 17.01 3.88 1.41
CA SER A 44 15.79 4.35 2.04
C SER A 44 14.57 3.63 1.47
N PHE A 45 14.80 2.82 0.44
CA PHE A 45 13.73 2.08 -0.19
C PHE A 45 13.23 0.94 0.70
N VAL A 46 14.15 0.40 1.50
CA VAL A 46 13.81 -0.70 2.41
C VAL A 46 12.76 -0.26 3.42
N PRO A 47 13.05 0.82 4.16
CA PRO A 47 12.13 1.35 5.18
C PRO A 47 10.90 1.99 4.55
N CYS A 48 11.11 2.78 3.51
CA CYS A 48 10.01 3.45 2.82
C CYS A 48 8.99 2.44 2.30
N SER A 49 9.49 1.32 1.78
CA SER A 49 8.62 0.28 1.24
C SER A 49 7.95 -0.50 2.36
N GLU A 50 8.65 -0.64 3.49
CA GLU A 50 8.13 -1.37 4.63
C GLU A 50 7.00 -0.58 5.30
N LYS A 51 7.23 0.71 5.53
CA LYS A 51 6.24 1.57 6.16
C LYS A 51 4.94 1.58 5.36
N ILE A 52 5.05 1.46 4.05
CA ILE A 52 3.89 1.44 3.18
C ILE A 52 3.06 0.18 3.38
N HIS A 53 3.75 -0.94 3.60
CA HIS A 53 3.08 -2.22 3.81
C HIS A 53 2.28 -2.19 5.12
N LEU A 54 2.82 -1.54 6.13
CA LEU A 54 2.15 -1.45 7.43
C LEU A 54 0.77 -0.82 7.29
N ALA A 55 0.68 0.26 6.53
CA ALA A 55 -0.59 0.94 6.31
C ALA A 55 -1.57 0.04 5.58
N VAL A 56 -1.06 -0.77 4.65
CA VAL A 56 -1.90 -1.68 3.89
C VAL A 56 -2.43 -2.81 4.76
N THR A 57 -1.53 -3.47 5.49
CA THR A 57 -1.91 -4.57 6.36
C THR A 57 -2.76 -4.08 7.52
N GLU A 58 -2.37 -2.94 8.10
CA GLU A 58 -3.10 -2.37 9.23
C GLU A 58 -4.55 -2.07 8.83
N MET A 59 -4.74 -1.58 7.61
CA MET A 59 -6.07 -1.26 7.11
C MET A 59 -6.93 -2.52 7.00
N ALA A 60 -6.38 -3.55 6.35
CA ALA A 60 -7.10 -4.80 6.17
C ALA A 60 -7.41 -5.45 7.51
N SER A 61 -6.50 -5.32 8.47
CA SER A 61 -6.67 -5.89 9.80
C SER A 61 -7.97 -5.41 10.43
N LEU A 62 -8.33 -4.15 10.16
CA LEU A 62 -9.55 -3.57 10.69
C LEU A 62 -10.78 -4.27 10.12
N PHE A 63 -10.61 -4.91 8.97
CA PHE A 63 -11.70 -5.62 8.32
C PHE A 63 -11.83 -7.04 8.85
N PRO A 64 -13.02 -7.64 8.67
CA PRO A 64 -13.30 -8.99 9.13
C PRO A 64 -12.55 -10.05 8.30
N LYS A 65 -12.56 -11.28 8.78
CA LYS A 65 -11.87 -12.37 8.08
C LYS A 65 -12.31 -12.44 6.63
N ARG A 66 -13.50 -11.94 6.34
CA ARG A 66 -14.03 -11.95 4.98
C ARG A 66 -15.01 -10.80 4.77
N PRO A 67 -14.70 -9.93 3.80
CA PRO A 67 -15.54 -8.77 3.48
C PRO A 67 -16.86 -9.17 2.84
N ALA A 68 -17.80 -8.23 2.78
CA ALA A 68 -19.10 -8.48 2.18
C ALA A 68 -19.37 -7.53 1.02
N LEU A 69 -18.30 -7.02 0.42
CA LEU A 69 -18.42 -6.10 -0.71
C LEU A 69 -17.68 -6.64 -1.92
N GLU A 70 -18.30 -6.49 -3.10
CA GLU A 70 -17.70 -6.95 -4.34
C GLU A 70 -16.37 -6.25 -4.60
N PRO A 71 -16.38 -4.91 -4.55
CA PRO A 71 -15.19 -4.09 -4.77
C PRO A 71 -14.18 -4.22 -3.65
N VAL A 72 -14.67 -4.48 -2.45
CA VAL A 72 -13.80 -4.62 -1.28
C VAL A 72 -12.93 -5.87 -1.39
N ARG A 73 -13.51 -6.93 -1.93
CA ARG A 73 -12.79 -8.20 -2.10
C ARG A 73 -11.64 -8.03 -3.09
N SER A 74 -11.93 -7.39 -4.22
CA SER A 74 -10.92 -7.18 -5.25
C SER A 74 -9.93 -6.12 -4.83
N SER A 75 -10.43 -5.04 -4.22
CA SER A 75 -9.59 -3.94 -3.76
C SER A 75 -8.56 -4.43 -2.76
N LEU A 76 -8.91 -5.49 -2.02
CA LEU A 76 -8.02 -6.05 -1.02
C LEU A 76 -6.91 -6.87 -1.68
N ARG A 77 -7.20 -7.41 -2.86
CA ARG A 77 -6.22 -8.21 -3.60
C ARG A 77 -5.14 -7.32 -4.19
N LEU A 78 -5.53 -6.17 -4.71
CA LEU A 78 -4.59 -5.23 -5.32
C LEU A 78 -3.81 -4.48 -4.24
N LEU A 79 -4.46 -4.24 -3.11
CA LEU A 79 -3.81 -3.53 -2.01
C LEU A 79 -2.70 -4.37 -1.40
N ASN A 80 -3.01 -5.61 -1.07
CA ASN A 80 -2.03 -6.52 -0.48
C ASN A 80 -0.90 -6.80 -1.46
N ALA A 81 -1.26 -7.09 -2.70
CA ALA A 81 -0.27 -7.38 -3.74
C ALA A 81 0.63 -6.17 -4.00
N SER A 82 0.05 -4.98 -3.87
CA SER A 82 0.80 -3.75 -4.09
C SER A 82 1.95 -3.62 -3.09
N ALA A 83 1.65 -3.84 -1.82
CA ALA A 83 2.65 -3.76 -0.77
C ALA A 83 3.61 -4.94 -0.83
N TYR A 84 3.08 -6.11 -1.21
CA TYR A 84 3.88 -7.32 -1.29
C TYR A 84 4.91 -7.20 -2.40
N ARG A 85 4.51 -6.60 -3.51
CA ARG A 85 5.41 -6.42 -4.65
C ARG A 85 6.48 -5.38 -4.34
N LEU A 86 6.07 -4.26 -3.76
CA LEU A 86 6.99 -3.18 -3.41
C LEU A 86 8.05 -3.67 -2.42
N GLN A 87 7.62 -4.41 -1.41
CA GLN A 87 8.53 -4.95 -0.41
C GLN A 87 9.50 -5.94 -1.03
N SER A 88 8.98 -6.83 -1.87
CA SER A 88 9.82 -7.84 -2.51
C SER A 88 10.79 -7.19 -3.49
N GLU A 89 10.31 -6.19 -4.22
CA GLU A 89 11.14 -5.48 -5.19
C GLU A 89 12.21 -4.65 -4.49
N CYS A 90 11.78 -3.87 -3.51
CA CYS A 90 12.70 -3.02 -2.76
C CYS A 90 13.64 -3.85 -1.90
N ARG A 91 13.18 -5.04 -1.52
CA ARG A 91 13.99 -5.94 -0.69
C ARG A 91 15.35 -6.17 -1.33
N LYS A 92 15.38 -6.27 -2.66
CA LYS A 92 16.62 -6.49 -3.38
C LYS A 92 17.18 -5.19 -3.94
N THR A 93 16.99 -4.11 -3.19
CA THR A 93 17.47 -2.79 -3.60
C THR A 93 18.97 -2.81 -3.85
N VAL A 94 19.53 -1.65 -4.21
CA VAL A 94 20.96 -1.54 -4.48
C VAL A 94 21.61 -0.55 -3.53
N PRO A 95 21.62 -0.90 -2.22
CA PRO A 95 22.22 -0.05 -1.18
C PRO A 95 23.73 0.00 -1.28
N PRO A 96 24.33 -1.05 -1.85
CA PRO A 96 25.78 -1.16 -2.01
C PRO A 96 26.31 -0.17 -3.04
N GLU A 97 27.55 -0.39 -3.48
CA GLU A 97 28.18 0.48 -4.47
C GLU A 97 27.26 0.68 -5.67
N PRO A 98 27.48 1.80 -6.39
CA PRO A 98 26.68 2.13 -7.58
C PRO A 98 26.97 1.20 -8.75
N GLY A 99 28.07 0.47 -8.66
CA GLY A 99 28.44 -0.44 -9.72
C GLY A 99 27.89 -1.84 -9.50
N ALA A 100 27.05 -1.99 -8.49
CA ALA A 100 26.45 -3.28 -8.16
C ALA A 100 25.81 -3.91 -9.40
N PRO A 101 25.56 -5.22 -9.33
CA PRO A 101 24.95 -5.97 -10.44
C PRO A 101 23.48 -5.60 -10.64
N VAL A 102 22.78 -5.38 -9.54
CA VAL A 102 21.37 -5.03 -9.60
C VAL A 102 21.13 -3.86 -10.55
N ASP A 103 19.97 -3.84 -11.20
CA ASP A 103 19.63 -2.78 -12.13
C ASP A 103 18.94 -1.63 -11.40
N PHE A 104 19.74 -0.69 -10.89
CA PHE A 104 19.20 0.46 -10.17
C PHE A 104 18.13 1.17 -11.01
N GLN A 105 18.37 1.26 -12.31
CA GLN A 105 17.43 1.92 -13.21
C GLN A 105 16.04 1.30 -13.09
N LEU A 106 15.96 -0.01 -13.26
CA LEU A 106 14.69 -0.72 -13.16
C LEU A 106 14.09 -0.59 -11.77
N LEU A 107 14.95 -0.40 -10.77
CA LEU A 107 14.51 -0.26 -9.39
C LEU A 107 13.55 0.93 -9.25
N THR A 108 13.99 2.08 -9.76
CA THR A 108 13.18 3.30 -9.69
C THR A 108 11.86 3.11 -10.41
N GLN A 109 11.90 2.40 -11.54
CA GLN A 109 10.70 2.16 -12.33
C GLN A 109 9.74 1.22 -11.60
N GLN A 110 10.30 0.27 -10.86
CA GLN A 110 9.49 -0.69 -10.11
C GLN A 110 8.79 -0.01 -8.94
N VAL A 111 9.54 0.82 -8.21
CA VAL A 111 8.99 1.53 -7.05
C VAL A 111 7.95 2.56 -7.49
N ILE A 112 8.22 3.22 -8.61
CA ILE A 112 7.31 4.23 -9.13
C ILE A 112 5.99 3.61 -9.57
N GLN A 113 6.08 2.55 -10.36
CA GLN A 113 4.90 1.86 -10.86
C GLN A 113 4.09 1.28 -9.70
N CYS A 114 4.78 0.62 -8.77
CA CYS A 114 4.13 0.01 -7.62
C CYS A 114 3.52 1.09 -6.72
N ALA A 115 4.27 2.15 -6.48
CA ALA A 115 3.81 3.24 -5.64
C ALA A 115 2.60 3.94 -6.27
N TYR A 116 2.67 4.16 -7.57
CA TYR A 116 1.58 4.83 -8.29
C TYR A 116 0.32 3.96 -8.30
N ASP A 117 0.52 2.65 -8.41
CA ASP A 117 -0.60 1.71 -8.43
C ASP A 117 -1.28 1.65 -7.07
N ILE A 118 -0.48 1.49 -6.02
CA ILE A 118 -1.01 1.41 -4.66
C ILE A 118 -1.64 2.74 -4.24
N ALA A 119 -1.06 3.83 -4.72
CA ALA A 119 -1.57 5.16 -4.39
C ALA A 119 -2.94 5.40 -5.02
N LYS A 120 -3.09 4.96 -6.26
CA LYS A 120 -4.35 5.12 -6.97
C LYS A 120 -5.47 4.33 -6.30
N ALA A 121 -5.14 3.15 -5.80
CA ALA A 121 -6.12 2.30 -5.13
C ALA A 121 -6.68 3.00 -3.89
N ALA A 122 -5.88 3.89 -3.31
CA ALA A 122 -6.31 4.63 -2.12
C ALA A 122 -7.53 5.51 -2.42
N LYS A 123 -7.54 6.11 -3.61
CA LYS A 123 -8.65 6.96 -4.01
C LYS A 123 -9.92 6.16 -4.19
N GLN A 124 -9.80 4.96 -4.75
CA GLN A 124 -10.95 4.09 -4.97
C GLN A 124 -11.42 3.47 -3.66
N LEU A 125 -10.49 3.25 -2.75
CA LEU A 125 -10.82 2.66 -1.44
C LEU A 125 -11.40 3.71 -0.51
N VAL A 126 -10.88 4.93 -0.58
CA VAL A 126 -11.37 6.02 0.25
C VAL A 126 -12.73 6.51 -0.22
N THR A 127 -12.96 6.44 -1.52
CA THR A 127 -14.23 6.88 -2.09
C THR A 127 -15.32 5.85 -1.86
N ILE A 128 -14.95 4.57 -1.90
CA ILE A 128 -15.91 3.49 -1.68
C ILE A 128 -16.43 3.49 -0.25
N THR A 129 -15.55 3.79 0.70
CA THR A 129 -15.92 3.82 2.11
C THR A 129 -16.87 4.98 2.39
N THR A 130 -16.57 6.15 1.82
CA THR A 130 -17.39 7.33 2.02
C THR A 130 -18.77 7.16 1.39
N ARG A 131 -18.78 6.71 0.13
CA ARG A 131 -20.03 6.51 -0.60
C ARG A 131 -20.77 5.29 -0.05
N GLU A 132 -20.03 4.39 0.59
CA GLU A 132 -20.63 3.18 1.16
C GLU A 132 -21.82 3.53 2.05
N LYS A 133 -22.58 2.50 2.44
CA LYS A 133 -23.74 2.69 3.28
C LYS A 133 -23.38 3.50 4.53
N LYS A 134 -22.18 3.28 5.04
CA LYS A 134 -21.70 4.00 6.23
C LYS A 134 -21.06 5.32 5.85
N GLN A 135 -21.20 6.31 6.73
CA GLN A 135 -20.63 7.63 6.49
C GLN A 135 -20.74 8.51 7.72
N LEU A 5 -10.68 -14.12 14.05
CA LEU A 5 -11.77 -14.96 13.58
C LEU A 5 -13.10 -14.19 13.60
N ASP A 6 -14.10 -14.75 12.95
CA ASP A 6 -15.42 -14.12 12.89
C ASP A 6 -16.47 -15.11 12.37
N GLY A 7 -17.67 -14.60 12.13
CA GLY A 7 -18.74 -15.44 11.63
C GLY A 7 -19.11 -15.12 10.18
N ASP A 8 -19.78 -14.00 9.98
CA ASP A 8 -20.20 -13.58 8.65
C ASP A 8 -19.49 -12.29 8.24
N PRO A 9 -19.45 -12.02 6.93
CA PRO A 9 -18.83 -10.83 6.38
C PRO A 9 -19.61 -9.56 6.71
N ASP A 10 -18.91 -8.43 6.78
CA ASP A 10 -19.54 -7.15 7.08
C ASP A 10 -19.74 -6.33 5.82
N PRO A 11 -20.92 -5.69 5.71
CA PRO A 11 -21.26 -4.86 4.54
C PRO A 11 -20.44 -3.58 4.49
N GLY A 12 -20.38 -2.86 5.61
CA GLY A 12 -19.63 -1.62 5.67
C GLY A 12 -18.39 -1.74 6.53
N LEU A 13 -18.00 -0.62 7.15
CA LEU A 13 -16.82 -0.60 8.00
C LEU A 13 -17.21 -0.39 9.47
N PRO A 14 -16.38 -0.90 10.38
CA PRO A 14 -16.62 -0.77 11.83
C PRO A 14 -16.44 0.66 12.32
N SER A 15 -15.31 1.27 11.97
CA SER A 15 -15.01 2.63 12.38
C SER A 15 -14.74 3.52 11.17
N THR A 16 -15.53 4.57 11.02
CA THR A 16 -15.38 5.49 9.90
C THR A 16 -14.04 6.23 9.98
N GLU A 17 -13.77 6.85 11.13
CA GLU A 17 -12.53 7.58 11.33
C GLU A 17 -11.32 6.68 11.10
N ASP A 18 -11.36 5.49 11.70
CA ASP A 18 -10.27 4.54 11.57
C ASP A 18 -9.92 4.30 10.10
N VAL A 19 -10.94 4.31 9.25
CA VAL A 19 -10.75 4.10 7.82
C VAL A 19 -10.05 5.30 7.19
N ILE A 20 -10.53 6.49 7.50
CA ILE A 20 -9.95 7.72 6.96
C ILE A 20 -8.47 7.82 7.30
N LEU A 21 -8.14 7.70 8.58
CA LEU A 21 -6.76 7.78 9.04
C LEU A 21 -5.94 6.63 8.47
N LYS A 22 -6.59 5.51 8.21
CA LYS A 22 -5.92 4.34 7.65
C LYS A 22 -5.53 4.57 6.19
N THR A 23 -6.38 5.28 5.46
CA THR A 23 -6.12 5.59 4.06
C THR A 23 -5.20 6.79 3.92
N GLU A 24 -5.48 7.84 4.69
CA GLU A 24 -4.68 9.05 4.65
C GLU A 24 -3.22 8.76 4.96
N GLN A 25 -3.00 7.82 5.88
CA GLN A 25 -1.64 7.43 6.27
C GLN A 25 -0.95 6.65 5.16
N VAL A 26 -1.74 5.92 4.38
CA VAL A 26 -1.20 5.12 3.28
C VAL A 26 -0.57 6.02 2.22
N THR A 27 -1.27 7.08 1.87
CA THR A 27 -0.77 8.02 0.86
C THR A 27 0.55 8.64 1.29
N LYS A 28 0.68 8.90 2.59
CA LYS A 28 1.90 9.50 3.13
C LYS A 28 3.05 8.52 3.05
N ASN A 29 2.79 7.26 3.40
CA ASN A 29 3.81 6.22 3.37
C ASN A 29 4.37 6.04 1.96
N ILE A 30 3.49 6.18 0.97
CA ILE A 30 3.89 6.04 -0.43
C ILE A 30 4.81 7.18 -0.86
N GLN A 31 4.50 8.39 -0.40
CA GLN A 31 5.30 9.56 -0.74
C GLN A 31 6.76 9.36 -0.35
N GLU A 32 6.98 8.64 0.74
CA GLU A 32 8.34 8.38 1.22
C GLU A 32 9.13 7.58 0.19
N LEU A 33 8.45 6.64 -0.46
CA LEU A 33 9.10 5.81 -1.48
C LEU A 33 9.39 6.62 -2.74
N LEU A 34 8.47 7.50 -3.10
CA LEU A 34 8.64 8.34 -4.28
C LEU A 34 9.74 9.37 -4.06
N ARG A 35 9.66 10.08 -2.94
CA ARG A 35 10.65 11.10 -2.61
C ARG A 35 12.05 10.50 -2.52
N ALA A 36 12.13 9.29 -2.00
CA ALA A 36 13.41 8.59 -1.87
C ALA A 36 13.98 8.22 -3.23
N ALA A 37 13.09 7.89 -4.16
CA ALA A 37 13.52 7.52 -5.52
C ALA A 37 14.12 8.70 -6.25
N GLN A 38 13.43 9.83 -6.22
CA GLN A 38 13.89 11.04 -6.89
C GLN A 38 15.17 11.55 -6.25
N GLU A 39 15.33 11.30 -4.95
CA GLU A 39 16.51 11.73 -4.22
C GLU A 39 17.57 10.64 -4.20
N PHE A 40 17.34 9.59 -4.97
CA PHE A 40 18.27 8.47 -5.05
C PHE A 40 18.64 7.96 -3.65
N LYS A 41 17.71 7.23 -3.04
CA LYS A 41 17.93 6.69 -1.71
C LYS A 41 17.58 5.21 -1.65
N HIS A 42 18.36 4.39 -2.35
CA HIS A 42 18.12 2.96 -2.39
C HIS A 42 18.10 2.37 -0.98
N ASP A 43 18.89 2.96 -0.09
CA ASP A 43 18.97 2.50 1.29
C ASP A 43 17.70 2.86 2.05
N SER A 44 16.98 3.86 1.56
CA SER A 44 15.75 4.30 2.19
C SER A 44 14.54 3.57 1.61
N PHE A 45 14.79 2.76 0.57
CA PHE A 45 13.72 2.00 -0.07
C PHE A 45 13.26 0.86 0.83
N VAL A 46 14.18 0.28 1.57
CA VAL A 46 13.85 -0.83 2.47
C VAL A 46 12.78 -0.42 3.47
N PRO A 47 13.04 0.65 4.23
CA PRO A 47 12.11 1.17 5.23
C PRO A 47 10.87 1.79 4.60
N CYS A 48 11.07 2.58 3.54
CA CYS A 48 9.96 3.23 2.85
C CYS A 48 8.96 2.20 2.35
N SER A 49 9.47 1.06 1.86
CA SER A 49 8.61 0.01 1.35
C SER A 49 7.93 -0.75 2.49
N GLU A 50 8.62 -0.86 3.61
CA GLU A 50 8.08 -1.55 4.78
C GLU A 50 6.97 -0.73 5.43
N LYS A 51 7.24 0.55 5.64
CA LYS A 51 6.26 1.45 6.26
C LYS A 51 4.96 1.46 5.47
N ILE A 52 5.07 1.35 4.15
CA ILE A 52 3.90 1.35 3.28
C ILE A 52 3.06 0.09 3.50
N HIS A 53 3.73 -1.03 3.72
CA HIS A 53 3.04 -2.30 3.94
C HIS A 53 2.23 -2.26 5.24
N LEU A 54 2.78 -1.59 6.25
CA LEU A 54 2.11 -1.48 7.54
C LEU A 54 0.73 -0.85 7.38
N ALA A 55 0.67 0.25 6.64
CA ALA A 55 -0.58 0.95 6.41
C ALA A 55 -1.58 0.07 5.67
N VAL A 56 -1.08 -0.75 4.75
CA VAL A 56 -1.92 -1.64 3.98
C VAL A 56 -2.45 -2.78 4.84
N THR A 57 -1.55 -3.45 5.54
CA THR A 57 -1.92 -4.57 6.41
C THR A 57 -2.79 -4.09 7.57
N GLU A 58 -2.42 -2.94 8.15
CA GLU A 58 -3.16 -2.38 9.27
C GLU A 58 -4.62 -2.12 8.88
N MET A 59 -4.83 -1.70 7.64
CA MET A 59 -6.17 -1.42 7.14
C MET A 59 -7.01 -2.69 7.09
N ALA A 60 -6.47 -3.73 6.49
CA ALA A 60 -7.17 -5.01 6.38
C ALA A 60 -7.63 -5.50 7.75
N SER A 61 -6.80 -5.27 8.76
CA SER A 61 -7.12 -5.69 10.12
C SER A 61 -8.47 -5.13 10.56
N LEU A 62 -8.74 -3.89 10.17
CA LEU A 62 -10.00 -3.24 10.52
C LEU A 62 -11.18 -3.99 9.93
N PHE A 63 -10.92 -4.77 8.89
CA PHE A 63 -11.98 -5.54 8.23
C PHE A 63 -12.07 -6.94 8.81
N PRO A 64 -13.25 -7.56 8.67
CA PRO A 64 -13.50 -8.92 9.18
C PRO A 64 -12.74 -9.98 8.39
N LYS A 65 -12.87 -11.23 8.82
CA LYS A 65 -12.19 -12.34 8.15
C LYS A 65 -12.46 -12.31 6.65
N ARG A 66 -13.63 -11.81 6.27
CA ARG A 66 -14.02 -11.74 4.86
C ARG A 66 -15.00 -10.59 4.63
N PRO A 67 -14.71 -9.75 3.63
CA PRO A 67 -15.55 -8.60 3.28
C PRO A 67 -16.87 -9.03 2.67
N ALA A 68 -17.86 -8.14 2.72
CA ALA A 68 -19.17 -8.42 2.16
C ALA A 68 -19.45 -7.56 0.93
N LEU A 69 -18.39 -6.98 0.37
CA LEU A 69 -18.52 -6.14 -0.81
C LEU A 69 -17.76 -6.73 -1.99
N GLU A 70 -18.35 -6.63 -3.18
CA GLU A 70 -17.72 -7.16 -4.39
C GLU A 70 -16.40 -6.46 -4.66
N PRO A 71 -16.43 -5.12 -4.71
CA PRO A 71 -15.24 -4.30 -4.96
C PRO A 71 -14.24 -4.34 -3.81
N VAL A 72 -14.77 -4.41 -2.59
CA VAL A 72 -13.93 -4.46 -1.40
C VAL A 72 -12.99 -5.65 -1.43
N ARG A 73 -13.48 -6.76 -1.99
CA ARG A 73 -12.67 -7.97 -2.08
C ARG A 73 -11.47 -7.77 -2.99
N SER A 74 -11.71 -7.16 -4.16
CA SER A 74 -10.65 -6.90 -5.12
C SER A 74 -9.74 -5.78 -4.64
N SER A 75 -10.33 -4.75 -4.07
CA SER A 75 -9.58 -3.60 -3.56
C SER A 75 -8.58 -4.03 -2.49
N LEU A 76 -9.00 -4.97 -1.65
CA LEU A 76 -8.14 -5.48 -0.58
C LEU A 76 -7.10 -6.44 -1.13
N ARG A 77 -7.45 -7.12 -2.22
CA ARG A 77 -6.54 -8.07 -2.85
C ARG A 77 -5.39 -7.36 -3.56
N LEU A 78 -5.72 -6.25 -4.22
CA LEU A 78 -4.72 -5.47 -4.93
C LEU A 78 -3.86 -4.65 -3.97
N LEU A 79 -4.46 -4.23 -2.86
CA LEU A 79 -3.74 -3.45 -1.86
C LEU A 79 -2.62 -4.27 -1.23
N ASN A 80 -2.96 -5.47 -0.78
CA ASN A 80 -1.97 -6.35 -0.16
C ASN A 80 -0.91 -6.79 -1.17
N ALA A 81 -1.36 -7.12 -2.37
CA ALA A 81 -0.44 -7.55 -3.43
C ALA A 81 0.51 -6.42 -3.81
N SER A 82 0.03 -5.18 -3.74
CA SER A 82 0.85 -4.03 -4.08
C SER A 82 2.03 -3.90 -3.12
N ALA A 83 1.75 -4.00 -1.83
CA ALA A 83 2.78 -3.89 -0.81
C ALA A 83 3.71 -5.10 -0.84
N TYR A 84 3.17 -6.25 -1.24
CA TYR A 84 3.95 -7.48 -1.32
C TYR A 84 5.03 -7.38 -2.39
N ARG A 85 4.66 -6.87 -3.56
CA ARG A 85 5.59 -6.72 -4.66
C ARG A 85 6.64 -5.65 -4.35
N LEU A 86 6.19 -4.55 -3.75
CA LEU A 86 7.08 -3.45 -3.40
C LEU A 86 8.17 -3.93 -2.44
N GLN A 87 7.79 -4.75 -1.48
CA GLN A 87 8.73 -5.28 -0.50
C GLN A 87 9.77 -6.16 -1.17
N SER A 88 9.31 -7.05 -2.05
CA SER A 88 10.21 -7.96 -2.75
C SER A 88 11.13 -7.20 -3.70
N GLU A 89 10.57 -6.19 -4.36
CA GLU A 89 11.34 -5.37 -5.30
C GLU A 89 12.37 -4.52 -4.56
N CYS A 90 11.92 -3.82 -3.52
CA CYS A 90 12.80 -2.96 -2.74
C CYS A 90 13.79 -3.80 -1.94
N ARG A 91 13.40 -5.03 -1.61
CA ARG A 91 14.24 -5.92 -0.83
C ARG A 91 15.61 -6.08 -1.49
N LYS A 92 15.62 -6.10 -2.82
CA LYS A 92 16.86 -6.24 -3.57
C LYS A 92 17.30 -4.90 -4.16
N THR A 93 17.74 -3.99 -3.30
CA THR A 93 18.18 -2.67 -3.73
C THR A 93 19.67 -2.67 -4.07
N VAL A 94 20.19 -1.51 -4.44
CA VAL A 94 21.60 -1.38 -4.78
C VAL A 94 22.31 -0.40 -3.85
N PRO A 95 22.40 -0.78 -2.57
CA PRO A 95 23.05 0.05 -1.55
C PRO A 95 24.56 0.10 -1.74
N PRO A 96 25.12 -0.94 -2.36
CA PRO A 96 26.56 -1.03 -2.62
C PRO A 96 27.03 -0.02 -3.66
N GLU A 97 28.24 -0.23 -4.18
CA GLU A 97 28.81 0.67 -5.18
C GLU A 97 27.82 0.89 -6.33
N PRO A 98 27.98 2.03 -7.03
CA PRO A 98 27.11 2.38 -8.16
C PRO A 98 27.32 1.48 -9.37
N GLY A 99 28.42 0.74 -9.36
CA GLY A 99 28.73 -0.15 -10.46
C GLY A 99 28.20 -1.56 -10.23
N ALA A 100 27.43 -1.73 -9.16
CA ALA A 100 26.86 -3.03 -8.84
C ALA A 100 26.15 -3.64 -10.03
N PRO A 101 25.92 -4.96 -9.97
CA PRO A 101 25.25 -5.70 -11.06
C PRO A 101 23.77 -5.34 -11.17
N VAL A 102 23.13 -5.15 -10.02
CA VAL A 102 21.71 -4.81 -9.99
C VAL A 102 21.41 -3.63 -10.90
N ASP A 103 20.21 -3.62 -11.48
CA ASP A 103 19.80 -2.55 -12.37
C ASP A 103 19.01 -1.49 -11.62
N PHE A 104 19.72 -0.57 -10.97
CA PHE A 104 19.09 0.51 -10.21
C PHE A 104 18.05 1.23 -11.06
N GLN A 105 18.36 1.41 -12.35
CA GLN A 105 17.45 2.09 -13.26
C GLN A 105 16.08 1.44 -13.26
N LEU A 106 16.07 0.10 -13.24
CA LEU A 106 14.82 -0.65 -13.24
C LEU A 106 14.15 -0.59 -11.88
N LEU A 107 14.96 -0.46 -10.83
CA LEU A 107 14.44 -0.39 -9.46
C LEU A 107 13.50 0.81 -9.31
N THR A 108 13.94 1.97 -9.76
CA THR A 108 13.14 3.18 -9.67
C THR A 108 11.81 3.02 -10.38
N GLN A 109 11.83 2.32 -11.52
CA GLN A 109 10.62 2.09 -12.30
C GLN A 109 9.68 1.15 -11.57
N GLN A 110 10.25 0.19 -10.85
CA GLN A 110 9.45 -0.78 -10.09
C GLN A 110 8.77 -0.13 -8.90
N VAL A 111 9.53 0.69 -8.17
CA VAL A 111 9.00 1.37 -7.01
C VAL A 111 7.97 2.42 -7.41
N ILE A 112 8.22 3.11 -8.52
CA ILE A 112 7.30 4.13 -9.01
C ILE A 112 5.98 3.53 -9.43
N GLN A 113 6.05 2.47 -10.24
CA GLN A 113 4.86 1.80 -10.73
C GLN A 113 4.05 1.21 -9.56
N CYS A 114 4.75 0.54 -8.65
CA CYS A 114 4.10 -0.07 -7.50
C CYS A 114 3.51 0.99 -6.58
N ALA A 115 4.31 2.02 -6.28
CA ALA A 115 3.86 3.10 -5.42
C ALA A 115 2.68 3.85 -6.03
N TYR A 116 2.76 4.11 -7.33
CA TYR A 116 1.71 4.82 -8.04
C TYR A 116 0.44 3.99 -8.10
N ASP A 117 0.61 2.67 -8.23
CA ASP A 117 -0.53 1.76 -8.31
C ASP A 117 -1.24 1.67 -6.96
N ILE A 118 -0.47 1.48 -5.90
CA ILE A 118 -1.03 1.39 -4.55
C ILE A 118 -1.65 2.71 -4.12
N ALA A 119 -1.05 3.81 -4.55
CA ALA A 119 -1.54 5.14 -4.21
C ALA A 119 -2.89 5.40 -4.87
N LYS A 120 -3.00 5.05 -6.15
CA LYS A 120 -4.24 5.25 -6.89
C LYS A 120 -5.35 4.37 -6.34
N ALA A 121 -5.00 3.14 -5.98
CA ALA A 121 -5.97 2.20 -5.45
C ALA A 121 -6.60 2.72 -4.15
N ALA A 122 -5.84 3.56 -3.45
CA ALA A 122 -6.33 4.14 -2.19
C ALA A 122 -7.54 5.04 -2.44
N LYS A 123 -7.46 5.86 -3.48
CA LYS A 123 -8.55 6.77 -3.82
C LYS A 123 -9.84 6.00 -4.08
N GLN A 124 -9.71 4.84 -4.71
CA GLN A 124 -10.88 4.01 -5.02
C GLN A 124 -11.42 3.34 -3.76
N LEU A 125 -10.53 3.11 -2.80
CA LEU A 125 -10.91 2.47 -1.54
C LEU A 125 -11.58 3.47 -0.61
N VAL A 126 -11.07 4.69 -0.59
CA VAL A 126 -11.61 5.74 0.26
C VAL A 126 -12.96 6.22 -0.27
N THR A 127 -13.09 6.28 -1.59
CA THR A 127 -14.33 6.72 -2.22
C THR A 127 -15.44 5.69 -2.04
N ILE A 128 -15.06 4.42 -1.99
CA ILE A 128 -16.02 3.34 -1.82
C ILE A 128 -16.67 3.40 -0.43
N THR A 129 -15.85 3.66 0.58
CA THR A 129 -16.33 3.74 1.95
C THR A 129 -17.26 4.94 2.13
N THR A 130 -16.88 6.08 1.55
CA THR A 130 -17.68 7.29 1.65
C THR A 130 -19.01 7.13 0.93
N ARG A 131 -18.96 6.65 -0.31
CA ARG A 131 -20.15 6.46 -1.11
C ARG A 131 -21.03 5.35 -0.52
N GLU A 132 -20.38 4.35 0.09
CA GLU A 132 -21.10 3.24 0.68
C GLU A 132 -22.09 3.73 1.74
N LYS A 133 -23.14 2.95 1.97
CA LYS A 133 -24.15 3.30 2.95
C LYS A 133 -23.89 2.61 4.29
N LYS A 134 -22.68 2.81 4.82
CA LYS A 134 -22.31 2.21 6.10
C LYS A 134 -23.35 2.50 7.17
N GLN A 135 -23.67 1.48 7.97
CA GLN A 135 -24.65 1.64 9.04
C GLN A 135 -24.60 0.44 9.99
N LEU A 5 -12.76 -11.66 14.80
CA LEU A 5 -13.53 -12.14 13.67
C LEU A 5 -15.02 -12.15 13.99
N ASP A 6 -15.83 -12.58 13.03
CA ASP A 6 -17.28 -12.63 13.21
C ASP A 6 -17.90 -13.69 12.30
N GLY A 7 -19.23 -13.81 12.37
CA GLY A 7 -19.92 -14.79 11.55
C GLY A 7 -20.06 -14.34 10.11
N ASP A 8 -21.29 -14.08 9.69
CA ASP A 8 -21.57 -13.65 8.32
C ASP A 8 -20.72 -12.43 7.97
N PRO A 9 -20.56 -12.18 6.65
CA PRO A 9 -19.78 -11.05 6.16
C PRO A 9 -20.46 -9.70 6.43
N ASP A 10 -19.65 -8.66 6.56
CA ASP A 10 -20.16 -7.32 6.81
C ASP A 10 -20.27 -6.51 5.52
N PRO A 11 -21.38 -5.79 5.37
CA PRO A 11 -21.63 -4.97 4.18
C PRO A 11 -20.71 -3.75 4.12
N GLY A 12 -20.63 -3.02 5.23
CA GLY A 12 -19.79 -1.85 5.28
C GLY A 12 -18.54 -2.06 6.11
N LEU A 13 -18.10 -1.01 6.79
CA LEU A 13 -16.90 -1.09 7.63
C LEU A 13 -17.25 -0.91 9.10
N PRO A 14 -16.38 -1.40 9.99
CA PRO A 14 -16.57 -1.30 11.44
C PRO A 14 -16.42 0.13 11.95
N SER A 15 -15.32 0.78 11.59
CA SER A 15 -15.06 2.14 12.01
C SER A 15 -14.80 3.05 10.80
N THR A 16 -15.64 4.07 10.64
CA THR A 16 -15.51 5.00 9.53
C THR A 16 -14.23 5.82 9.65
N GLU A 17 -14.04 6.46 10.79
CA GLU A 17 -12.85 7.26 11.03
C GLU A 17 -11.58 6.43 10.88
N ASP A 18 -11.56 5.28 11.52
CA ASP A 18 -10.40 4.39 11.46
C ASP A 18 -9.99 4.14 10.01
N VAL A 19 -10.97 4.06 9.13
CA VAL A 19 -10.71 3.82 7.71
C VAL A 19 -10.08 5.05 7.06
N ILE A 20 -10.64 6.22 7.33
CA ILE A 20 -10.12 7.46 6.78
C ILE A 20 -8.66 7.66 7.15
N LEU A 21 -8.36 7.59 8.43
CA LEU A 21 -6.99 7.75 8.92
C LEU A 21 -6.09 6.64 8.40
N LYS A 22 -6.68 5.47 8.17
CA LYS A 22 -5.93 4.32 7.67
C LYS A 22 -5.53 4.52 6.21
N THR A 23 -6.42 5.14 5.44
CA THR A 23 -6.17 5.40 4.03
C THR A 23 -5.31 6.65 3.84
N GLU A 24 -5.65 7.70 4.57
CA GLU A 24 -4.92 8.97 4.49
C GLU A 24 -3.44 8.76 4.83
N GLN A 25 -3.18 7.87 5.77
CA GLN A 25 -1.80 7.58 6.18
C GLN A 25 -1.07 6.78 5.10
N VAL A 26 -1.82 5.98 4.35
CA VAL A 26 -1.24 5.16 3.29
C VAL A 26 -0.64 6.04 2.19
N THR A 27 -1.40 7.06 1.79
CA THR A 27 -0.95 7.97 0.75
C THR A 27 0.34 8.69 1.15
N LYS A 28 0.44 9.02 2.44
CA LYS A 28 1.62 9.71 2.95
C LYS A 28 2.84 8.78 2.93
N ASN A 29 2.64 7.54 3.34
CA ASN A 29 3.72 6.56 3.37
C ASN A 29 4.28 6.33 1.97
N ILE A 30 3.40 6.39 0.97
CA ILE A 30 3.81 6.19 -0.41
C ILE A 30 4.69 7.34 -0.90
N GLN A 31 4.35 8.55 -0.48
CA GLN A 31 5.11 9.73 -0.87
C GLN A 31 6.57 9.61 -0.43
N GLU A 32 6.79 8.97 0.70
CA GLU A 32 8.13 8.78 1.22
C GLU A 32 9.00 7.98 0.26
N LEU A 33 8.36 7.01 -0.40
CA LEU A 33 9.07 6.16 -1.36
C LEU A 33 9.43 6.94 -2.62
N LEU A 34 8.52 7.80 -3.04
CA LEU A 34 8.73 8.61 -4.24
C LEU A 34 9.84 9.63 -4.01
N ARG A 35 9.76 10.37 -2.91
CA ARG A 35 10.76 11.37 -2.58
C ARG A 35 12.15 10.74 -2.45
N ALA A 36 12.20 9.52 -1.92
CA ALA A 36 13.45 8.81 -1.75
C ALA A 36 14.06 8.44 -3.10
N ALA A 37 13.19 8.16 -4.07
CA ALA A 37 13.64 7.79 -5.41
C ALA A 37 14.23 9.00 -6.14
N GLN A 38 13.50 10.10 -6.13
CA GLN A 38 13.96 11.31 -6.80
C GLN A 38 15.26 11.82 -6.19
N GLU A 39 15.53 11.39 -4.96
CA GLU A 39 16.75 11.79 -4.26
C GLU A 39 17.83 10.72 -4.36
N PHE A 40 17.59 9.73 -5.23
CA PHE A 40 18.54 8.63 -5.41
C PHE A 40 18.89 7.98 -4.08
N LYS A 41 17.89 7.37 -3.45
CA LYS A 41 18.08 6.70 -2.17
C LYS A 41 17.55 5.27 -2.21
N HIS A 42 18.36 4.36 -2.72
CA HIS A 42 17.96 2.96 -2.82
C HIS A 42 17.78 2.35 -1.44
N ASP A 43 18.65 2.73 -0.51
CA ASP A 43 18.58 2.23 0.86
C ASP A 43 17.35 2.77 1.58
N SER A 44 16.85 3.90 1.11
CA SER A 44 15.68 4.52 1.71
C SER A 44 14.41 3.77 1.34
N PHE A 45 14.51 2.91 0.33
CA PHE A 45 13.38 2.12 -0.12
C PHE A 45 13.02 1.03 0.88
N VAL A 46 14.04 0.48 1.53
CA VAL A 46 13.84 -0.56 2.52
C VAL A 46 12.87 -0.12 3.61
N PRO A 47 13.21 0.99 4.28
CA PRO A 47 12.38 1.56 5.35
C PRO A 47 11.08 2.14 4.82
N CYS A 48 11.17 2.90 3.73
CA CYS A 48 10.00 3.52 3.13
C CYS A 48 8.97 2.47 2.71
N SER A 49 9.47 1.32 2.27
CA SER A 49 8.60 0.23 1.83
C SER A 49 7.96 -0.46 3.03
N GLU A 50 8.67 -0.50 4.15
CA GLU A 50 8.17 -1.13 5.36
C GLU A 50 7.02 -0.32 5.95
N LYS A 51 7.22 0.99 6.08
CA LYS A 51 6.20 1.87 6.63
C LYS A 51 4.92 1.81 5.81
N ILE A 52 5.06 1.61 4.51
CA ILE A 52 3.90 1.52 3.62
C ILE A 52 3.12 0.24 3.87
N HIS A 53 3.83 -0.84 4.15
CA HIS A 53 3.20 -2.13 4.42
C HIS A 53 2.35 -2.07 5.68
N LEU A 54 2.82 -1.32 6.67
CA LEU A 54 2.09 -1.18 7.93
C LEU A 54 0.69 -0.64 7.69
N ALA A 55 0.59 0.43 6.92
CA ALA A 55 -0.70 1.04 6.61
C ALA A 55 -1.59 0.07 5.83
N VAL A 56 -0.97 -0.72 4.95
CA VAL A 56 -1.72 -1.68 4.15
C VAL A 56 -2.28 -2.80 5.02
N THR A 57 -1.42 -3.41 5.83
CA THR A 57 -1.84 -4.49 6.70
C THR A 57 -2.77 -3.98 7.80
N GLU A 58 -2.44 -2.84 8.37
CA GLU A 58 -3.25 -2.24 9.43
C GLU A 58 -4.63 -1.88 8.90
N MET A 59 -4.68 -1.31 7.71
CA MET A 59 -5.95 -0.92 7.11
C MET A 59 -6.82 -2.13 6.81
N ALA A 60 -6.22 -3.13 6.15
CA ALA A 60 -6.93 -4.35 5.81
C ALA A 60 -7.34 -5.11 7.06
N SER A 61 -6.48 -5.10 8.06
CA SER A 61 -6.74 -5.80 9.32
C SER A 61 -8.07 -5.34 9.92
N LEU A 62 -8.37 -4.05 9.77
CA LEU A 62 -9.60 -3.49 10.31
C LEU A 62 -10.82 -4.13 9.64
N PHE A 63 -10.61 -4.68 8.45
CA PHE A 63 -11.69 -5.32 7.71
C PHE A 63 -11.84 -6.78 8.10
N PRO A 64 -13.07 -7.31 7.99
CA PRO A 64 -13.38 -8.70 8.33
C PRO A 64 -12.76 -9.69 7.35
N LYS A 65 -12.41 -10.87 7.86
CA LYS A 65 -11.81 -11.90 7.02
C LYS A 65 -12.74 -12.28 5.87
N ARG A 66 -14.01 -11.96 6.02
CA ARG A 66 -15.00 -12.26 4.99
C ARG A 66 -15.85 -11.03 4.66
N PRO A 67 -15.36 -10.22 3.72
CA PRO A 67 -16.06 -9.00 3.30
C PRO A 67 -17.34 -9.30 2.53
N ALA A 68 -18.28 -8.37 2.57
CA ALA A 68 -19.56 -8.54 1.87
C ALA A 68 -19.68 -7.53 0.73
N LEU A 69 -18.54 -7.02 0.26
CA LEU A 69 -18.53 -6.05 -0.83
C LEU A 69 -17.76 -6.59 -2.03
N GLU A 70 -18.31 -6.37 -3.22
CA GLU A 70 -17.67 -6.84 -4.45
C GLU A 70 -16.30 -6.19 -4.63
N PRO A 71 -16.26 -4.86 -4.55
CA PRO A 71 -15.03 -4.08 -4.69
C PRO A 71 -14.07 -4.29 -3.52
N VAL A 72 -14.64 -4.57 -2.35
CA VAL A 72 -13.83 -4.79 -1.15
C VAL A 72 -13.01 -6.07 -1.27
N ARG A 73 -13.59 -7.09 -1.89
CA ARG A 73 -12.91 -8.37 -2.05
C ARG A 73 -11.71 -8.22 -2.99
N SER A 74 -11.91 -7.53 -4.09
CA SER A 74 -10.85 -7.32 -5.07
C SER A 74 -9.85 -6.28 -4.56
N SER A 75 -10.36 -5.23 -3.93
CA SER A 75 -9.51 -4.18 -3.39
C SER A 75 -8.50 -4.73 -2.39
N LEU A 76 -8.89 -5.81 -1.71
CA LEU A 76 -8.02 -6.44 -0.73
C LEU A 76 -6.90 -7.23 -1.40
N ARG A 77 -7.17 -7.70 -2.62
CA ARG A 77 -6.19 -8.47 -3.37
C ARG A 77 -5.08 -7.57 -3.89
N LEU A 78 -5.46 -6.40 -4.36
CA LEU A 78 -4.50 -5.44 -4.90
C LEU A 78 -3.72 -4.75 -3.77
N LEU A 79 -4.39 -4.56 -2.63
CA LEU A 79 -3.77 -3.92 -1.48
C LEU A 79 -2.67 -4.80 -0.90
N ASN A 80 -3.00 -6.06 -0.64
CA ASN A 80 -2.04 -7.00 -0.08
C ASN A 80 -0.91 -7.28 -1.06
N ALA A 81 -1.25 -7.44 -2.33
CA ALA A 81 -0.26 -7.70 -3.37
C ALA A 81 0.64 -6.47 -3.59
N SER A 82 0.05 -5.30 -3.43
CA SER A 82 0.79 -4.05 -3.61
C SER A 82 1.94 -3.95 -2.60
N ALA A 83 1.63 -4.21 -1.34
CA ALA A 83 2.63 -4.15 -0.28
C ALA A 83 3.67 -5.25 -0.44
N TYR A 84 3.25 -6.38 -1.02
CA TYR A 84 4.14 -7.52 -1.23
C TYR A 84 5.12 -7.23 -2.37
N ARG A 85 4.61 -6.70 -3.46
CA ARG A 85 5.44 -6.38 -4.62
C ARG A 85 6.48 -5.31 -4.26
N LEU A 86 6.04 -4.27 -3.56
CA LEU A 86 6.93 -3.20 -3.16
C LEU A 86 8.06 -3.72 -2.28
N GLN A 87 7.71 -4.56 -1.32
CA GLN A 87 8.70 -5.13 -0.42
C GLN A 87 9.78 -5.87 -1.18
N SER A 88 9.40 -6.50 -2.30
CA SER A 88 10.34 -7.24 -3.12
C SER A 88 11.36 -6.31 -3.76
N GLU A 89 10.90 -5.13 -4.17
CA GLU A 89 11.77 -4.14 -4.79
C GLU A 89 12.78 -3.59 -3.78
N CYS A 90 12.27 -3.17 -2.62
CA CYS A 90 13.13 -2.62 -1.59
C CYS A 90 14.08 -3.67 -1.04
N ARG A 91 13.67 -4.94 -1.14
CA ARG A 91 14.49 -6.04 -0.65
C ARG A 91 15.78 -6.16 -1.45
N LYS A 92 15.65 -6.15 -2.77
CA LYS A 92 16.80 -6.25 -3.65
C LYS A 92 17.13 -4.91 -4.29
N THR A 93 17.78 -4.03 -3.51
CA THR A 93 18.14 -2.71 -4.00
C THR A 93 19.63 -2.64 -4.32
N VAL A 94 20.09 -1.46 -4.72
CA VAL A 94 21.50 -1.26 -5.06
C VAL A 94 22.10 -0.12 -4.24
N PRO A 95 22.09 -0.29 -2.92
CA PRO A 95 22.64 0.72 -1.99
C PRO A 95 24.17 0.81 -2.07
N PRO A 96 24.80 -0.30 -2.49
CA PRO A 96 26.26 -0.37 -2.61
C PRO A 96 26.78 0.48 -3.76
N GLU A 97 26.83 -0.11 -4.96
CA GLU A 97 27.32 0.60 -6.14
C GLU A 97 26.41 0.32 -7.34
N PRO A 98 26.42 1.24 -8.32
CA PRO A 98 25.62 1.12 -9.53
C PRO A 98 26.12 0.00 -10.45
N GLY A 99 27.33 -0.48 -10.18
CA GLY A 99 27.90 -1.54 -10.99
C GLY A 99 27.32 -2.89 -10.67
N ALA A 100 26.54 -2.96 -9.59
CA ALA A 100 25.92 -4.21 -9.17
C ALA A 100 25.14 -4.85 -10.31
N PRO A 101 24.84 -6.14 -10.18
CA PRO A 101 24.10 -6.89 -11.20
C PRO A 101 22.65 -6.46 -11.30
N VAL A 102 22.22 -5.62 -10.37
CA VAL A 102 20.85 -5.12 -10.35
C VAL A 102 20.75 -3.74 -10.98
N ASP A 103 19.97 -3.63 -12.04
CA ASP A 103 19.78 -2.35 -12.73
C ASP A 103 19.34 -1.26 -11.75
N PHE A 104 20.28 -0.42 -11.34
CA PHE A 104 19.99 0.65 -10.40
C PHE A 104 18.79 1.48 -10.88
N GLN A 105 18.67 1.60 -12.20
CA GLN A 105 17.58 2.37 -12.79
C GLN A 105 16.25 1.64 -12.63
N LEU A 106 16.29 0.32 -12.75
CA LEU A 106 15.09 -0.50 -12.60
C LEU A 106 14.55 -0.44 -11.18
N LEU A 107 15.46 -0.33 -10.21
CA LEU A 107 15.07 -0.26 -8.81
C LEU A 107 14.14 0.92 -8.55
N THR A 108 14.46 2.06 -9.17
CA THR A 108 13.66 3.27 -9.02
C THR A 108 12.34 3.15 -9.77
N GLN A 109 12.37 2.49 -10.92
CA GLN A 109 11.18 2.31 -11.74
C GLN A 109 10.20 1.35 -11.07
N GLN A 110 10.73 0.35 -10.38
CA GLN A 110 9.91 -0.63 -9.68
C GLN A 110 9.20 0.00 -8.49
N VAL A 111 9.96 0.76 -7.70
CA VAL A 111 9.40 1.42 -6.53
C VAL A 111 8.39 2.48 -6.91
N ILE A 112 8.67 3.20 -7.99
CA ILE A 112 7.78 4.26 -8.47
C ILE A 112 6.48 3.66 -9.00
N GLN A 113 6.59 2.66 -9.86
CA GLN A 113 5.42 2.01 -10.44
C GLN A 113 4.56 1.38 -9.36
N CYS A 114 5.20 0.67 -8.43
CA CYS A 114 4.49 0.01 -7.34
C CYS A 114 3.82 1.04 -6.43
N ALA A 115 4.56 2.07 -6.05
CA ALA A 115 4.05 3.12 -5.19
C ALA A 115 2.86 3.82 -5.84
N TYR A 116 2.97 4.09 -7.13
CA TYR A 116 1.90 4.76 -7.87
C TYR A 116 0.68 3.87 -7.98
N ASP A 117 0.90 2.57 -8.12
CA ASP A 117 -0.18 1.61 -8.24
C ASP A 117 -0.94 1.48 -6.92
N ILE A 118 -0.20 1.32 -5.83
CA ILE A 118 -0.80 1.18 -4.51
C ILE A 118 -1.51 2.47 -4.09
N ALA A 119 -0.95 3.60 -4.51
CA ALA A 119 -1.53 4.90 -4.18
C ALA A 119 -2.87 5.10 -4.89
N LYS A 120 -2.92 4.73 -6.17
CA LYS A 120 -4.14 4.87 -6.95
C LYS A 120 -5.23 3.94 -6.42
N ALA A 121 -4.83 2.75 -5.97
CA ALA A 121 -5.78 1.78 -5.44
C ALA A 121 -6.41 2.28 -4.15
N ALA A 122 -5.69 3.14 -3.44
CA ALA A 122 -6.19 3.70 -2.19
C ALA A 122 -7.34 4.68 -2.44
N LYS A 123 -7.24 5.44 -3.52
CA LYS A 123 -8.26 6.42 -3.87
C LYS A 123 -9.62 5.73 -4.06
N GLN A 124 -9.59 4.55 -4.66
CA GLN A 124 -10.81 3.79 -4.92
C GLN A 124 -11.36 3.20 -3.62
N LEU A 125 -10.47 2.94 -2.67
CA LEU A 125 -10.86 2.37 -1.39
C LEU A 125 -11.45 3.44 -0.48
N VAL A 126 -10.84 4.63 -0.51
CA VAL A 126 -11.29 5.74 0.31
C VAL A 126 -12.63 6.30 -0.20
N THR A 127 -12.78 6.31 -1.52
CA THR A 127 -14.00 6.82 -2.14
C THR A 127 -15.17 5.87 -1.90
N ILE A 128 -14.87 4.57 -1.83
CA ILE A 128 -15.91 3.57 -1.60
C ILE A 128 -16.50 3.71 -0.20
N THR A 129 -15.65 4.00 0.77
CA THR A 129 -16.09 4.16 2.16
C THR A 129 -16.99 5.39 2.31
N THR A 130 -16.60 6.48 1.66
CA THR A 130 -17.37 7.72 1.72
C THR A 130 -18.75 7.55 1.08
N ARG A 131 -18.76 6.99 -0.13
CA ARG A 131 -20.01 6.77 -0.85
C ARG A 131 -20.87 5.74 -0.15
N GLU A 132 -20.22 4.81 0.56
CA GLU A 132 -20.93 3.76 1.28
C GLU A 132 -21.82 4.36 2.36
N LYS A 133 -22.88 3.63 2.72
CA LYS A 133 -23.81 4.08 3.75
C LYS A 133 -23.51 3.41 5.08
N LYS A 134 -23.41 2.09 5.06
CA LYS A 134 -23.12 1.32 6.27
C LYS A 134 -23.82 1.94 7.49
N GLN A 135 -25.08 2.34 7.30
CA GLN A 135 -25.86 2.94 8.38
C GLN A 135 -27.12 2.12 8.68
N LEU A 5 -12.90 -18.42 11.09
CA LEU A 5 -14.33 -18.17 11.26
C LEU A 5 -14.57 -17.19 12.41
N ASP A 6 -15.27 -16.10 12.11
CA ASP A 6 -15.57 -15.10 13.12
C ASP A 6 -16.94 -14.46 12.87
N GLY A 7 -17.84 -15.24 12.30
CA GLY A 7 -19.17 -14.74 12.00
C GLY A 7 -19.35 -14.38 10.54
N ASP A 8 -20.51 -13.82 10.20
CA ASP A 8 -20.80 -13.42 8.83
C ASP A 8 -20.01 -12.17 8.44
N PRO A 9 -19.87 -11.94 7.13
CA PRO A 9 -19.14 -10.78 6.60
C PRO A 9 -19.89 -9.47 6.85
N ASP A 10 -19.14 -8.38 6.95
CA ASP A 10 -19.73 -7.07 7.19
C ASP A 10 -19.89 -6.30 5.88
N PRO A 11 -21.04 -5.65 5.73
CA PRO A 11 -21.35 -4.87 4.52
C PRO A 11 -20.51 -3.60 4.42
N GLY A 12 -20.46 -2.84 5.50
CA GLY A 12 -19.68 -1.61 5.52
C GLY A 12 -18.40 -1.75 6.32
N LEU A 13 -18.13 -0.76 7.16
CA LEU A 13 -16.93 -0.77 7.99
C LEU A 13 -17.27 -0.52 9.46
N PRO A 14 -16.40 -0.99 10.36
CA PRO A 14 -16.60 -0.85 11.80
C PRO A 14 -16.41 0.61 12.26
N SER A 15 -15.30 1.20 11.88
CA SER A 15 -15.01 2.59 12.24
C SER A 15 -14.75 3.44 11.00
N THR A 16 -15.56 4.47 10.83
CA THR A 16 -15.42 5.37 9.68
C THR A 16 -14.11 6.15 9.75
N GLU A 17 -13.89 6.82 10.88
CA GLU A 17 -12.67 7.60 11.07
C GLU A 17 -11.44 6.73 10.91
N ASP A 18 -11.43 5.59 11.57
CA ASP A 18 -10.30 4.66 11.51
C ASP A 18 -9.92 4.38 10.06
N VAL A 19 -10.93 4.32 9.18
CA VAL A 19 -10.70 4.05 7.77
C VAL A 19 -10.02 5.24 7.09
N ILE A 20 -10.53 6.43 7.34
CA ILE A 20 -9.97 7.64 6.75
C ILE A 20 -8.50 7.78 7.11
N LEU A 21 -8.19 7.73 8.39
CA LEU A 21 -6.82 7.86 8.87
C LEU A 21 -5.96 6.70 8.36
N LYS A 22 -6.59 5.55 8.14
CA LYS A 22 -5.89 4.37 7.65
C LYS A 22 -5.48 4.55 6.20
N THR A 23 -6.34 5.21 5.42
CA THR A 23 -6.06 5.45 4.00
C THR A 23 -5.16 6.66 3.82
N GLU A 24 -5.47 7.74 4.54
CA GLU A 24 -4.69 8.97 4.45
C GLU A 24 -3.22 8.70 4.78
N GLN A 25 -3.00 7.80 5.74
CA GLN A 25 -1.64 7.46 6.15
C GLN A 25 -0.92 6.65 5.07
N VAL A 26 -1.70 5.88 4.32
CA VAL A 26 -1.14 5.05 3.25
C VAL A 26 -0.49 5.90 2.17
N THR A 27 -1.20 6.94 1.74
CA THR A 27 -0.69 7.84 0.71
C THR A 27 0.61 8.50 1.15
N LYS A 28 0.72 8.79 2.44
CA LYS A 28 1.92 9.42 2.99
C LYS A 28 3.10 8.45 2.94
N ASN A 29 2.85 7.20 3.33
CA ASN A 29 3.90 6.19 3.33
C ASN A 29 4.46 5.97 1.93
N ILE A 30 3.58 6.02 0.93
CA ILE A 30 3.99 5.84 -0.46
C ILE A 30 4.90 6.96 -0.91
N GLN A 31 4.61 8.17 -0.46
CA GLN A 31 5.41 9.34 -0.83
C GLN A 31 6.87 9.15 -0.44
N GLU A 32 7.09 8.45 0.67
CA GLU A 32 8.44 8.18 1.15
C GLU A 32 9.23 7.37 0.13
N LEU A 33 8.57 6.43 -0.53
CA LEU A 33 9.21 5.59 -1.53
C LEU A 33 9.52 6.39 -2.79
N LEU A 34 8.58 7.25 -3.18
CA LEU A 34 8.75 8.08 -4.37
C LEU A 34 9.83 9.14 -4.15
N ARG A 35 9.73 9.86 -3.04
CA ARG A 35 10.69 10.90 -2.71
C ARG A 35 12.10 10.32 -2.62
N ALA A 36 12.20 9.11 -2.09
CA ALA A 36 13.49 8.44 -1.94
C ALA A 36 14.08 8.08 -3.30
N ALA A 37 13.20 7.80 -4.26
CA ALA A 37 13.64 7.44 -5.61
C ALA A 37 14.25 8.64 -6.32
N GLN A 38 13.55 9.76 -6.29
CA GLN A 38 14.03 10.97 -6.95
C GLN A 38 15.32 11.47 -6.29
N GLU A 39 15.42 11.28 -4.98
CA GLU A 39 16.60 11.71 -4.24
C GLU A 39 17.70 10.65 -4.30
N PHE A 40 17.38 9.51 -4.92
CA PHE A 40 18.34 8.43 -5.05
C PHE A 40 18.74 7.89 -3.67
N LYS A 41 17.84 7.14 -3.05
CA LYS A 41 18.10 6.57 -1.73
C LYS A 41 17.69 5.10 -1.68
N HIS A 42 18.44 4.26 -2.40
CA HIS A 42 18.15 2.83 -2.43
C HIS A 42 18.15 2.23 -1.03
N ASP A 43 18.95 2.82 -0.14
CA ASP A 43 19.04 2.36 1.23
C ASP A 43 17.77 2.70 2.00
N SER A 44 17.03 3.70 1.52
CA SER A 44 15.80 4.13 2.17
C SER A 44 14.60 3.40 1.58
N PHE A 45 14.84 2.61 0.54
CA PHE A 45 13.78 1.86 -0.12
C PHE A 45 13.32 0.70 0.78
N VAL A 46 14.24 0.12 1.52
CA VAL A 46 13.93 -0.98 2.41
C VAL A 46 12.88 -0.58 3.44
N PRO A 47 13.18 0.49 4.20
CA PRO A 47 12.28 1.00 5.24
C PRO A 47 11.02 1.64 4.65
N CYS A 48 11.20 2.38 3.56
CA CYS A 48 10.08 3.04 2.89
C CYS A 48 9.02 2.03 2.47
N SER A 49 9.48 0.85 2.08
CA SER A 49 8.57 -0.21 1.64
C SER A 49 7.88 -0.86 2.83
N GLU A 50 8.58 -0.93 3.95
CA GLU A 50 8.04 -1.54 5.16
C GLU A 50 6.93 -0.67 5.75
N LYS A 51 7.19 0.63 5.86
CA LYS A 51 6.22 1.57 6.41
C LYS A 51 4.92 1.53 5.60
N ILE A 52 5.05 1.37 4.29
CA ILE A 52 3.89 1.31 3.40
C ILE A 52 3.07 0.06 3.67
N HIS A 53 3.74 -1.05 3.95
CA HIS A 53 3.08 -2.31 4.22
C HIS A 53 2.23 -2.22 5.48
N LEU A 54 2.73 -1.49 6.48
CA LEU A 54 2.02 -1.32 7.74
C LEU A 54 0.63 -0.74 7.51
N ALA A 55 0.57 0.32 6.71
CA ALA A 55 -0.70 0.97 6.40
C ALA A 55 -1.64 0.02 5.67
N VAL A 56 -1.07 -0.81 4.80
CA VAL A 56 -1.86 -1.76 4.02
C VAL A 56 -2.43 -2.85 4.92
N THR A 57 -1.57 -3.46 5.72
CA THR A 57 -2.00 -4.53 6.63
C THR A 57 -2.90 -3.99 7.73
N GLU A 58 -2.52 -2.85 8.28
CA GLU A 58 -3.30 -2.22 9.34
C GLU A 58 -4.72 -1.92 8.88
N MET A 59 -4.84 -1.49 7.62
CA MET A 59 -6.15 -1.17 7.04
C MET A 59 -7.03 -2.42 6.95
N ALA A 60 -6.46 -3.48 6.39
CA ALA A 60 -7.19 -4.74 6.23
C ALA A 60 -7.57 -5.33 7.59
N SER A 61 -6.68 -5.16 8.56
CA SER A 61 -6.91 -5.68 9.90
C SER A 61 -8.23 -5.15 10.47
N LEU A 62 -8.52 -3.90 10.18
CA LEU A 62 -9.76 -3.27 10.65
C LEU A 62 -10.99 -3.99 10.08
N PHE A 63 -10.78 -4.69 8.98
CA PHE A 63 -11.87 -5.42 8.33
C PHE A 63 -11.99 -6.84 8.89
N PRO A 64 -13.17 -7.43 8.74
CA PRO A 64 -13.45 -8.79 9.22
C PRO A 64 -12.70 -9.85 8.41
N LYS A 65 -12.71 -11.08 8.91
CA LYS A 65 -12.04 -12.19 8.25
C LYS A 65 -12.48 -12.29 6.78
N ARG A 66 -13.67 -11.79 6.49
CA ARG A 66 -14.20 -11.83 5.14
C ARG A 66 -15.18 -10.68 4.91
N PRO A 67 -14.87 -9.82 3.92
CA PRO A 67 -15.71 -8.66 3.59
C PRO A 67 -17.02 -9.08 2.93
N ALA A 68 -17.96 -8.14 2.87
CA ALA A 68 -19.26 -8.41 2.27
C ALA A 68 -19.53 -7.48 1.10
N LEU A 69 -18.46 -6.98 0.49
CA LEU A 69 -18.57 -6.07 -0.66
C LEU A 69 -17.81 -6.60 -1.86
N GLU A 70 -18.40 -6.45 -3.05
CA GLU A 70 -17.77 -6.92 -4.28
C GLU A 70 -16.44 -6.20 -4.51
N PRO A 71 -16.47 -4.87 -4.47
CA PRO A 71 -15.27 -4.04 -4.68
C PRO A 71 -14.30 -4.14 -3.52
N VAL A 72 -14.82 -4.40 -2.33
CA VAL A 72 -13.98 -4.52 -1.14
C VAL A 72 -13.10 -5.76 -1.22
N ARG A 73 -13.65 -6.84 -1.77
CA ARG A 73 -12.90 -8.09 -1.90
C ARG A 73 -11.71 -7.92 -2.83
N SER A 74 -11.95 -7.28 -3.99
CA SER A 74 -10.91 -7.05 -4.97
C SER A 74 -9.95 -5.96 -4.51
N SER A 75 -10.51 -4.89 -3.94
CA SER A 75 -9.71 -3.78 -3.47
C SER A 75 -8.74 -4.23 -2.38
N LEU A 76 -9.19 -5.13 -1.53
CA LEU A 76 -8.36 -5.65 -0.45
C LEU A 76 -7.34 -6.65 -0.98
N ARG A 77 -7.70 -7.34 -2.07
CA ARG A 77 -6.81 -8.32 -2.67
C ARG A 77 -5.64 -7.64 -3.39
N LEU A 78 -5.94 -6.53 -4.05
CA LEU A 78 -4.92 -5.79 -4.78
C LEU A 78 -4.05 -4.98 -3.83
N LEU A 79 -4.64 -4.52 -2.74
CA LEU A 79 -3.93 -3.73 -1.73
C LEU A 79 -2.78 -4.54 -1.14
N ASN A 80 -3.09 -5.75 -0.68
CA ASN A 80 -2.08 -6.62 -0.08
C ASN A 80 -1.03 -7.02 -1.11
N ALA A 81 -1.46 -7.26 -2.34
CA ALA A 81 -0.57 -7.65 -3.42
C ALA A 81 0.45 -6.54 -3.71
N SER A 82 0.00 -5.29 -3.56
CA SER A 82 0.85 -4.14 -3.83
C SER A 82 2.05 -4.13 -2.88
N ALA A 83 1.82 -4.55 -1.64
CA ALA A 83 2.88 -4.58 -0.64
C ALA A 83 3.86 -5.72 -0.92
N TYR A 84 3.33 -6.84 -1.40
CA TYR A 84 4.16 -8.00 -1.71
C TYR A 84 5.12 -7.69 -2.85
N ARG A 85 4.61 -7.07 -3.91
CA ARG A 85 5.42 -6.72 -5.06
C ARG A 85 6.50 -5.71 -4.67
N LEU A 86 6.10 -4.68 -3.94
CA LEU A 86 7.04 -3.65 -3.50
C LEU A 86 8.16 -4.24 -2.65
N GLN A 87 7.80 -5.22 -1.81
CA GLN A 87 8.79 -5.86 -0.95
C GLN A 87 9.92 -6.46 -1.77
N SER A 88 9.56 -7.18 -2.83
CA SER A 88 10.56 -7.82 -3.69
C SER A 88 11.38 -6.76 -4.44
N GLU A 89 10.69 -5.75 -4.97
CA GLU A 89 11.35 -4.69 -5.71
C GLU A 89 12.35 -3.95 -4.82
N CYS A 90 11.89 -3.54 -3.64
CA CYS A 90 12.74 -2.82 -2.70
C CYS A 90 13.82 -3.74 -2.13
N ARG A 91 13.46 -5.00 -1.93
CA ARG A 91 14.40 -5.99 -1.39
C ARG A 91 15.69 -6.02 -2.20
N LYS A 92 15.56 -5.85 -3.51
CA LYS A 92 16.70 -5.87 -4.41
C LYS A 92 17.16 -4.45 -4.74
N THR A 93 17.66 -3.75 -3.72
CA THR A 93 18.12 -2.38 -3.90
C THR A 93 19.64 -2.33 -4.06
N VAL A 94 20.17 -1.13 -4.29
CA VAL A 94 21.61 -0.95 -4.45
C VAL A 94 22.16 0.00 -3.39
N PRO A 95 22.11 -0.44 -2.12
CA PRO A 95 22.60 0.35 -0.99
C PRO A 95 24.13 0.46 -0.98
N PRO A 96 24.79 -0.53 -1.59
CA PRO A 96 26.26 -0.56 -1.67
C PRO A 96 26.81 0.52 -2.59
N GLU A 97 26.92 0.20 -3.88
CA GLU A 97 27.45 1.15 -4.86
C GLU A 97 26.65 1.08 -6.16
N PRO A 98 26.66 2.19 -6.92
CA PRO A 98 25.95 2.27 -8.19
C PRO A 98 26.58 1.40 -9.28
N GLY A 99 27.78 0.92 -9.01
CA GLY A 99 28.47 0.07 -9.97
C GLY A 99 28.02 -1.38 -9.90
N ALA A 100 27.21 -1.69 -8.90
CA ALA A 100 26.71 -3.04 -8.72
C ALA A 100 25.96 -3.52 -9.96
N PRO A 101 25.79 -4.85 -10.08
CA PRO A 101 25.11 -5.47 -11.23
C PRO A 101 23.61 -5.17 -11.22
N VAL A 102 23.13 -4.60 -10.12
CA VAL A 102 21.72 -4.26 -9.99
C VAL A 102 21.34 -3.09 -10.88
N ASP A 103 20.13 -3.12 -11.42
CA ASP A 103 19.64 -2.05 -12.30
C ASP A 103 19.10 -0.90 -11.48
N PHE A 104 19.99 -0.04 -10.99
CA PHE A 104 19.59 1.11 -10.19
C PHE A 104 18.52 1.92 -10.89
N GLN A 105 18.64 2.01 -12.22
CA GLN A 105 17.68 2.76 -13.02
C GLN A 105 16.33 2.05 -13.08
N LEU A 106 16.36 0.77 -13.42
CA LEU A 106 15.14 -0.03 -13.51
C LEU A 106 14.45 -0.12 -12.15
N LEU A 107 15.24 -0.04 -11.09
CA LEU A 107 14.70 -0.12 -9.73
C LEU A 107 13.70 1.00 -9.48
N THR A 108 14.08 2.23 -9.85
CA THR A 108 13.20 3.38 -9.68
C THR A 108 11.88 3.19 -10.40
N GLN A 109 11.94 2.58 -11.58
CA GLN A 109 10.74 2.33 -12.37
C GLN A 109 9.85 1.29 -11.71
N GLN A 110 10.48 0.31 -11.06
CA GLN A 110 9.73 -0.75 -10.39
C GLN A 110 9.02 -0.21 -9.15
N VAL A 111 9.73 0.59 -8.37
CA VAL A 111 9.16 1.17 -7.15
C VAL A 111 8.06 2.18 -7.49
N ILE A 112 8.28 2.96 -8.55
CA ILE A 112 7.31 3.95 -8.97
C ILE A 112 6.01 3.30 -9.41
N GLN A 113 6.12 2.25 -10.22
CA GLN A 113 4.95 1.54 -10.71
C GLN A 113 4.16 0.93 -9.56
N CYS A 114 4.86 0.28 -8.64
CA CYS A 114 4.23 -0.35 -7.48
C CYS A 114 3.63 0.70 -6.55
N ALA A 115 4.40 1.74 -6.27
CA ALA A 115 3.94 2.81 -5.39
C ALA A 115 2.75 3.54 -5.99
N TYR A 116 2.80 3.79 -7.30
CA TYR A 116 1.72 4.47 -8.00
C TYR A 116 0.46 3.62 -8.02
N ASP A 117 0.65 2.31 -8.16
CA ASP A 117 -0.47 1.37 -8.20
C ASP A 117 -1.17 1.30 -6.85
N ILE A 118 -0.39 1.14 -5.79
CA ILE A 118 -0.94 1.06 -4.45
C ILE A 118 -1.57 2.37 -4.03
N ALA A 119 -0.97 3.48 -4.47
CA ALA A 119 -1.48 4.81 -4.15
C ALA A 119 -2.83 5.05 -4.81
N LYS A 120 -2.94 4.69 -6.08
CA LYS A 120 -4.18 4.87 -6.83
C LYS A 120 -5.28 3.95 -6.29
N ALA A 121 -4.90 2.73 -5.94
CA ALA A 121 -5.85 1.76 -5.41
C ALA A 121 -6.50 2.27 -4.13
N ALA A 122 -5.78 3.12 -3.41
CA ALA A 122 -6.28 3.68 -2.16
C ALA A 122 -7.41 4.68 -2.42
N LYS A 123 -7.26 5.47 -3.48
CA LYS A 123 -8.27 6.46 -3.83
C LYS A 123 -9.62 5.80 -4.08
N GLN A 124 -9.60 4.62 -4.70
CA GLN A 124 -10.82 3.89 -4.98
C GLN A 124 -11.41 3.29 -3.71
N LEU A 125 -10.55 2.99 -2.74
CA LEU A 125 -10.98 2.41 -1.48
C LEU A 125 -11.57 3.48 -0.56
N VAL A 126 -10.95 4.65 -0.56
CA VAL A 126 -11.40 5.77 0.27
C VAL A 126 -12.71 6.35 -0.26
N THR A 127 -12.84 6.39 -1.59
CA THR A 127 -14.04 6.91 -2.22
C THR A 127 -15.23 5.99 -2.02
N ILE A 128 -14.95 4.69 -1.98
CA ILE A 128 -16.00 3.69 -1.79
C ILE A 128 -16.62 3.80 -0.39
N THR A 129 -15.77 4.07 0.60
CA THR A 129 -16.23 4.20 1.98
C THR A 129 -17.10 5.45 2.15
N THR A 130 -16.66 6.55 1.56
CA THR A 130 -17.40 7.80 1.66
C THR A 130 -18.74 7.71 0.93
N ARG A 131 -18.71 7.22 -0.30
CA ARG A 131 -19.92 7.08 -1.09
C ARG A 131 -20.80 5.95 -0.55
N GLU A 132 -20.18 5.02 0.16
CA GLU A 132 -20.91 3.90 0.74
C GLU A 132 -22.11 4.38 1.55
N LYS A 133 -23.02 3.46 1.86
CA LYS A 133 -24.21 3.79 2.63
C LYS A 133 -24.25 3.01 3.93
N LYS A 134 -23.73 1.77 3.90
CA LYS A 134 -23.71 0.92 5.08
C LYS A 134 -25.11 0.71 5.62
N GLN A 135 -25.74 -0.39 5.22
CA GLN A 135 -27.09 -0.71 5.66
C GLN A 135 -27.07 -1.84 6.69
N LEU A 5 -10.66 -12.11 13.84
CA LEU A 5 -12.06 -12.22 14.25
C LEU A 5 -12.77 -13.32 13.47
N ASP A 6 -13.98 -13.66 13.91
CA ASP A 6 -14.77 -14.69 13.26
C ASP A 6 -16.26 -14.36 13.31
N GLY A 7 -17.01 -14.90 12.34
CA GLY A 7 -18.43 -14.64 12.30
C GLY A 7 -18.90 -14.21 10.93
N ASP A 8 -20.20 -13.91 10.81
CA ASP A 8 -20.77 -13.49 9.54
C ASP A 8 -20.00 -12.30 8.96
N PRO A 9 -20.08 -12.13 7.64
CA PRO A 9 -19.39 -11.04 6.94
C PRO A 9 -20.02 -9.68 7.24
N ASP A 10 -19.20 -8.64 7.16
CA ASP A 10 -19.68 -7.28 7.43
C ASP A 10 -19.99 -6.55 6.13
N PRO A 11 -21.12 -5.82 6.11
CA PRO A 11 -21.55 -5.06 4.93
C PRO A 11 -20.66 -3.87 4.65
N GLY A 12 -20.41 -3.07 5.70
CA GLY A 12 -19.58 -1.89 5.54
C GLY A 12 -18.33 -1.95 6.40
N LEU A 13 -17.95 -0.83 6.97
CA LEU A 13 -16.76 -0.75 7.82
C LEU A 13 -17.15 -0.58 9.28
N PRO A 14 -16.27 -1.06 10.18
CA PRO A 14 -16.49 -0.97 11.63
C PRO A 14 -16.38 0.46 12.15
N SER A 15 -15.29 1.12 11.81
CA SER A 15 -15.06 2.49 12.24
C SER A 15 -14.80 3.40 11.05
N THR A 16 -15.64 4.42 10.91
CA THR A 16 -15.50 5.37 9.80
C THR A 16 -14.19 6.16 9.91
N GLU A 17 -13.97 6.77 11.07
CA GLU A 17 -12.76 7.55 11.29
C GLU A 17 -11.52 6.70 11.11
N ASP A 18 -11.52 5.52 11.73
CA ASP A 18 -10.38 4.61 11.63
C ASP A 18 -10.00 4.38 10.18
N VAL A 19 -11.01 4.32 9.30
CA VAL A 19 -10.78 4.10 7.89
C VAL A 19 -10.10 5.30 7.24
N ILE A 20 -10.61 6.48 7.53
CA ILE A 20 -10.05 7.71 6.98
C ILE A 20 -8.57 7.85 7.33
N LEU A 21 -8.26 7.73 8.62
CA LEU A 21 -6.89 7.84 9.10
C LEU A 21 -6.04 6.70 8.56
N LYS A 22 -6.67 5.55 8.32
CA LYS A 22 -5.97 4.38 7.80
C LYS A 22 -5.59 4.60 6.34
N THR A 23 -6.46 5.25 5.59
CA THR A 23 -6.21 5.52 4.17
C THR A 23 -5.32 6.74 4.00
N GLU A 24 -5.60 7.80 4.74
CA GLU A 24 -4.82 9.03 4.66
C GLU A 24 -3.35 8.76 4.96
N GLN A 25 -3.11 7.84 5.90
CA GLN A 25 -1.74 7.50 6.28
C GLN A 25 -1.05 6.69 5.19
N VAL A 26 -1.84 5.93 4.44
CA VAL A 26 -1.31 5.12 3.35
C VAL A 26 -0.70 5.98 2.26
N THR A 27 -1.42 7.01 1.85
CA THR A 27 -0.95 7.93 0.82
C THR A 27 0.37 8.58 1.22
N LYS A 28 0.51 8.88 2.51
CA LYS A 28 1.72 9.49 3.02
C LYS A 28 2.90 8.54 2.93
N ASN A 29 2.68 7.29 3.33
CA ASN A 29 3.73 6.28 3.31
C ASN A 29 4.22 6.06 1.88
N ILE A 30 3.32 6.20 0.91
CA ILE A 30 3.68 6.02 -0.49
C ILE A 30 4.54 7.18 -0.99
N GLN A 31 4.23 8.38 -0.53
CA GLN A 31 4.97 9.58 -0.94
C GLN A 31 6.45 9.44 -0.58
N GLU A 32 6.72 8.78 0.55
CA GLU A 32 8.09 8.59 1.02
C GLU A 32 8.90 7.79 0.00
N LEU A 33 8.24 6.83 -0.65
CA LEU A 33 8.90 6.00 -1.65
C LEU A 33 9.21 6.79 -2.91
N LEU A 34 8.29 7.68 -3.29
CA LEU A 34 8.48 8.50 -4.48
C LEU A 34 9.61 9.50 -4.28
N ARG A 35 9.58 10.21 -3.15
CA ARG A 35 10.61 11.19 -2.84
C ARG A 35 11.98 10.54 -2.75
N ALA A 36 12.02 9.32 -2.21
CA ALA A 36 13.27 8.59 -2.08
C ALA A 36 13.85 8.23 -3.44
N ALA A 37 12.97 8.00 -4.41
CA ALA A 37 13.39 7.66 -5.77
C ALA A 37 14.02 8.85 -6.47
N GLN A 38 13.34 9.98 -6.43
CA GLN A 38 13.82 11.20 -7.07
C GLN A 38 15.12 11.66 -6.42
N GLU A 39 15.34 11.27 -5.17
CA GLU A 39 16.54 11.64 -4.44
C GLU A 39 17.61 10.57 -4.57
N PHE A 40 17.38 9.61 -5.46
CA PHE A 40 18.34 8.53 -5.68
C PHE A 40 18.71 7.86 -4.36
N LYS A 41 17.73 7.24 -3.72
CA LYS A 41 17.96 6.55 -2.45
C LYS A 41 17.43 5.12 -2.50
N HIS A 42 18.26 4.21 -3.01
CA HIS A 42 17.87 2.81 -3.11
C HIS A 42 17.69 2.19 -1.72
N ASP A 43 18.55 2.58 -0.79
CA ASP A 43 18.47 2.08 0.58
C ASP A 43 17.23 2.61 1.29
N SER A 44 16.72 3.74 0.82
CA SER A 44 15.54 4.36 1.40
C SER A 44 14.27 3.60 1.02
N PHE A 45 14.39 2.75 0.00
CA PHE A 45 13.26 1.96 -0.46
C PHE A 45 12.90 0.87 0.54
N VAL A 46 13.91 0.32 1.19
CA VAL A 46 13.71 -0.74 2.18
C VAL A 46 12.73 -0.29 3.26
N PRO A 47 13.06 0.81 3.93
CA PRO A 47 12.22 1.37 5.00
C PRO A 47 10.92 1.96 4.47
N CYS A 48 11.02 2.71 3.38
CA CYS A 48 9.85 3.34 2.77
C CYS A 48 8.83 2.29 2.34
N SER A 49 9.34 1.13 1.91
CA SER A 49 8.47 0.05 1.46
C SER A 49 7.82 -0.66 2.65
N GLU A 50 8.54 -0.71 3.77
CA GLU A 50 8.04 -1.35 4.98
C GLU A 50 6.91 -0.53 5.60
N LYS A 51 7.13 0.77 5.73
CA LYS A 51 6.13 1.67 6.30
C LYS A 51 4.83 1.60 5.52
N ILE A 52 4.95 1.49 4.20
CA ILE A 52 3.78 1.42 3.32
C ILE A 52 2.99 0.14 3.57
N HIS A 53 3.71 -0.95 3.82
CA HIS A 53 3.07 -2.25 4.07
C HIS A 53 2.24 -2.20 5.35
N LEU A 54 2.73 -1.47 6.34
CA LEU A 54 2.02 -1.35 7.62
C LEU A 54 0.62 -0.78 7.41
N ALA A 55 0.55 0.32 6.68
CA ALA A 55 -0.73 0.97 6.40
C ALA A 55 -1.65 0.05 5.61
N VAL A 56 -1.07 -0.72 4.69
CA VAL A 56 -1.83 -1.64 3.87
C VAL A 56 -2.40 -2.79 4.70
N THR A 57 -1.52 -3.45 5.46
CA THR A 57 -1.93 -4.56 6.31
C THR A 57 -2.85 -4.10 7.43
N GLU A 58 -2.50 -2.96 8.06
CA GLU A 58 -3.29 -2.42 9.14
C GLU A 58 -4.71 -2.12 8.68
N MET A 59 -4.84 -1.64 7.45
CA MET A 59 -6.14 -1.31 6.88
C MET A 59 -7.00 -2.57 6.73
N ALA A 60 -6.43 -3.60 6.12
CA ALA A 60 -7.14 -4.85 5.92
C ALA A 60 -7.41 -5.56 7.24
N SER A 61 -6.46 -5.46 8.16
CA SER A 61 -6.58 -6.08 9.47
C SER A 61 -7.87 -5.64 10.16
N LEU A 62 -8.20 -4.36 10.02
CA LEU A 62 -9.40 -3.81 10.63
C LEU A 62 -10.66 -4.47 10.07
N PHE A 63 -10.53 -5.07 8.89
CA PHE A 63 -11.64 -5.76 8.25
C PHE A 63 -11.54 -7.26 8.44
N PRO A 64 -12.70 -7.94 8.39
CA PRO A 64 -12.78 -9.39 8.55
C PRO A 64 -12.17 -10.14 7.36
N LYS A 65 -11.76 -11.38 7.59
CA LYS A 65 -11.17 -12.20 6.54
C LYS A 65 -12.19 -12.51 5.46
N ARG A 66 -13.46 -12.26 5.76
CA ARG A 66 -14.53 -12.52 4.80
C ARG A 66 -15.52 -11.35 4.76
N PRO A 67 -15.18 -10.33 3.97
CA PRO A 67 -16.02 -9.14 3.83
C PRO A 67 -17.32 -9.43 3.08
N ALA A 68 -18.29 -8.53 3.21
CA ALA A 68 -19.58 -8.69 2.56
C ALA A 68 -19.74 -7.67 1.41
N LEU A 69 -18.62 -7.11 0.98
CA LEU A 69 -18.64 -6.13 -0.11
C LEU A 69 -17.99 -6.69 -1.37
N GLU A 70 -18.63 -6.47 -2.51
CA GLU A 70 -18.11 -6.96 -3.78
C GLU A 70 -16.75 -6.32 -4.09
N PRO A 71 -16.70 -4.98 -4.01
CA PRO A 71 -15.48 -4.21 -4.28
C PRO A 71 -14.41 -4.42 -3.20
N VAL A 72 -14.87 -4.70 -1.97
CA VAL A 72 -13.95 -4.92 -0.86
C VAL A 72 -13.14 -6.19 -1.06
N ARG A 73 -13.78 -7.21 -1.62
CA ARG A 73 -13.11 -8.49 -1.87
C ARG A 73 -12.01 -8.33 -2.92
N SER A 74 -12.33 -7.65 -4.01
CA SER A 74 -11.38 -7.43 -5.09
C SER A 74 -10.34 -6.38 -4.69
N SER A 75 -10.78 -5.38 -3.94
CA SER A 75 -9.89 -4.31 -3.49
C SER A 75 -8.74 -4.87 -2.67
N LEU A 76 -9.01 -5.95 -1.94
CA LEU A 76 -7.99 -6.58 -1.10
C LEU A 76 -6.99 -7.35 -1.96
N ARG A 77 -7.44 -7.81 -3.11
CA ARG A 77 -6.59 -8.57 -4.03
C ARG A 77 -5.39 -7.74 -4.46
N LEU A 78 -5.66 -6.55 -5.00
CA LEU A 78 -4.59 -5.67 -5.45
C LEU A 78 -3.92 -4.97 -4.26
N LEU A 79 -4.70 -4.71 -3.22
CA LEU A 79 -4.19 -4.05 -2.03
C LEU A 79 -3.07 -4.87 -1.39
N ASN A 80 -3.34 -6.15 -1.15
CA ASN A 80 -2.36 -7.04 -0.55
C ASN A 80 -1.16 -7.24 -1.47
N ALA A 81 -1.44 -7.46 -2.76
CA ALA A 81 -0.39 -7.66 -3.74
C ALA A 81 0.48 -6.42 -3.87
N SER A 82 -0.12 -5.25 -3.70
CA SER A 82 0.61 -3.99 -3.80
C SER A 82 1.71 -3.91 -2.75
N ALA A 83 1.36 -4.23 -1.50
CA ALA A 83 2.30 -4.20 -0.41
C ALA A 83 3.32 -5.32 -0.53
N TYR A 84 2.90 -6.43 -1.13
CA TYR A 84 3.79 -7.58 -1.31
C TYR A 84 4.79 -7.33 -2.44
N ARG A 85 4.34 -6.61 -3.47
CA ARG A 85 5.20 -6.30 -4.60
C ARG A 85 6.26 -5.27 -4.23
N LEU A 86 5.86 -4.26 -3.47
CA LEU A 86 6.78 -3.21 -3.04
C LEU A 86 7.92 -3.80 -2.21
N GLN A 87 7.59 -4.78 -1.37
CA GLN A 87 8.58 -5.42 -0.52
C GLN A 87 9.65 -6.13 -1.37
N SER A 88 9.20 -6.75 -2.44
CA SER A 88 10.12 -7.48 -3.33
C SER A 88 11.06 -6.51 -4.03
N GLU A 89 10.53 -5.34 -4.41
CA GLU A 89 11.33 -4.33 -5.09
C GLU A 89 12.39 -3.74 -4.16
N CYS A 90 11.97 -3.35 -2.96
CA CYS A 90 12.88 -2.78 -1.98
C CYS A 90 13.89 -3.82 -1.50
N ARG A 91 13.49 -5.08 -1.56
CA ARG A 91 14.36 -6.17 -1.13
C ARG A 91 15.59 -6.28 -2.04
N LYS A 92 15.39 -6.03 -3.32
CA LYS A 92 16.49 -6.10 -4.29
C LYS A 92 16.91 -4.70 -4.73
N THR A 93 17.60 -3.98 -3.85
CA THR A 93 18.05 -2.64 -4.15
C THR A 93 19.58 -2.57 -4.18
N VAL A 94 20.12 -1.37 -4.40
CA VAL A 94 21.56 -1.17 -4.45
C VAL A 94 22.02 -0.20 -3.37
N PRO A 95 21.86 -0.62 -2.10
CA PRO A 95 22.27 0.20 -0.95
C PRO A 95 23.78 0.34 -0.84
N PRO A 96 24.52 -0.65 -1.38
CA PRO A 96 25.98 -0.65 -1.35
C PRO A 96 26.58 0.42 -2.25
N GLU A 97 26.79 0.09 -3.51
CA GLU A 97 27.37 1.03 -4.47
C GLU A 97 26.67 0.94 -5.82
N PRO A 98 26.72 2.03 -6.59
CA PRO A 98 26.09 2.09 -7.91
C PRO A 98 26.80 1.21 -8.93
N GLY A 99 28.00 0.76 -8.59
CA GLY A 99 28.77 -0.08 -9.49
C GLY A 99 28.33 -1.53 -9.43
N ALA A 100 27.48 -1.85 -8.46
CA ALA A 100 26.99 -3.22 -8.31
C ALA A 100 26.35 -3.72 -9.59
N PRO A 101 26.20 -5.05 -9.71
CA PRO A 101 25.61 -5.68 -10.88
C PRO A 101 24.11 -5.42 -10.99
N VAL A 102 23.54 -4.83 -9.94
CA VAL A 102 22.12 -4.52 -9.91
C VAL A 102 21.80 -3.30 -10.78
N ASP A 103 20.64 -3.33 -11.43
CA ASP A 103 20.23 -2.23 -12.29
C ASP A 103 19.53 -1.14 -11.48
N PHE A 104 20.30 -0.22 -10.93
CA PHE A 104 19.76 0.87 -10.13
C PHE A 104 18.71 1.64 -10.92
N GLN A 105 18.84 1.63 -12.24
CA GLN A 105 17.91 2.34 -13.11
C GLN A 105 16.53 1.69 -13.07
N LEU A 106 16.48 0.39 -13.34
CA LEU A 106 15.22 -0.36 -13.34
C LEU A 106 14.59 -0.34 -11.95
N LEU A 107 15.42 -0.22 -10.93
CA LEU A 107 14.94 -0.19 -9.56
C LEU A 107 13.97 0.97 -9.34
N THR A 108 14.38 2.16 -9.76
CA THR A 108 13.55 3.35 -9.62
C THR A 108 12.21 3.17 -10.32
N GLN A 109 12.22 2.49 -11.47
CA GLN A 109 11.01 2.24 -12.24
C GLN A 109 10.10 1.26 -11.51
N GLN A 110 10.70 0.29 -10.83
CA GLN A 110 9.95 -0.72 -10.10
C GLN A 110 9.27 -0.11 -8.88
N VAL A 111 10.03 0.69 -8.12
CA VAL A 111 9.50 1.33 -6.92
C VAL A 111 8.40 2.33 -7.28
N ILE A 112 8.59 3.04 -8.38
CA ILE A 112 7.60 4.03 -8.82
C ILE A 112 6.30 3.36 -9.23
N GLN A 113 6.41 2.31 -10.04
CA GLN A 113 5.22 1.58 -10.50
C GLN A 113 4.45 1.01 -9.31
N CYS A 114 5.16 0.39 -8.39
CA CYS A 114 4.54 -0.21 -7.21
C CYS A 114 3.86 0.86 -6.35
N ALA A 115 4.56 1.97 -6.14
CA ALA A 115 4.04 3.07 -5.34
C ALA A 115 2.82 3.70 -6.01
N TYR A 116 2.91 3.89 -7.32
CA TYR A 116 1.82 4.50 -8.09
C TYR A 116 0.61 3.56 -8.13
N ASP A 117 0.88 2.26 -8.20
CA ASP A 117 -0.17 1.26 -8.25
C ASP A 117 -0.90 1.17 -6.91
N ILE A 118 -0.13 1.07 -5.83
CA ILE A 118 -0.70 0.97 -4.50
C ILE A 118 -1.42 2.26 -4.11
N ALA A 119 -0.91 3.38 -4.58
CA ALA A 119 -1.51 4.68 -4.29
C ALA A 119 -2.87 4.81 -4.96
N LYS A 120 -2.96 4.38 -6.20
CA LYS A 120 -4.20 4.45 -6.96
C LYS A 120 -5.27 3.57 -6.32
N ALA A 121 -4.85 2.43 -5.78
CA ALA A 121 -5.76 1.50 -5.14
C ALA A 121 -6.42 2.13 -3.91
N ALA A 122 -5.64 2.91 -3.17
CA ALA A 122 -6.13 3.58 -1.97
C ALA A 122 -7.24 4.56 -2.31
N LYS A 123 -7.08 5.25 -3.43
CA LYS A 123 -8.08 6.23 -3.88
C LYS A 123 -9.44 5.58 -4.06
N GLN A 124 -9.44 4.36 -4.58
CA GLN A 124 -10.68 3.63 -4.80
C GLN A 124 -11.28 3.15 -3.49
N LEU A 125 -10.41 2.92 -2.51
CA LEU A 125 -10.86 2.45 -1.20
C LEU A 125 -11.43 3.60 -0.37
N VAL A 126 -10.78 4.76 -0.46
CA VAL A 126 -11.22 5.94 0.27
C VAL A 126 -12.51 6.50 -0.30
N THR A 127 -12.65 6.43 -1.63
CA THR A 127 -13.84 6.93 -2.31
C THR A 127 -15.04 6.04 -2.01
N ILE A 128 -14.79 4.74 -1.85
CA ILE A 128 -15.86 3.79 -1.58
C ILE A 128 -16.47 4.04 -0.19
N THR A 129 -15.61 4.37 0.77
CA THR A 129 -16.07 4.63 2.12
C THR A 129 -16.92 5.89 2.19
N THR A 130 -16.50 6.93 1.45
CA THR A 130 -17.22 8.19 1.43
C THR A 130 -18.59 8.03 0.79
N ARG A 131 -18.62 7.39 -0.38
CA ARG A 131 -19.87 7.17 -1.11
C ARG A 131 -20.79 6.23 -0.33
N GLU A 132 -20.20 5.45 0.57
CA GLU A 132 -20.96 4.51 1.37
C GLU A 132 -21.82 5.24 2.40
N LYS A 133 -21.34 6.37 2.87
CA LYS A 133 -22.06 7.17 3.86
C LYS A 133 -22.20 6.42 5.17
N LYS A 134 -21.27 5.52 5.44
CA LYS A 134 -21.28 4.73 6.66
C LYS A 134 -20.67 5.51 7.83
N GLN A 135 -21.50 5.85 8.81
CA GLN A 135 -21.04 6.59 9.97
C GLN A 135 -22.14 6.69 11.02
N LEU A 5 -11.87 -13.51 14.07
CA LEU A 5 -12.75 -14.49 13.46
C LEU A 5 -14.08 -13.87 13.07
N ASP A 6 -14.79 -13.32 14.06
CA ASP A 6 -16.08 -12.69 13.82
C ASP A 6 -17.04 -13.65 13.12
N GLY A 7 -18.21 -13.14 12.75
CA GLY A 7 -19.20 -13.97 12.09
C GLY A 7 -19.39 -13.59 10.63
N ASP A 8 -20.64 -13.43 10.22
CA ASP A 8 -20.95 -13.06 8.85
C ASP A 8 -20.16 -11.83 8.42
N PRO A 9 -20.01 -11.66 7.09
CA PRO A 9 -19.27 -10.53 6.52
C PRO A 9 -19.99 -9.21 6.71
N ASP A 10 -19.22 -8.13 6.77
CA ASP A 10 -19.80 -6.80 6.95
C ASP A 10 -19.93 -6.08 5.60
N PRO A 11 -21.07 -5.40 5.40
CA PRO A 11 -21.34 -4.66 4.16
C PRO A 11 -20.47 -3.42 4.03
N GLY A 12 -20.42 -2.62 5.08
CA GLY A 12 -19.61 -1.41 5.07
C GLY A 12 -18.39 -1.51 5.96
N LEU A 13 -18.01 -0.39 6.58
CA LEU A 13 -16.86 -0.36 7.47
C LEU A 13 -17.29 -0.14 8.90
N PRO A 14 -16.47 -0.66 9.85
CA PRO A 14 -16.75 -0.53 11.28
C PRO A 14 -16.58 0.91 11.78
N SER A 15 -15.44 1.51 11.46
CA SER A 15 -15.15 2.87 11.88
C SER A 15 -14.83 3.76 10.67
N THR A 16 -15.62 4.81 10.49
CA THR A 16 -15.43 5.73 9.38
C THR A 16 -14.10 6.47 9.50
N GLU A 17 -13.89 7.10 10.65
CA GLU A 17 -12.66 7.85 10.90
C GLU A 17 -11.43 6.94 10.75
N ASP A 18 -11.50 5.78 11.39
CA ASP A 18 -10.39 4.83 11.34
C ASP A 18 -9.98 4.55 9.89
N VAL A 19 -10.96 4.52 8.99
CA VAL A 19 -10.70 4.27 7.58
C VAL A 19 -9.97 5.43 6.95
N ILE A 20 -10.45 6.65 7.21
CA ILE A 20 -9.84 7.85 6.65
C ILE A 20 -8.37 7.95 7.05
N LEU A 21 -8.11 7.85 8.35
CA LEU A 21 -6.74 7.92 8.86
C LEU A 21 -5.90 6.74 8.34
N LYS A 22 -6.56 5.62 8.11
CA LYS A 22 -5.88 4.42 7.62
C LYS A 22 -5.45 4.60 6.17
N THR A 23 -6.28 5.29 5.39
CA THR A 23 -5.99 5.53 3.99
C THR A 23 -5.04 6.72 3.81
N GLU A 24 -5.33 7.80 4.55
CA GLU A 24 -4.50 9.00 4.48
C GLU A 24 -3.06 8.69 4.83
N GLN A 25 -2.86 7.78 5.78
CA GLN A 25 -1.53 7.39 6.22
C GLN A 25 -0.83 6.57 5.14
N VAL A 26 -1.60 5.82 4.37
CA VAL A 26 -1.05 4.99 3.31
C VAL A 26 -0.39 5.84 2.23
N THR A 27 -1.08 6.90 1.82
CA THR A 27 -0.55 7.79 0.79
C THR A 27 0.76 8.42 1.23
N LYS A 28 0.87 8.71 2.52
CA LYS A 28 2.09 9.32 3.06
C LYS A 28 3.26 8.34 3.00
N ASN A 29 3.00 7.10 3.40
CA ASN A 29 4.03 6.06 3.40
C ASN A 29 4.57 5.84 1.98
N ILE A 30 3.68 5.93 0.99
CA ILE A 30 4.06 5.74 -0.40
C ILE A 30 4.98 6.86 -0.87
N GLN A 31 4.69 8.08 -0.44
CA GLN A 31 5.49 9.24 -0.81
C GLN A 31 6.95 9.04 -0.43
N GLU A 32 7.18 8.35 0.67
CA GLU A 32 8.53 8.08 1.14
C GLU A 32 9.31 7.27 0.13
N LEU A 33 8.63 6.32 -0.51
CA LEU A 33 9.28 5.47 -1.51
C LEU A 33 9.57 6.25 -2.79
N LEU A 34 8.64 7.11 -3.18
CA LEU A 34 8.79 7.93 -4.37
C LEU A 34 9.87 8.98 -4.18
N ARG A 35 9.78 9.71 -3.08
CA ARG A 35 10.74 10.76 -2.77
C ARG A 35 12.16 10.19 -2.68
N ALA A 36 12.27 8.97 -2.14
CA ALA A 36 13.56 8.32 -2.01
C ALA A 36 14.13 7.94 -3.37
N ALA A 37 13.25 7.65 -4.31
CA ALA A 37 13.66 7.28 -5.66
C ALA A 37 14.30 8.45 -6.38
N GLN A 38 13.63 9.60 -6.35
CA GLN A 38 14.14 10.81 -7.00
C GLN A 38 15.42 11.29 -6.34
N GLU A 39 15.48 11.15 -5.02
CA GLU A 39 16.65 11.58 -4.25
C GLU A 39 17.75 10.52 -4.31
N PHE A 40 17.44 9.39 -4.93
CA PHE A 40 18.41 8.29 -5.05
C PHE A 40 18.80 7.76 -3.68
N LYS A 41 17.89 7.02 -3.05
CA LYS A 41 18.14 6.45 -1.73
C LYS A 41 17.74 4.99 -1.69
N HIS A 42 18.47 4.14 -2.40
CA HIS A 42 18.20 2.72 -2.45
C HIS A 42 18.19 2.13 -1.04
N ASP A 43 18.99 2.71 -0.16
CA ASP A 43 19.08 2.24 1.22
C ASP A 43 17.81 2.58 1.99
N SER A 44 17.08 3.59 1.52
CA SER A 44 15.85 4.01 2.17
C SER A 44 14.65 3.26 1.59
N PHE A 45 14.88 2.49 0.55
CA PHE A 45 13.82 1.72 -0.09
C PHE A 45 13.37 0.57 0.79
N VAL A 46 14.32 -0.01 1.53
CA VAL A 46 14.01 -1.12 2.43
C VAL A 46 12.97 -0.73 3.47
N PRO A 47 13.27 0.35 4.22
CA PRO A 47 12.37 0.86 5.26
C PRO A 47 11.11 1.49 4.68
N CYS A 48 11.27 2.23 3.59
CA CYS A 48 10.14 2.89 2.94
C CYS A 48 9.09 1.87 2.51
N SER A 49 9.54 0.68 2.13
CA SER A 49 8.65 -0.38 1.70
C SER A 49 7.94 -1.02 2.90
N GLU A 50 8.65 -1.08 4.02
CA GLU A 50 8.09 -1.67 5.23
C GLU A 50 6.99 -0.79 5.81
N LYS A 51 7.26 0.50 5.92
CA LYS A 51 6.30 1.45 6.45
C LYS A 51 5.00 1.42 5.65
N ILE A 52 5.13 1.25 4.34
CA ILE A 52 3.96 1.20 3.47
C ILE A 52 3.13 -0.05 3.73
N HIS A 53 3.81 -1.16 4.02
CA HIS A 53 3.13 -2.43 4.29
C HIS A 53 2.28 -2.32 5.56
N LEU A 54 2.79 -1.58 6.54
CA LEU A 54 2.08 -1.40 7.80
C LEU A 54 0.68 -0.82 7.57
N ALA A 55 0.61 0.23 6.77
CA ALA A 55 -0.66 0.87 6.46
C ALA A 55 -1.59 -0.08 5.72
N VAL A 56 -1.00 -0.90 4.84
CA VAL A 56 -1.78 -1.86 4.06
C VAL A 56 -2.37 -2.95 4.96
N THR A 57 -1.50 -3.57 5.76
CA THR A 57 -1.93 -4.63 6.66
C THR A 57 -2.84 -4.09 7.75
N GLU A 58 -2.47 -2.95 8.33
CA GLU A 58 -3.25 -2.33 9.38
C GLU A 58 -4.67 -2.01 8.90
N MET A 59 -4.77 -1.61 7.63
CA MET A 59 -6.06 -1.27 7.05
C MET A 59 -6.96 -2.49 6.97
N ALA A 60 -6.42 -3.59 6.43
CA ALA A 60 -7.18 -4.83 6.30
C ALA A 60 -7.59 -5.36 7.67
N SER A 61 -6.71 -5.19 8.66
CA SER A 61 -6.98 -5.67 10.01
C SER A 61 -8.29 -5.10 10.53
N LEU A 62 -8.58 -3.85 10.16
CA LEU A 62 -9.80 -3.19 10.60
C LEU A 62 -11.02 -3.87 10.01
N PHE A 63 -10.82 -4.62 8.92
CA PHE A 63 -11.91 -5.33 8.27
C PHE A 63 -12.11 -6.71 8.88
N PRO A 64 -13.31 -7.28 8.69
CA PRO A 64 -13.66 -8.60 9.22
C PRO A 64 -12.92 -9.71 8.49
N LYS A 65 -13.05 -10.94 9.00
CA LYS A 65 -12.40 -12.09 8.40
C LYS A 65 -12.77 -12.22 6.93
N ARG A 66 -13.91 -11.65 6.55
CA ARG A 66 -14.38 -11.70 5.18
C ARG A 66 -15.32 -10.54 4.88
N PRO A 67 -14.96 -9.73 3.87
CA PRO A 67 -15.77 -8.57 3.47
C PRO A 67 -17.09 -8.98 2.81
N ALA A 68 -18.02 -8.04 2.73
CA ALA A 68 -19.32 -8.30 2.12
C ALA A 68 -19.57 -7.39 0.94
N LEU A 69 -18.48 -6.92 0.32
CA LEU A 69 -18.57 -6.03 -0.83
C LEU A 69 -17.78 -6.58 -2.01
N GLU A 70 -18.34 -6.45 -3.21
CA GLU A 70 -17.68 -6.94 -4.41
C GLU A 70 -16.35 -6.22 -4.62
N PRO A 71 -16.38 -4.88 -4.62
CA PRO A 71 -15.18 -4.07 -4.81
C PRO A 71 -14.23 -4.15 -3.62
N VAL A 72 -14.78 -4.39 -2.44
CA VAL A 72 -13.99 -4.49 -1.23
C VAL A 72 -13.10 -5.73 -1.26
N ARG A 73 -13.62 -6.82 -1.79
CA ARG A 73 -12.88 -8.07 -1.89
C ARG A 73 -11.68 -7.92 -2.82
N SER A 74 -11.91 -7.32 -3.97
CA SER A 74 -10.85 -7.11 -4.96
C SER A 74 -9.89 -6.02 -4.51
N SER A 75 -10.45 -4.94 -3.96
CA SER A 75 -9.65 -3.82 -3.49
C SER A 75 -8.68 -4.26 -2.40
N LEU A 76 -9.15 -5.16 -1.54
CA LEU A 76 -8.33 -5.66 -0.43
C LEU A 76 -7.31 -6.68 -0.94
N ARG A 77 -7.67 -7.37 -2.02
CA ARG A 77 -6.78 -8.37 -2.62
C ARG A 77 -5.61 -7.71 -3.33
N LEU A 78 -5.89 -6.62 -4.02
CA LEU A 78 -4.86 -5.89 -4.75
C LEU A 78 -3.99 -5.08 -3.79
N LEU A 79 -4.59 -4.59 -2.71
CA LEU A 79 -3.87 -3.80 -1.72
C LEU A 79 -2.74 -4.60 -1.10
N ASN A 80 -3.05 -5.81 -0.64
CA ASN A 80 -2.05 -6.69 -0.03
C ASN A 80 -1.00 -7.10 -1.04
N ALA A 81 -1.43 -7.34 -2.28
CA ALA A 81 -0.52 -7.75 -3.34
C ALA A 81 0.50 -6.66 -3.64
N SER A 82 0.06 -5.40 -3.50
CA SER A 82 0.93 -4.27 -3.76
C SER A 82 2.13 -4.27 -2.81
N ALA A 83 1.89 -4.68 -1.57
CA ALA A 83 2.95 -4.73 -0.56
C ALA A 83 3.91 -5.87 -0.85
N TYR A 84 3.38 -7.00 -1.33
CA TYR A 84 4.19 -8.16 -1.63
C TYR A 84 5.17 -7.86 -2.77
N ARG A 85 4.66 -7.24 -3.83
CA ARG A 85 5.47 -6.90 -4.98
C ARG A 85 6.56 -5.89 -4.61
N LEU A 86 6.17 -4.86 -3.87
CA LEU A 86 7.09 -3.82 -3.44
C LEU A 86 8.21 -4.42 -2.59
N GLN A 87 7.87 -5.39 -1.75
CA GLN A 87 8.84 -6.05 -0.88
C GLN A 87 9.97 -6.65 -1.71
N SER A 88 9.62 -7.37 -2.76
CA SER A 88 10.60 -8.01 -3.63
C SER A 88 11.42 -6.98 -4.38
N GLU A 89 10.74 -5.96 -4.92
CA GLU A 89 11.41 -4.91 -5.66
C GLU A 89 12.40 -4.17 -4.77
N CYS A 90 11.95 -3.76 -3.60
CA CYS A 90 12.81 -3.04 -2.65
C CYS A 90 13.89 -3.96 -2.09
N ARG A 91 13.52 -5.22 -1.87
CA ARG A 91 14.45 -6.20 -1.32
C ARG A 91 15.73 -6.25 -2.15
N LYS A 92 15.59 -6.10 -3.46
CA LYS A 92 16.74 -6.13 -4.37
C LYS A 92 17.13 -4.72 -4.79
N THR A 93 17.37 -3.86 -3.81
CA THR A 93 17.76 -2.48 -4.08
C THR A 93 19.26 -2.37 -4.33
N VAL A 94 19.72 -1.15 -4.59
CA VAL A 94 21.14 -0.90 -4.83
C VAL A 94 21.71 0.06 -3.81
N PRO A 95 21.74 -0.36 -2.54
CA PRO A 95 22.26 0.46 -1.44
C PRO A 95 23.77 0.62 -1.51
N PRO A 96 24.45 -0.36 -2.14
CA PRO A 96 25.91 -0.34 -2.29
C PRO A 96 26.38 0.74 -3.26
N GLU A 97 27.63 0.63 -3.69
CA GLU A 97 28.20 1.60 -4.61
C GLU A 97 27.29 1.82 -5.82
N PRO A 98 27.42 2.99 -6.46
CA PRO A 98 26.61 3.34 -7.63
C PRO A 98 26.97 2.50 -8.85
N GLY A 99 28.11 1.82 -8.80
CA GLY A 99 28.55 0.99 -9.91
C GLY A 99 28.10 -0.44 -9.77
N ALA A 100 27.26 -0.71 -8.76
CA ALA A 100 26.76 -2.05 -8.53
C ALA A 100 26.18 -2.66 -9.80
N PRO A 101 26.04 -3.99 -9.81
CA PRO A 101 25.50 -4.72 -10.96
C PRO A 101 24.00 -4.46 -11.16
N VAL A 102 23.27 -4.36 -10.06
CA VAL A 102 21.84 -4.11 -10.11
C VAL A 102 21.52 -2.92 -11.01
N ASP A 103 20.37 -2.97 -11.67
CA ASP A 103 19.94 -1.90 -12.56
C ASP A 103 19.11 -0.86 -11.81
N PHE A 104 19.80 0.06 -11.14
CA PHE A 104 19.13 1.11 -10.38
C PHE A 104 18.09 1.83 -11.24
N GLN A 105 18.40 1.99 -12.52
CA GLN A 105 17.50 2.66 -13.45
C GLN A 105 16.14 1.98 -13.48
N LEU A 106 16.15 0.66 -13.63
CA LEU A 106 14.92 -0.12 -13.68
C LEU A 106 14.28 -0.21 -12.29
N LEU A 107 15.11 -0.14 -11.26
CA LEU A 107 14.64 -0.20 -9.88
C LEU A 107 13.63 0.92 -9.60
N THR A 108 14.01 2.13 -9.94
CA THR A 108 13.15 3.29 -9.72
C THR A 108 11.82 3.12 -10.44
N GLN A 109 11.85 2.53 -11.63
CA GLN A 109 10.64 2.31 -12.40
C GLN A 109 9.76 1.26 -11.75
N GLN A 110 10.38 0.26 -11.14
CA GLN A 110 9.66 -0.81 -10.47
C GLN A 110 8.97 -0.31 -9.22
N VAL A 111 9.70 0.47 -8.42
CA VAL A 111 9.15 1.02 -7.19
C VAL A 111 8.05 2.04 -7.47
N ILE A 112 8.25 2.83 -8.51
CA ILE A 112 7.26 3.83 -8.90
C ILE A 112 5.94 3.19 -9.31
N GLN A 113 6.04 2.14 -10.13
CA GLN A 113 4.85 1.45 -10.60
C GLN A 113 4.09 0.82 -9.43
N CYS A 114 4.83 0.17 -8.54
CA CYS A 114 4.22 -0.46 -7.37
C CYS A 114 3.62 0.57 -6.42
N ALA A 115 4.39 1.62 -6.15
CA ALA A 115 3.94 2.68 -5.26
C ALA A 115 2.73 3.41 -5.83
N TYR A 116 2.77 3.66 -7.14
CA TYR A 116 1.67 4.35 -7.81
C TYR A 116 0.41 3.49 -7.84
N ASP A 117 0.61 2.17 -7.98
CA ASP A 117 -0.51 1.23 -8.02
C ASP A 117 -1.19 1.15 -6.65
N ILE A 118 -0.39 0.99 -5.60
CA ILE A 118 -0.92 0.88 -4.25
C ILE A 118 -1.56 2.20 -3.81
N ALA A 119 -0.99 3.31 -4.26
CA ALA A 119 -1.52 4.63 -3.92
C ALA A 119 -2.88 4.85 -4.55
N LYS A 120 -3.01 4.48 -5.83
CA LYS A 120 -4.27 4.65 -6.55
C LYS A 120 -5.37 3.79 -5.92
N ALA A 121 -4.98 2.63 -5.41
CA ALA A 121 -5.93 1.72 -4.77
C ALA A 121 -6.62 2.38 -3.59
N ALA A 122 -5.93 3.34 -2.97
CA ALA A 122 -6.47 4.05 -1.81
C ALA A 122 -7.62 4.96 -2.22
N LYS A 123 -7.55 5.49 -3.45
CA LYS A 123 -8.58 6.37 -3.96
C LYS A 123 -9.90 5.64 -4.14
N GLN A 124 -9.82 4.39 -4.60
CA GLN A 124 -11.01 3.58 -4.82
C GLN A 124 -11.58 3.09 -3.50
N LEU A 125 -10.70 2.88 -2.52
CA LEU A 125 -11.11 2.40 -1.20
C LEU A 125 -11.68 3.54 -0.37
N VAL A 126 -11.09 4.73 -0.50
CA VAL A 126 -11.53 5.89 0.23
C VAL A 126 -12.85 6.43 -0.33
N THR A 127 -13.03 6.27 -1.64
CA THR A 127 -14.24 6.74 -2.30
C THR A 127 -15.42 5.79 -2.04
N ILE A 128 -15.11 4.49 -1.97
CA ILE A 128 -16.13 3.49 -1.73
C ILE A 128 -16.73 3.63 -0.33
N THR A 129 -15.88 3.94 0.64
CA THR A 129 -16.31 4.11 2.02
C THR A 129 -17.16 5.37 2.18
N THR A 130 -16.76 6.43 1.51
CA THR A 130 -17.49 7.70 1.58
C THR A 130 -18.87 7.57 0.94
N ARG A 131 -18.90 7.02 -0.27
CA ARG A 131 -20.16 6.84 -0.98
C ARG A 131 -21.09 5.88 -0.23
N GLU A 132 -20.51 4.92 0.45
CA GLU A 132 -21.28 3.93 1.21
C GLU A 132 -22.23 4.64 2.17
N LYS A 133 -23.28 3.93 2.58
CA LYS A 133 -24.27 4.48 3.50
C LYS A 133 -24.31 3.68 4.80
N LYS A 134 -23.40 2.72 4.92
CA LYS A 134 -23.34 1.88 6.11
C LYS A 134 -22.80 2.67 7.30
N GLN A 135 -23.47 2.54 8.44
CA GLN A 135 -23.07 3.24 9.66
C GLN A 135 -22.94 2.27 10.83
N LEU A 5 -13.46 -11.05 16.01
CA LEU A 5 -14.18 -12.29 16.28
C LEU A 5 -14.85 -12.82 15.02
N ASP A 6 -15.57 -13.93 15.17
CA ASP A 6 -16.26 -14.54 14.03
C ASP A 6 -17.67 -13.95 13.89
N GLY A 7 -18.42 -14.48 12.91
CA GLY A 7 -19.77 -14.00 12.68
C GLY A 7 -20.01 -13.63 11.23
N ASP A 8 -21.27 -13.40 10.89
CA ASP A 8 -21.63 -13.04 9.52
C ASP A 8 -20.78 -11.87 9.02
N PRO A 9 -20.73 -11.70 7.69
CA PRO A 9 -19.95 -10.63 7.06
C PRO A 9 -20.57 -9.25 7.31
N ASP A 10 -19.71 -8.23 7.31
CA ASP A 10 -20.17 -6.86 7.53
C ASP A 10 -20.34 -6.12 6.21
N PRO A 11 -21.44 -5.36 6.08
CA PRO A 11 -21.75 -4.59 4.87
C PRO A 11 -20.80 -3.41 4.69
N GLY A 12 -20.62 -2.63 5.74
CA GLY A 12 -19.73 -1.49 5.67
C GLY A 12 -18.45 -1.69 6.45
N LEU A 13 -18.08 -0.71 7.25
CA LEU A 13 -16.85 -0.79 8.04
C LEU A 13 -17.14 -0.57 9.53
N PRO A 14 -16.25 -1.08 10.39
CA PRO A 14 -16.40 -0.95 11.83
C PRO A 14 -16.20 0.48 12.32
N SER A 15 -15.09 1.09 11.92
CA SER A 15 -14.77 2.46 12.31
C SER A 15 -14.53 3.33 11.08
N THR A 16 -15.34 4.38 10.95
CA THR A 16 -15.22 5.29 9.81
C THR A 16 -13.90 6.06 9.87
N GLU A 17 -13.64 6.70 11.01
CA GLU A 17 -12.42 7.47 11.18
C GLU A 17 -11.19 6.59 10.98
N ASP A 18 -11.19 5.44 11.63
CA ASP A 18 -10.07 4.50 11.53
C ASP A 18 -9.72 4.24 10.07
N VAL A 19 -10.74 4.19 9.22
CA VAL A 19 -10.54 3.94 7.79
C VAL A 19 -9.88 5.14 7.11
N ILE A 20 -10.39 6.33 7.40
CA ILE A 20 -9.85 7.55 6.83
C ILE A 20 -8.37 7.71 7.16
N LEU A 21 -8.05 7.64 8.45
CA LEU A 21 -6.67 7.78 8.90
C LEU A 21 -5.80 6.64 8.36
N LYS A 22 -6.42 5.49 8.13
CA LYS A 22 -5.71 4.32 7.62
C LYS A 22 -5.31 4.54 6.16
N THR A 23 -6.19 5.20 5.40
CA THR A 23 -5.92 5.48 3.99
C THR A 23 -5.04 6.71 3.82
N GLU A 24 -5.35 7.75 4.58
CA GLU A 24 -4.58 9.00 4.52
C GLU A 24 -3.12 8.75 4.84
N GLN A 25 -2.86 7.83 5.77
CA GLN A 25 -1.51 7.50 6.16
C GLN A 25 -0.79 6.71 5.06
N VAL A 26 -1.57 5.94 4.31
CA VAL A 26 -1.01 5.14 3.22
C VAL A 26 -0.38 6.02 2.15
N THR A 27 -1.11 7.06 1.75
CA THR A 27 -0.63 7.99 0.72
C THR A 27 0.68 8.64 1.16
N LYS A 28 0.78 8.95 2.44
CA LYS A 28 1.99 9.58 2.98
C LYS A 28 3.17 8.62 2.94
N ASN A 29 2.93 7.38 3.31
CA ASN A 29 3.98 6.36 3.32
C ASN A 29 4.54 6.16 1.92
N ILE A 30 3.67 6.23 0.92
CA ILE A 30 4.08 6.07 -0.47
C ILE A 30 4.99 7.20 -0.92
N GLN A 31 4.68 8.41 -0.47
CA GLN A 31 5.46 9.58 -0.83
C GLN A 31 6.93 9.41 -0.43
N GLU A 32 7.15 8.70 0.68
CA GLU A 32 8.51 8.45 1.16
C GLU A 32 9.33 7.69 0.13
N LEU A 33 8.68 6.77 -0.57
CA LEU A 33 9.35 5.96 -1.59
C LEU A 33 9.68 6.80 -2.81
N LEU A 34 8.76 7.70 -3.17
CA LEU A 34 8.95 8.57 -4.32
C LEU A 34 10.06 9.58 -4.07
N ARG A 35 9.99 10.25 -2.91
CA ARG A 35 10.99 11.25 -2.55
C ARG A 35 12.38 10.61 -2.45
N ALA A 36 12.42 9.37 -1.96
CA ALA A 36 13.69 8.66 -1.81
C ALA A 36 14.28 8.34 -3.17
N ALA A 37 13.42 8.11 -4.16
CA ALA A 37 13.86 7.78 -5.50
C ALA A 37 14.50 9.00 -6.18
N GLN A 38 13.80 10.13 -6.13
CA GLN A 38 14.29 11.36 -6.73
C GLN A 38 15.58 11.81 -6.08
N GLU A 39 15.71 11.54 -4.78
CA GLU A 39 16.90 11.93 -4.03
C GLU A 39 17.99 10.85 -4.14
N PHE A 40 17.66 9.76 -4.81
CA PHE A 40 18.60 8.66 -4.99
C PHE A 40 19.00 8.06 -3.64
N LYS A 41 18.07 7.34 -3.02
CA LYS A 41 18.32 6.72 -1.73
C LYS A 41 17.87 5.26 -1.73
N HIS A 42 18.65 4.41 -2.40
CA HIS A 42 18.33 2.99 -2.48
C HIS A 42 18.29 2.36 -1.09
N ASP A 43 19.09 2.91 -0.18
CA ASP A 43 19.15 2.41 1.19
C ASP A 43 17.87 2.75 1.95
N SER A 44 17.17 3.78 1.50
CA SER A 44 15.93 4.22 2.13
C SER A 44 14.73 3.50 1.52
N PHE A 45 14.98 2.74 0.46
CA PHE A 45 13.91 2.02 -0.21
C PHE A 45 13.43 0.84 0.64
N VAL A 46 14.38 0.16 1.28
CA VAL A 46 14.05 -0.99 2.12
C VAL A 46 12.98 -0.63 3.15
N PRO A 47 13.25 0.42 3.94
CA PRO A 47 12.32 0.88 4.97
C PRO A 47 11.08 1.54 4.39
N CYS A 48 11.28 2.38 3.37
CA CYS A 48 10.18 3.08 2.72
C CYS A 48 9.16 2.08 2.18
N SER A 49 9.65 0.93 1.72
CA SER A 49 8.79 -0.10 1.16
C SER A 49 8.03 -0.82 2.27
N GLU A 50 8.73 -1.17 3.34
CA GLU A 50 8.12 -1.86 4.47
C GLU A 50 7.09 -0.97 5.16
N LYS A 51 7.43 0.29 5.33
CA LYS A 51 6.54 1.26 5.97
C LYS A 51 5.21 1.33 5.24
N ILE A 52 5.27 1.24 3.92
CA ILE A 52 4.05 1.30 3.09
C ILE A 52 3.18 0.07 3.32
N HIS A 53 3.82 -1.08 3.48
CA HIS A 53 3.09 -2.33 3.70
C HIS A 53 2.28 -2.27 5.00
N LEU A 54 2.85 -1.62 6.01
CA LEU A 54 2.19 -1.48 7.30
C LEU A 54 0.82 -0.83 7.14
N ALA A 55 0.77 0.30 6.45
CA ALA A 55 -0.47 1.01 6.23
C ALA A 55 -1.46 0.16 5.45
N VAL A 56 -0.96 -0.63 4.52
CA VAL A 56 -1.80 -1.51 3.71
C VAL A 56 -2.41 -2.61 4.55
N THR A 57 -1.57 -3.32 5.30
CA THR A 57 -2.03 -4.41 6.14
C THR A 57 -2.90 -3.89 7.29
N GLU A 58 -2.47 -2.79 7.89
CA GLU A 58 -3.21 -2.19 9.00
C GLU A 58 -4.62 -1.82 8.57
N MET A 59 -4.75 -1.31 7.34
CA MET A 59 -6.05 -0.91 6.81
C MET A 59 -6.96 -2.12 6.65
N ALA A 60 -6.44 -3.17 6.01
CA ALA A 60 -7.21 -4.39 5.79
C ALA A 60 -7.53 -5.08 7.11
N SER A 61 -6.59 -5.02 8.05
CA SER A 61 -6.77 -5.65 9.36
C SER A 61 -8.05 -5.14 10.02
N LEU A 62 -8.36 -3.87 9.82
CA LEU A 62 -9.54 -3.26 10.41
C LEU A 62 -10.81 -3.90 9.83
N PHE A 63 -10.69 -4.52 8.66
CA PHE A 63 -11.82 -5.16 8.01
C PHE A 63 -11.96 -6.60 8.48
N PRO A 64 -13.20 -7.13 8.41
CA PRO A 64 -13.49 -8.50 8.82
C PRO A 64 -12.89 -9.54 7.88
N LYS A 65 -12.54 -10.70 8.44
CA LYS A 65 -11.96 -11.77 7.64
C LYS A 65 -12.88 -12.17 6.49
N ARG A 66 -14.16 -11.85 6.62
CA ARG A 66 -15.15 -12.16 5.60
C ARG A 66 -16.04 -10.97 5.30
N PRO A 67 -15.61 -10.11 4.36
CA PRO A 67 -16.35 -8.92 3.97
C PRO A 67 -17.63 -9.26 3.21
N ALA A 68 -18.57 -8.32 3.20
CA ALA A 68 -19.84 -8.51 2.52
C ALA A 68 -19.93 -7.63 1.27
N LEU A 69 -18.81 -7.04 0.89
CA LEU A 69 -18.76 -6.18 -0.29
C LEU A 69 -18.06 -6.88 -1.45
N GLU A 70 -18.64 -6.75 -2.64
CA GLU A 70 -18.06 -7.37 -3.83
C GLU A 70 -16.68 -6.80 -4.13
N PRO A 71 -16.59 -5.47 -4.18
CA PRO A 71 -15.32 -4.77 -4.45
C PRO A 71 -14.34 -4.89 -3.31
N VAL A 72 -14.85 -5.05 -2.09
CA VAL A 72 -14.01 -5.18 -0.91
C VAL A 72 -13.24 -6.48 -0.93
N ARG A 73 -13.87 -7.54 -1.45
CA ARG A 73 -13.23 -8.85 -1.53
C ARG A 73 -12.05 -8.82 -2.48
N SER A 74 -12.26 -8.23 -3.66
CA SER A 74 -11.21 -8.14 -4.67
C SER A 74 -10.18 -7.08 -4.29
N SER A 75 -10.66 -5.97 -3.72
CA SER A 75 -9.78 -4.89 -3.32
C SER A 75 -8.74 -5.37 -2.31
N LEU A 76 -9.15 -6.30 -1.45
CA LEU A 76 -8.25 -6.85 -0.44
C LEU A 76 -7.13 -7.66 -1.08
N ARG A 77 -7.43 -8.26 -2.23
CA ARG A 77 -6.46 -9.07 -2.95
C ARG A 77 -5.39 -8.19 -3.59
N LEU A 78 -5.83 -7.15 -4.30
CA LEU A 78 -4.92 -6.23 -4.97
C LEU A 78 -4.19 -5.35 -3.95
N LEU A 79 -4.93 -4.87 -2.96
CA LEU A 79 -4.37 -4.01 -1.92
C LEU A 79 -3.23 -4.72 -1.19
N ASN A 80 -3.50 -5.94 -0.74
CA ASN A 80 -2.50 -6.73 -0.02
C ASN A 80 -1.34 -7.09 -0.93
N ALA A 81 -1.66 -7.45 -2.17
CA ALA A 81 -0.63 -7.82 -3.15
C ALA A 81 0.26 -6.63 -3.48
N SER A 82 -0.33 -5.43 -3.47
CA SER A 82 0.41 -4.21 -3.78
C SER A 82 1.54 -4.00 -2.77
N ALA A 83 1.21 -4.13 -1.49
CA ALA A 83 2.19 -3.95 -0.42
C ALA A 83 3.33 -4.95 -0.55
N TYR A 84 2.99 -6.20 -0.84
CA TYR A 84 3.99 -7.25 -0.98
C TYR A 84 4.83 -7.03 -2.24
N ARG A 85 4.17 -6.63 -3.33
CA ARG A 85 4.84 -6.40 -4.59
C ARG A 85 5.82 -5.23 -4.47
N LEU A 86 5.38 -4.16 -3.81
CA LEU A 86 6.22 -2.98 -3.62
C LEU A 86 7.41 -3.30 -2.73
N GLN A 87 7.16 -3.94 -1.60
CA GLN A 87 8.22 -4.30 -0.66
C GLN A 87 9.14 -5.34 -1.27
N SER A 88 8.58 -6.24 -2.08
CA SER A 88 9.37 -7.28 -2.72
C SER A 88 10.34 -6.69 -3.73
N GLU A 89 9.90 -5.65 -4.44
CA GLU A 89 10.73 -5.00 -5.43
C GLU A 89 11.88 -4.25 -4.78
N CYS A 90 11.56 -3.45 -3.76
CA CYS A 90 12.56 -2.67 -3.04
C CYS A 90 13.56 -3.58 -2.35
N ARG A 91 13.12 -4.79 -2.01
CA ARG A 91 13.98 -5.76 -1.34
C ARG A 91 15.26 -5.99 -2.13
N LYS A 92 15.15 -5.97 -3.45
CA LYS A 92 16.30 -6.18 -4.32
C LYS A 92 16.89 -4.85 -4.77
N THR A 93 17.18 -3.98 -3.81
CA THR A 93 17.75 -2.66 -4.12
C THR A 93 19.26 -2.71 -4.11
N VAL A 94 19.88 -1.56 -4.39
CA VAL A 94 21.33 -1.46 -4.41
C VAL A 94 21.84 -0.48 -3.36
N PRO A 95 21.66 -0.85 -2.08
CA PRO A 95 22.09 -0.01 -0.95
C PRO A 95 23.61 0.05 -0.83
N PRO A 96 24.29 -0.98 -1.34
CA PRO A 96 25.76 -1.06 -1.30
C PRO A 96 26.43 -0.04 -2.22
N GLU A 97 26.63 -0.42 -3.47
CA GLU A 97 27.26 0.46 -4.45
C GLU A 97 26.50 0.44 -5.77
N PRO A 98 26.62 1.52 -6.55
CA PRO A 98 25.95 1.64 -7.85
C PRO A 98 26.55 0.72 -8.90
N GLY A 99 27.75 0.21 -8.62
CA GLY A 99 28.41 -0.69 -9.54
C GLY A 99 27.83 -2.10 -9.50
N ALA A 100 27.01 -2.37 -8.49
CA ALA A 100 26.40 -3.69 -8.34
C ALA A 100 25.70 -4.11 -9.63
N PRO A 101 25.44 -5.42 -9.74
CA PRO A 101 24.77 -5.99 -10.93
C PRO A 101 23.31 -5.58 -11.02
N VAL A 102 22.81 -4.95 -9.96
CA VAL A 102 21.42 -4.51 -9.93
C VAL A 102 21.26 -3.11 -10.53
N ASP A 103 20.59 -3.04 -11.66
CA ASP A 103 20.36 -1.77 -12.35
C ASP A 103 19.64 -0.78 -11.43
N PHE A 104 20.38 0.14 -10.87
CA PHE A 104 19.81 1.15 -9.97
C PHE A 104 18.79 2.02 -10.70
N GLN A 105 19.08 2.32 -11.96
CA GLN A 105 18.19 3.14 -12.77
C GLN A 105 16.82 2.49 -12.91
N LEU A 106 16.81 1.22 -13.30
CA LEU A 106 15.57 0.48 -13.48
C LEU A 106 14.82 0.37 -12.15
N LEU A 107 15.56 0.40 -11.05
CA LEU A 107 14.96 0.31 -9.72
C LEU A 107 13.96 1.43 -9.50
N THR A 108 14.37 2.66 -9.83
CA THR A 108 13.50 3.82 -9.66
C THR A 108 12.20 3.65 -10.44
N GLN A 109 12.30 3.05 -11.63
CA GLN A 109 11.12 2.83 -12.47
C GLN A 109 10.21 1.78 -11.85
N GLN A 110 10.80 0.79 -11.19
CA GLN A 110 10.03 -0.28 -10.56
C GLN A 110 9.28 0.24 -9.35
N VAL A 111 9.97 1.02 -8.52
CA VAL A 111 9.37 1.58 -7.32
C VAL A 111 8.28 2.59 -7.66
N ILE A 112 8.53 3.38 -8.70
CA ILE A 112 7.56 4.38 -9.14
C ILE A 112 6.26 3.74 -9.61
N GLN A 113 6.40 2.68 -10.40
CA GLN A 113 5.23 1.97 -10.93
C GLN A 113 4.41 1.37 -9.79
N CYS A 114 5.09 0.71 -8.86
CA CYS A 114 4.41 0.09 -7.73
C CYS A 114 3.82 1.15 -6.80
N ALA A 115 4.57 2.22 -6.57
CA ALA A 115 4.12 3.30 -5.70
C ALA A 115 2.91 4.02 -6.31
N TYR A 116 2.97 4.26 -7.61
CA TYR A 116 1.88 4.93 -8.31
C TYR A 116 0.63 4.07 -8.33
N ASP A 117 0.83 2.76 -8.46
CA ASP A 117 -0.30 1.82 -8.49
C ASP A 117 -0.97 1.72 -7.14
N ILE A 118 -0.16 1.55 -6.09
CA ILE A 118 -0.68 1.44 -4.73
C ILE A 118 -1.30 2.74 -4.27
N ALA A 119 -0.74 3.86 -4.73
CA ALA A 119 -1.24 5.18 -4.37
C ALA A 119 -2.61 5.43 -4.99
N LYS A 120 -2.75 5.07 -6.26
CA LYS A 120 -4.01 5.25 -6.98
C LYS A 120 -5.05 4.25 -6.51
N ALA A 121 -4.59 3.06 -6.12
CA ALA A 121 -5.49 2.02 -5.64
C ALA A 121 -6.25 2.47 -4.40
N ALA A 122 -5.64 3.35 -3.63
CA ALA A 122 -6.25 3.86 -2.41
C ALA A 122 -7.47 4.73 -2.73
N LYS A 123 -7.41 5.40 -3.89
CA LYS A 123 -8.50 6.27 -4.32
C LYS A 123 -9.81 5.49 -4.43
N GLN A 124 -9.71 4.25 -4.92
CA GLN A 124 -10.89 3.39 -5.07
C GLN A 124 -11.38 2.89 -3.73
N LEU A 125 -10.46 2.75 -2.78
CA LEU A 125 -10.81 2.27 -1.44
C LEU A 125 -11.43 3.39 -0.61
N VAL A 126 -10.89 4.60 -0.76
CA VAL A 126 -11.39 5.75 -0.02
C VAL A 126 -12.75 6.20 -0.55
N THR A 127 -12.94 6.07 -1.86
CA THR A 127 -14.20 6.46 -2.50
C THR A 127 -15.31 5.46 -2.16
N ILE A 128 -14.94 4.19 -2.04
CA ILE A 128 -15.90 3.14 -1.73
C ILE A 128 -16.45 3.31 -0.31
N THR A 129 -15.58 3.67 0.62
CA THR A 129 -15.97 3.87 2.02
C THR A 129 -16.85 5.10 2.17
N THR A 130 -16.49 6.18 1.46
CA THR A 130 -17.25 7.41 1.52
C THR A 130 -18.65 7.23 0.93
N ARG A 131 -18.71 6.64 -0.27
CA ARG A 131 -19.98 6.41 -0.94
C ARG A 131 -20.83 5.41 -0.15
N GLU A 132 -20.17 4.47 0.52
CA GLU A 132 -20.88 3.46 1.30
C GLU A 132 -21.73 4.11 2.38
N LYS A 133 -22.79 3.41 2.79
CA LYS A 133 -23.69 3.92 3.82
C LYS A 133 -24.08 2.83 4.80
N LYS A 134 -23.15 1.90 5.04
CA LYS A 134 -23.38 0.80 5.96
C LYS A 134 -24.54 -0.08 5.48
N GLN A 135 -24.95 -1.01 6.32
CA GLN A 135 -26.05 -1.91 5.98
C GLN A 135 -25.96 -2.35 4.52
#